data_2K5B
#
_entry.id   2K5B
#
loop_
_entity.id
_entity.type
_entity.pdbx_description
1 polymer 'Heat shock protein HSP 90-alpha'
2 polymer 'Hsp90 co-chaperone Cdc37'
#
loop_
_entity_poly.entity_id
_entity_poly.type
_entity_poly.pdbx_seq_one_letter_code
_entity_poly.pdbx_strand_id
1 'polypeptide(L)'
;EEEVETFAFQAEIAQLMSLIINTFYSNKEIFLRELISNSSDALDKIRYETLTDPSKLDSGKELHINLIPNKQDRTLTIVD
TGIGMTKADLINNLGTIAKSGTKAFMEALQAGADISMIGQFGVGFYSAYLVAEKVTVITKHNDDEQYAWESSAGGSFTVR
TDTGEPMGRGTKVILHLKEDQTEYLEERRIKEIVKKHSQFIGYPITLFVE
;
A
2 'polypeptide(L)'
;HKTFVEKYEKQIKHFGMLRRWDDSQKYLSDNVHLVCEETANYLVIWCIDLEVEEKCALMEQVAHQTIVMQFILELAKSLK
VDPRACFRQFFTKIKTADRQYMEGFNDELEAFKERVRGRAKLRIEKAMK
;
B
#
# COMPACT_ATOMS: atom_id res chain seq x y z
N GLU A 1 -15.00 -1.22 -34.06
CA GLU A 1 -14.94 -0.21 -32.98
C GLU A 1 -14.72 -0.87 -31.63
N GLU A 2 -13.92 -0.23 -30.79
CA GLU A 2 -13.63 -0.75 -29.46
C GLU A 2 -14.62 -0.19 -28.45
N GLU A 3 -14.56 -0.72 -27.24
CA GLU A 3 -15.40 -0.26 -26.16
C GLU A 3 -14.56 0.47 -25.13
N VAL A 4 -14.41 1.78 -25.31
CA VAL A 4 -13.61 2.57 -24.39
C VAL A 4 -14.49 3.49 -23.56
N GLU A 5 -14.36 3.36 -22.26
CA GLU A 5 -15.13 4.18 -21.33
C GLU A 5 -14.19 5.01 -20.47
N THR A 6 -14.49 6.30 -20.33
CA THR A 6 -13.66 7.18 -19.52
C THR A 6 -14.33 7.53 -18.20
N PHE A 7 -13.66 7.19 -17.10
CA PHE A 7 -14.18 7.47 -15.78
C PHE A 7 -13.33 8.54 -15.10
N ALA A 8 -13.91 9.18 -14.11
CA ALA A 8 -13.21 10.23 -13.37
C ALA A 8 -12.61 9.71 -12.08
N PHE A 9 -11.42 10.18 -11.77
CA PHE A 9 -10.74 9.78 -10.54
C PHE A 9 -11.42 10.46 -9.36
N GLN A 10 -11.54 9.74 -8.25
CA GLN A 10 -12.15 10.29 -7.05
C GLN A 10 -11.40 11.55 -6.64
N ALA A 11 -12.14 12.51 -6.07
CA ALA A 11 -11.60 13.81 -5.65
C ALA A 11 -10.23 13.71 -4.98
N GLU A 12 -10.16 13.00 -3.87
CA GLU A 12 -8.90 12.87 -3.14
C GLU A 12 -7.81 12.24 -4.00
N ILE A 13 -8.17 11.24 -4.80
CA ILE A 13 -7.19 10.57 -5.66
C ILE A 13 -6.64 11.55 -6.68
N ALA A 14 -7.53 12.32 -7.30
CA ALA A 14 -7.15 13.31 -8.29
C ALA A 14 -6.25 14.37 -7.66
N GLN A 15 -6.61 14.80 -6.45
CA GLN A 15 -5.84 15.80 -5.72
C GLN A 15 -4.46 15.27 -5.39
N LEU A 16 -4.42 14.09 -4.77
CA LEU A 16 -3.15 13.48 -4.39
C LEU A 16 -2.26 13.26 -5.59
N MET A 17 -2.85 12.83 -6.70
CA MET A 17 -2.09 12.58 -7.91
C MET A 17 -1.46 13.88 -8.41
N SER A 18 -2.23 14.95 -8.34
CA SER A 18 -1.75 16.26 -8.76
C SER A 18 -0.58 16.68 -7.89
N LEU A 19 -0.67 16.39 -6.60
CA LEU A 19 0.38 16.72 -5.65
C LEU A 19 1.62 15.87 -5.89
N ILE A 20 1.42 14.57 -6.07
CA ILE A 20 2.53 13.64 -6.30
C ILE A 20 3.28 13.99 -7.59
N ILE A 21 2.55 14.48 -8.58
CA ILE A 21 3.15 14.83 -9.87
C ILE A 21 3.86 16.19 -9.81
N ASN A 22 3.31 17.15 -9.08
CA ASN A 22 3.91 18.47 -9.01
C ASN A 22 4.97 18.62 -7.92
N THR A 23 4.87 17.86 -6.83
CA THR A 23 5.84 17.98 -5.77
C THR A 23 7.11 17.23 -6.11
N PHE A 24 8.24 17.88 -5.94
CA PHE A 24 9.53 17.28 -6.23
C PHE A 24 10.09 16.60 -4.99
N TYR A 25 10.03 15.29 -4.96
CA TYR A 25 10.55 14.50 -3.84
C TYR A 25 11.98 14.08 -4.12
N SER A 26 12.52 13.23 -3.26
CA SER A 26 13.89 12.76 -3.43
C SER A 26 13.89 11.25 -3.66
N ASN A 27 13.36 10.50 -2.71
CA ASN A 27 13.27 9.05 -2.82
C ASN A 27 12.15 8.69 -3.79
N LYS A 28 12.51 8.55 -5.06
CA LYS A 28 11.52 8.26 -6.10
C LYS A 28 11.36 6.76 -6.40
N GLU A 29 12.44 5.98 -6.32
CA GLU A 29 12.38 4.54 -6.59
C GLU A 29 11.36 3.78 -5.74
N ILE A 30 10.69 4.47 -4.83
CA ILE A 30 9.67 3.87 -4.00
C ILE A 30 8.58 3.21 -4.84
N PHE A 31 8.36 3.77 -6.04
CA PHE A 31 7.36 3.27 -6.96
C PHE A 31 7.59 1.80 -7.32
N LEU A 32 8.85 1.41 -7.46
CA LEU A 32 9.17 0.04 -7.79
C LEU A 32 8.85 -0.88 -6.63
N ARG A 33 9.17 -0.44 -5.42
CA ARG A 33 8.89 -1.22 -4.22
C ARG A 33 7.38 -1.46 -4.09
N GLU A 34 6.62 -0.38 -4.24
CA GLU A 34 5.16 -0.44 -4.13
C GLU A 34 4.57 -1.41 -5.14
N LEU A 35 4.97 -1.28 -6.40
CA LEU A 35 4.46 -2.15 -7.45
C LEU A 35 4.83 -3.61 -7.20
N ILE A 36 6.12 -3.87 -6.96
CA ILE A 36 6.58 -5.23 -6.71
C ILE A 36 5.90 -5.85 -5.49
N SER A 37 5.78 -5.07 -4.42
CA SER A 37 5.12 -5.56 -3.21
C SER A 37 3.66 -5.90 -3.50
N ASN A 38 3.04 -5.08 -4.33
CA ASN A 38 1.65 -5.30 -4.71
C ASN A 38 1.54 -6.51 -5.63
N SER A 39 2.61 -6.79 -6.37
CA SER A 39 2.66 -7.93 -7.27
C SER A 39 2.70 -9.24 -6.47
N SER A 40 3.43 -9.25 -5.36
CA SER A 40 3.51 -10.44 -4.54
C SER A 40 2.13 -10.74 -3.95
N ASP A 41 1.36 -9.68 -3.71
CA ASP A 41 0.02 -9.81 -3.16
C ASP A 41 -0.87 -10.57 -4.15
N ALA A 42 -0.72 -10.25 -5.43
CA ALA A 42 -1.48 -10.91 -6.48
C ALA A 42 -1.19 -12.40 -6.53
N LEU A 43 0.07 -12.73 -6.27
CA LEU A 43 0.52 -14.12 -6.28
C LEU A 43 0.00 -14.84 -5.05
N ASP A 44 0.23 -14.24 -3.89
CA ASP A 44 -0.25 -14.81 -2.63
C ASP A 44 -1.76 -15.03 -2.67
N LYS A 45 -2.47 -14.13 -3.34
CA LYS A 45 -3.91 -14.22 -3.47
C LYS A 45 -4.34 -15.39 -4.36
N ILE A 46 -3.67 -15.57 -5.49
CA ILE A 46 -4.04 -16.65 -6.40
C ILE A 46 -3.78 -18.01 -5.73
N ARG A 47 -2.65 -18.16 -5.02
CA ARG A 47 -2.35 -19.40 -4.31
C ARG A 47 -3.55 -19.87 -3.49
N TYR A 48 -3.95 -19.10 -2.48
CA TYR A 48 -5.11 -19.45 -1.66
C TYR A 48 -6.32 -19.89 -2.48
N GLU A 49 -6.56 -19.26 -3.63
CA GLU A 49 -7.69 -19.63 -4.48
C GLU A 49 -7.47 -21.00 -5.11
N THR A 50 -6.25 -21.25 -5.58
CA THR A 50 -5.91 -22.50 -6.25
C THR A 50 -5.83 -23.66 -5.25
N LEU A 51 -5.67 -23.32 -3.98
CA LEU A 51 -5.61 -24.34 -2.94
C LEU A 51 -6.96 -25.03 -2.81
N THR A 52 -8.01 -24.23 -2.91
CA THR A 52 -9.37 -24.74 -2.82
C THR A 52 -9.89 -25.17 -4.18
N ASP A 53 -9.43 -24.48 -5.22
CA ASP A 53 -9.85 -24.77 -6.59
C ASP A 53 -8.63 -24.84 -7.50
N PRO A 54 -8.09 -26.05 -7.71
CA PRO A 54 -6.90 -26.26 -8.55
C PRO A 54 -7.14 -25.96 -10.01
N SER A 55 -8.40 -25.94 -10.40
CA SER A 55 -8.79 -25.67 -11.78
C SER A 55 -8.33 -24.27 -12.25
N LYS A 56 -7.95 -23.41 -11.30
CA LYS A 56 -7.50 -22.06 -11.63
C LYS A 56 -6.01 -22.02 -11.95
N LEU A 57 -5.36 -23.18 -11.94
CA LEU A 57 -3.93 -23.25 -12.24
C LEU A 57 -3.69 -23.45 -13.72
N ASP A 58 -4.76 -23.76 -14.46
CA ASP A 58 -4.68 -23.99 -15.90
C ASP A 58 -4.37 -22.68 -16.63
N SER A 59 -4.47 -21.60 -15.89
CA SER A 59 -4.20 -20.26 -16.41
C SER A 59 -2.70 -19.96 -16.31
N GLY A 60 -1.96 -20.89 -15.73
CA GLY A 60 -0.53 -20.71 -15.57
C GLY A 60 -0.08 -21.20 -14.20
N LYS A 61 0.66 -22.29 -14.18
CA LYS A 61 1.15 -22.86 -12.93
C LYS A 61 2.28 -22.03 -12.35
N GLU A 62 2.96 -21.29 -13.21
CA GLU A 62 4.07 -20.44 -12.78
C GLU A 62 3.60 -19.28 -11.93
N LEU A 63 4.43 -18.90 -10.97
CA LEU A 63 4.15 -17.80 -10.05
C LEU A 63 5.43 -16.99 -9.82
N HIS A 64 5.68 -16.02 -10.69
CA HIS A 64 6.88 -15.21 -10.57
C HIS A 64 6.69 -13.84 -11.21
N ILE A 65 7.45 -12.87 -10.72
CA ILE A 65 7.38 -11.51 -11.22
C ILE A 65 8.52 -11.25 -12.20
N ASN A 66 8.20 -10.68 -13.35
CA ASN A 66 9.19 -10.39 -14.35
C ASN A 66 9.30 -8.89 -14.59
N LEU A 67 10.53 -8.40 -14.65
CA LEU A 67 10.79 -7.00 -14.88
C LEU A 67 11.38 -6.84 -16.27
N ILE A 68 10.66 -6.15 -17.15
CA ILE A 68 11.12 -5.99 -18.51
C ILE A 68 11.27 -4.52 -18.90
N PRO A 69 12.51 -4.01 -18.88
CA PRO A 69 12.80 -2.65 -19.27
C PRO A 69 12.88 -2.54 -20.79
N ASN A 70 12.92 -1.33 -21.30
CA ASN A 70 13.01 -1.09 -22.73
C ASN A 70 13.58 0.28 -22.98
N LYS A 71 14.87 0.32 -23.27
CA LYS A 71 15.57 1.59 -23.52
C LYS A 71 15.21 2.16 -24.89
N GLN A 72 14.58 1.34 -25.73
CA GLN A 72 14.21 1.77 -27.06
C GLN A 72 12.84 2.46 -27.05
N ASP A 73 11.85 1.81 -26.46
CA ASP A 73 10.50 2.36 -26.39
C ASP A 73 10.35 3.29 -25.18
N ARG A 74 11.36 3.28 -24.32
CA ARG A 74 11.38 4.12 -23.11
C ARG A 74 10.25 3.70 -22.16
N THR A 75 10.02 2.39 -22.05
CA THR A 75 8.96 1.88 -21.19
C THR A 75 9.48 0.84 -20.21
N LEU A 76 8.84 0.77 -19.05
CA LEU A 76 9.21 -0.18 -18.02
C LEU A 76 8.03 -1.10 -17.73
N THR A 77 8.09 -2.30 -18.28
CA THR A 77 7.03 -3.29 -18.10
C THR A 77 7.30 -4.18 -16.89
N ILE A 78 6.25 -4.45 -16.13
CA ILE A 78 6.32 -5.31 -14.96
C ILE A 78 5.19 -6.34 -15.07
N VAL A 79 5.54 -7.61 -14.99
CA VAL A 79 4.55 -8.68 -15.11
C VAL A 79 4.56 -9.58 -13.89
N ASP A 80 3.38 -9.95 -13.42
CA ASP A 80 3.24 -10.83 -12.27
C ASP A 80 2.20 -11.90 -12.63
N THR A 81 2.49 -13.16 -12.33
CA THR A 81 1.58 -14.25 -12.66
C THR A 81 0.40 -14.44 -11.69
N GLY A 82 0.03 -13.39 -10.93
CA GLY A 82 -1.11 -13.51 -10.02
C GLY A 82 -2.42 -13.69 -10.78
N ILE A 83 -3.58 -13.62 -10.12
CA ILE A 83 -4.85 -13.79 -10.81
C ILE A 83 -5.30 -12.49 -11.49
N GLY A 84 -4.59 -11.40 -11.23
CA GLY A 84 -4.93 -10.13 -11.83
C GLY A 84 -6.27 -9.59 -11.34
N MET A 85 -6.87 -8.69 -12.11
CA MET A 85 -8.13 -8.08 -11.75
C MET A 85 -9.16 -8.21 -12.87
N THR A 86 -10.43 -8.01 -12.54
CA THR A 86 -11.50 -8.07 -13.52
C THR A 86 -11.78 -6.67 -14.05
N LYS A 87 -12.68 -6.57 -15.03
CA LYS A 87 -13.06 -5.26 -15.57
C LYS A 87 -13.66 -4.43 -14.45
N ALA A 88 -14.45 -5.08 -13.60
CA ALA A 88 -15.08 -4.42 -12.48
C ALA A 88 -14.04 -4.00 -11.45
N ASP A 89 -13.06 -4.85 -11.21
CA ASP A 89 -12.00 -4.54 -10.25
C ASP A 89 -11.21 -3.33 -10.72
N LEU A 90 -10.85 -3.33 -11.99
CA LEU A 90 -10.08 -2.23 -12.59
C LEU A 90 -10.79 -0.88 -12.43
N ILE A 91 -12.06 -0.85 -12.81
CA ILE A 91 -12.86 0.38 -12.73
C ILE A 91 -13.13 0.79 -11.28
N ASN A 92 -13.47 -0.18 -10.45
CA ASN A 92 -13.80 0.09 -9.05
C ASN A 92 -12.59 0.47 -8.23
N ASN A 93 -11.66 -0.47 -8.09
CA ASN A 93 -10.47 -0.27 -7.28
C ASN A 93 -9.57 0.86 -7.79
N LEU A 94 -9.30 0.86 -9.07
CA LEU A 94 -8.41 1.87 -9.65
C LEU A 94 -9.16 3.11 -10.13
N GLY A 95 -9.61 3.96 -9.21
CA GLY A 95 -10.27 5.18 -9.61
C GLY A 95 -11.54 5.53 -8.84
N THR A 96 -12.58 4.72 -9.03
CA THR A 96 -13.87 4.99 -8.40
C THR A 96 -13.86 4.85 -6.88
N ILE A 97 -13.58 3.65 -6.37
CA ILE A 97 -13.57 3.40 -4.93
C ILE A 97 -12.60 4.33 -4.22
N ALA A 98 -13.14 5.11 -3.30
CA ALA A 98 -12.34 6.03 -2.52
C ALA A 98 -11.54 5.28 -1.47
N LYS A 99 -10.35 5.75 -1.19
CA LYS A 99 -9.51 5.10 -0.20
C LYS A 99 -9.26 6.04 0.97
N SER A 100 -9.64 5.59 2.16
CA SER A 100 -9.45 6.36 3.36
C SER A 100 -7.95 6.64 3.57
N GLY A 101 -7.14 5.80 2.96
CA GLY A 101 -5.71 5.96 3.03
C GLY A 101 -5.23 7.15 2.22
N THR A 102 -5.91 7.41 1.11
CA THR A 102 -5.57 8.52 0.24
C THR A 102 -5.81 9.83 0.98
N LYS A 103 -6.95 9.90 1.66
CA LYS A 103 -7.32 11.08 2.43
C LYS A 103 -6.34 11.32 3.56
N ALA A 104 -6.06 10.25 4.31
CA ALA A 104 -5.16 10.33 5.44
C ALA A 104 -3.73 10.63 5.02
N PHE A 105 -3.29 10.09 3.89
CA PHE A 105 -1.94 10.32 3.40
C PHE A 105 -1.69 11.82 3.20
N MET A 106 -2.69 12.50 2.66
CA MET A 106 -2.60 13.94 2.44
C MET A 106 -2.43 14.65 3.78
N GLU A 107 -3.22 14.25 4.76
CA GLU A 107 -3.17 14.84 6.09
C GLU A 107 -1.83 14.50 6.76
N ALA A 108 -1.36 13.28 6.51
CA ALA A 108 -0.09 12.83 7.07
C ALA A 108 1.06 13.66 6.54
N LEU A 109 0.99 14.03 5.27
CA LEU A 109 2.04 14.85 4.66
C LEU A 109 2.13 16.18 5.40
N GLN A 110 0.98 16.72 5.78
CA GLN A 110 0.91 17.97 6.51
C GLN A 110 1.43 17.79 7.94
N ALA A 111 1.16 16.63 8.51
CA ALA A 111 1.59 16.31 9.87
C ALA A 111 3.09 16.06 9.91
N GLY A 112 3.65 15.69 8.77
CA GLY A 112 5.08 15.43 8.68
C GLY A 112 5.41 13.99 8.37
N ALA A 113 5.02 13.56 7.17
CA ALA A 113 5.27 12.20 6.73
C ALA A 113 6.39 12.16 5.69
N ASP A 114 6.56 11.00 5.08
CA ASP A 114 7.58 10.81 4.05
C ASP A 114 6.94 10.13 2.84
N ILE A 115 7.66 10.04 1.72
CA ILE A 115 7.09 9.42 0.52
C ILE A 115 7.25 7.91 0.56
N SER A 116 8.17 7.43 1.38
CA SER A 116 8.43 6.00 1.49
C SER A 116 7.31 5.27 2.23
N MET A 117 6.22 5.96 2.49
CA MET A 117 5.08 5.36 3.17
C MET A 117 3.81 5.62 2.38
N ILE A 118 3.96 5.85 1.09
CA ILE A 118 2.83 6.13 0.22
C ILE A 118 1.95 4.88 0.08
N GLY A 119 2.58 3.71 -0.02
CA GLY A 119 1.85 2.47 -0.15
C GLY A 119 1.31 1.99 1.17
N GLN A 120 1.77 2.60 2.25
CA GLN A 120 1.34 2.24 3.59
C GLN A 120 -0.17 2.45 3.73
N PHE A 121 -0.64 3.58 3.23
CA PHE A 121 -2.05 3.93 3.32
C PHE A 121 -2.89 3.20 2.26
N GLY A 122 -2.21 2.43 1.41
CA GLY A 122 -2.92 1.70 0.36
C GLY A 122 -2.81 2.37 -0.99
N VAL A 123 -2.24 3.58 -1.01
CA VAL A 123 -2.07 4.32 -2.25
C VAL A 123 -0.77 3.93 -2.92
N GLY A 124 -0.44 2.65 -2.80
CA GLY A 124 0.80 2.13 -3.36
C GLY A 124 0.61 1.63 -4.77
N PHE A 125 0.34 2.55 -5.67
CA PHE A 125 0.13 2.23 -7.08
C PHE A 125 0.38 3.47 -7.93
N TYR A 126 -0.23 4.58 -7.53
CA TYR A 126 -0.09 5.84 -8.26
C TYR A 126 1.28 6.47 -8.03
N SER A 127 2.12 5.81 -7.24
CA SER A 127 3.47 6.30 -6.97
C SER A 127 4.30 6.27 -8.24
N ALA A 128 3.85 5.49 -9.21
CA ALA A 128 4.54 5.36 -10.48
C ALA A 128 4.50 6.68 -11.25
N TYR A 129 3.54 7.53 -10.90
CA TYR A 129 3.39 8.83 -11.55
C TYR A 129 4.58 9.73 -11.24
N LEU A 130 5.31 9.42 -10.17
CA LEU A 130 6.49 10.18 -9.77
C LEU A 130 7.61 10.04 -10.79
N VAL A 131 7.55 8.98 -11.57
CA VAL A 131 8.60 8.72 -12.57
C VAL A 131 8.02 8.61 -13.97
N ALA A 132 6.77 8.19 -14.07
CA ALA A 132 6.12 8.04 -15.37
C ALA A 132 5.30 9.27 -15.73
N GLU A 133 4.56 9.15 -16.82
CA GLU A 133 3.69 10.21 -17.30
C GLU A 133 2.31 9.62 -17.58
N LYS A 134 2.29 8.46 -18.21
CA LYS A 134 1.06 7.76 -18.52
C LYS A 134 1.17 6.29 -18.06
N VAL A 135 0.18 5.82 -17.31
CA VAL A 135 0.19 4.46 -16.82
C VAL A 135 -0.70 3.57 -17.69
N THR A 136 -0.19 2.38 -18.01
CA THR A 136 -0.93 1.41 -18.82
C THR A 136 -0.90 0.07 -18.11
N VAL A 137 -2.06 -0.49 -17.83
CA VAL A 137 -2.14 -1.76 -17.13
C VAL A 137 -3.04 -2.74 -17.89
N ILE A 138 -2.53 -3.93 -18.13
CA ILE A 138 -3.28 -4.96 -18.82
C ILE A 138 -3.33 -6.16 -17.91
N THR A 139 -4.50 -6.73 -17.66
CA THR A 139 -4.59 -7.87 -16.77
C THR A 139 -5.56 -8.91 -17.32
N LYS A 140 -5.37 -10.17 -16.92
CA LYS A 140 -6.24 -11.25 -17.35
C LYS A 140 -6.71 -12.05 -16.16
N HIS A 141 -7.95 -11.83 -15.76
CA HIS A 141 -8.53 -12.54 -14.63
C HIS A 141 -9.11 -13.86 -15.12
N ASN A 142 -9.31 -14.81 -14.20
CA ASN A 142 -9.84 -16.12 -14.56
C ASN A 142 -11.30 -16.04 -14.99
N ASP A 143 -12.14 -15.52 -14.11
CA ASP A 143 -13.57 -15.39 -14.38
C ASP A 143 -13.87 -14.09 -15.13
N ASP A 144 -13.03 -13.74 -16.09
CA ASP A 144 -13.24 -12.51 -16.87
C ASP A 144 -12.35 -12.52 -18.11
N GLU A 145 -12.54 -11.53 -18.97
CA GLU A 145 -11.75 -11.42 -20.20
C GLU A 145 -10.49 -10.58 -19.97
N GLN A 146 -9.87 -10.16 -21.06
CA GLN A 146 -8.67 -9.33 -21.01
C GLN A 146 -9.04 -7.87 -21.26
N TYR A 147 -8.60 -6.98 -20.38
CA TYR A 147 -8.93 -5.57 -20.54
C TYR A 147 -7.70 -4.69 -20.36
N ALA A 148 -7.80 -3.46 -20.85
CA ALA A 148 -6.72 -2.50 -20.77
C ALA A 148 -7.15 -1.28 -19.96
N TRP A 149 -6.34 -0.92 -18.99
CA TRP A 149 -6.60 0.23 -18.14
C TRP A 149 -5.47 1.24 -18.31
N GLU A 150 -5.77 2.41 -18.84
CA GLU A 150 -4.75 3.42 -19.07
C GLU A 150 -5.23 4.80 -18.64
N SER A 151 -4.32 5.60 -18.11
CA SER A 151 -4.62 6.95 -17.69
C SER A 151 -3.38 7.82 -17.86
N SER A 152 -3.57 8.99 -18.41
CA SER A 152 -2.46 9.91 -18.63
C SER A 152 -2.57 11.11 -17.70
N ALA A 153 -2.62 10.83 -16.41
CA ALA A 153 -2.74 11.85 -15.39
C ALA A 153 -4.03 12.65 -15.59
N GLY A 154 -3.95 13.97 -15.34
CA GLY A 154 -5.12 14.80 -15.49
C GLY A 154 -6.13 14.55 -14.39
N GLY A 155 -6.97 13.54 -14.60
CA GLY A 155 -7.97 13.19 -13.60
C GLY A 155 -9.00 12.23 -14.14
N SER A 156 -8.64 11.51 -15.20
CA SER A 156 -9.54 10.54 -15.81
C SER A 156 -8.77 9.32 -16.29
N PHE A 157 -9.47 8.19 -16.39
CA PHE A 157 -8.85 6.96 -16.84
C PHE A 157 -9.72 6.27 -17.90
N THR A 158 -9.09 5.46 -18.74
CA THR A 158 -9.79 4.78 -19.82
C THR A 158 -9.73 3.26 -19.69
N VAL A 159 -10.89 2.62 -19.79
CA VAL A 159 -10.98 1.17 -19.72
C VAL A 159 -11.59 0.63 -21.01
N ARG A 160 -10.93 -0.36 -21.59
CA ARG A 160 -11.40 -0.96 -22.83
C ARG A 160 -11.03 -2.44 -22.89
N THR A 161 -11.60 -3.15 -23.84
CA THR A 161 -11.31 -4.56 -24.04
C THR A 161 -9.97 -4.72 -24.75
N ASP A 162 -9.06 -5.46 -24.15
CA ASP A 162 -7.73 -5.65 -24.72
C ASP A 162 -7.79 -6.50 -25.98
N THR A 163 -7.06 -6.07 -27.00
CA THR A 163 -7.00 -6.75 -28.28
C THR A 163 -5.72 -7.58 -28.39
N GLY A 164 -4.66 -7.08 -27.75
CA GLY A 164 -3.36 -7.76 -27.76
C GLY A 164 -3.41 -9.25 -27.44
N GLU A 165 -2.26 -9.89 -27.59
CA GLU A 165 -2.11 -11.32 -27.36
C GLU A 165 -2.57 -11.75 -25.98
N PRO A 166 -3.23 -12.91 -25.90
CA PRO A 166 -3.68 -13.50 -24.63
C PRO A 166 -2.53 -13.61 -23.65
N MET A 167 -2.79 -13.29 -22.40
CA MET A 167 -1.74 -13.34 -21.39
C MET A 167 -1.90 -14.55 -20.46
N GLY A 168 -3.06 -15.20 -20.51
CA GLY A 168 -3.26 -16.34 -19.64
C GLY A 168 -3.82 -15.89 -18.32
N ARG A 169 -2.94 -15.37 -17.48
CA ARG A 169 -3.32 -14.86 -16.17
C ARG A 169 -2.20 -13.96 -15.67
N GLY A 170 -2.52 -13.00 -14.81
CA GLY A 170 -1.49 -12.14 -14.30
C GLY A 170 -1.76 -10.67 -14.54
N THR A 171 -0.86 -9.84 -14.05
CA THR A 171 -0.95 -8.41 -14.20
C THR A 171 0.26 -7.90 -14.97
N LYS A 172 0.03 -7.15 -16.03
CA LYS A 172 1.10 -6.60 -16.83
C LYS A 172 0.96 -5.10 -16.86
N VAL A 173 1.92 -4.41 -16.26
CA VAL A 173 1.89 -2.97 -16.18
C VAL A 173 3.07 -2.38 -16.95
N ILE A 174 2.78 -1.56 -17.94
CA ILE A 174 3.82 -0.93 -18.72
C ILE A 174 3.88 0.54 -18.35
N LEU A 175 4.99 0.97 -17.82
CA LEU A 175 5.10 2.35 -17.41
C LEU A 175 5.76 3.20 -18.47
N HIS A 176 5.14 4.32 -18.74
CA HIS A 176 5.67 5.30 -19.68
C HIS A 176 6.53 6.24 -18.89
N LEU A 177 7.78 5.83 -18.61
CA LEU A 177 8.69 6.64 -17.82
C LEU A 177 8.94 8.00 -18.47
N LYS A 178 9.20 8.99 -17.64
CA LYS A 178 9.45 10.33 -18.12
C LYS A 178 10.78 10.39 -18.88
N GLU A 179 10.82 11.23 -19.90
CA GLU A 179 12.00 11.40 -20.73
C GLU A 179 13.25 11.77 -19.95
N ASP A 180 13.10 12.29 -18.73
CA ASP A 180 14.25 12.70 -17.94
C ASP A 180 14.55 11.66 -16.86
N GLN A 181 13.68 10.66 -16.77
CA GLN A 181 13.83 9.61 -15.79
C GLN A 181 14.03 8.26 -16.48
N THR A 182 15.14 8.13 -17.19
CA THR A 182 15.43 6.90 -17.92
C THR A 182 16.31 5.99 -17.07
N GLU A 183 16.91 6.58 -16.05
CA GLU A 183 17.76 5.86 -15.10
C GLU A 183 17.17 4.53 -14.62
N TYR A 184 15.84 4.42 -14.56
CA TYR A 184 15.21 3.20 -14.09
C TYR A 184 15.15 2.13 -15.18
N LEU A 185 15.67 2.47 -16.36
CA LEU A 185 15.71 1.52 -17.46
C LEU A 185 17.06 0.82 -17.45
N GLU A 186 17.88 1.21 -16.47
CA GLU A 186 19.20 0.64 -16.29
C GLU A 186 19.12 -0.64 -15.48
N GLU A 187 19.76 -1.69 -15.97
CA GLU A 187 19.74 -2.98 -15.30
C GLU A 187 20.34 -2.87 -13.89
N ARG A 188 21.46 -2.15 -13.77
CA ARG A 188 22.12 -1.97 -12.49
C ARG A 188 21.24 -1.17 -11.52
N ARG A 189 20.49 -0.22 -12.08
CA ARG A 189 19.61 0.61 -11.27
C ARG A 189 18.47 -0.24 -10.70
N ILE A 190 17.83 -1.02 -11.57
CA ILE A 190 16.71 -1.88 -11.17
C ILE A 190 17.18 -2.94 -10.18
N LYS A 191 18.30 -3.56 -10.48
CA LYS A 191 18.86 -4.62 -9.63
C LYS A 191 19.18 -4.07 -8.24
N GLU A 192 19.69 -2.84 -8.21
CA GLU A 192 20.02 -2.18 -6.95
C GLU A 192 18.78 -1.99 -6.10
N ILE A 193 17.72 -1.51 -6.74
CA ILE A 193 16.45 -1.26 -6.06
C ILE A 193 15.83 -2.56 -5.58
N VAL A 194 15.97 -3.62 -6.38
CA VAL A 194 15.42 -4.92 -6.03
C VAL A 194 16.14 -5.49 -4.81
N LYS A 195 17.46 -5.37 -4.78
CA LYS A 195 18.23 -5.88 -3.66
C LYS A 195 18.08 -4.95 -2.44
N LYS A 196 17.49 -3.79 -2.68
CA LYS A 196 17.28 -2.79 -1.64
C LYS A 196 15.95 -3.00 -0.92
N HIS A 197 14.85 -2.82 -1.64
CA HIS A 197 13.52 -2.95 -1.04
C HIS A 197 12.76 -4.22 -1.44
N SER A 198 13.16 -4.85 -2.52
CA SER A 198 12.47 -6.05 -2.99
C SER A 198 13.24 -7.35 -2.70
N GLN A 199 13.73 -7.50 -1.48
CA GLN A 199 14.47 -8.71 -1.11
C GLN A 199 13.63 -9.65 -0.25
N PHE A 200 12.48 -9.17 0.20
CA PHE A 200 11.61 -9.97 1.05
C PHE A 200 10.44 -10.57 0.26
N ILE A 201 10.54 -10.51 -1.06
CA ILE A 201 9.50 -11.05 -1.93
C ILE A 201 9.65 -12.57 -1.99
N GLY A 202 8.68 -13.29 -1.42
CA GLY A 202 8.73 -14.74 -1.41
C GLY A 202 8.30 -15.34 -2.73
N TYR A 203 8.69 -14.70 -3.82
CA TYR A 203 8.36 -15.15 -5.16
C TYR A 203 9.47 -14.72 -6.11
N PRO A 204 10.01 -15.68 -6.90
CA PRO A 204 11.09 -15.41 -7.84
C PRO A 204 10.85 -14.18 -8.72
N ILE A 205 11.89 -13.36 -8.86
CA ILE A 205 11.84 -12.15 -9.66
C ILE A 205 12.92 -12.23 -10.73
N THR A 206 12.56 -12.00 -11.97
CA THR A 206 13.52 -12.07 -13.05
C THR A 206 13.52 -10.80 -13.89
N LEU A 207 14.70 -10.21 -14.07
CA LEU A 207 14.84 -9.01 -14.88
C LEU A 207 15.24 -9.45 -16.28
N PHE A 208 14.61 -8.88 -17.29
CA PHE A 208 14.90 -9.25 -18.67
C PHE A 208 15.46 -8.06 -19.42
N VAL A 209 16.76 -7.82 -19.23
CA VAL A 209 17.44 -6.71 -19.89
C VAL A 209 17.71 -7.06 -21.35
N GLU A 210 17.74 -6.06 -22.20
CA GLU A 210 18.01 -6.25 -23.61
C GLU A 210 19.49 -6.47 -23.86
N HIS B 1 8.52 6.94 30.65
CA HIS B 1 7.09 7.29 30.44
C HIS B 1 6.96 8.70 29.85
N LYS B 2 7.04 9.71 30.72
CA LYS B 2 6.92 11.11 30.29
C LYS B 2 8.14 11.54 29.48
N THR B 3 9.32 11.15 29.94
CA THR B 3 10.56 11.49 29.26
C THR B 3 10.68 10.73 27.95
N PHE B 4 9.94 9.63 27.82
CA PHE B 4 9.94 8.83 26.61
C PHE B 4 9.23 9.58 25.49
N VAL B 5 8.07 10.15 25.82
CA VAL B 5 7.29 10.92 24.85
C VAL B 5 8.05 12.16 24.42
N GLU B 6 8.64 12.86 25.38
CA GLU B 6 9.38 14.08 25.10
C GLU B 6 10.76 13.77 24.53
N LYS B 7 10.92 12.61 23.93
CA LYS B 7 12.18 12.20 23.35
C LYS B 7 11.95 11.54 22.00
N TYR B 8 10.78 10.90 21.82
CA TYR B 8 10.48 10.22 20.56
C TYR B 8 9.09 10.60 20.03
N GLU B 9 8.60 11.77 20.43
CA GLU B 9 7.27 12.24 19.99
C GLU B 9 7.17 12.23 18.47
N LYS B 10 8.14 12.86 17.82
CA LYS B 10 8.16 12.95 16.36
C LYS B 10 8.22 11.56 15.72
N GLN B 11 8.86 10.61 16.42
CA GLN B 11 8.96 9.25 15.91
C GLN B 11 7.63 8.53 16.05
N ILE B 12 7.01 8.66 17.21
CA ILE B 12 5.73 8.00 17.49
C ILE B 12 4.64 8.55 16.57
N LYS B 13 4.62 9.87 16.43
CA LYS B 13 3.65 10.52 15.57
C LYS B 13 3.80 10.06 14.13
N HIS B 14 5.03 9.76 13.74
CA HIS B 14 5.34 9.29 12.39
C HIS B 14 4.95 7.83 12.25
N PHE B 15 4.96 7.12 13.37
CA PHE B 15 4.62 5.70 13.40
C PHE B 15 3.11 5.50 13.20
N GLY B 16 2.32 6.38 13.79
CA GLY B 16 0.87 6.25 13.66
C GLY B 16 0.36 6.55 12.26
N MET B 17 1.22 7.10 11.41
CA MET B 17 0.83 7.42 10.05
C MET B 17 1.26 6.32 9.08
N LEU B 18 0.99 5.07 9.46
CA LEU B 18 1.33 3.93 8.62
C LEU B 18 0.12 2.98 8.57
N ARG B 19 0.28 1.78 8.00
CA ARG B 19 -0.83 0.85 7.92
C ARG B 19 -0.43 -0.52 7.35
N ARG B 20 0.62 -0.58 6.53
CA ARG B 20 1.02 -1.85 5.94
C ARG B 20 1.70 -2.75 6.96
N TRP B 21 1.64 -4.05 6.69
CA TRP B 21 2.17 -5.07 7.59
C TRP B 21 3.71 -5.10 7.64
N ASP B 22 4.37 -5.46 6.56
CA ASP B 22 5.83 -5.54 6.56
C ASP B 22 6.47 -4.16 6.64
N ASP B 23 5.77 -3.17 6.14
CA ASP B 23 6.26 -1.80 6.16
C ASP B 23 6.42 -1.31 7.60
N SER B 24 5.38 -1.49 8.40
CA SER B 24 5.42 -1.08 9.80
C SER B 24 6.29 -2.04 10.61
N GLN B 25 6.44 -3.26 10.10
CA GLN B 25 7.27 -4.26 10.76
C GLN B 25 8.72 -3.79 10.80
N LYS B 26 9.20 -3.30 9.65
CA LYS B 26 10.56 -2.79 9.57
C LYS B 26 10.69 -1.52 10.40
N TYR B 27 9.63 -0.70 10.40
CA TYR B 27 9.63 0.53 11.17
C TYR B 27 9.79 0.22 12.65
N LEU B 28 9.23 -0.90 13.07
CA LEU B 28 9.32 -1.32 14.47
C LEU B 28 10.67 -2.00 14.73
N SER B 29 11.22 -2.61 13.69
CA SER B 29 12.51 -3.28 13.80
C SER B 29 13.63 -2.24 13.87
N ASP B 30 13.49 -1.21 13.05
CA ASP B 30 14.47 -0.14 13.00
C ASP B 30 14.37 0.73 14.24
N ASN B 31 13.17 0.76 14.83
CA ASN B 31 12.92 1.53 16.04
C ASN B 31 12.31 0.62 17.10
N VAL B 32 13.08 -0.38 17.51
CA VAL B 32 12.61 -1.36 18.50
C VAL B 32 12.29 -0.69 19.85
N HIS B 33 12.79 0.52 20.04
CA HIS B 33 12.55 1.25 21.28
C HIS B 33 11.15 1.87 21.29
N LEU B 34 10.41 1.71 20.19
CA LEU B 34 9.07 2.27 20.10
C LEU B 34 8.01 1.30 20.56
N VAL B 35 8.38 0.05 20.76
CA VAL B 35 7.43 -0.95 21.22
C VAL B 35 7.24 -0.79 22.73
N CYS B 36 6.39 0.15 23.10
CA CYS B 36 6.11 0.45 24.50
C CYS B 36 4.64 0.83 24.68
N GLU B 37 4.20 0.90 25.93
CA GLU B 37 2.82 1.26 26.23
C GLU B 37 2.57 2.74 25.93
N GLU B 38 3.53 3.59 26.30
CA GLU B 38 3.43 5.02 26.05
C GLU B 38 3.07 5.29 24.58
N THR B 39 3.69 4.53 23.69
CA THR B 39 3.45 4.66 22.26
C THR B 39 1.97 4.47 21.93
N ALA B 40 1.38 3.39 22.43
CA ALA B 40 -0.02 3.11 22.20
C ALA B 40 -0.89 4.19 22.83
N ASN B 41 -0.47 4.64 24.01
CA ASN B 41 -1.19 5.69 24.73
C ASN B 41 -1.23 6.97 23.92
N TYR B 42 -0.08 7.34 23.34
CA TYR B 42 0.02 8.55 22.53
C TYR B 42 -0.93 8.49 21.33
N LEU B 43 -0.98 7.34 20.68
CA LEU B 43 -1.83 7.15 19.51
C LEU B 43 -3.30 7.40 19.86
N VAL B 44 -3.73 6.95 21.04
CA VAL B 44 -5.11 7.18 21.47
C VAL B 44 -5.33 8.68 21.58
N ILE B 45 -4.56 9.28 22.49
CA ILE B 45 -4.56 10.73 22.72
C ILE B 45 -4.62 11.50 21.40
N TRP B 46 -3.76 11.12 20.45
CA TRP B 46 -3.71 11.78 19.15
C TRP B 46 -5.01 11.54 18.35
N CYS B 47 -5.45 10.28 18.32
CA CYS B 47 -6.69 9.92 17.61
C CYS B 47 -7.88 10.73 18.12
N ILE B 48 -8.01 10.82 19.44
CA ILE B 48 -9.12 11.55 20.05
C ILE B 48 -9.11 13.01 19.62
N ASP B 49 -7.93 13.59 19.51
CA ASP B 49 -7.80 14.99 19.11
C ASP B 49 -8.09 15.16 17.62
N LEU B 50 -7.69 14.16 16.84
CA LEU B 50 -7.90 14.18 15.40
C LEU B 50 -9.39 14.14 15.07
N GLU B 51 -10.15 13.38 15.86
CA GLU B 51 -11.59 13.26 15.66
C GLU B 51 -12.27 14.60 15.91
N VAL B 52 -11.81 15.32 16.94
CA VAL B 52 -12.35 16.64 17.29
C VAL B 52 -12.08 17.65 16.18
N GLU B 53 -10.92 17.51 15.54
CA GLU B 53 -10.53 18.41 14.45
C GLU B 53 -11.26 18.04 13.18
N GLU B 54 -12.12 17.04 13.27
CA GLU B 54 -12.90 16.54 12.13
C GLU B 54 -11.99 15.91 11.10
N LYS B 55 -10.87 15.41 11.56
CA LYS B 55 -9.91 14.73 10.69
C LYS B 55 -10.14 13.23 10.84
N CYS B 56 -11.41 12.86 10.76
CA CYS B 56 -11.85 11.48 10.89
C CYS B 56 -11.17 10.55 9.89
N ALA B 57 -10.64 11.12 8.81
CA ALA B 57 -9.98 10.35 7.79
C ALA B 57 -8.64 9.81 8.29
N LEU B 58 -7.92 10.64 9.05
CA LEU B 58 -6.63 10.24 9.59
C LEU B 58 -6.82 9.36 10.83
N MET B 59 -7.89 9.64 11.56
CA MET B 59 -8.21 8.90 12.78
C MET B 59 -8.36 7.41 12.49
N GLU B 60 -8.94 7.08 11.34
CA GLU B 60 -9.15 5.70 10.94
C GLU B 60 -7.83 4.95 10.76
N GLN B 61 -6.80 5.64 10.29
CA GLN B 61 -5.50 5.00 10.06
C GLN B 61 -4.69 4.90 11.33
N VAL B 62 -4.69 5.96 12.14
CA VAL B 62 -3.93 5.95 13.39
C VAL B 62 -4.39 4.80 14.28
N ALA B 63 -5.69 4.54 14.27
CA ALA B 63 -6.26 3.45 15.05
C ALA B 63 -5.70 2.09 14.59
N HIS B 64 -5.40 1.99 13.30
CA HIS B 64 -4.84 0.75 12.72
C HIS B 64 -3.39 0.58 13.18
N GLN B 65 -2.93 1.58 13.92
CA GLN B 65 -1.58 1.59 14.44
C GLN B 65 -1.62 1.42 15.95
N THR B 66 -2.72 1.87 16.55
CA THR B 66 -2.91 1.74 17.98
C THR B 66 -3.21 0.29 18.33
N ILE B 67 -4.08 -0.34 17.54
CA ILE B 67 -4.44 -1.73 17.77
C ILE B 67 -3.24 -2.64 17.56
N VAL B 68 -2.37 -2.27 16.62
CA VAL B 68 -1.16 -3.04 16.35
C VAL B 68 -0.26 -3.06 17.57
N MET B 69 -0.07 -1.87 18.16
CA MET B 69 0.78 -1.74 19.33
C MET B 69 0.17 -2.48 20.51
N GLN B 70 -1.13 -2.28 20.73
CA GLN B 70 -1.85 -2.94 21.82
C GLN B 70 -1.76 -4.45 21.66
N PHE B 71 -2.04 -4.94 20.45
CA PHE B 71 -2.00 -6.36 20.16
C PHE B 71 -0.62 -6.95 20.39
N ILE B 72 0.41 -6.28 19.87
CA ILE B 72 1.79 -6.75 20.04
C ILE B 72 2.12 -6.85 21.52
N LEU B 73 1.83 -5.78 22.26
CA LEU B 73 2.09 -5.74 23.69
C LEU B 73 1.35 -6.86 24.40
N GLU B 74 0.09 -7.07 24.05
CA GLU B 74 -0.71 -8.13 24.65
C GLU B 74 -0.14 -9.50 24.28
N LEU B 75 0.11 -9.68 23.00
CA LEU B 75 0.69 -10.93 22.48
C LEU B 75 1.96 -11.28 23.24
N ALA B 76 2.86 -10.31 23.34
CA ALA B 76 4.13 -10.50 24.03
C ALA B 76 3.92 -10.76 25.52
N LYS B 77 3.03 -9.97 26.14
CA LYS B 77 2.74 -10.14 27.56
C LYS B 77 2.20 -11.54 27.83
N SER B 78 1.28 -12.01 26.99
CA SER B 78 0.73 -13.35 27.14
C SER B 78 1.83 -14.41 27.02
N LEU B 79 2.78 -14.18 26.13
CA LEU B 79 3.89 -15.10 25.93
C LEU B 79 4.86 -15.02 27.11
N LYS B 80 4.69 -13.96 27.90
CA LYS B 80 5.51 -13.71 29.09
C LYS B 80 6.96 -13.42 28.71
N VAL B 81 7.13 -12.70 27.61
CA VAL B 81 8.44 -12.33 27.12
C VAL B 81 8.41 -10.85 26.72
N ASP B 82 9.57 -10.22 26.66
CA ASP B 82 9.64 -8.80 26.29
C ASP B 82 9.07 -8.56 24.89
N PRO B 83 8.20 -7.55 24.75
CA PRO B 83 7.57 -7.19 23.47
C PRO B 83 8.60 -6.91 22.38
N ARG B 84 9.72 -6.33 22.78
CA ARG B 84 10.80 -6.02 21.85
C ARG B 84 11.39 -7.28 21.19
N ALA B 85 11.06 -8.44 21.74
CA ALA B 85 11.53 -9.70 21.19
C ALA B 85 10.35 -10.50 20.65
N CYS B 86 9.15 -9.99 20.91
CA CYS B 86 7.91 -10.62 20.48
C CYS B 86 7.01 -9.63 19.73
N PHE B 87 7.57 -8.95 18.73
CA PHE B 87 6.80 -7.97 17.96
C PHE B 87 6.70 -8.35 16.48
N ARG B 88 7.47 -9.34 16.05
CA ARG B 88 7.45 -9.73 14.64
C ARG B 88 6.45 -10.87 14.40
N GLN B 89 6.14 -11.62 15.44
CA GLN B 89 5.21 -12.75 15.33
C GLN B 89 3.80 -12.29 15.01
N PHE B 90 3.46 -11.07 15.44
CA PHE B 90 2.13 -10.52 15.17
C PHE B 90 1.93 -10.39 13.67
N PHE B 91 2.94 -9.87 12.99
CA PHE B 91 2.90 -9.69 11.55
C PHE B 91 2.99 -11.03 10.82
N THR B 92 3.38 -12.07 11.55
CA THR B 92 3.47 -13.41 10.98
C THR B 92 2.09 -14.05 10.95
N LYS B 93 1.35 -13.88 12.04
CA LYS B 93 0.02 -14.47 12.16
C LYS B 93 -1.01 -13.68 11.35
N ILE B 94 -0.58 -12.56 10.76
CA ILE B 94 -1.47 -11.74 9.95
C ILE B 94 -1.53 -12.28 8.52
N LYS B 95 -0.55 -13.10 8.16
CA LYS B 95 -0.50 -13.71 6.83
C LYS B 95 -1.01 -15.15 6.91
N THR B 96 -0.88 -15.69 8.12
CA THR B 96 -1.38 -17.02 8.45
C THR B 96 -2.78 -17.15 7.82
N ALA B 97 -3.20 -18.33 7.35
CA ALA B 97 -4.49 -18.43 6.68
C ALA B 97 -5.65 -18.32 7.65
N ASP B 98 -5.32 -18.25 8.92
CA ASP B 98 -6.30 -18.13 9.98
C ASP B 98 -6.82 -16.69 10.05
N ARG B 99 -7.93 -16.44 9.37
CA ARG B 99 -8.52 -15.12 9.32
C ARG B 99 -9.17 -14.74 10.65
N GLN B 100 -9.32 -15.71 11.55
CA GLN B 100 -9.93 -15.44 12.85
C GLN B 100 -9.09 -14.43 13.62
N TYR B 101 -7.77 -14.58 13.54
CA TYR B 101 -6.86 -13.68 14.22
C TYR B 101 -6.96 -12.28 13.61
N MET B 102 -7.10 -12.24 12.29
CA MET B 102 -7.21 -10.99 11.57
C MET B 102 -8.55 -10.31 11.87
N GLU B 103 -9.60 -11.12 12.00
CA GLU B 103 -10.92 -10.61 12.30
C GLU B 103 -10.94 -10.06 13.72
N GLY B 104 -10.31 -10.80 14.61
CA GLY B 104 -10.20 -10.38 15.98
C GLY B 104 -9.49 -9.04 16.06
N PHE B 105 -8.52 -8.87 15.16
CA PHE B 105 -7.76 -7.64 15.06
C PHE B 105 -8.65 -6.51 14.52
N ASN B 106 -9.51 -6.82 13.55
CA ASN B 106 -10.40 -5.83 12.96
C ASN B 106 -11.50 -5.41 13.93
N ASP B 107 -12.14 -6.39 14.57
CA ASP B 107 -13.21 -6.12 15.53
C ASP B 107 -12.81 -5.07 16.55
N GLU B 108 -11.66 -5.28 17.20
CA GLU B 108 -11.18 -4.33 18.19
C GLU B 108 -10.95 -2.96 17.55
N LEU B 109 -10.45 -2.98 16.33
CA LEU B 109 -10.18 -1.75 15.59
C LEU B 109 -11.45 -0.93 15.38
N GLU B 110 -12.48 -1.58 14.86
CA GLU B 110 -13.75 -0.90 14.59
C GLU B 110 -14.36 -0.38 15.88
N ALA B 111 -14.35 -1.22 16.91
CA ALA B 111 -14.91 -0.84 18.20
C ALA B 111 -14.10 0.29 18.83
N PHE B 112 -12.78 0.24 18.64
CA PHE B 112 -11.88 1.25 19.19
C PHE B 112 -12.21 2.63 18.62
N LYS B 113 -12.36 2.71 17.30
CA LYS B 113 -12.67 3.97 16.64
C LYS B 113 -14.00 4.53 17.14
N GLU B 114 -15.00 3.66 17.23
CA GLU B 114 -16.31 4.08 17.70
C GLU B 114 -16.27 4.54 19.15
N ARG B 115 -15.45 3.88 19.96
CA ARG B 115 -15.29 4.26 21.36
C ARG B 115 -14.62 5.63 21.43
N VAL B 116 -13.72 5.89 20.49
CA VAL B 116 -13.00 7.15 20.41
C VAL B 116 -13.97 8.29 20.09
N ARG B 117 -14.87 8.04 19.13
CA ARG B 117 -15.86 9.03 18.72
C ARG B 117 -16.69 9.50 19.92
N GLY B 118 -17.05 8.56 20.78
CA GLY B 118 -17.83 8.90 21.95
C GLY B 118 -17.06 9.77 22.91
N ARG B 119 -15.77 9.50 23.05
CA ARG B 119 -14.90 10.25 23.94
C ARG B 119 -14.75 11.69 23.44
N ALA B 120 -14.57 11.83 22.14
CA ALA B 120 -14.40 13.14 21.52
C ALA B 120 -15.65 13.99 21.69
N LYS B 121 -16.83 13.38 21.58
CA LYS B 121 -18.08 14.11 21.75
C LYS B 121 -18.27 14.54 23.20
N LEU B 122 -17.81 13.71 24.13
CA LEU B 122 -17.91 14.03 25.55
C LEU B 122 -16.99 15.19 25.89
N ARG B 123 -15.87 15.26 25.20
CA ARG B 123 -14.89 16.31 25.43
C ARG B 123 -15.47 17.68 25.06
N ILE B 124 -16.13 17.75 23.91
CA ILE B 124 -16.70 19.01 23.46
C ILE B 124 -17.98 19.35 24.22
N GLU B 125 -18.76 18.33 24.57
CA GLU B 125 -20.01 18.55 25.29
C GLU B 125 -19.78 19.14 26.67
N LYS B 126 -18.68 18.74 27.31
CA LYS B 126 -18.33 19.22 28.64
C LYS B 126 -18.01 20.72 28.64
N ALA B 127 -17.75 21.28 27.47
CA ALA B 127 -17.45 22.69 27.34
C ALA B 127 -18.50 23.42 26.49
N MET B 128 -19.35 22.65 25.85
CA MET B 128 -20.40 23.21 25.01
C MET B 128 -21.62 23.56 25.85
N LYS B 129 -22.05 22.63 26.68
CA LYS B 129 -23.21 22.84 27.53
C LYS B 129 -22.92 22.39 28.95
N GLU A 1 -13.61 -2.83 -33.81
CA GLU A 1 -14.64 -2.19 -32.96
C GLU A 1 -14.52 -2.68 -31.52
N GLU A 2 -13.73 -1.95 -30.73
CA GLU A 2 -13.51 -2.32 -29.36
C GLU A 2 -14.32 -1.44 -28.43
N GLU A 3 -14.35 -1.81 -27.16
CA GLU A 3 -15.08 -1.05 -26.18
C GLU A 3 -14.20 0.03 -25.59
N VAL A 4 -14.78 1.22 -25.41
CA VAL A 4 -14.06 2.34 -24.83
C VAL A 4 -14.93 3.02 -23.79
N GLU A 5 -14.62 2.75 -22.54
CA GLU A 5 -15.36 3.33 -21.42
C GLU A 5 -14.45 4.33 -20.71
N THR A 6 -14.95 5.54 -20.52
CA THR A 6 -14.17 6.57 -19.86
C THR A 6 -14.81 6.98 -18.53
N PHE A 7 -14.11 6.65 -17.45
CA PHE A 7 -14.58 6.98 -16.11
C PHE A 7 -13.65 8.01 -15.50
N ALA A 8 -14.08 8.65 -14.43
CA ALA A 8 -13.27 9.67 -13.77
C ALA A 8 -12.96 9.29 -12.32
N PHE A 9 -11.73 9.59 -11.91
CA PHE A 9 -11.28 9.32 -10.55
C PHE A 9 -12.05 10.18 -9.56
N GLN A 10 -12.28 9.66 -8.37
CA GLN A 10 -13.00 10.42 -7.34
C GLN A 10 -12.22 11.69 -7.01
N ALA A 11 -12.94 12.74 -6.68
CA ALA A 11 -12.34 14.04 -6.37
C ALA A 11 -11.12 13.93 -5.46
N GLU A 12 -11.26 13.24 -4.33
CA GLU A 12 -10.18 13.09 -3.37
C GLU A 12 -8.99 12.30 -3.98
N ILE A 13 -9.30 11.39 -4.88
CA ILE A 13 -8.27 10.59 -5.54
C ILE A 13 -7.52 11.43 -6.56
N ALA A 14 -8.27 12.10 -7.42
CA ALA A 14 -7.69 12.94 -8.46
C ALA A 14 -6.87 14.07 -7.84
N GLN A 15 -7.33 14.57 -6.70
CA GLN A 15 -6.63 15.63 -5.98
C GLN A 15 -5.22 15.18 -5.63
N LEU A 16 -5.11 14.00 -5.04
CA LEU A 16 -3.83 13.45 -4.67
C LEU A 16 -2.99 13.19 -5.90
N MET A 17 -3.63 12.75 -6.99
CA MET A 17 -2.92 12.47 -8.23
C MET A 17 -2.25 13.74 -8.74
N SER A 18 -2.97 14.85 -8.63
CA SER A 18 -2.46 16.15 -9.07
C SER A 18 -1.31 16.59 -8.16
N LEU A 19 -1.49 16.42 -6.86
CA LEU A 19 -0.47 16.80 -5.88
C LEU A 19 0.80 15.97 -6.04
N ILE A 20 0.64 14.69 -6.30
CA ILE A 20 1.77 13.77 -6.48
C ILE A 20 2.65 14.17 -7.67
N ILE A 21 2.02 14.48 -8.78
CA ILE A 21 2.76 14.85 -10.00
C ILE A 21 3.36 16.26 -9.89
N ASN A 22 2.65 17.18 -9.26
CA ASN A 22 3.13 18.56 -9.14
C ASN A 22 4.14 18.76 -8.01
N THR A 23 4.03 18.00 -6.95
CA THR A 23 4.95 18.14 -5.83
C THR A 23 6.21 17.31 -6.04
N PHE A 24 7.29 17.99 -6.39
CA PHE A 24 8.57 17.34 -6.62
C PHE A 24 9.17 16.90 -5.29
N TYR A 25 9.26 15.60 -5.09
CA TYR A 25 9.81 15.06 -3.85
C TYR A 25 11.28 14.71 -4.01
N SER A 26 11.83 13.96 -3.05
CA SER A 26 13.23 13.58 -3.08
C SER A 26 13.38 12.13 -3.55
N ASN A 27 13.08 11.19 -2.66
CA ASN A 27 13.18 9.77 -2.98
C ASN A 27 11.99 9.40 -3.86
N LYS A 28 12.26 8.93 -5.07
CA LYS A 28 11.20 8.59 -6.00
C LYS A 28 11.04 7.09 -6.20
N GLU A 29 12.13 6.31 -6.10
CA GLU A 29 12.07 4.86 -6.32
C GLU A 29 11.11 4.11 -5.39
N ILE A 30 10.57 4.81 -4.40
CA ILE A 30 9.62 4.17 -3.49
C ILE A 30 8.42 3.61 -4.25
N PHE A 31 8.14 4.23 -5.41
CA PHE A 31 7.03 3.82 -6.25
C PHE A 31 7.16 2.34 -6.65
N LEU A 32 8.39 1.86 -6.77
CA LEU A 32 8.61 0.48 -7.16
C LEU A 32 8.28 -0.48 -6.03
N ARG A 33 8.51 -0.05 -4.79
CA ARG A 33 8.22 -0.92 -3.65
C ARG A 33 6.73 -1.15 -3.54
N GLU A 34 5.95 -0.06 -3.60
CA GLU A 34 4.49 -0.13 -3.52
C GLU A 34 3.95 -1.01 -4.64
N LEU A 35 4.57 -0.94 -5.80
CA LEU A 35 4.16 -1.74 -6.95
C LEU A 35 4.52 -3.22 -6.78
N ILE A 36 5.79 -3.49 -6.54
CA ILE A 36 6.27 -4.86 -6.36
C ILE A 36 5.56 -5.56 -5.21
N SER A 37 5.31 -4.84 -4.13
CA SER A 37 4.62 -5.41 -2.99
C SER A 37 3.22 -5.87 -3.39
N ASN A 38 2.60 -5.12 -4.30
CA ASN A 38 1.26 -5.43 -4.79
C ASN A 38 1.33 -6.67 -5.66
N SER A 39 2.44 -6.80 -6.38
CA SER A 39 2.65 -7.93 -7.26
C SER A 39 2.80 -9.23 -6.46
N SER A 40 3.57 -9.20 -5.37
CA SER A 40 3.74 -10.39 -4.56
C SER A 40 2.46 -10.70 -3.82
N ASP A 41 1.70 -9.64 -3.51
CA ASP A 41 0.43 -9.78 -2.82
C ASP A 41 -0.54 -10.55 -3.70
N ALA A 42 -0.47 -10.29 -5.01
CA ALA A 42 -1.33 -10.95 -5.98
C ALA A 42 -0.96 -12.41 -6.10
N LEU A 43 0.34 -12.72 -5.94
CA LEU A 43 0.84 -14.09 -6.00
C LEU A 43 0.34 -14.89 -4.80
N ASP A 44 0.56 -14.33 -3.62
CA ASP A 44 0.10 -14.97 -2.39
C ASP A 44 -1.41 -15.17 -2.41
N LYS A 45 -2.12 -14.23 -3.04
CA LYS A 45 -3.57 -14.28 -3.15
C LYS A 45 -4.03 -15.39 -4.09
N ILE A 46 -3.36 -15.53 -5.25
CA ILE A 46 -3.74 -16.57 -6.20
C ILE A 46 -3.49 -17.95 -5.59
N ARG A 47 -2.35 -18.12 -4.90
CA ARG A 47 -2.03 -19.38 -4.23
C ARG A 47 -3.20 -19.89 -3.40
N TYR A 48 -3.60 -19.15 -2.36
CA TYR A 48 -4.75 -19.54 -1.51
C TYR A 48 -5.96 -19.99 -2.35
N GLU A 49 -6.20 -19.31 -3.47
CA GLU A 49 -7.32 -19.66 -4.35
C GLU A 49 -7.10 -21.00 -5.04
N THR A 50 -5.90 -21.20 -5.56
CA THR A 50 -5.57 -22.44 -6.27
C THR A 50 -5.48 -23.61 -5.30
N LEU A 51 -5.24 -23.30 -4.02
CA LEU A 51 -5.18 -24.34 -3.00
C LEU A 51 -6.58 -24.86 -2.70
N THR A 52 -7.58 -24.08 -3.09
CA THR A 52 -8.96 -24.45 -2.89
C THR A 52 -9.58 -24.96 -4.20
N ASP A 53 -8.98 -24.55 -5.31
CA ASP A 53 -9.43 -24.95 -6.63
C ASP A 53 -8.23 -24.98 -7.58
N PRO A 54 -7.74 -26.18 -7.90
CA PRO A 54 -6.55 -26.34 -8.77
C PRO A 54 -6.81 -26.01 -10.24
N SER A 55 -8.08 -25.96 -10.62
CA SER A 55 -8.45 -25.64 -12.00
C SER A 55 -7.92 -24.25 -12.41
N LYS A 56 -7.72 -23.37 -11.43
CA LYS A 56 -7.22 -22.03 -11.69
C LYS A 56 -5.69 -22.01 -11.89
N LEU A 57 -5.07 -23.20 -11.98
CA LEU A 57 -3.63 -23.31 -12.19
C LEU A 57 -3.32 -23.51 -13.67
N ASP A 58 -4.35 -23.84 -14.44
CA ASP A 58 -4.19 -24.07 -15.89
C ASP A 58 -3.88 -22.76 -16.61
N SER A 59 -4.05 -21.67 -15.89
CA SER A 59 -3.80 -20.35 -16.44
C SER A 59 -2.40 -19.87 -16.08
N GLY A 60 -1.60 -20.76 -15.52
CA GLY A 60 -0.25 -20.42 -15.14
C GLY A 60 0.18 -21.18 -13.91
N LYS A 61 1.06 -22.14 -14.10
CA LYS A 61 1.51 -23.00 -13.00
C LYS A 61 2.80 -22.46 -12.37
N GLU A 62 2.97 -21.15 -12.39
CA GLU A 62 4.17 -20.54 -11.82
C GLU A 62 3.82 -19.20 -11.16
N LEU A 63 4.53 -18.89 -10.08
CA LEU A 63 4.33 -17.65 -9.34
C LEU A 63 5.64 -16.88 -9.22
N HIS A 64 5.79 -15.87 -10.07
CA HIS A 64 7.01 -15.05 -10.09
C HIS A 64 6.71 -13.65 -10.61
N ILE A 65 7.66 -12.75 -10.40
CA ILE A 65 7.54 -11.37 -10.85
C ILE A 65 8.70 -11.06 -11.79
N ASN A 66 8.42 -10.45 -12.92
CA ASN A 66 9.46 -10.14 -13.88
C ASN A 66 9.50 -8.66 -14.21
N LEU A 67 10.70 -8.10 -14.16
CA LEU A 67 10.91 -6.69 -14.48
C LEU A 67 11.54 -6.57 -15.85
N ILE A 68 10.82 -5.96 -16.78
CA ILE A 68 11.28 -5.81 -18.16
C ILE A 68 11.39 -4.35 -18.58
N PRO A 69 12.62 -3.82 -18.66
CA PRO A 69 12.84 -2.43 -19.07
C PRO A 69 12.84 -2.29 -20.59
N ASN A 70 12.97 -1.07 -21.08
CA ASN A 70 12.97 -0.80 -22.51
C ASN A 70 13.59 0.56 -22.76
N LYS A 71 14.87 0.59 -23.03
CA LYS A 71 15.59 1.85 -23.25
C LYS A 71 15.21 2.49 -24.57
N GLN A 72 14.70 1.69 -25.50
CA GLN A 72 14.31 2.20 -26.81
C GLN A 72 12.91 2.81 -26.78
N ASP A 73 12.02 2.26 -25.97
CA ASP A 73 10.64 2.77 -25.89
C ASP A 73 10.42 3.60 -24.63
N ARG A 74 11.40 3.60 -23.74
CA ARG A 74 11.34 4.35 -22.48
C ARG A 74 10.20 3.84 -21.60
N THR A 75 10.03 2.53 -21.54
CA THR A 75 8.97 1.94 -20.75
C THR A 75 9.49 0.88 -19.77
N LEU A 76 8.95 0.90 -18.56
CA LEU A 76 9.33 -0.07 -17.55
C LEU A 76 8.16 -1.00 -17.32
N THR A 77 8.25 -2.19 -17.90
CA THR A 77 7.18 -3.17 -17.78
C THR A 77 7.37 -4.05 -16.55
N ILE A 78 6.29 -4.28 -15.83
CA ILE A 78 6.32 -5.13 -14.65
C ILE A 78 5.25 -6.20 -14.84
N VAL A 79 5.65 -7.44 -14.77
CA VAL A 79 4.70 -8.53 -14.97
C VAL A 79 4.72 -9.48 -13.78
N ASP A 80 3.53 -9.84 -13.28
CA ASP A 80 3.40 -10.75 -12.16
C ASP A 80 2.39 -11.83 -12.54
N THR A 81 2.71 -13.09 -12.24
CA THR A 81 1.84 -14.21 -12.59
C THR A 81 0.66 -14.42 -11.65
N GLY A 82 0.26 -13.39 -10.89
CA GLY A 82 -0.91 -13.49 -10.03
C GLY A 82 -2.17 -13.76 -10.82
N ILE A 83 -3.34 -13.68 -10.21
CA ILE A 83 -4.59 -13.92 -10.94
C ILE A 83 -5.07 -12.66 -11.66
N GLY A 84 -4.35 -11.56 -11.50
CA GLY A 84 -4.74 -10.31 -12.13
C GLY A 84 -6.05 -9.77 -11.61
N MET A 85 -6.69 -8.89 -12.38
CA MET A 85 -7.95 -8.29 -11.96
C MET A 85 -9.03 -8.48 -13.02
N THR A 86 -10.28 -8.26 -12.64
CA THR A 86 -11.41 -8.40 -13.54
C THR A 86 -11.75 -7.06 -14.19
N LYS A 87 -12.75 -7.08 -15.07
CA LYS A 87 -13.21 -5.88 -15.74
C LYS A 87 -13.77 -4.91 -14.71
N ALA A 88 -14.59 -5.44 -13.83
CA ALA A 88 -15.21 -4.65 -12.78
C ALA A 88 -14.16 -4.19 -11.77
N ASP A 89 -13.11 -5.01 -11.59
CA ASP A 89 -12.04 -4.69 -10.65
C ASP A 89 -11.33 -3.40 -11.02
N LEU A 90 -10.77 -3.37 -12.24
CA LEU A 90 -10.04 -2.22 -12.76
C LEU A 90 -10.85 -0.93 -12.62
N ILE A 91 -12.13 -1.02 -12.92
CA ILE A 91 -13.01 0.14 -12.83
C ILE A 91 -13.21 0.58 -11.38
N ASN A 92 -13.45 -0.39 -10.50
CA ASN A 92 -13.73 -0.09 -9.10
C ASN A 92 -12.48 0.15 -8.26
N ASN A 93 -11.59 -0.82 -8.21
CA ASN A 93 -10.38 -0.73 -7.40
C ASN A 93 -9.49 0.44 -7.79
N LEU A 94 -9.55 0.86 -9.04
CA LEU A 94 -8.73 1.96 -9.49
C LEU A 94 -9.56 3.10 -10.06
N GLY A 95 -10.21 3.87 -9.18
CA GLY A 95 -11.00 4.99 -9.64
C GLY A 95 -12.29 5.20 -8.89
N THR A 96 -13.19 4.24 -8.98
CA THR A 96 -14.50 4.33 -8.32
C THR A 96 -14.42 4.25 -6.79
N ILE A 97 -13.75 3.22 -6.28
CA ILE A 97 -13.64 3.02 -4.85
C ILE A 97 -12.68 4.02 -4.21
N ALA A 98 -13.20 4.84 -3.32
CA ALA A 98 -12.39 5.83 -2.62
C ALA A 98 -11.70 5.21 -1.42
N LYS A 99 -10.44 5.56 -1.23
CA LYS A 99 -9.68 5.02 -0.12
C LYS A 99 -9.47 6.08 0.96
N SER A 100 -9.73 5.70 2.20
CA SER A 100 -9.54 6.59 3.33
C SER A 100 -8.08 7.00 3.42
N GLY A 101 -7.21 6.11 2.94
CA GLY A 101 -5.79 6.38 2.94
C GLY A 101 -5.43 7.50 1.99
N THR A 102 -6.19 7.62 0.91
CA THR A 102 -5.97 8.68 -0.07
C THR A 102 -6.20 10.02 0.60
N LYS A 103 -7.31 10.11 1.33
CA LYS A 103 -7.66 11.33 2.05
C LYS A 103 -6.63 11.58 3.15
N ALA A 104 -6.24 10.50 3.80
CA ALA A 104 -5.28 10.54 4.89
C ALA A 104 -3.90 11.01 4.44
N PHE A 105 -3.44 10.53 3.28
CA PHE A 105 -2.12 10.92 2.78
C PHE A 105 -2.05 12.42 2.54
N MET A 106 -3.13 12.98 2.00
CA MET A 106 -3.19 14.42 1.76
C MET A 106 -3.03 15.17 3.07
N GLU A 107 -3.72 14.68 4.08
CA GLU A 107 -3.68 15.26 5.41
C GLU A 107 -2.32 15.03 6.05
N ALA A 108 -1.78 13.84 5.83
CA ALA A 108 -0.48 13.46 6.35
C ALA A 108 0.59 14.41 5.82
N LEU A 109 0.52 14.69 4.52
CA LEU A 109 1.47 15.59 3.87
C LEU A 109 1.50 16.93 4.60
N GLN A 110 0.32 17.43 4.96
CA GLN A 110 0.20 18.70 5.68
C GLN A 110 0.92 18.61 7.04
N ALA A 111 0.83 17.46 7.69
CA ALA A 111 1.45 17.26 9.00
C ALA A 111 2.90 16.80 8.88
N GLY A 112 3.47 16.97 7.71
CA GLY A 112 4.85 16.59 7.50
C GLY A 112 5.02 15.08 7.41
N ALA A 113 4.55 14.52 6.30
CA ALA A 113 4.64 13.09 6.06
C ALA A 113 5.91 12.73 5.31
N ASP A 114 5.87 11.62 4.61
CA ASP A 114 7.00 11.12 3.84
C ASP A 114 6.47 10.37 2.61
N ILE A 115 7.30 10.17 1.61
CA ILE A 115 6.87 9.46 0.41
C ILE A 115 7.01 7.96 0.60
N SER A 116 7.75 7.55 1.64
CA SER A 116 7.96 6.14 1.93
C SER A 116 6.73 5.49 2.60
N MET A 117 5.61 6.18 2.54
CA MET A 117 4.39 5.66 3.17
C MET A 117 3.15 5.86 2.29
N ILE A 118 3.35 6.14 1.02
CA ILE A 118 2.24 6.34 0.10
C ILE A 118 1.47 5.03 -0.11
N GLY A 119 2.19 3.94 -0.21
CA GLY A 119 1.57 2.64 -0.39
C GLY A 119 1.03 2.07 0.90
N GLN A 120 1.37 2.72 2.01
CA GLN A 120 0.92 2.27 3.31
C GLN A 120 -0.54 2.66 3.53
N PHE A 121 -0.95 3.76 2.92
CA PHE A 121 -2.32 4.23 3.05
C PHE A 121 -3.22 3.58 2.01
N GLY A 122 -2.71 2.57 1.31
CA GLY A 122 -3.49 1.87 0.31
C GLY A 122 -3.35 2.45 -1.08
N VAL A 123 -2.71 3.60 -1.17
CA VAL A 123 -2.52 4.26 -2.46
C VAL A 123 -1.18 3.85 -3.07
N GLY A 124 -0.90 2.55 -3.02
CA GLY A 124 0.36 2.04 -3.56
C GLY A 124 0.31 1.73 -5.04
N PHE A 125 -0.54 2.45 -5.76
CA PHE A 125 -0.66 2.24 -7.20
C PHE A 125 -0.66 3.58 -7.92
N TYR A 126 -0.65 4.66 -7.16
CA TYR A 126 -0.66 6.00 -7.74
C TYR A 126 0.71 6.65 -7.63
N SER A 127 1.60 5.94 -6.96
CA SER A 127 2.97 6.41 -6.73
C SER A 127 3.77 6.43 -8.03
N ALA A 128 3.33 5.64 -9.01
CA ALA A 128 4.01 5.55 -10.29
C ALA A 128 3.98 6.88 -11.05
N TYR A 129 3.01 7.74 -10.73
CA TYR A 129 2.88 9.03 -11.40
C TYR A 129 4.08 9.94 -11.09
N LEU A 130 4.76 9.65 -9.99
CA LEU A 130 5.93 10.44 -9.57
C LEU A 130 7.09 10.27 -10.54
N VAL A 131 7.08 9.17 -11.30
CA VAL A 131 8.16 8.92 -12.23
C VAL A 131 7.65 8.78 -13.66
N ALA A 132 6.40 8.35 -13.79
CA ALA A 132 5.78 8.19 -15.09
C ALA A 132 4.96 9.42 -15.48
N GLU A 133 4.23 9.28 -16.58
CA GLU A 133 3.37 10.36 -17.09
C GLU A 133 2.03 9.78 -17.52
N LYS A 134 2.05 8.52 -17.91
CA LYS A 134 0.86 7.81 -18.32
C LYS A 134 0.94 6.37 -17.85
N VAL A 135 -0.07 5.93 -17.12
CA VAL A 135 -0.08 4.58 -16.60
C VAL A 135 -0.88 3.67 -17.52
N THR A 136 -0.30 2.53 -17.84
CA THR A 136 -0.93 1.55 -18.72
C THR A 136 -0.85 0.18 -18.07
N VAL A 137 -2.00 -0.42 -17.76
CA VAL A 137 -2.02 -1.72 -17.12
C VAL A 137 -2.92 -2.67 -17.88
N ILE A 138 -2.39 -3.84 -18.21
CA ILE A 138 -3.13 -4.85 -18.93
C ILE A 138 -3.18 -6.10 -18.07
N THR A 139 -4.34 -6.68 -17.85
CA THR A 139 -4.42 -7.86 -17.01
C THR A 139 -5.41 -8.88 -17.57
N LYS A 140 -5.30 -10.11 -17.10
CA LYS A 140 -6.16 -11.20 -17.52
C LYS A 140 -6.53 -12.04 -16.30
N HIS A 141 -7.80 -12.02 -15.94
CA HIS A 141 -8.28 -12.78 -14.80
C HIS A 141 -8.77 -14.14 -15.27
N ASN A 142 -8.87 -15.10 -14.36
CA ASN A 142 -9.33 -16.44 -14.70
C ASN A 142 -10.84 -16.42 -14.90
N ASP A 143 -11.48 -15.56 -14.12
CA ASP A 143 -12.93 -15.41 -14.15
C ASP A 143 -13.35 -14.16 -14.90
N ASP A 144 -12.58 -13.79 -15.92
CA ASP A 144 -12.88 -12.60 -16.73
C ASP A 144 -12.02 -12.61 -17.99
N GLU A 145 -12.21 -11.60 -18.83
CA GLU A 145 -11.47 -11.50 -20.08
C GLU A 145 -10.16 -10.73 -19.90
N GLN A 146 -9.64 -10.21 -21.01
CA GLN A 146 -8.41 -9.45 -21.01
C GLN A 146 -8.73 -7.98 -21.30
N TYR A 147 -8.34 -7.08 -20.41
CA TYR A 147 -8.63 -5.67 -20.59
C TYR A 147 -7.42 -4.79 -20.34
N ALA A 148 -7.45 -3.60 -20.94
CA ALA A 148 -6.38 -2.63 -20.80
C ALA A 148 -6.88 -1.38 -20.10
N TRP A 149 -6.25 -1.07 -18.98
CA TRP A 149 -6.60 0.10 -18.17
C TRP A 149 -5.48 1.13 -18.30
N GLU A 150 -5.81 2.31 -18.83
CA GLU A 150 -4.81 3.36 -18.99
C GLU A 150 -5.36 4.71 -18.54
N SER A 151 -4.48 5.56 -18.02
CA SER A 151 -4.86 6.89 -17.56
C SER A 151 -3.68 7.85 -17.70
N SER A 152 -3.88 8.93 -18.46
CA SER A 152 -2.84 9.94 -18.66
C SER A 152 -3.06 11.13 -17.73
N ALA A 153 -3.19 10.84 -16.43
CA ALA A 153 -3.41 11.88 -15.42
C ALA A 153 -4.73 12.59 -15.69
N GLY A 154 -4.77 13.88 -15.41
CA GLY A 154 -5.98 14.65 -15.62
C GLY A 154 -7.04 14.36 -14.57
N GLY A 155 -7.50 13.13 -14.53
CA GLY A 155 -8.51 12.73 -13.58
C GLY A 155 -9.49 11.73 -14.17
N SER A 156 -9.16 11.21 -15.36
CA SER A 156 -10.03 10.24 -16.02
C SER A 156 -9.20 9.06 -16.54
N PHE A 157 -9.88 7.93 -16.75
CA PHE A 157 -9.21 6.73 -17.23
C PHE A 157 -10.09 6.02 -18.26
N THR A 158 -9.47 5.16 -19.06
CA THR A 158 -10.19 4.43 -20.11
C THR A 158 -10.00 2.93 -20.03
N VAL A 159 -11.10 2.21 -19.89
CA VAL A 159 -11.08 0.76 -19.88
C VAL A 159 -11.41 0.27 -21.27
N ARG A 160 -10.47 -0.39 -21.90
CA ARG A 160 -10.68 -0.90 -23.25
C ARG A 160 -10.35 -2.38 -23.34
N THR A 161 -11.08 -3.10 -24.18
CA THR A 161 -10.83 -4.51 -24.38
C THR A 161 -9.49 -4.69 -25.07
N ASP A 162 -8.56 -5.36 -24.40
CA ASP A 162 -7.22 -5.56 -24.94
C ASP A 162 -7.27 -6.46 -26.16
N THR A 163 -6.64 -6.00 -27.24
CA THR A 163 -6.64 -6.75 -28.48
C THR A 163 -5.36 -7.56 -28.66
N GLY A 164 -4.27 -7.05 -28.09
CA GLY A 164 -2.97 -7.72 -28.16
C GLY A 164 -2.97 -9.20 -27.77
N GLU A 165 -1.79 -9.80 -27.82
CA GLU A 165 -1.63 -11.22 -27.53
C GLU A 165 -2.07 -11.55 -26.11
N PRO A 166 -2.69 -12.73 -25.92
CA PRO A 166 -3.14 -13.16 -24.60
C PRO A 166 -1.98 -13.28 -23.62
N MET A 167 -2.26 -13.01 -22.35
CA MET A 167 -1.24 -13.08 -21.31
C MET A 167 -1.39 -14.34 -20.48
N GLY A 168 -2.56 -14.95 -20.52
CA GLY A 168 -2.80 -16.14 -19.74
C GLY A 168 -3.44 -15.78 -18.42
N ARG A 169 -2.64 -15.23 -17.53
CA ARG A 169 -3.08 -14.77 -16.23
C ARG A 169 -2.00 -13.89 -15.66
N GLY A 170 -2.35 -12.95 -14.81
CA GLY A 170 -1.33 -12.09 -14.25
C GLY A 170 -1.60 -10.62 -14.50
N THR A 171 -0.76 -9.77 -13.93
CA THR A 171 -0.87 -8.33 -14.10
C THR A 171 0.34 -7.78 -14.84
N LYS A 172 0.08 -7.08 -15.93
CA LYS A 172 1.15 -6.48 -16.70
C LYS A 172 1.01 -4.97 -16.64
N VAL A 173 2.01 -4.33 -16.07
CA VAL A 173 2.00 -2.88 -15.93
C VAL A 173 3.14 -2.26 -16.73
N ILE A 174 2.80 -1.46 -17.73
CA ILE A 174 3.80 -0.81 -18.55
C ILE A 174 3.86 0.65 -18.12
N LEU A 175 4.96 1.08 -17.55
CA LEU A 175 5.05 2.45 -17.10
C LEU A 175 5.71 3.34 -18.13
N HIS A 176 5.02 4.42 -18.42
CA HIS A 176 5.50 5.41 -19.38
C HIS A 176 6.30 6.45 -18.62
N LEU A 177 7.56 6.12 -18.37
CA LEU A 177 8.47 6.98 -17.63
C LEU A 177 8.58 8.38 -18.23
N LYS A 178 8.87 9.33 -17.37
CA LYS A 178 9.03 10.72 -17.77
C LYS A 178 10.36 10.91 -18.49
N GLU A 179 10.40 11.92 -19.34
CA GLU A 179 11.59 12.26 -20.13
C GLU A 179 12.87 12.33 -19.30
N ASP A 180 12.81 12.92 -18.11
CA ASP A 180 14.00 13.07 -17.27
C ASP A 180 14.13 11.93 -16.29
N GLN A 181 13.20 11.00 -16.31
CA GLN A 181 13.24 9.88 -15.39
C GLN A 181 13.40 8.57 -16.14
N THR A 182 14.51 8.43 -16.85
CA THR A 182 14.79 7.22 -17.61
C THR A 182 15.67 6.27 -16.79
N GLU A 183 16.39 6.85 -15.83
CA GLU A 183 17.31 6.11 -14.94
C GLU A 183 16.75 4.77 -14.45
N TYR A 184 15.44 4.63 -14.39
CA TYR A 184 14.84 3.37 -13.92
C TYR A 184 14.91 2.26 -14.98
N LEU A 185 15.54 2.56 -16.11
CA LEU A 185 15.69 1.58 -17.18
C LEU A 185 17.08 0.95 -17.10
N GLU A 186 17.86 1.41 -16.12
CA GLU A 186 19.21 0.91 -15.91
C GLU A 186 19.20 -0.28 -14.94
N GLU A 187 19.91 -1.35 -15.30
CA GLU A 187 19.97 -2.55 -14.47
C GLU A 187 20.54 -2.25 -13.08
N ARG A 188 21.65 -1.51 -13.05
CA ARG A 188 22.29 -1.16 -11.79
C ARG A 188 21.33 -0.35 -10.90
N ARG A 189 20.54 0.48 -11.54
CA ARG A 189 19.57 1.30 -10.82
C ARG A 189 18.48 0.42 -10.22
N ILE A 190 17.89 -0.46 -11.03
CA ILE A 190 16.82 -1.34 -10.56
C ILE A 190 17.33 -2.29 -9.48
N LYS A 191 18.52 -2.83 -9.69
CA LYS A 191 19.12 -3.77 -8.74
C LYS A 191 19.34 -3.11 -7.38
N GLU A 192 19.61 -1.81 -7.39
CA GLU A 192 19.82 -1.06 -6.15
C GLU A 192 18.51 -0.93 -5.38
N ILE A 193 17.42 -0.77 -6.13
CA ILE A 193 16.11 -0.64 -5.52
C ILE A 193 15.62 -1.97 -4.95
N VAL A 194 15.83 -3.04 -5.72
CA VAL A 194 15.42 -4.38 -5.32
C VAL A 194 16.09 -4.77 -4.00
N LYS A 195 17.40 -4.59 -3.92
CA LYS A 195 18.15 -4.93 -2.72
C LYS A 195 18.12 -3.75 -1.74
N LYS A 196 16.92 -3.24 -1.47
CA LYS A 196 16.75 -2.10 -0.58
C LYS A 196 15.32 -2.05 -0.03
N HIS A 197 14.37 -1.80 -0.90
CA HIS A 197 12.96 -1.72 -0.49
C HIS A 197 12.21 -3.03 -0.76
N SER A 198 12.61 -3.72 -1.80
CA SER A 198 11.94 -4.96 -2.20
C SER A 198 12.83 -6.20 -2.06
N GLN A 199 13.43 -6.37 -0.89
CA GLN A 199 14.30 -7.52 -0.66
C GLN A 199 13.60 -8.60 0.17
N PHE A 200 12.44 -8.29 0.74
CA PHE A 200 11.72 -9.26 1.56
C PHE A 200 10.62 -9.97 0.77
N ILE A 201 10.71 -9.89 -0.55
CA ILE A 201 9.73 -10.55 -1.42
C ILE A 201 10.02 -12.04 -1.50
N GLY A 202 9.14 -12.84 -0.92
CA GLY A 202 9.30 -14.28 -0.93
C GLY A 202 8.83 -14.94 -2.20
N TYR A 203 9.21 -14.36 -3.34
CA TYR A 203 8.82 -14.87 -4.63
C TYR A 203 9.90 -14.54 -5.65
N PRO A 204 10.22 -15.50 -6.54
CA PRO A 204 11.26 -15.29 -7.56
C PRO A 204 11.00 -14.07 -8.44
N ILE A 205 12.01 -13.23 -8.54
CA ILE A 205 11.95 -12.02 -9.35
C ILE A 205 13.09 -12.04 -10.35
N THR A 206 12.75 -11.91 -11.62
CA THR A 206 13.76 -11.93 -12.67
C THR A 206 13.70 -10.66 -13.51
N LEU A 207 14.86 -10.04 -13.68
CA LEU A 207 14.98 -8.84 -14.49
C LEU A 207 15.43 -9.25 -15.88
N PHE A 208 14.88 -8.62 -16.91
CA PHE A 208 15.25 -8.95 -18.28
C PHE A 208 15.74 -7.70 -19.00
N VAL A 209 16.98 -7.34 -18.75
CA VAL A 209 17.57 -6.14 -19.34
C VAL A 209 18.15 -6.45 -20.73
N GLU A 210 18.26 -5.44 -21.58
CA GLU A 210 18.82 -5.62 -22.91
C GLU A 210 20.30 -5.95 -22.82
N HIS B 1 8.89 8.31 30.89
CA HIS B 1 7.83 8.48 29.88
C HIS B 1 8.00 9.81 29.14
N LYS B 2 8.31 10.88 29.89
CA LYS B 2 8.48 12.19 29.29
C LYS B 2 9.75 12.24 28.44
N THR B 3 10.83 11.65 28.96
CA THR B 3 12.11 11.63 28.26
C THR B 3 12.03 10.94 26.89
N PHE B 4 11.37 9.79 26.84
CA PHE B 4 11.25 9.02 25.60
C PHE B 4 10.52 9.82 24.52
N VAL B 5 9.36 10.35 24.86
CA VAL B 5 8.56 11.11 23.91
C VAL B 5 9.30 12.37 23.45
N GLU B 6 10.03 13.00 24.34
CA GLU B 6 10.76 14.21 24.01
C GLU B 6 12.12 13.90 23.39
N LYS B 7 12.35 12.63 23.08
CA LYS B 7 13.61 12.22 22.46
C LYS B 7 13.40 11.46 21.15
N TYR B 8 12.29 10.75 21.02
CA TYR B 8 12.02 9.97 19.82
C TYR B 8 10.62 10.24 19.27
N GLU B 9 10.12 11.44 19.50
CA GLU B 9 8.79 11.83 19.03
C GLU B 9 8.67 11.67 17.52
N LYS B 10 9.67 12.17 16.81
CA LYS B 10 9.70 12.10 15.35
C LYS B 10 9.66 10.67 14.85
N GLN B 11 10.29 9.76 15.61
CA GLN B 11 10.33 8.36 15.24
C GLN B 11 8.94 7.76 15.40
N ILE B 12 8.25 8.17 16.45
CA ILE B 12 6.89 7.68 16.72
C ILE B 12 5.94 8.19 15.65
N LYS B 13 6.09 9.45 15.28
CA LYS B 13 5.23 10.06 14.27
C LYS B 13 5.46 9.43 12.90
N HIS B 14 6.69 9.03 12.62
CA HIS B 14 7.03 8.40 11.35
C HIS B 14 6.67 6.91 11.36
N PHE B 15 6.25 6.42 12.53
CA PHE B 15 5.87 5.01 12.65
C PHE B 15 4.36 4.86 12.47
N GLY B 16 3.60 5.78 13.04
CA GLY B 16 2.15 5.72 12.91
C GLY B 16 1.66 6.02 11.50
N MET B 17 2.54 6.52 10.67
CA MET B 17 2.17 6.84 9.29
C MET B 17 2.39 5.64 8.34
N LEU B 18 2.08 4.45 8.80
CA LEU B 18 2.24 3.25 7.99
C LEU B 18 0.97 2.40 8.10
N ARG B 19 0.97 1.19 7.52
CA ARG B 19 -0.20 0.31 7.60
C ARG B 19 0.05 -1.06 6.96
N ARG B 20 1.05 -1.15 6.08
CA ARG B 20 1.37 -2.41 5.41
C ARG B 20 1.78 -3.46 6.44
N TRP B 21 1.59 -4.73 6.08
CA TRP B 21 1.90 -5.82 6.98
C TRP B 21 3.39 -5.99 7.25
N ASP B 22 4.09 -6.58 6.27
CA ASP B 22 5.52 -6.86 6.39
C ASP B 22 6.33 -5.58 6.59
N ASP B 23 5.95 -4.52 5.91
CA ASP B 23 6.64 -3.24 6.02
C ASP B 23 6.69 -2.75 7.47
N SER B 24 5.57 -2.87 8.18
CA SER B 24 5.51 -2.43 9.57
C SER B 24 6.43 -3.29 10.44
N GLN B 25 6.53 -4.57 10.11
CA GLN B 25 7.39 -5.49 10.86
C GLN B 25 8.85 -5.07 10.70
N LYS B 26 9.19 -4.68 9.48
CA LYS B 26 10.55 -4.25 9.17
C LYS B 26 10.91 -2.99 9.94
N TYR B 27 9.96 -2.06 10.01
CA TYR B 27 10.18 -0.79 10.71
C TYR B 27 10.43 -1.03 12.20
N LEU B 28 9.77 -2.03 12.76
CA LEU B 28 9.91 -2.34 14.18
C LEU B 28 11.16 -3.18 14.42
N SER B 29 11.68 -3.78 13.36
CA SER B 29 12.87 -4.60 13.47
C SER B 29 14.12 -3.73 13.47
N ASP B 30 14.09 -2.65 12.68
CA ASP B 30 15.21 -1.72 12.62
C ASP B 30 15.16 -0.74 13.78
N ASN B 31 13.97 -0.56 14.32
CA ASN B 31 13.76 0.33 15.46
C ASN B 31 12.96 -0.42 16.52
N VAL B 32 13.64 -1.34 17.20
CA VAL B 32 13.01 -2.16 18.21
C VAL B 32 12.78 -1.38 19.52
N HIS B 33 13.34 -0.19 19.61
CA HIS B 33 13.16 0.63 20.81
C HIS B 33 11.85 1.43 20.74
N LEU B 34 11.07 1.18 19.70
CA LEU B 34 9.78 1.84 19.53
C LEU B 34 8.67 0.99 20.11
N VAL B 35 9.03 -0.23 20.51
CA VAL B 35 8.06 -1.16 21.06
C VAL B 35 7.89 -0.93 22.56
N CYS B 36 6.97 -0.05 22.90
CA CYS B 36 6.70 0.27 24.29
C CYS B 36 5.32 0.89 24.45
N GLU B 37 4.90 1.02 25.70
CA GLU B 37 3.59 1.60 26.02
C GLU B 37 3.50 3.06 25.58
N GLU B 38 4.54 3.82 25.86
CA GLU B 38 4.61 5.24 25.48
C GLU B 38 4.23 5.48 24.01
N THR B 39 4.71 4.62 23.13
CA THR B 39 4.42 4.74 21.71
C THR B 39 2.92 4.63 21.45
N ALA B 40 2.31 3.57 22.00
CA ALA B 40 0.89 3.34 21.84
C ALA B 40 0.09 4.49 22.44
N ASN B 41 0.51 4.94 23.60
CA ASN B 41 -0.16 6.03 24.30
C ASN B 41 -0.17 7.31 23.46
N TYR B 42 0.98 7.65 22.89
CA TYR B 42 1.10 8.87 22.08
C TYR B 42 0.25 8.76 20.81
N LEU B 43 0.25 7.58 20.21
CA LEU B 43 -0.51 7.34 19.00
C LEU B 43 -1.98 7.69 19.21
N VAL B 44 -2.53 7.28 20.35
CA VAL B 44 -3.91 7.57 20.69
C VAL B 44 -4.08 9.09 20.82
N ILE B 45 -3.29 9.66 21.73
CA ILE B 45 -3.27 11.11 21.97
C ILE B 45 -3.35 11.91 20.66
N TRP B 46 -2.51 11.54 19.70
CA TRP B 46 -2.49 12.22 18.42
C TRP B 46 -3.75 11.89 17.61
N CYS B 47 -4.20 10.64 17.66
CA CYS B 47 -5.41 10.22 16.94
C CYS B 47 -6.60 11.11 17.32
N ILE B 48 -6.79 11.31 18.62
CA ILE B 48 -7.88 12.15 19.12
C ILE B 48 -7.73 13.57 18.59
N ASP B 49 -6.50 14.08 18.64
CA ASP B 49 -6.18 15.42 18.19
C ASP B 49 -6.50 15.58 16.71
N LEU B 50 -6.25 14.52 15.95
CA LEU B 50 -6.50 14.53 14.51
C LEU B 50 -8.00 14.61 14.24
N GLU B 51 -8.79 13.87 15.02
CA GLU B 51 -10.24 13.87 14.86
C GLU B 51 -10.80 15.27 15.19
N VAL B 52 -10.26 15.86 16.25
CA VAL B 52 -10.65 17.20 16.66
C VAL B 52 -10.22 18.24 15.63
N GLU B 53 -9.14 17.95 14.93
CA GLU B 53 -8.60 18.84 13.91
C GLU B 53 -9.31 18.65 12.56
N GLU B 54 -10.45 17.95 12.59
CA GLU B 54 -11.25 17.70 11.39
C GLU B 54 -10.50 16.84 10.37
N LYS B 55 -9.43 16.20 10.81
CA LYS B 55 -8.64 15.34 9.94
C LYS B 55 -8.91 13.90 10.32
N CYS B 56 -10.21 13.53 10.32
CA CYS B 56 -10.66 12.21 10.69
C CYS B 56 -10.27 11.14 9.67
N ALA B 57 -9.42 11.51 8.72
CA ALA B 57 -8.98 10.59 7.69
C ALA B 57 -7.71 9.88 8.13
N LEU B 58 -6.79 10.66 8.69
CA LEU B 58 -5.52 10.14 9.16
C LEU B 58 -5.70 9.38 10.47
N MET B 59 -6.72 9.78 11.23
CA MET B 59 -7.02 9.14 12.51
C MET B 59 -7.27 7.64 12.33
N GLU B 60 -8.04 7.29 11.29
CA GLU B 60 -8.38 5.90 11.00
C GLU B 60 -7.15 5.14 10.52
N GLN B 61 -6.09 5.86 10.21
CA GLN B 61 -4.87 5.24 9.73
C GLN B 61 -3.95 4.94 10.90
N VAL B 62 -3.76 5.94 11.77
CA VAL B 62 -2.89 5.80 12.93
C VAL B 62 -3.42 4.68 13.85
N ALA B 63 -4.74 4.51 13.86
CA ALA B 63 -5.38 3.47 14.65
C ALA B 63 -4.82 2.08 14.32
N HIS B 64 -4.51 1.86 13.04
CA HIS B 64 -3.96 0.59 12.57
C HIS B 64 -2.52 0.43 13.06
N GLN B 65 -2.01 1.49 13.63
CA GLN B 65 -0.66 1.49 14.15
C GLN B 65 -0.68 1.39 15.66
N THR B 66 -1.80 1.84 16.24
CA THR B 66 -2.00 1.80 17.67
C THR B 66 -2.43 0.40 18.10
N ILE B 67 -3.47 -0.11 17.44
CA ILE B 67 -4.00 -1.45 17.73
C ILE B 67 -2.94 -2.51 17.48
N VAL B 68 -2.14 -2.31 16.43
CA VAL B 68 -1.07 -3.25 16.10
C VAL B 68 -0.06 -3.33 17.25
N MET B 69 0.23 -2.17 17.84
CA MET B 69 1.17 -2.09 18.95
C MET B 69 0.56 -2.71 20.21
N GLN B 70 -0.70 -2.35 20.47
CA GLN B 70 -1.42 -2.86 21.63
C GLN B 70 -1.54 -4.39 21.54
N PHE B 71 -1.95 -4.88 20.37
CA PHE B 71 -2.06 -6.30 20.13
C PHE B 71 -0.74 -7.02 20.42
N ILE B 72 0.37 -6.43 19.97
CA ILE B 72 1.69 -7.00 20.20
C ILE B 72 1.98 -7.05 21.70
N LEU B 73 1.72 -5.93 22.38
CA LEU B 73 1.93 -5.84 23.82
C LEU B 73 1.11 -6.91 24.54
N GLU B 74 -0.15 -7.04 24.16
CA GLU B 74 -1.05 -8.02 24.74
C GLU B 74 -0.59 -9.44 24.42
N LEU B 75 -0.33 -9.69 23.14
CA LEU B 75 0.14 -11.00 22.68
C LEU B 75 1.38 -11.44 23.45
N ALA B 76 2.36 -10.53 23.55
CA ALA B 76 3.59 -10.83 24.27
C ALA B 76 3.31 -11.09 25.74
N LYS B 77 2.35 -10.34 26.30
CA LYS B 77 1.99 -10.51 27.69
C LYS B 77 1.48 -11.93 27.92
N SER B 78 0.59 -12.40 27.06
CA SER B 78 0.06 -13.76 27.16
C SER B 78 1.18 -14.79 27.08
N LEU B 79 2.15 -14.52 26.20
CA LEU B 79 3.27 -15.43 26.02
C LEU B 79 4.21 -15.40 27.22
N LYS B 80 4.08 -14.35 28.04
CA LYS B 80 4.89 -14.16 29.24
C LYS B 80 6.33 -13.81 28.88
N VAL B 81 6.51 -13.04 27.82
CA VAL B 81 7.84 -12.63 27.39
C VAL B 81 7.83 -11.15 26.97
N ASP B 82 8.99 -10.62 26.65
CA ASP B 82 9.11 -9.23 26.24
C ASP B 82 8.68 -9.05 24.78
N PRO B 83 7.87 -8.00 24.51
CA PRO B 83 7.35 -7.71 23.16
C PRO B 83 8.42 -7.58 22.09
N ARG B 84 9.55 -6.98 22.43
CA ARG B 84 10.65 -6.79 21.48
C ARG B 84 11.16 -8.10 20.87
N ALA B 85 10.83 -9.22 21.50
CA ALA B 85 11.24 -10.53 21.00
C ALA B 85 10.03 -11.30 20.49
N CYS B 86 8.85 -10.74 20.74
CA CYS B 86 7.60 -11.37 20.34
C CYS B 86 6.69 -10.41 19.56
N PHE B 87 7.24 -9.73 18.57
CA PHE B 87 6.45 -8.79 17.78
C PHE B 87 6.26 -9.26 16.34
N ARG B 88 7.09 -10.19 15.89
CA ARG B 88 7.02 -10.68 14.52
C ARG B 88 5.90 -11.70 14.35
N GLN B 89 5.64 -12.47 15.40
CA GLN B 89 4.61 -13.50 15.36
C GLN B 89 3.24 -12.91 15.07
N PHE B 90 3.00 -11.69 15.55
CA PHE B 90 1.72 -11.03 15.33
C PHE B 90 1.47 -10.78 13.84
N PHE B 91 2.47 -10.22 13.16
CA PHE B 91 2.35 -9.95 11.72
C PHE B 91 2.30 -11.24 10.92
N THR B 92 2.78 -12.31 11.53
CA THR B 92 2.76 -13.61 10.89
C THR B 92 1.38 -14.25 11.05
N LYS B 93 0.76 -13.95 12.19
CA LYS B 93 -0.55 -14.48 12.52
C LYS B 93 -1.66 -13.76 11.76
N ILE B 94 -1.30 -12.75 10.97
CA ILE B 94 -2.29 -12.00 10.21
C ILE B 94 -2.45 -12.60 8.80
N LYS B 95 -1.56 -13.54 8.47
CA LYS B 95 -1.60 -14.22 7.17
C LYS B 95 -2.25 -15.59 7.33
N THR B 96 -2.29 -16.01 8.60
CA THR B 96 -2.94 -17.27 9.01
C THR B 96 -4.26 -17.42 8.22
N ALA B 97 -4.64 -18.64 7.84
CA ALA B 97 -5.83 -18.83 7.01
C ALA B 97 -7.12 -18.58 7.78
N ASP B 98 -7.08 -18.69 9.09
CA ASP B 98 -8.27 -18.45 9.89
C ASP B 98 -8.63 -16.97 9.82
N ARG B 99 -9.93 -16.68 9.86
CA ARG B 99 -10.41 -15.32 9.77
C ARG B 99 -10.84 -14.79 11.12
N GLN B 100 -10.46 -15.47 12.18
CA GLN B 100 -10.80 -15.06 13.52
C GLN B 100 -9.78 -14.07 14.04
N TYR B 101 -8.51 -14.34 13.78
CA TYR B 101 -7.44 -13.46 14.22
C TYR B 101 -7.55 -12.10 13.55
N MET B 102 -7.80 -12.10 12.25
CA MET B 102 -7.90 -10.87 11.49
C MET B 102 -9.18 -10.11 11.82
N GLU B 103 -10.27 -10.84 12.05
CA GLU B 103 -11.55 -10.20 12.37
C GLU B 103 -11.47 -9.55 13.74
N GLY B 104 -10.92 -10.30 14.69
CA GLY B 104 -10.76 -9.81 16.06
C GLY B 104 -9.96 -8.53 16.08
N PHE B 105 -8.96 -8.48 15.22
CA PHE B 105 -8.09 -7.31 15.09
C PHE B 105 -8.84 -6.15 14.45
N ASN B 106 -9.59 -6.43 13.38
CA ASN B 106 -10.34 -5.40 12.66
C ASN B 106 -11.47 -4.83 13.50
N ASP B 107 -12.19 -5.69 14.23
CA ASP B 107 -13.30 -5.23 15.07
C ASP B 107 -12.80 -4.30 16.16
N GLU B 108 -11.68 -4.66 16.80
CA GLU B 108 -11.12 -3.81 17.85
C GLU B 108 -10.66 -2.50 17.23
N LEU B 109 -10.19 -2.59 15.99
CA LEU B 109 -9.74 -1.41 15.26
C LEU B 109 -10.92 -0.48 15.01
N GLU B 110 -12.01 -1.05 14.52
CA GLU B 110 -13.22 -0.28 14.25
C GLU B 110 -13.74 0.34 15.53
N ALA B 111 -13.66 -0.44 16.62
CA ALA B 111 -14.11 0.02 17.92
C ALA B 111 -13.23 1.16 18.43
N PHE B 112 -11.92 1.03 18.24
CA PHE B 112 -10.97 2.05 18.67
C PHE B 112 -11.25 3.38 17.99
N LYS B 113 -11.46 3.35 16.68
CA LYS B 113 -11.74 4.57 15.92
C LYS B 113 -12.98 5.27 16.48
N GLU B 114 -14.00 4.47 16.79
CA GLU B 114 -15.24 5.01 17.32
C GLU B 114 -15.06 5.53 18.74
N ARG B 115 -14.20 4.88 19.51
CA ARG B 115 -13.94 5.31 20.87
C ARG B 115 -13.21 6.64 20.85
N VAL B 116 -12.31 6.80 19.88
CA VAL B 116 -11.55 8.04 19.73
C VAL B 116 -12.49 9.19 19.40
N ARG B 117 -13.47 8.92 18.54
CA ARG B 117 -14.46 9.91 18.16
C ARG B 117 -15.23 10.37 19.38
N GLY B 118 -15.57 9.41 20.24
CA GLY B 118 -16.30 9.72 21.45
C GLY B 118 -15.47 10.57 22.38
N ARG B 119 -14.17 10.28 22.44
CA ARG B 119 -13.26 11.03 23.29
C ARG B 119 -13.11 12.47 22.79
N ALA B 120 -13.01 12.61 21.46
CA ALA B 120 -12.87 13.91 20.82
C ALA B 120 -14.09 14.79 21.12
N LYS B 121 -15.28 14.21 21.01
CA LYS B 121 -16.51 14.93 21.27
C LYS B 121 -16.53 15.43 22.71
N LEU B 122 -16.06 14.59 23.63
CA LEU B 122 -16.02 14.93 25.05
C LEU B 122 -15.10 16.13 25.30
N ARG B 123 -13.98 16.12 24.58
CA ARG B 123 -12.99 17.19 24.67
C ARG B 123 -13.62 18.52 24.25
N ILE B 124 -14.35 18.48 23.16
CA ILE B 124 -15.00 19.68 22.63
C ILE B 124 -16.23 20.06 23.46
N GLU B 125 -16.94 19.08 24.00
CA GLU B 125 -18.13 19.34 24.80
C GLU B 125 -17.84 20.26 25.99
N LYS B 126 -16.70 20.06 26.63
CA LYS B 126 -16.32 20.87 27.78
C LYS B 126 -16.00 22.31 27.35
N ALA B 127 -15.55 22.47 26.11
CA ALA B 127 -15.19 23.78 25.58
C ALA B 127 -16.40 24.46 24.95
N MET B 128 -17.28 23.67 24.37
CA MET B 128 -18.48 24.17 23.71
C MET B 128 -19.43 24.80 24.72
N LYS B 129 -19.31 24.38 25.96
CA LYS B 129 -20.13 24.90 27.04
C LYS B 129 -19.30 25.81 27.92
N GLU A 1 -13.84 -0.76 -35.42
CA GLU A 1 -14.31 0.14 -34.34
C GLU A 1 -13.58 -0.18 -33.03
N GLU A 2 -13.43 0.83 -32.19
CA GLU A 2 -12.74 0.65 -30.92
C GLU A 2 -13.67 0.89 -29.74
N GLU A 3 -13.65 -0.03 -28.77
CA GLU A 3 -14.47 0.08 -27.58
C GLU A 3 -13.71 0.84 -26.50
N VAL A 4 -13.99 2.12 -26.37
CA VAL A 4 -13.30 2.94 -25.38
C VAL A 4 -14.27 3.54 -24.37
N GLU A 5 -13.90 3.41 -23.10
CA GLU A 5 -14.71 3.94 -22.00
C GLU A 5 -13.90 4.97 -21.21
N THR A 6 -14.44 6.17 -21.07
CA THR A 6 -13.76 7.22 -20.33
C THR A 6 -14.51 7.54 -19.04
N PHE A 7 -13.81 7.51 -17.92
CA PHE A 7 -14.42 7.80 -16.64
C PHE A 7 -13.54 8.76 -15.84
N ALA A 8 -14.14 9.41 -14.86
CA ALA A 8 -13.42 10.36 -14.04
C ALA A 8 -13.01 9.74 -12.71
N PHE A 9 -11.81 10.09 -12.25
CA PHE A 9 -11.29 9.59 -10.99
C PHE A 9 -12.01 10.26 -9.83
N GLN A 10 -11.98 9.63 -8.66
CA GLN A 10 -12.60 10.19 -7.48
C GLN A 10 -11.99 11.55 -7.18
N ALA A 11 -12.83 12.50 -6.79
CA ALA A 11 -12.42 13.86 -6.49
C ALA A 11 -11.10 13.93 -5.72
N GLU A 12 -11.03 13.21 -4.60
CA GLU A 12 -9.84 13.21 -3.76
C GLU A 12 -8.68 12.46 -4.40
N ILE A 13 -9.00 11.48 -5.24
CA ILE A 13 -7.98 10.71 -5.93
C ILE A 13 -7.29 11.59 -6.97
N ALA A 14 -8.09 12.39 -7.67
CA ALA A 14 -7.56 13.32 -8.66
C ALA A 14 -6.70 14.39 -8.00
N GLN A 15 -7.11 14.80 -6.79
CA GLN A 15 -6.35 15.78 -6.03
C GLN A 15 -4.99 15.20 -5.66
N LEU A 16 -5.01 13.99 -5.12
CA LEU A 16 -3.80 13.31 -4.72
C LEU A 16 -2.88 13.15 -5.92
N MET A 17 -3.45 12.86 -7.07
CA MET A 17 -2.69 12.69 -8.30
C MET A 17 -1.85 13.94 -8.59
N SER A 18 -2.52 15.08 -8.62
CA SER A 18 -1.86 16.36 -8.88
C SER A 18 -0.94 16.73 -7.71
N LEU A 19 -1.30 16.26 -6.52
CA LEU A 19 -0.50 16.53 -5.33
C LEU A 19 0.78 15.71 -5.35
N ILE A 20 0.84 14.71 -6.20
CA ILE A 20 2.04 13.87 -6.32
C ILE A 20 2.85 14.27 -7.54
N ILE A 21 2.16 14.49 -8.66
CA ILE A 21 2.80 14.86 -9.91
C ILE A 21 3.44 16.25 -9.83
N ASN A 22 2.75 17.19 -9.20
CA ASN A 22 3.26 18.57 -9.12
C ASN A 22 4.00 18.84 -7.82
N THR A 23 4.58 17.82 -7.21
CA THR A 23 5.33 17.99 -5.99
C THR A 23 6.57 17.13 -5.99
N PHE A 24 7.73 17.76 -5.84
CA PHE A 24 8.99 17.02 -5.82
C PHE A 24 9.29 16.54 -4.40
N TYR A 25 9.49 15.25 -4.25
CA TYR A 25 9.80 14.66 -2.96
C TYR A 25 11.27 14.23 -2.93
N SER A 26 11.65 13.41 -1.97
CA SER A 26 13.03 12.97 -1.88
C SER A 26 13.19 11.56 -2.46
N ASN A 27 12.49 10.61 -1.85
CA ASN A 27 12.54 9.23 -2.32
C ASN A 27 11.61 9.07 -3.50
N LYS A 28 12.13 8.53 -4.58
CA LYS A 28 11.33 8.32 -5.78
C LYS A 28 11.03 6.82 -6.00
N GLU A 29 12.06 5.97 -5.85
CA GLU A 29 11.94 4.52 -6.06
C GLU A 29 10.88 3.82 -5.19
N ILE A 30 10.29 4.52 -4.22
CA ILE A 30 9.26 3.93 -3.36
C ILE A 30 8.12 3.36 -4.19
N PHE A 31 7.93 3.91 -5.38
CA PHE A 31 6.87 3.47 -6.28
C PHE A 31 7.05 2.00 -6.68
N LEU A 32 8.30 1.56 -6.80
CA LEU A 32 8.58 0.19 -7.21
C LEU A 32 8.19 -0.80 -6.13
N ARG A 33 8.32 -0.41 -4.88
CA ARG A 33 7.97 -1.30 -3.78
C ARG A 33 6.47 -1.54 -3.78
N GLU A 34 5.72 -0.47 -3.94
CA GLU A 34 4.26 -0.53 -3.94
C GLU A 34 3.74 -1.39 -5.08
N LEU A 35 4.31 -1.19 -6.27
CA LEU A 35 3.88 -1.94 -7.45
C LEU A 35 4.20 -3.43 -7.31
N ILE A 36 5.46 -3.75 -7.00
CA ILE A 36 5.87 -5.15 -6.85
C ILE A 36 5.11 -5.85 -5.72
N SER A 37 4.77 -5.12 -4.67
CA SER A 37 4.02 -5.71 -3.56
C SER A 37 2.63 -6.12 -4.02
N ASN A 38 2.04 -5.31 -4.90
CA ASN A 38 0.72 -5.59 -5.45
C ASN A 38 0.78 -6.87 -6.29
N SER A 39 1.94 -7.08 -6.91
CA SER A 39 2.17 -8.24 -7.75
C SER A 39 2.20 -9.52 -6.91
N SER A 40 2.91 -9.49 -5.78
CA SER A 40 2.98 -10.66 -4.93
C SER A 40 1.62 -10.96 -4.31
N ASP A 41 0.81 -9.91 -4.16
CA ASP A 41 -0.53 -10.06 -3.60
C ASP A 41 -1.42 -10.79 -4.61
N ALA A 42 -1.23 -10.47 -5.88
CA ALA A 42 -1.99 -11.10 -6.95
C ALA A 42 -1.63 -12.57 -7.05
N LEU A 43 -0.35 -12.89 -6.80
CA LEU A 43 0.13 -14.26 -6.83
C LEU A 43 -0.42 -15.03 -5.63
N ASP A 44 -0.24 -14.44 -4.46
CA ASP A 44 -0.75 -15.03 -3.22
C ASP A 44 -2.25 -15.30 -3.35
N LYS A 45 -2.96 -14.34 -3.95
CA LYS A 45 -4.41 -14.47 -4.13
C LYS A 45 -4.75 -15.65 -5.05
N ILE A 46 -4.07 -15.74 -6.21
CA ILE A 46 -4.37 -16.83 -7.14
C ILE A 46 -4.08 -18.19 -6.51
N ARG A 47 -2.94 -18.33 -5.82
CA ARG A 47 -2.63 -19.59 -5.14
C ARG A 47 -3.81 -20.09 -4.31
N TYR A 48 -4.20 -19.34 -3.27
CA TYR A 48 -5.35 -19.70 -2.44
C TYR A 48 -6.59 -20.06 -3.27
N GLU A 49 -6.72 -19.46 -4.45
CA GLU A 49 -7.85 -19.75 -5.32
C GLU A 49 -7.67 -21.12 -5.97
N THR A 50 -6.45 -21.42 -6.40
CA THR A 50 -6.16 -22.68 -7.08
C THR A 50 -6.15 -23.86 -6.10
N LEU A 51 -5.93 -23.57 -4.82
CA LEU A 51 -5.92 -24.62 -3.80
C LEU A 51 -7.31 -25.21 -3.66
N THR A 52 -8.31 -24.43 -4.04
CA THR A 52 -9.69 -24.85 -3.98
C THR A 52 -10.27 -25.01 -5.37
N ASP A 53 -9.39 -24.91 -6.38
CA ASP A 53 -9.81 -25.03 -7.77
C ASP A 53 -8.59 -25.04 -8.71
N PRO A 54 -8.14 -26.24 -9.12
CA PRO A 54 -6.98 -26.37 -10.00
C PRO A 54 -7.25 -25.93 -11.44
N SER A 55 -8.51 -25.76 -11.78
CA SER A 55 -8.87 -25.32 -13.14
C SER A 55 -8.31 -23.92 -13.41
N LYS A 56 -8.09 -23.17 -12.34
CA LYS A 56 -7.56 -21.81 -12.45
C LYS A 56 -6.07 -21.84 -12.78
N LEU A 57 -5.50 -23.03 -12.87
CA LEU A 57 -4.09 -23.19 -13.19
C LEU A 57 -3.87 -23.41 -14.68
N ASP A 58 -4.97 -23.59 -15.42
CA ASP A 58 -4.87 -23.80 -16.87
C ASP A 58 -4.54 -22.50 -17.57
N SER A 59 -4.65 -21.42 -16.83
CA SER A 59 -4.36 -20.09 -17.35
C SER A 59 -2.94 -19.68 -16.96
N GLY A 60 -2.17 -20.65 -16.50
CA GLY A 60 -0.81 -20.40 -16.09
C GLY A 60 -0.53 -21.03 -14.72
N LYS A 61 0.42 -21.93 -14.68
CA LYS A 61 0.77 -22.60 -13.44
C LYS A 61 1.96 -21.95 -12.77
N GLU A 62 2.68 -21.15 -13.54
CA GLU A 62 3.86 -20.45 -13.06
C GLU A 62 3.48 -19.25 -12.21
N LEU A 63 4.29 -18.98 -11.20
CA LEU A 63 4.07 -17.86 -10.31
C LEU A 63 5.37 -17.10 -10.09
N HIS A 64 5.57 -16.05 -10.87
CA HIS A 64 6.79 -15.25 -10.77
C HIS A 64 6.57 -13.83 -11.28
N ILE A 65 7.41 -12.91 -10.83
CA ILE A 65 7.36 -11.51 -11.23
C ILE A 65 8.52 -11.23 -12.18
N ASN A 66 8.24 -10.64 -13.33
CA ASN A 66 9.28 -10.36 -14.30
C ASN A 66 9.40 -8.86 -14.57
N LEU A 67 10.61 -8.34 -14.40
CA LEU A 67 10.87 -6.93 -14.64
C LEU A 67 11.48 -6.77 -16.03
N ILE A 68 10.75 -6.12 -16.92
CA ILE A 68 11.21 -5.96 -18.28
C ILE A 68 11.39 -4.48 -18.63
N PRO A 69 12.64 -3.98 -18.56
CA PRO A 69 12.96 -2.60 -18.91
C PRO A 69 13.05 -2.45 -20.42
N ASN A 70 13.11 -1.22 -20.91
CA ASN A 70 13.19 -0.98 -22.34
C ASN A 70 13.74 0.42 -22.57
N LYS A 71 15.02 0.50 -22.87
CA LYS A 71 15.68 1.78 -23.09
C LYS A 71 15.32 2.36 -24.46
N GLN A 72 14.90 1.49 -25.36
CA GLN A 72 14.55 1.90 -26.71
C GLN A 72 13.22 2.65 -26.72
N ASP A 73 12.24 2.13 -25.98
CA ASP A 73 10.92 2.74 -25.92
C ASP A 73 10.78 3.66 -24.71
N ARG A 74 11.69 3.50 -23.75
CA ARG A 74 11.68 4.31 -22.53
C ARG A 74 10.49 3.90 -21.64
N THR A 75 10.27 2.60 -21.53
CA THR A 75 9.16 2.09 -20.72
C THR A 75 9.61 0.99 -19.77
N LEU A 76 9.07 1.03 -18.55
CA LEU A 76 9.39 0.02 -17.54
C LEU A 76 8.19 -0.90 -17.38
N THR A 77 8.29 -2.07 -17.97
CA THR A 77 7.23 -3.07 -17.89
C THR A 77 7.42 -4.01 -16.71
N ILE A 78 6.32 -4.28 -16.01
CA ILE A 78 6.31 -5.18 -14.87
C ILE A 78 5.20 -6.19 -15.07
N VAL A 79 5.55 -7.47 -15.06
CA VAL A 79 4.56 -8.52 -15.28
C VAL A 79 4.50 -9.48 -14.10
N ASP A 80 3.29 -9.83 -13.69
CA ASP A 80 3.07 -10.75 -12.59
C ASP A 80 2.04 -11.79 -13.03
N THR A 81 2.31 -13.05 -12.73
CA THR A 81 1.42 -14.13 -13.12
C THR A 81 0.19 -14.32 -12.20
N GLY A 82 -0.21 -13.29 -11.46
CA GLY A 82 -1.38 -13.42 -10.59
C GLY A 82 -2.66 -13.66 -11.39
N ILE A 83 -3.82 -13.60 -10.74
CA ILE A 83 -5.08 -13.83 -11.45
C ILE A 83 -5.54 -12.58 -12.21
N GLY A 84 -4.79 -11.50 -12.07
CA GLY A 84 -5.13 -10.25 -12.75
C GLY A 84 -6.47 -9.69 -12.30
N MET A 85 -6.99 -8.75 -13.06
CA MET A 85 -8.27 -8.13 -12.74
C MET A 85 -9.22 -8.15 -13.94
N THR A 86 -10.48 -7.88 -13.67
CA THR A 86 -11.51 -7.85 -14.70
C THR A 86 -11.70 -6.43 -15.20
N LYS A 87 -12.63 -6.23 -16.13
CA LYS A 87 -12.91 -4.90 -16.64
C LYS A 87 -13.52 -4.05 -15.54
N ALA A 88 -14.44 -4.64 -14.80
CA ALA A 88 -15.10 -3.97 -13.69
C ALA A 88 -14.10 -3.59 -12.61
N ASP A 89 -13.12 -4.48 -12.39
CA ASP A 89 -12.09 -4.24 -11.40
C ASP A 89 -11.29 -2.97 -11.71
N LEU A 90 -10.78 -2.91 -12.94
CA LEU A 90 -9.97 -1.78 -13.39
C LEU A 90 -10.71 -0.45 -13.30
N ILE A 91 -11.97 -0.46 -13.70
CA ILE A 91 -12.79 0.74 -13.69
C ILE A 91 -13.19 1.17 -12.27
N ASN A 92 -13.59 0.21 -11.46
CA ASN A 92 -14.07 0.51 -10.13
C ASN A 92 -12.95 0.65 -9.10
N ASN A 93 -12.22 -0.44 -8.87
CA ASN A 93 -11.16 -0.45 -7.85
C ASN A 93 -10.02 0.53 -8.14
N LEU A 94 -9.77 0.84 -9.40
CA LEU A 94 -8.66 1.75 -9.73
C LEU A 94 -9.14 3.11 -10.22
N GLY A 95 -10.32 3.56 -9.79
CA GLY A 95 -10.79 4.86 -10.25
C GLY A 95 -12.03 5.35 -9.54
N THR A 96 -13.14 4.64 -9.70
CA THR A 96 -14.40 5.04 -9.12
C THR A 96 -14.47 4.83 -7.60
N ILE A 97 -13.96 3.68 -7.14
CA ILE A 97 -13.97 3.35 -5.72
C ILE A 97 -13.11 4.32 -4.90
N ALA A 98 -13.77 5.04 -4.00
CA ALA A 98 -13.11 5.98 -3.11
C ALA A 98 -12.30 5.22 -2.06
N LYS A 99 -11.22 5.81 -1.59
CA LYS A 99 -10.38 5.15 -0.62
C LYS A 99 -10.10 6.05 0.58
N SER A 100 -10.25 5.48 1.76
CA SER A 100 -9.99 6.21 3.00
C SER A 100 -8.53 6.63 3.06
N GLY A 101 -7.68 5.80 2.45
CA GLY A 101 -6.25 6.08 2.41
C GLY A 101 -5.95 7.33 1.61
N THR A 102 -6.73 7.57 0.55
CA THR A 102 -6.56 8.74 -0.27
C THR A 102 -6.77 9.99 0.57
N LYS A 103 -7.87 9.98 1.33
CA LYS A 103 -8.21 11.10 2.20
C LYS A 103 -7.14 11.27 3.27
N ALA A 104 -6.80 10.16 3.91
CA ALA A 104 -5.82 10.15 4.98
C ALA A 104 -4.42 10.57 4.52
N PHE A 105 -3.99 10.14 3.34
CA PHE A 105 -2.67 10.50 2.84
C PHE A 105 -2.55 12.01 2.68
N MET A 106 -3.62 12.64 2.20
CA MET A 106 -3.63 14.08 2.02
C MET A 106 -3.49 14.76 3.38
N GLU A 107 -4.24 14.27 4.36
CA GLU A 107 -4.20 14.80 5.72
C GLU A 107 -2.82 14.56 6.33
N ALA A 108 -2.28 13.37 6.06
CA ALA A 108 -0.97 12.98 6.56
C ALA A 108 0.10 13.97 6.11
N LEU A 109 0.17 14.22 4.81
CA LEU A 109 1.15 15.14 4.26
C LEU A 109 1.10 16.50 4.94
N GLN A 110 -0.11 17.03 5.12
CA GLN A 110 -0.30 18.32 5.77
C GLN A 110 0.17 18.30 7.23
N ALA A 111 -0.07 17.18 7.91
CA ALA A 111 0.32 17.04 9.32
C ALA A 111 1.81 16.78 9.44
N GLY A 112 2.41 16.26 8.39
CA GLY A 112 3.83 15.97 8.41
C GLY A 112 4.08 14.50 8.16
N ALA A 113 3.96 14.10 6.90
CA ALA A 113 4.13 12.71 6.54
C ALA A 113 5.33 12.48 5.63
N ASP A 114 5.35 11.30 5.04
CA ASP A 114 6.41 10.88 4.14
C ASP A 114 5.81 10.11 2.97
N ILE A 115 6.54 10.02 1.87
CA ILE A 115 6.06 9.32 0.68
C ILE A 115 6.39 7.83 0.74
N SER A 116 7.22 7.44 1.70
CA SER A 116 7.63 6.05 1.86
C SER A 116 6.51 5.17 2.44
N MET A 117 5.30 5.70 2.52
CA MET A 117 4.18 4.95 3.08
C MET A 117 2.92 5.14 2.24
N ILE A 118 3.10 5.61 1.00
CA ILE A 118 1.97 5.85 0.11
C ILE A 118 1.17 4.57 -0.14
N GLY A 119 1.86 3.46 -0.40
CA GLY A 119 1.18 2.22 -0.67
C GLY A 119 0.52 1.62 0.55
N GLN A 120 1.02 2.01 1.72
CA GLN A 120 0.48 1.51 2.99
C GLN A 120 -0.90 2.09 3.24
N PHE A 121 -1.17 3.26 2.68
CA PHE A 121 -2.45 3.91 2.85
C PHE A 121 -3.50 3.31 1.90
N GLY A 122 -3.04 2.46 0.98
CA GLY A 122 -3.96 1.85 0.04
C GLY A 122 -3.83 2.43 -1.36
N VAL A 123 -3.20 3.57 -1.48
CA VAL A 123 -3.03 4.22 -2.79
C VAL A 123 -1.68 3.85 -3.40
N GLY A 124 -1.32 2.59 -3.25
CA GLY A 124 -0.06 2.07 -3.76
C GLY A 124 -0.12 1.70 -5.22
N PHE A 125 -0.65 2.60 -6.04
CA PHE A 125 -0.76 2.38 -7.48
C PHE A 125 -0.59 3.70 -8.24
N TYR A 126 -0.69 4.81 -7.51
CA TYR A 126 -0.57 6.12 -8.12
C TYR A 126 0.83 6.66 -7.92
N SER A 127 1.64 5.88 -7.22
CA SER A 127 3.02 6.25 -6.92
C SER A 127 3.86 6.27 -8.19
N ALA A 128 3.44 5.51 -9.20
CA ALA A 128 4.17 5.43 -10.47
C ALA A 128 4.15 6.78 -11.18
N TYR A 129 3.21 7.63 -10.81
CA TYR A 129 3.08 8.96 -11.41
C TYR A 129 4.28 9.85 -11.06
N LEU A 130 5.03 9.45 -10.03
CA LEU A 130 6.20 10.21 -9.58
C LEU A 130 7.37 10.04 -10.56
N VAL A 131 7.31 8.99 -11.35
CA VAL A 131 8.39 8.71 -12.29
C VAL A 131 7.89 8.63 -13.73
N ALA A 132 6.62 8.28 -13.89
CA ALA A 132 6.02 8.18 -15.21
C ALA A 132 5.09 9.34 -15.49
N GLU A 133 4.28 9.18 -16.53
CA GLU A 133 3.33 10.21 -16.94
C GLU A 133 2.09 9.55 -17.55
N LYS A 134 2.32 8.49 -18.30
CA LYS A 134 1.26 7.74 -18.94
C LYS A 134 1.25 6.31 -18.42
N VAL A 135 0.22 5.96 -17.68
CA VAL A 135 0.10 4.62 -17.11
C VAL A 135 -0.69 3.70 -18.05
N THR A 136 -0.10 2.56 -18.36
CA THR A 136 -0.72 1.58 -19.23
C THR A 136 -0.72 0.23 -18.54
N VAL A 137 -1.90 -0.34 -18.30
CA VAL A 137 -1.98 -1.62 -17.60
C VAL A 137 -2.86 -2.58 -18.39
N ILE A 138 -2.33 -3.76 -18.67
CA ILE A 138 -3.04 -4.79 -19.39
C ILE A 138 -3.13 -5.99 -18.48
N THR A 139 -4.33 -6.51 -18.24
CA THR A 139 -4.48 -7.63 -17.35
C THR A 139 -5.47 -8.64 -17.91
N LYS A 140 -5.32 -9.89 -17.48
CA LYS A 140 -6.18 -10.95 -17.93
C LYS A 140 -6.65 -11.78 -16.73
N HIS A 141 -7.95 -11.69 -16.46
CA HIS A 141 -8.55 -12.43 -15.34
C HIS A 141 -9.08 -13.76 -15.88
N ASN A 142 -9.30 -14.72 -14.98
CA ASN A 142 -9.81 -16.02 -15.40
C ASN A 142 -11.26 -15.93 -15.85
N ASP A 143 -12.06 -15.24 -15.05
CA ASP A 143 -13.48 -15.07 -15.33
C ASP A 143 -13.75 -13.78 -16.09
N ASP A 144 -12.88 -13.46 -17.06
CA ASP A 144 -13.06 -12.26 -17.88
C ASP A 144 -12.09 -12.29 -19.05
N GLU A 145 -12.19 -11.30 -19.92
CA GLU A 145 -11.34 -11.21 -21.08
C GLU A 145 -10.11 -10.36 -20.79
N GLN A 146 -9.46 -9.88 -21.84
CA GLN A 146 -8.27 -9.05 -21.71
C GLN A 146 -8.64 -7.59 -21.95
N TYR A 147 -8.35 -6.75 -20.97
CA TYR A 147 -8.67 -5.33 -21.09
C TYR A 147 -7.44 -4.47 -20.83
N ALA A 148 -7.47 -3.27 -21.37
CA ALA A 148 -6.37 -2.33 -21.23
C ALA A 148 -6.80 -1.08 -20.48
N TRP A 149 -6.11 -0.80 -19.38
CA TRP A 149 -6.38 0.36 -18.55
C TRP A 149 -5.28 1.39 -18.78
N GLU A 150 -5.62 2.50 -19.42
CA GLU A 150 -4.64 3.53 -19.72
C GLU A 150 -5.10 4.89 -19.21
N SER A 151 -4.19 5.64 -18.59
CA SER A 151 -4.50 6.96 -18.06
C SER A 151 -3.27 7.85 -18.15
N SER A 152 -3.45 9.10 -18.55
CA SER A 152 -2.35 10.04 -18.66
C SER A 152 -2.64 11.28 -17.82
N ALA A 153 -2.79 11.08 -16.50
CA ALA A 153 -3.07 12.18 -15.58
C ALA A 153 -4.41 12.86 -15.95
N GLY A 154 -4.56 14.12 -15.56
CA GLY A 154 -5.78 14.86 -15.88
C GLY A 154 -6.91 14.57 -14.92
N GLY A 155 -7.04 13.31 -14.50
CA GLY A 155 -8.10 12.95 -13.59
C GLY A 155 -9.15 12.09 -14.26
N SER A 156 -8.78 11.48 -15.37
CA SER A 156 -9.67 10.61 -16.11
C SER A 156 -8.92 9.37 -16.59
N PHE A 157 -9.62 8.26 -16.69
CA PHE A 157 -9.02 7.01 -17.14
C PHE A 157 -9.80 6.44 -18.31
N THR A 158 -9.09 5.75 -19.18
CA THR A 158 -9.71 5.16 -20.36
C THR A 158 -9.50 3.65 -20.40
N VAL A 159 -10.59 2.91 -20.40
CA VAL A 159 -10.53 1.46 -20.45
C VAL A 159 -11.02 0.98 -21.80
N ARG A 160 -10.25 0.10 -22.42
CA ARG A 160 -10.59 -0.43 -23.74
C ARG A 160 -10.24 -1.90 -23.83
N THR A 161 -10.86 -2.60 -24.78
CA THR A 161 -10.58 -4.01 -24.98
C THR A 161 -9.20 -4.19 -25.64
N ASP A 162 -8.31 -4.94 -24.98
CA ASP A 162 -6.97 -5.16 -25.52
C ASP A 162 -7.04 -6.03 -26.76
N THR A 163 -6.41 -5.58 -27.83
CA THR A 163 -6.41 -6.31 -29.08
C THR A 163 -5.13 -7.12 -29.24
N GLY A 164 -4.05 -6.66 -28.59
CA GLY A 164 -2.78 -7.37 -28.62
C GLY A 164 -2.87 -8.86 -28.31
N GLU A 165 -1.74 -9.54 -28.43
CA GLU A 165 -1.65 -10.98 -28.19
C GLU A 165 -2.08 -11.34 -26.77
N PRO A 166 -2.75 -12.49 -26.61
CA PRO A 166 -3.20 -12.98 -25.31
C PRO A 166 -2.05 -13.12 -24.34
N MET A 167 -2.31 -12.76 -23.11
CA MET A 167 -1.30 -12.84 -22.07
C MET A 167 -1.48 -14.08 -21.22
N GLY A 168 -2.63 -14.73 -21.32
CA GLY A 168 -2.88 -15.91 -20.52
C GLY A 168 -3.59 -15.54 -19.24
N ARG A 169 -2.84 -15.00 -18.31
CA ARG A 169 -3.36 -14.54 -17.04
C ARG A 169 -2.28 -13.69 -16.40
N GLY A 170 -2.62 -12.78 -15.51
CA GLY A 170 -1.60 -11.97 -14.90
C GLY A 170 -1.85 -10.48 -15.07
N THR A 171 -0.95 -9.70 -14.51
CA THR A 171 -1.05 -8.26 -14.59
C THR A 171 0.22 -7.68 -15.22
N LYS A 172 0.06 -6.92 -16.29
CA LYS A 172 1.19 -6.28 -16.95
C LYS A 172 1.06 -4.78 -16.88
N VAL A 173 2.03 -4.12 -16.26
CA VAL A 173 2.01 -2.68 -16.13
C VAL A 173 3.19 -2.08 -16.88
N ILE A 174 2.91 -1.23 -17.85
CA ILE A 174 3.96 -0.57 -18.61
C ILE A 174 4.01 0.88 -18.20
N LEU A 175 5.15 1.34 -17.70
CA LEU A 175 5.25 2.71 -17.26
C LEU A 175 5.95 3.59 -18.27
N HIS A 176 5.33 4.74 -18.54
CA HIS A 176 5.88 5.71 -19.46
C HIS A 176 6.65 6.75 -18.67
N LEU A 177 7.88 6.40 -18.33
CA LEU A 177 8.77 7.25 -17.53
C LEU A 177 8.99 8.63 -18.14
N LYS A 178 9.24 9.61 -17.29
CA LYS A 178 9.47 10.98 -17.72
C LYS A 178 10.80 11.10 -18.45
N GLU A 179 10.87 12.10 -19.33
CA GLU A 179 12.05 12.40 -20.11
C GLU A 179 13.35 12.37 -19.29
N ASP A 180 13.35 13.09 -18.17
CA ASP A 180 14.54 13.19 -17.31
C ASP A 180 14.60 12.08 -16.25
N GLN A 181 13.62 11.21 -16.23
CA GLN A 181 13.61 10.13 -15.25
C GLN A 181 13.79 8.77 -15.93
N THR A 182 14.93 8.58 -16.57
CA THR A 182 15.21 7.33 -17.26
C THR A 182 16.02 6.39 -16.37
N GLU A 183 16.61 6.95 -15.32
CA GLU A 183 17.42 6.21 -14.35
C GLU A 183 16.85 4.82 -13.99
N TYR A 184 15.54 4.68 -13.98
CA TYR A 184 14.90 3.40 -13.59
C TYR A 184 14.95 2.37 -14.72
N LEU A 185 15.52 2.75 -15.84
CA LEU A 185 15.66 1.85 -16.97
C LEU A 185 17.04 1.19 -16.89
N GLU A 186 17.79 1.59 -15.86
CA GLU A 186 19.12 1.07 -15.60
C GLU A 186 19.03 -0.19 -14.76
N GLU A 187 19.59 -1.27 -15.27
CA GLU A 187 19.62 -2.55 -14.59
C GLU A 187 20.19 -2.42 -13.17
N ARG A 188 21.31 -1.71 -13.07
CA ARG A 188 21.98 -1.50 -11.79
C ARG A 188 21.08 -0.72 -10.82
N ARG A 189 20.30 0.18 -11.38
CA ARG A 189 19.37 0.99 -10.59
C ARG A 189 18.25 0.12 -10.04
N ILE A 190 17.68 -0.72 -10.89
CA ILE A 190 16.60 -1.61 -10.49
C ILE A 190 17.09 -2.64 -9.48
N LYS A 191 18.25 -3.23 -9.77
CA LYS A 191 18.85 -4.25 -8.90
C LYS A 191 19.10 -3.72 -7.49
N GLU A 192 19.35 -2.42 -7.37
CA GLU A 192 19.61 -1.82 -6.07
C GLU A 192 18.32 -1.72 -5.26
N ILE A 193 17.25 -1.32 -5.93
CA ILE A 193 15.95 -1.16 -5.28
C ILE A 193 15.38 -2.49 -4.83
N VAL A 194 15.56 -3.52 -5.66
CA VAL A 194 15.06 -4.86 -5.33
C VAL A 194 15.79 -5.41 -4.10
N LYS A 195 17.05 -5.07 -3.98
CA LYS A 195 17.85 -5.52 -2.84
C LYS A 195 17.78 -4.50 -1.71
N LYS A 196 16.87 -3.55 -1.85
CA LYS A 196 16.71 -2.50 -0.85
C LYS A 196 15.33 -2.55 -0.18
N HIS A 197 14.29 -2.28 -0.97
CA HIS A 197 12.93 -2.29 -0.44
C HIS A 197 12.09 -3.46 -0.96
N SER A 198 12.40 -3.96 -2.13
CA SER A 198 11.61 -5.04 -2.70
C SER A 198 12.27 -6.41 -2.56
N GLN A 199 12.76 -6.72 -1.36
CA GLN A 199 13.40 -8.02 -1.13
C GLN A 199 12.49 -8.96 -0.33
N PHE A 200 11.41 -8.41 0.24
CA PHE A 200 10.48 -9.21 1.04
C PHE A 200 9.38 -9.83 0.17
N ILE A 201 9.78 -10.27 -1.02
CA ILE A 201 8.85 -10.89 -1.94
C ILE A 201 9.05 -12.40 -1.93
N GLY A 202 8.01 -13.12 -1.50
CA GLY A 202 8.08 -14.56 -1.43
C GLY A 202 7.81 -15.22 -2.77
N TYR A 203 8.32 -14.61 -3.84
CA TYR A 203 8.14 -15.10 -5.19
C TYR A 203 9.35 -14.73 -6.03
N PRO A 204 9.75 -15.61 -6.96
CA PRO A 204 10.90 -15.35 -7.82
C PRO A 204 10.69 -14.14 -8.73
N ILE A 205 11.72 -13.31 -8.84
CA ILE A 205 11.68 -12.12 -9.68
C ILE A 205 12.83 -12.17 -10.67
N THR A 206 12.51 -12.10 -11.95
CA THR A 206 13.53 -12.16 -12.97
C THR A 206 13.56 -10.89 -13.81
N LEU A 207 14.72 -10.29 -13.91
CA LEU A 207 14.89 -9.07 -14.70
C LEU A 207 15.41 -9.46 -16.07
N PHE A 208 14.96 -8.77 -17.11
CA PHE A 208 15.40 -9.07 -18.46
C PHE A 208 15.86 -7.80 -19.16
N VAL A 209 17.14 -7.49 -19.04
CA VAL A 209 17.69 -6.31 -19.69
C VAL A 209 18.08 -6.65 -21.13
N GLU A 210 17.99 -5.67 -22.01
CA GLU A 210 18.32 -5.85 -23.42
C GLU A 210 19.83 -6.09 -23.58
N HIS B 1 9.00 7.68 29.28
CA HIS B 1 7.78 8.49 29.55
C HIS B 1 7.98 9.90 29.02
N LYS B 2 8.19 10.87 29.91
CA LYS B 2 8.38 12.26 29.51
C LYS B 2 9.62 12.39 28.64
N THR B 3 10.74 11.89 29.16
CA THR B 3 12.01 11.94 28.44
C THR B 3 12.08 10.84 27.38
N PHE B 4 11.10 10.86 26.49
CA PHE B 4 11.02 9.88 25.41
C PHE B 4 10.19 10.46 24.28
N VAL B 5 9.03 11.01 24.64
CA VAL B 5 8.13 11.59 23.65
C VAL B 5 8.77 12.75 22.92
N GLU B 6 9.40 13.66 23.66
CA GLU B 6 10.02 14.83 23.05
C GLU B 6 11.42 14.48 22.55
N LYS B 7 11.72 13.19 22.47
CA LYS B 7 13.02 12.72 22.01
C LYS B 7 12.89 11.91 20.72
N TYR B 8 11.84 11.11 20.64
CA TYR B 8 11.63 10.24 19.48
C TYR B 8 10.25 10.45 18.87
N GLU B 9 9.74 11.68 18.96
CA GLU B 9 8.43 12.01 18.41
C GLU B 9 8.39 11.83 16.90
N LYS B 10 9.44 12.26 16.22
CA LYS B 10 9.52 12.14 14.77
C LYS B 10 9.51 10.67 14.34
N GLN B 11 9.97 9.82 15.23
CA GLN B 11 10.00 8.39 14.96
C GLN B 11 8.63 7.78 15.22
N ILE B 12 7.98 8.23 16.29
CA ILE B 12 6.64 7.76 16.65
C ILE B 12 5.65 8.20 15.59
N LYS B 13 5.80 9.44 15.14
CA LYS B 13 4.95 10.01 14.11
C LYS B 13 5.11 9.25 12.80
N HIS B 14 6.37 8.93 12.49
CA HIS B 14 6.69 8.18 11.27
C HIS B 14 6.23 6.73 11.40
N PHE B 15 5.81 6.36 12.61
CA PHE B 15 5.35 5.00 12.89
C PHE B 15 3.85 4.89 12.67
N GLY B 16 3.08 5.80 13.24
CA GLY B 16 1.63 5.77 13.10
C GLY B 16 1.13 5.97 11.68
N MET B 17 1.99 6.42 10.80
CA MET B 17 1.61 6.66 9.41
C MET B 17 1.89 5.45 8.53
N LEU B 18 1.65 4.25 9.05
CA LEU B 18 1.88 3.04 8.27
C LEU B 18 0.64 2.16 8.33
N ARG B 19 0.61 1.10 7.54
CA ARG B 19 -0.54 0.20 7.54
C ARG B 19 -0.20 -1.12 6.83
N ARG B 20 1.08 -1.35 6.64
CA ARG B 20 1.53 -2.57 5.97
C ARG B 20 1.79 -3.66 6.99
N TRP B 21 2.40 -4.74 6.56
CA TRP B 21 2.70 -5.85 7.45
C TRP B 21 4.19 -5.98 7.66
N ASP B 22 4.90 -6.47 6.66
CA ASP B 22 6.34 -6.69 6.76
C ASP B 22 7.06 -5.36 6.90
N ASP B 23 6.54 -4.34 6.24
CA ASP B 23 7.13 -3.01 6.30
C ASP B 23 7.12 -2.49 7.72
N SER B 24 5.98 -2.62 8.38
CA SER B 24 5.85 -2.18 9.76
C SER B 24 6.72 -3.03 10.67
N GLN B 25 6.79 -4.32 10.35
CA GLN B 25 7.60 -5.27 11.10
C GLN B 25 9.07 -4.88 11.01
N LYS B 26 9.51 -4.62 9.78
CA LYS B 26 10.88 -4.21 9.52
C LYS B 26 11.16 -2.89 10.22
N TYR B 27 10.20 -1.97 10.16
CA TYR B 27 10.34 -0.68 10.80
C TYR B 27 10.51 -0.84 12.31
N LEU B 28 9.84 -1.82 12.88
CA LEU B 28 9.95 -2.08 14.31
C LEU B 28 11.27 -2.74 14.62
N SER B 29 11.86 -3.39 13.62
CA SER B 29 13.15 -4.03 13.78
C SER B 29 14.25 -2.98 13.65
N ASP B 30 14.00 -1.99 12.81
CA ASP B 30 14.93 -0.89 12.58
C ASP B 30 14.91 0.05 13.79
N ASN B 31 13.74 0.18 14.39
CA ASN B 31 13.56 1.04 15.56
C ASN B 31 13.01 0.23 16.72
N VAL B 32 13.82 -0.68 17.23
CA VAL B 32 13.42 -1.56 18.33
C VAL B 32 13.10 -0.79 19.62
N HIS B 33 13.66 0.42 19.77
CA HIS B 33 13.42 1.22 20.96
C HIS B 33 12.07 1.92 20.92
N LEU B 34 11.34 1.78 19.82
CA LEU B 34 10.03 2.41 19.69
C LEU B 34 8.93 1.51 20.24
N VAL B 35 9.28 0.27 20.56
CA VAL B 35 8.31 -0.67 21.10
C VAL B 35 8.16 -0.50 22.60
N CYS B 36 7.10 0.23 22.99
CA CYS B 36 6.80 0.47 24.39
C CYS B 36 5.39 1.04 24.53
N GLU B 37 4.92 1.14 25.76
CA GLU B 37 3.58 1.67 26.01
C GLU B 37 3.48 3.15 25.66
N GLU B 38 4.53 3.89 26.01
CA GLU B 38 4.59 5.33 25.72
C GLU B 38 4.18 5.64 24.28
N THR B 39 4.68 4.82 23.36
CA THR B 39 4.38 4.99 21.96
C THR B 39 2.89 4.84 21.69
N ALA B 40 2.32 3.76 22.19
CA ALA B 40 0.89 3.49 22.00
C ALA B 40 0.05 4.58 22.67
N ASN B 41 0.48 4.97 23.86
CA ASN B 41 -0.21 6.01 24.63
C ASN B 41 -0.27 7.31 23.84
N TYR B 42 0.85 7.69 23.23
CA TYR B 42 0.92 8.92 22.45
C TYR B 42 0.07 8.80 21.18
N LEU B 43 0.00 7.60 20.62
CA LEU B 43 -0.78 7.37 19.41
C LEU B 43 -2.26 7.64 19.66
N VAL B 44 -2.77 7.19 20.80
CA VAL B 44 -4.16 7.43 21.16
C VAL B 44 -4.39 8.93 21.20
N ILE B 45 -3.64 9.57 22.08
CA ILE B 45 -3.64 11.03 22.22
C ILE B 45 -3.70 11.72 20.85
N TRP B 46 -2.85 11.28 19.92
CA TRP B 46 -2.81 11.85 18.59
C TRP B 46 -4.12 11.55 17.84
N CYS B 47 -4.57 10.30 17.91
CA CYS B 47 -5.81 9.89 17.24
C CYS B 47 -6.97 10.77 17.68
N ILE B 48 -7.05 11.01 18.99
CA ILE B 48 -8.10 11.85 19.56
C ILE B 48 -8.05 13.26 19.00
N ASP B 49 -6.84 13.78 18.86
CA ASP B 49 -6.66 15.13 18.34
C ASP B 49 -6.95 15.20 16.84
N LEU B 50 -6.67 14.11 16.13
CA LEU B 50 -6.91 14.05 14.70
C LEU B 50 -8.40 14.14 14.40
N GLU B 51 -9.19 13.38 15.15
CA GLU B 51 -10.65 13.37 14.99
C GLU B 51 -11.21 14.77 15.21
N VAL B 52 -10.74 15.43 16.26
CA VAL B 52 -11.21 16.77 16.60
C VAL B 52 -10.73 17.80 15.58
N GLU B 53 -9.64 17.50 14.89
CA GLU B 53 -9.08 18.40 13.89
C GLU B 53 -9.73 18.15 12.53
N GLU B 54 -10.82 17.38 12.55
CA GLU B 54 -11.59 17.03 11.35
C GLU B 54 -10.83 16.06 10.45
N LYS B 55 -9.79 15.45 10.99
CA LYS B 55 -8.99 14.49 10.25
C LYS B 55 -9.38 13.08 10.66
N CYS B 56 -10.66 12.74 10.48
CA CYS B 56 -11.18 11.43 10.84
C CYS B 56 -10.79 10.36 9.82
N ALA B 57 -9.99 10.73 8.84
CA ALA B 57 -9.55 9.79 7.83
C ALA B 57 -8.19 9.24 8.23
N LEU B 58 -7.29 10.14 8.60
CA LEU B 58 -5.97 9.76 9.04
C LEU B 58 -6.05 9.00 10.36
N MET B 59 -7.07 9.32 11.14
CA MET B 59 -7.29 8.67 12.44
C MET B 59 -7.47 7.16 12.26
N GLU B 60 -8.23 6.79 11.23
CA GLU B 60 -8.51 5.39 10.91
C GLU B 60 -7.22 4.65 10.52
N GLN B 61 -6.19 5.39 10.15
CA GLN B 61 -4.93 4.78 9.76
C GLN B 61 -4.03 4.62 10.97
N VAL B 62 -3.90 5.68 11.76
CA VAL B 62 -3.07 5.66 12.96
C VAL B 62 -3.56 4.58 13.93
N ALA B 63 -4.87 4.37 13.98
CA ALA B 63 -5.44 3.35 14.85
C ALA B 63 -4.89 1.96 14.52
N HIS B 64 -4.58 1.74 13.24
CA HIS B 64 -4.02 0.46 12.78
C HIS B 64 -2.58 0.31 13.30
N GLN B 65 -2.11 1.36 13.92
CA GLN B 65 -0.76 1.38 14.47
C GLN B 65 -0.81 1.31 15.99
N THR B 66 -1.83 1.94 16.55
CA THR B 66 -2.02 1.94 17.99
C THR B 66 -2.34 0.53 18.48
N ILE B 67 -3.25 -0.14 17.78
CA ILE B 67 -3.66 -1.49 18.13
C ILE B 67 -2.55 -2.49 17.91
N VAL B 68 -1.74 -2.28 16.86
CA VAL B 68 -0.63 -3.19 16.58
C VAL B 68 0.36 -3.16 17.73
N MET B 69 0.63 -1.97 18.26
CA MET B 69 1.54 -1.82 19.38
C MET B 69 0.96 -2.44 20.65
N GLN B 70 -0.31 -2.15 20.91
CA GLN B 70 -0.98 -2.68 22.09
C GLN B 70 -1.06 -4.20 22.02
N PHE B 71 -1.44 -4.73 20.86
CA PHE B 71 -1.53 -6.16 20.67
C PHE B 71 -0.18 -6.82 20.90
N ILE B 72 0.88 -6.17 20.43
CA ILE B 72 2.23 -6.68 20.61
C ILE B 72 2.60 -6.67 22.09
N LEU B 73 2.35 -5.54 22.73
CA LEU B 73 2.63 -5.37 24.15
C LEU B 73 1.92 -6.43 24.97
N GLU B 74 0.63 -6.64 24.68
CA GLU B 74 -0.15 -7.62 25.40
C GLU B 74 0.34 -9.05 25.10
N LEU B 75 0.53 -9.33 23.81
CA LEU B 75 1.02 -10.64 23.38
C LEU B 75 2.30 -11.02 24.13
N ALA B 76 3.25 -10.08 24.17
CA ALA B 76 4.51 -10.29 24.87
C ALA B 76 4.30 -10.42 26.38
N LYS B 77 3.50 -9.53 26.94
CA LYS B 77 3.22 -9.57 28.38
C LYS B 77 2.60 -10.90 28.80
N SER B 78 1.64 -11.38 28.02
CA SER B 78 1.00 -12.65 28.30
C SER B 78 2.01 -13.79 28.30
N LEU B 79 2.97 -13.71 27.38
CA LEU B 79 4.03 -14.72 27.29
C LEU B 79 5.02 -14.51 28.43
N LYS B 80 4.95 -13.32 29.04
CA LYS B 80 5.81 -12.92 30.15
C LYS B 80 7.22 -12.62 29.66
N VAL B 81 7.33 -12.28 28.37
CA VAL B 81 8.61 -11.97 27.75
C VAL B 81 8.60 -10.51 27.25
N ASP B 82 9.79 -9.94 27.06
CA ASP B 82 9.95 -8.57 26.58
C ASP B 82 9.34 -8.40 25.19
N PRO B 83 8.59 -7.31 24.97
CA PRO B 83 7.94 -7.01 23.69
C PRO B 83 8.95 -6.93 22.54
N ARG B 84 10.07 -6.28 22.82
CA ARG B 84 11.13 -6.11 21.81
C ARG B 84 11.76 -7.43 21.35
N ALA B 85 11.33 -8.55 21.91
CA ALA B 85 11.82 -9.85 21.49
C ALA B 85 10.69 -10.68 20.89
N CYS B 86 9.47 -10.16 21.05
CA CYS B 86 8.28 -10.83 20.55
C CYS B 86 7.37 -9.87 19.76
N PHE B 87 7.96 -8.99 18.98
CA PHE B 87 7.17 -8.04 18.21
C PHE B 87 6.86 -8.59 16.82
N ARG B 88 7.74 -9.43 16.29
CA ARG B 88 7.55 -10.02 14.97
C ARG B 88 6.52 -11.13 15.03
N GLN B 89 6.34 -11.69 16.23
CA GLN B 89 5.40 -12.78 16.44
C GLN B 89 3.99 -12.36 16.07
N PHE B 90 3.64 -11.13 16.42
CA PHE B 90 2.33 -10.58 16.12
C PHE B 90 2.10 -10.53 14.60
N PHE B 91 3.14 -10.12 13.88
CA PHE B 91 3.04 -10.01 12.42
C PHE B 91 3.01 -11.38 11.77
N THR B 92 3.45 -12.39 12.48
CA THR B 92 3.41 -13.75 11.95
C THR B 92 2.03 -14.35 12.21
N LYS B 93 1.46 -13.99 13.36
CA LYS B 93 0.16 -14.50 13.78
C LYS B 93 -0.97 -13.97 12.90
N ILE B 94 -0.72 -12.88 12.18
CA ILE B 94 -1.74 -12.30 11.31
C ILE B 94 -1.78 -13.02 9.96
N LYS B 95 -0.78 -13.85 9.70
CA LYS B 95 -0.70 -14.61 8.45
C LYS B 95 -1.31 -16.00 8.64
N THR B 96 -1.29 -16.43 9.90
CA THR B 96 -1.90 -17.69 10.31
C THR B 96 -3.31 -17.78 9.70
N ALA B 97 -3.81 -18.97 9.35
CA ALA B 97 -5.13 -19.05 8.73
C ALA B 97 -6.25 -18.88 9.75
N ASP B 98 -5.85 -18.73 10.99
CA ASP B 98 -6.79 -18.53 12.08
C ASP B 98 -7.46 -17.17 11.96
N ARG B 99 -8.70 -17.18 11.50
CA ARG B 99 -9.46 -15.95 11.32
C ARG B 99 -9.83 -15.35 12.66
N GLN B 100 -9.75 -16.16 13.71
CA GLN B 100 -10.09 -15.70 15.05
C GLN B 100 -9.14 -14.59 15.50
N TYR B 101 -7.84 -14.81 15.31
CA TYR B 101 -6.84 -13.82 15.67
C TYR B 101 -6.99 -12.57 14.82
N MET B 102 -7.27 -12.78 13.54
CA MET B 102 -7.46 -11.67 12.62
C MET B 102 -8.70 -10.86 13.00
N GLU B 103 -9.77 -11.58 13.31
CA GLU B 103 -11.03 -10.97 13.73
C GLU B 103 -10.83 -10.27 15.07
N GLY B 104 -10.08 -10.93 15.95
CA GLY B 104 -9.79 -10.39 17.25
C GLY B 104 -9.08 -9.06 17.16
N PHE B 105 -8.12 -8.97 16.25
CA PHE B 105 -7.37 -7.76 16.04
C PHE B 105 -8.26 -6.68 15.41
N ASN B 106 -9.05 -7.08 14.42
CA ASN B 106 -9.91 -6.15 13.71
C ASN B 106 -11.04 -5.61 14.59
N ASP B 107 -11.72 -6.49 15.30
CA ASP B 107 -12.82 -6.10 16.16
C ASP B 107 -12.42 -5.04 17.18
N GLU B 108 -11.26 -5.23 17.81
CA GLU B 108 -10.78 -4.29 18.80
C GLU B 108 -10.36 -2.98 18.13
N LEU B 109 -9.94 -3.08 16.87
CA LEU B 109 -9.54 -1.90 16.11
C LEU B 109 -10.75 -1.00 15.88
N GLU B 110 -11.83 -1.60 15.41
CA GLU B 110 -13.06 -0.88 15.16
C GLU B 110 -13.60 -0.30 16.47
N ALA B 111 -13.51 -1.12 17.51
CA ALA B 111 -13.96 -0.72 18.84
C ALA B 111 -13.17 0.49 19.32
N PHE B 112 -11.85 0.40 19.20
CA PHE B 112 -10.95 1.46 19.62
C PHE B 112 -11.28 2.77 18.91
N LYS B 113 -11.54 2.70 17.61
CA LYS B 113 -11.86 3.89 16.82
C LYS B 113 -13.08 4.60 17.41
N GLU B 114 -14.11 3.82 17.69
CA GLU B 114 -15.33 4.37 18.26
C GLU B 114 -15.09 4.89 19.67
N ARG B 115 -14.19 4.24 20.40
CA ARG B 115 -13.84 4.66 21.75
C ARG B 115 -13.16 6.02 21.71
N VAL B 116 -12.35 6.23 20.68
CA VAL B 116 -11.64 7.49 20.49
C VAL B 116 -12.63 8.61 20.17
N ARG B 117 -13.57 8.31 19.30
CA ARG B 117 -14.59 9.27 18.89
C ARG B 117 -15.44 9.71 20.09
N GLY B 118 -15.62 8.81 21.05
CA GLY B 118 -16.37 9.15 22.24
C GLY B 118 -15.59 10.11 23.11
N ARG B 119 -14.29 9.88 23.20
CA ARG B 119 -13.40 10.71 23.99
C ARG B 119 -13.25 12.08 23.34
N ALA B 120 -13.22 12.10 22.01
CA ALA B 120 -13.08 13.33 21.26
C ALA B 120 -14.27 14.25 21.53
N LYS B 121 -15.47 13.67 21.50
CA LYS B 121 -16.70 14.43 21.75
C LYS B 121 -16.70 15.01 23.17
N LEU B 122 -16.16 14.23 24.11
CA LEU B 122 -16.10 14.66 25.50
C LEU B 122 -15.20 15.89 25.65
N ARG B 123 -14.06 15.85 24.98
CA ARG B 123 -13.09 16.95 25.04
C ARG B 123 -13.68 18.27 24.55
N ILE B 124 -14.35 18.24 23.39
CA ILE B 124 -14.93 19.46 22.84
C ILE B 124 -16.13 19.93 23.64
N GLU B 125 -16.91 19.01 24.20
CA GLU B 125 -18.08 19.38 25.00
C GLU B 125 -17.65 20.02 26.30
N LYS B 126 -16.45 19.67 26.75
CA LYS B 126 -15.91 20.21 28.00
C LYS B 126 -15.78 21.73 27.93
N ALA B 127 -15.39 22.23 26.76
CA ALA B 127 -15.23 23.66 26.57
C ALA B 127 -16.34 24.23 25.71
N MET B 128 -17.29 23.39 25.33
CA MET B 128 -18.41 23.80 24.50
C MET B 128 -19.39 24.65 25.32
N LYS B 129 -19.53 24.31 26.59
CA LYS B 129 -20.42 25.02 27.49
C LYS B 129 -19.68 25.36 28.78
N GLU A 1 -14.10 -1.47 -34.36
CA GLU A 1 -14.98 -0.98 -33.27
C GLU A 1 -14.64 -1.69 -31.96
N GLU A 2 -14.24 -0.91 -30.96
CA GLU A 2 -13.89 -1.45 -29.65
C GLU A 2 -14.61 -0.68 -28.57
N GLU A 3 -14.99 -1.40 -27.52
CA GLU A 3 -15.68 -0.78 -26.38
C GLU A 3 -14.68 -0.06 -25.49
N VAL A 4 -14.84 1.25 -25.40
CA VAL A 4 -13.97 2.09 -24.60
C VAL A 4 -14.82 2.86 -23.59
N GLU A 5 -14.59 2.61 -22.32
CA GLU A 5 -15.31 3.28 -21.25
C GLU A 5 -14.42 4.37 -20.65
N THR A 6 -15.00 5.50 -20.30
CA THR A 6 -14.24 6.57 -19.70
C THR A 6 -14.84 7.01 -18.36
N PHE A 7 -14.14 6.69 -17.28
CA PHE A 7 -14.61 7.05 -15.95
C PHE A 7 -13.63 8.01 -15.26
N ALA A 8 -14.15 8.84 -14.37
CA ALA A 8 -13.36 9.81 -13.64
C ALA A 8 -12.81 9.22 -12.35
N PHE A 9 -11.71 9.76 -11.87
CA PHE A 9 -11.11 9.29 -10.64
C PHE A 9 -11.76 9.98 -9.46
N GLN A 10 -11.89 9.26 -8.34
CA GLN A 10 -12.50 9.80 -7.13
C GLN A 10 -11.80 11.10 -6.71
N ALA A 11 -12.57 12.04 -6.15
CA ALA A 11 -12.07 13.35 -5.73
C ALA A 11 -10.70 13.30 -5.05
N GLU A 12 -10.59 12.61 -3.92
CA GLU A 12 -9.31 12.50 -3.19
C GLU A 12 -8.19 11.95 -4.07
N ILE A 13 -8.51 10.91 -4.83
CA ILE A 13 -7.52 10.28 -5.72
C ILE A 13 -7.00 11.27 -6.74
N ALA A 14 -7.89 12.03 -7.33
CA ALA A 14 -7.50 13.03 -8.33
C ALA A 14 -6.55 14.06 -7.70
N GLN A 15 -6.83 14.42 -6.45
CA GLN A 15 -6.01 15.36 -5.70
C GLN A 15 -4.62 14.80 -5.48
N LEU A 16 -4.58 13.53 -5.05
CA LEU A 16 -3.31 12.86 -4.82
C LEU A 16 -2.53 12.71 -6.12
N MET A 17 -3.24 12.43 -7.21
CA MET A 17 -2.60 12.25 -8.51
C MET A 17 -1.83 13.51 -8.90
N SER A 18 -2.52 14.64 -8.87
CA SER A 18 -1.93 15.91 -9.21
C SER A 18 -0.85 16.29 -8.20
N LEU A 19 -1.10 15.97 -6.93
CA LEU A 19 -0.14 16.27 -5.87
C LEU A 19 1.19 15.55 -6.10
N ILE A 20 1.11 14.29 -6.49
CA ILE A 20 2.28 13.45 -6.75
C ILE A 20 3.02 13.91 -8.01
N ILE A 21 2.30 14.49 -8.97
CA ILE A 21 2.92 14.95 -10.21
C ILE A 21 3.46 16.36 -10.08
N ASN A 22 2.65 17.27 -9.54
CA ASN A 22 3.01 18.67 -9.42
C ASN A 22 4.07 18.92 -8.34
N THR A 23 4.01 18.20 -7.24
CA THR A 23 4.97 18.38 -6.17
C THR A 23 6.22 17.55 -6.43
N PHE A 24 7.38 18.19 -6.30
CA PHE A 24 8.65 17.53 -6.51
C PHE A 24 9.17 16.91 -5.23
N TYR A 25 9.36 15.61 -5.28
CA TYR A 25 9.87 14.87 -4.15
C TYR A 25 11.33 14.50 -4.40
N SER A 26 11.94 13.75 -3.50
CA SER A 26 13.33 13.36 -3.63
C SER A 26 13.48 11.86 -3.89
N ASN A 27 12.80 11.06 -3.09
CA ASN A 27 12.83 9.61 -3.26
C ASN A 27 11.91 9.22 -4.40
N LYS A 28 12.51 8.72 -5.47
CA LYS A 28 11.76 8.35 -6.66
C LYS A 28 11.54 6.84 -6.73
N GLU A 29 12.60 6.03 -6.50
CA GLU A 29 12.54 4.57 -6.57
C GLU A 29 11.36 3.93 -5.82
N ILE A 30 10.80 4.64 -4.85
CA ILE A 30 9.68 4.12 -4.07
C ILE A 30 8.57 3.58 -4.95
N PHE A 31 8.43 4.15 -6.15
CA PHE A 31 7.39 3.74 -7.08
C PHE A 31 7.50 2.25 -7.45
N LEU A 32 8.72 1.72 -7.46
CA LEU A 32 8.93 0.34 -7.83
C LEU A 32 8.60 -0.62 -6.68
N ARG A 33 8.94 -0.24 -5.45
CA ARG A 33 8.67 -1.09 -4.30
C ARG A 33 7.18 -1.24 -4.09
N GLU A 34 6.45 -0.14 -4.29
CA GLU A 34 5.01 -0.15 -4.12
C GLU A 34 4.37 -1.06 -5.16
N LEU A 35 4.85 -0.97 -6.39
CA LEU A 35 4.33 -1.77 -7.50
C LEU A 35 4.65 -3.24 -7.32
N ILE A 36 5.92 -3.55 -7.03
CA ILE A 36 6.36 -4.93 -6.86
C ILE A 36 5.64 -5.58 -5.69
N SER A 37 5.44 -4.82 -4.63
CA SER A 37 4.72 -5.31 -3.46
C SER A 37 3.31 -5.77 -3.84
N ASN A 38 2.70 -5.10 -4.83
CA ASN A 38 1.36 -5.48 -5.28
C ASN A 38 1.46 -6.64 -6.24
N SER A 39 2.64 -6.78 -6.85
CA SER A 39 2.87 -7.85 -7.79
C SER A 39 2.99 -9.18 -7.05
N SER A 40 3.72 -9.18 -5.94
CA SER A 40 3.89 -10.38 -5.15
C SER A 40 2.55 -10.78 -4.52
N ASP A 41 1.72 -9.78 -4.26
CA ASP A 41 0.40 -9.99 -3.65
C ASP A 41 -0.50 -10.80 -4.60
N ALA A 42 -0.45 -10.47 -5.89
CA ALA A 42 -1.27 -11.15 -6.89
C ALA A 42 -0.82 -12.61 -7.05
N LEU A 43 0.47 -12.85 -6.85
CA LEU A 43 1.03 -14.21 -6.96
C LEU A 43 0.56 -15.06 -5.79
N ASP A 44 0.80 -14.55 -4.59
CA ASP A 44 0.38 -15.23 -3.37
C ASP A 44 -1.11 -15.55 -3.40
N LYS A 45 -1.88 -14.68 -4.05
CA LYS A 45 -3.32 -14.85 -4.17
C LYS A 45 -3.67 -16.01 -5.11
N ILE A 46 -3.03 -16.07 -6.27
CA ILE A 46 -3.34 -17.13 -7.22
C ILE A 46 -2.92 -18.48 -6.67
N ARG A 47 -1.71 -18.57 -6.12
CA ARG A 47 -1.23 -19.81 -5.55
C ARG A 47 -2.07 -20.29 -4.37
N TYR A 48 -2.94 -19.46 -3.84
CA TYR A 48 -3.77 -19.89 -2.72
C TYR A 48 -5.10 -20.40 -3.28
N GLU A 49 -5.46 -19.83 -4.42
CA GLU A 49 -6.68 -20.21 -5.13
C GLU A 49 -6.51 -21.59 -5.72
N THR A 50 -5.28 -21.89 -6.13
CA THR A 50 -4.96 -23.17 -6.72
C THR A 50 -5.00 -24.28 -5.67
N LEU A 51 -4.88 -23.90 -4.42
CA LEU A 51 -4.90 -24.88 -3.33
C LEU A 51 -6.28 -25.55 -3.30
N THR A 52 -7.32 -24.75 -3.46
CA THR A 52 -8.67 -25.25 -3.47
C THR A 52 -8.99 -25.79 -4.85
N ASP A 53 -8.49 -25.12 -5.88
CA ASP A 53 -8.72 -25.57 -7.24
C ASP A 53 -7.47 -25.41 -8.09
N PRO A 54 -6.80 -26.52 -8.40
CA PRO A 54 -5.57 -26.51 -9.20
C PRO A 54 -5.82 -26.30 -10.70
N SER A 55 -7.08 -26.36 -11.08
CA SER A 55 -7.49 -26.19 -12.48
C SER A 55 -7.14 -24.78 -12.99
N LYS A 56 -6.98 -23.83 -12.07
CA LYS A 56 -6.64 -22.45 -12.43
C LYS A 56 -5.15 -22.32 -12.77
N LEU A 57 -4.47 -23.47 -12.83
CA LEU A 57 -3.05 -23.50 -13.17
C LEU A 57 -2.86 -23.78 -14.65
N ASP A 58 -3.97 -23.93 -15.37
CA ASP A 58 -3.93 -24.20 -16.82
C ASP A 58 -3.53 -22.94 -17.57
N SER A 59 -3.62 -21.84 -16.85
CA SER A 59 -3.29 -20.54 -17.38
C SER A 59 -1.84 -20.20 -17.07
N GLY A 60 -1.07 -21.20 -16.67
CA GLY A 60 0.32 -21.00 -16.35
C GLY A 60 0.65 -21.39 -14.92
N LYS A 61 1.63 -22.27 -14.77
CA LYS A 61 2.05 -22.73 -13.45
C LYS A 61 3.22 -21.90 -12.95
N GLU A 62 3.66 -20.99 -13.80
CA GLU A 62 4.78 -20.10 -13.48
C GLU A 62 4.38 -19.03 -12.48
N LEU A 63 5.25 -18.77 -11.52
CA LEU A 63 5.00 -17.77 -10.50
C LEU A 63 6.22 -16.88 -10.29
N HIS A 64 6.40 -15.88 -11.15
CA HIS A 64 7.53 -14.97 -11.03
C HIS A 64 7.23 -13.62 -11.67
N ILE A 65 8.01 -12.63 -11.29
CA ILE A 65 7.83 -11.28 -11.79
C ILE A 65 9.00 -10.95 -12.73
N ASN A 66 8.70 -10.40 -13.88
CA ASN A 66 9.72 -10.07 -14.85
C ASN A 66 9.74 -8.58 -15.14
N LEU A 67 10.92 -7.99 -15.04
CA LEU A 67 11.09 -6.57 -15.30
C LEU A 67 11.70 -6.39 -16.69
N ILE A 68 10.99 -5.68 -17.58
CA ILE A 68 11.48 -5.47 -18.93
C ILE A 68 11.58 -3.99 -19.27
N PRO A 69 12.80 -3.43 -19.27
CA PRO A 69 13.03 -2.03 -19.62
C PRO A 69 13.18 -1.89 -21.13
N ASN A 70 13.18 -0.66 -21.62
CA ASN A 70 13.30 -0.44 -23.05
C ASN A 70 13.79 0.98 -23.27
N LYS A 71 15.10 1.13 -23.41
CA LYS A 71 15.72 2.43 -23.61
C LYS A 71 15.32 3.05 -24.94
N GLN A 72 14.86 2.23 -25.88
CA GLN A 72 14.47 2.73 -27.18
C GLN A 72 13.02 3.22 -27.18
N ASP A 73 12.21 2.66 -26.29
CA ASP A 73 10.80 3.03 -26.22
C ASP A 73 10.51 4.01 -25.10
N ARG A 74 11.40 4.06 -24.11
CA ARG A 74 11.27 4.96 -22.97
C ARG A 74 10.18 4.43 -22.01
N THR A 75 9.98 3.12 -22.02
CA THR A 75 8.97 2.52 -21.16
C THR A 75 9.56 1.41 -20.29
N LEU A 76 8.95 1.21 -19.13
CA LEU A 76 9.38 0.18 -18.19
C LEU A 76 8.22 -0.77 -17.91
N THR A 77 8.33 -1.98 -18.45
CA THR A 77 7.29 -2.99 -18.29
C THR A 77 7.54 -3.90 -17.09
N ILE A 78 6.47 -4.21 -16.37
CA ILE A 78 6.53 -5.10 -15.22
C ILE A 78 5.44 -6.16 -15.41
N VAL A 79 5.84 -7.42 -15.45
CA VAL A 79 4.89 -8.52 -15.65
C VAL A 79 4.89 -9.47 -14.47
N ASP A 80 3.70 -9.82 -13.97
CA ASP A 80 3.58 -10.76 -12.86
C ASP A 80 2.57 -11.84 -13.25
N THR A 81 2.90 -13.10 -13.00
CA THR A 81 2.03 -14.22 -13.37
C THR A 81 0.88 -14.49 -12.38
N GLY A 82 0.49 -13.49 -11.57
CA GLY A 82 -0.62 -13.65 -10.64
C GLY A 82 -1.93 -13.91 -11.37
N ILE A 83 -3.05 -13.86 -10.69
CA ILE A 83 -4.32 -14.08 -11.37
C ILE A 83 -4.84 -12.80 -12.01
N GLY A 84 -4.13 -11.71 -11.82
CA GLY A 84 -4.53 -10.44 -12.40
C GLY A 84 -5.90 -9.98 -11.90
N MET A 85 -6.56 -9.13 -12.68
CA MET A 85 -7.85 -8.63 -12.29
C MET A 85 -8.84 -8.67 -13.45
N THR A 86 -10.11 -8.53 -13.12
CA THR A 86 -11.16 -8.54 -14.12
C THR A 86 -11.42 -7.13 -14.62
N LYS A 87 -12.30 -7.01 -15.60
CA LYS A 87 -12.68 -5.72 -16.16
C LYS A 87 -13.35 -4.87 -15.09
N ALA A 88 -14.14 -5.52 -14.24
CA ALA A 88 -14.82 -4.84 -13.13
C ALA A 88 -13.81 -4.47 -12.05
N ASP A 89 -12.93 -5.41 -11.78
CA ASP A 89 -11.88 -5.24 -10.78
C ASP A 89 -11.05 -3.98 -11.04
N LEU A 90 -10.63 -3.81 -12.30
CA LEU A 90 -9.84 -2.66 -12.72
C LEU A 90 -10.51 -1.33 -12.36
N ILE A 91 -11.74 -1.13 -12.87
CA ILE A 91 -12.50 0.09 -12.63
C ILE A 91 -12.75 0.31 -11.14
N ASN A 92 -13.04 -0.75 -10.42
CA ASN A 92 -13.32 -0.64 -9.00
C ASN A 92 -12.05 -0.35 -8.19
N ASN A 93 -11.05 -1.20 -8.32
CA ASN A 93 -9.82 -1.05 -7.58
C ASN A 93 -9.09 0.26 -7.86
N LEU A 94 -8.97 0.62 -9.12
CA LEU A 94 -8.26 1.82 -9.51
C LEU A 94 -9.20 2.85 -10.13
N GLY A 95 -9.74 3.76 -9.32
CA GLY A 95 -10.60 4.78 -9.87
C GLY A 95 -11.82 5.11 -9.01
N THR A 96 -12.91 4.38 -9.24
CA THR A 96 -14.17 4.60 -8.56
C THR A 96 -14.13 4.42 -7.04
N ILE A 97 -13.73 3.24 -6.58
CA ILE A 97 -13.70 2.98 -5.14
C ILE A 97 -12.77 3.94 -4.39
N ALA A 98 -13.37 4.74 -3.52
CA ALA A 98 -12.64 5.70 -2.70
C ALA A 98 -11.78 4.95 -1.67
N LYS A 99 -10.65 5.52 -1.34
CA LYS A 99 -9.73 4.90 -0.38
C LYS A 99 -9.50 5.81 0.83
N SER A 100 -9.79 5.29 2.02
CA SER A 100 -9.60 6.03 3.26
C SER A 100 -8.13 6.41 3.42
N GLY A 101 -7.25 5.57 2.89
CA GLY A 101 -5.82 5.84 2.95
C GLY A 101 -5.44 7.07 2.16
N THR A 102 -6.17 7.33 1.07
CA THR A 102 -5.92 8.49 0.23
C THR A 102 -6.19 9.76 1.02
N LYS A 103 -7.29 9.76 1.76
CA LYS A 103 -7.67 10.89 2.58
C LYS A 103 -6.63 11.13 3.67
N ALA A 104 -6.21 10.03 4.29
CA ALA A 104 -5.23 10.05 5.36
C ALA A 104 -3.86 10.51 4.90
N PHE A 105 -3.39 9.97 3.77
CA PHE A 105 -2.07 10.32 3.23
C PHE A 105 -1.92 11.83 3.07
N MET A 106 -2.93 12.45 2.46
CA MET A 106 -2.91 13.89 2.24
C MET A 106 -2.78 14.63 3.57
N GLU A 107 -3.60 14.23 4.54
CA GLU A 107 -3.59 14.85 5.86
C GLU A 107 -2.27 14.59 6.57
N ALA A 108 -1.76 13.37 6.39
CA ALA A 108 -0.51 12.93 6.99
C ALA A 108 0.63 13.86 6.60
N LEU A 109 0.69 14.18 5.31
CA LEU A 109 1.70 15.06 4.76
C LEU A 109 1.71 16.40 5.50
N GLN A 110 0.52 16.93 5.73
CA GLN A 110 0.36 18.20 6.44
C GLN A 110 0.94 18.11 7.86
N ALA A 111 0.72 16.98 8.50
CA ALA A 111 1.19 16.73 9.86
C ALA A 111 2.67 16.38 9.88
N GLY A 112 3.25 16.28 8.70
CA GLY A 112 4.65 15.94 8.58
C GLY A 112 4.83 14.45 8.35
N ALA A 113 4.76 14.06 7.09
CA ALA A 113 4.90 12.66 6.72
C ALA A 113 5.99 12.49 5.69
N ASP A 114 5.87 11.44 4.90
CA ASP A 114 6.85 11.14 3.87
C ASP A 114 6.21 10.37 2.74
N ILE A 115 6.96 10.14 1.71
CA ILE A 115 6.49 9.42 0.55
C ILE A 115 6.75 7.92 0.71
N SER A 116 7.49 7.55 1.75
CA SER A 116 7.80 6.14 1.99
C SER A 116 6.58 5.37 2.46
N MET A 117 5.54 6.09 2.85
CA MET A 117 4.32 5.45 3.34
C MET A 117 3.20 5.55 2.31
N ILE A 118 3.55 5.81 1.06
CA ILE A 118 2.55 5.93 0.01
C ILE A 118 1.79 4.61 -0.16
N GLY A 119 2.54 3.50 -0.28
CA GLY A 119 1.91 2.21 -0.43
C GLY A 119 1.34 1.67 0.87
N GLN A 120 1.76 2.26 1.97
CA GLN A 120 1.31 1.84 3.29
C GLN A 120 -0.14 2.20 3.52
N PHE A 121 -0.53 3.38 3.05
CA PHE A 121 -1.89 3.85 3.24
C PHE A 121 -2.85 3.21 2.24
N GLY A 122 -2.31 2.40 1.34
CA GLY A 122 -3.13 1.73 0.38
C GLY A 122 -2.98 2.29 -1.03
N VAL A 123 -2.46 3.51 -1.14
CA VAL A 123 -2.27 4.15 -2.43
C VAL A 123 -0.90 3.81 -3.02
N GLY A 124 -0.57 2.52 -3.01
CA GLY A 124 0.71 2.07 -3.52
C GLY A 124 0.70 1.84 -5.02
N PHE A 125 -0.32 2.32 -5.71
CA PHE A 125 -0.42 2.16 -7.15
C PHE A 125 -0.29 3.51 -7.87
N TYR A 126 -0.37 4.58 -7.10
CA TYR A 126 -0.33 5.92 -7.65
C TYR A 126 1.06 6.53 -7.52
N SER A 127 1.96 5.76 -6.94
CA SER A 127 3.33 6.20 -6.74
C SER A 127 4.07 6.21 -8.08
N ALA A 128 3.52 5.47 -9.05
CA ALA A 128 4.10 5.37 -10.39
C ALA A 128 4.08 6.72 -11.10
N TYR A 129 3.17 7.59 -10.69
CA TYR A 129 3.01 8.91 -11.31
C TYR A 129 4.23 9.81 -11.03
N LEU A 130 4.99 9.51 -9.99
CA LEU A 130 6.16 10.31 -9.63
C LEU A 130 7.27 10.17 -10.67
N VAL A 131 7.21 9.10 -11.46
CA VAL A 131 8.24 8.87 -12.46
C VAL A 131 7.65 8.85 -13.87
N ALA A 132 6.44 8.35 -13.99
CA ALA A 132 5.78 8.26 -15.29
C ALA A 132 4.98 9.52 -15.62
N GLU A 133 4.20 9.43 -16.70
CA GLU A 133 3.33 10.48 -17.16
C GLU A 133 2.02 9.86 -17.65
N LYS A 134 2.14 8.63 -18.14
CA LYS A 134 1.00 7.88 -18.62
C LYS A 134 1.06 6.45 -18.10
N VAL A 135 0.05 6.06 -17.35
CA VAL A 135 0.00 4.73 -16.79
C VAL A 135 -0.80 3.80 -17.69
N THR A 136 -0.25 2.62 -17.99
CA THR A 136 -0.91 1.63 -18.82
C THR A 136 -0.82 0.26 -18.16
N VAL A 137 -1.97 -0.37 -17.97
CA VAL A 137 -2.02 -1.68 -17.34
C VAL A 137 -2.85 -2.65 -18.19
N ILE A 138 -2.31 -3.83 -18.42
CA ILE A 138 -2.99 -4.89 -19.17
C ILE A 138 -3.00 -6.13 -18.29
N THR A 139 -4.16 -6.64 -17.94
CA THR A 139 -4.23 -7.79 -17.06
C THR A 139 -5.17 -8.83 -17.62
N LYS A 140 -4.95 -10.08 -17.24
CA LYS A 140 -5.77 -11.18 -17.71
C LYS A 140 -6.15 -12.10 -16.56
N HIS A 141 -7.41 -12.01 -16.15
CA HIS A 141 -7.92 -12.86 -15.08
C HIS A 141 -8.35 -14.20 -15.67
N ASN A 142 -8.37 -15.23 -14.84
CA ASN A 142 -8.75 -16.56 -15.32
C ASN A 142 -10.26 -16.65 -15.47
N ASP A 143 -10.95 -15.81 -14.74
CA ASP A 143 -12.40 -15.78 -14.76
C ASP A 143 -12.89 -14.55 -15.52
N ASP A 144 -12.12 -14.13 -16.52
CA ASP A 144 -12.44 -12.95 -17.32
C ASP A 144 -11.52 -12.88 -18.53
N GLU A 145 -11.66 -11.82 -19.32
CA GLU A 145 -10.84 -11.62 -20.53
C GLU A 145 -9.72 -10.61 -20.28
N GLN A 146 -9.00 -10.28 -21.35
CA GLN A 146 -7.90 -9.33 -21.27
C GLN A 146 -8.42 -7.93 -21.51
N TYR A 147 -8.20 -7.05 -20.55
CA TYR A 147 -8.67 -5.68 -20.67
C TYR A 147 -7.55 -4.70 -20.37
N ALA A 148 -7.58 -3.56 -21.05
CA ALA A 148 -6.56 -2.55 -20.86
C ALA A 148 -7.07 -1.40 -20.01
N TRP A 149 -6.18 -0.89 -19.19
CA TRP A 149 -6.48 0.23 -18.31
C TRP A 149 -5.40 1.28 -18.49
N GLU A 150 -5.75 2.40 -19.09
CA GLU A 150 -4.79 3.46 -19.29
C GLU A 150 -5.34 4.78 -18.83
N SER A 151 -4.47 5.60 -18.24
CA SER A 151 -4.84 6.91 -17.77
C SER A 151 -3.63 7.84 -17.84
N SER A 152 -3.81 9.03 -18.39
CA SER A 152 -2.72 9.98 -18.49
C SER A 152 -2.99 11.21 -17.62
N ALA A 153 -3.13 10.98 -16.30
CA ALA A 153 -3.39 12.05 -15.34
C ALA A 153 -4.74 12.74 -15.62
N GLY A 154 -4.82 14.02 -15.31
CA GLY A 154 -6.06 14.77 -15.53
C GLY A 154 -7.12 14.48 -14.50
N GLY A 155 -7.46 13.21 -14.38
CA GLY A 155 -8.47 12.78 -13.43
C GLY A 155 -9.46 11.83 -14.05
N SER A 156 -9.02 11.07 -15.04
CA SER A 156 -9.88 10.11 -15.70
C SER A 156 -9.07 8.93 -16.22
N PHE A 157 -9.75 7.80 -16.43
CA PHE A 157 -9.11 6.60 -16.93
C PHE A 157 -9.96 5.94 -18.02
N THR A 158 -9.32 5.15 -18.88
CA THR A 158 -10.03 4.51 -19.98
C THR A 158 -9.86 2.99 -19.98
N VAL A 159 -10.98 2.29 -19.85
CA VAL A 159 -10.98 0.84 -19.85
C VAL A 159 -11.49 0.35 -21.19
N ARG A 160 -10.79 -0.61 -21.79
CA ARG A 160 -11.17 -1.13 -23.10
C ARG A 160 -10.68 -2.57 -23.28
N THR A 161 -11.38 -3.32 -24.14
CA THR A 161 -11.00 -4.71 -24.42
C THR A 161 -9.67 -4.76 -25.18
N ASP A 162 -8.68 -5.40 -24.56
CA ASP A 162 -7.33 -5.50 -25.15
C ASP A 162 -7.35 -6.34 -26.41
N THR A 163 -6.88 -5.76 -27.50
CA THR A 163 -6.84 -6.42 -28.79
C THR A 163 -5.55 -7.23 -28.96
N GLY A 164 -4.46 -6.72 -28.39
CA GLY A 164 -3.16 -7.40 -28.45
C GLY A 164 -3.19 -8.90 -28.14
N GLU A 165 -2.06 -9.56 -28.37
CA GLU A 165 -1.94 -11.00 -28.15
C GLU A 165 -2.19 -11.35 -26.69
N PRO A 166 -2.81 -12.53 -26.44
CA PRO A 166 -3.12 -13.00 -25.10
C PRO A 166 -1.92 -13.10 -24.19
N MET A 167 -2.17 -12.99 -22.90
CA MET A 167 -1.13 -13.10 -21.91
C MET A 167 -1.30 -14.36 -21.10
N GLY A 168 -2.49 -14.99 -21.18
CA GLY A 168 -2.73 -16.19 -20.40
C GLY A 168 -3.37 -15.83 -19.09
N ARG A 169 -2.55 -15.28 -18.20
CA ARG A 169 -3.00 -14.83 -16.90
C ARG A 169 -1.89 -13.99 -16.31
N GLY A 170 -2.22 -13.04 -15.43
CA GLY A 170 -1.18 -12.21 -14.87
C GLY A 170 -1.49 -10.73 -14.98
N THR A 171 -0.56 -9.93 -14.48
CA THR A 171 -0.69 -8.49 -14.50
C THR A 171 0.53 -7.84 -15.15
N LYS A 172 0.29 -7.14 -16.24
CA LYS A 172 1.37 -6.46 -16.96
C LYS A 172 1.17 -4.96 -16.90
N VAL A 173 2.15 -4.28 -16.33
CA VAL A 173 2.07 -2.84 -16.20
C VAL A 173 3.21 -2.20 -16.97
N ILE A 174 2.89 -1.29 -17.87
CA ILE A 174 3.92 -0.60 -18.63
C ILE A 174 3.93 0.84 -18.19
N LEU A 175 5.05 1.31 -17.68
CA LEU A 175 5.13 2.66 -17.22
C LEU A 175 5.75 3.55 -18.29
N HIS A 176 5.06 4.64 -18.56
CA HIS A 176 5.51 5.63 -19.52
C HIS A 176 6.30 6.70 -18.78
N LEU A 177 7.58 6.39 -18.48
CA LEU A 177 8.48 7.28 -17.73
C LEU A 177 8.55 8.70 -18.30
N LYS A 178 8.86 9.66 -17.44
CA LYS A 178 8.97 11.06 -17.83
C LYS A 178 10.25 11.36 -18.59
N GLU A 179 10.25 12.49 -19.28
CA GLU A 179 11.41 12.91 -20.06
C GLU A 179 12.66 13.13 -19.21
N ASP A 180 12.49 13.47 -17.94
CA ASP A 180 13.64 13.72 -17.08
C ASP A 180 13.88 12.55 -16.14
N GLN A 181 13.17 11.45 -16.38
CA GLN A 181 13.30 10.26 -15.56
C GLN A 181 13.42 9.01 -16.42
N THR A 182 14.45 8.99 -17.28
CA THR A 182 14.70 7.86 -18.17
C THR A 182 15.66 6.88 -17.48
N GLU A 183 16.51 7.44 -16.63
CA GLU A 183 17.52 6.70 -15.84
C GLU A 183 16.97 5.40 -15.22
N TYR A 184 15.67 5.32 -15.00
CA TYR A 184 15.10 4.12 -14.43
C TYR A 184 14.99 3.00 -15.46
N LEU A 185 15.64 3.19 -16.60
CA LEU A 185 15.65 2.18 -17.65
C LEU A 185 17.01 1.48 -17.65
N GLU A 186 17.90 1.96 -16.79
CA GLU A 186 19.23 1.40 -16.65
C GLU A 186 19.20 0.20 -15.70
N GLU A 187 19.80 -0.90 -16.15
CA GLU A 187 19.84 -2.14 -15.38
C GLU A 187 20.48 -1.94 -13.99
N ARG A 188 21.61 -1.24 -13.93
CA ARG A 188 22.29 -0.98 -12.66
C ARG A 188 21.38 -0.16 -11.72
N ARG A 189 20.61 0.74 -12.32
CA ARG A 189 19.70 1.58 -11.57
C ARG A 189 18.55 0.74 -11.00
N ILE A 190 18.03 -0.17 -11.82
CA ILE A 190 16.93 -1.03 -11.38
C ILE A 190 17.42 -2.04 -10.33
N LYS A 191 18.57 -2.62 -10.59
CA LYS A 191 19.18 -3.60 -9.69
C LYS A 191 19.43 -2.96 -8.32
N GLU A 192 19.67 -1.66 -8.33
CA GLU A 192 19.92 -0.89 -7.12
C GLU A 192 18.66 -0.84 -6.26
N ILE A 193 17.52 -0.74 -6.92
CA ILE A 193 16.24 -0.68 -6.25
C ILE A 193 15.81 -2.04 -5.76
N VAL A 194 15.96 -3.03 -6.63
CA VAL A 194 15.59 -4.40 -6.31
C VAL A 194 16.34 -4.86 -5.06
N LYS A 195 17.66 -4.77 -5.10
CA LYS A 195 18.49 -5.17 -3.98
C LYS A 195 18.59 -4.04 -2.96
N LYS A 196 17.44 -3.70 -2.39
CA LYS A 196 17.36 -2.64 -1.40
C LYS A 196 15.98 -2.63 -0.76
N HIS A 197 14.95 -2.38 -1.57
CA HIS A 197 13.59 -2.34 -1.06
C HIS A 197 12.78 -3.57 -1.49
N SER A 198 13.14 -4.15 -2.62
CA SER A 198 12.42 -5.31 -3.12
C SER A 198 13.29 -6.57 -3.12
N GLN A 199 14.11 -6.73 -2.09
CA GLN A 199 14.99 -7.89 -2.00
C GLN A 199 14.41 -8.97 -1.09
N PHE A 200 13.24 -8.72 -0.51
CA PHE A 200 12.59 -9.67 0.38
C PHE A 200 11.43 -10.38 -0.31
N ILE A 201 11.46 -10.41 -1.63
CA ILE A 201 10.41 -11.04 -2.40
C ILE A 201 10.63 -12.55 -2.46
N GLY A 202 9.60 -13.32 -2.11
CA GLY A 202 9.70 -14.78 -2.11
C GLY A 202 9.30 -15.36 -3.45
N TYR A 203 9.63 -14.62 -4.50
CA TYR A 203 9.31 -15.00 -5.86
C TYR A 203 10.40 -14.49 -6.77
N PRO A 204 10.95 -15.35 -7.63
CA PRO A 204 12.00 -14.97 -8.55
C PRO A 204 11.63 -13.75 -9.41
N ILE A 205 12.56 -12.82 -9.51
CA ILE A 205 12.35 -11.62 -10.31
C ILE A 205 13.45 -11.53 -11.35
N THR A 206 13.08 -11.71 -12.59
CA THR A 206 14.06 -11.67 -13.67
C THR A 206 13.92 -10.41 -14.50
N LEU A 207 15.04 -9.72 -14.66
CA LEU A 207 15.10 -8.50 -15.43
C LEU A 207 15.60 -8.82 -16.83
N PHE A 208 15.03 -8.20 -17.85
CA PHE A 208 15.42 -8.48 -19.22
C PHE A 208 15.93 -7.24 -19.89
N VAL A 209 17.21 -6.99 -19.72
CA VAL A 209 17.84 -5.84 -20.32
C VAL A 209 18.21 -6.14 -21.76
N GLU A 210 18.19 -5.12 -22.60
CA GLU A 210 18.53 -5.29 -24.00
C GLU A 210 20.02 -5.59 -24.14
N HIS B 1 8.82 7.84 30.85
CA HIS B 1 7.80 8.11 29.80
C HIS B 1 8.09 9.44 29.08
N LYS B 2 8.53 10.45 29.84
CA LYS B 2 8.82 11.79 29.32
C LYS B 2 10.00 11.85 28.34
N THR B 3 11.11 11.20 28.68
CA THR B 3 12.32 11.24 27.83
C THR B 3 12.10 10.52 26.50
N PHE B 4 11.43 9.38 26.52
CA PHE B 4 11.18 8.60 25.30
C PHE B 4 10.40 9.43 24.28
N VAL B 5 9.35 10.10 24.75
CA VAL B 5 8.53 10.94 23.89
C VAL B 5 9.38 11.96 23.13
N GLU B 6 9.99 12.87 23.87
CA GLU B 6 10.82 13.91 23.28
C GLU B 6 12.21 13.37 22.90
N LYS B 7 12.22 12.26 22.18
CA LYS B 7 13.45 11.60 21.74
C LYS B 7 13.19 10.78 20.46
N TYR B 8 12.07 10.07 20.45
CA TYR B 8 11.71 9.25 19.30
C TYR B 8 10.36 9.68 18.73
N GLU B 9 9.89 10.86 19.13
CA GLU B 9 8.60 11.37 18.66
C GLU B 9 8.52 11.38 17.12
N LYS B 10 9.57 11.89 16.47
CA LYS B 10 9.59 11.95 15.01
C LYS B 10 9.59 10.54 14.39
N GLN B 11 9.98 9.56 15.19
CA GLN B 11 10.01 8.17 14.74
C GLN B 11 8.65 7.53 14.99
N ILE B 12 8.06 7.88 16.13
CA ILE B 12 6.74 7.37 16.52
C ILE B 12 5.69 7.81 15.50
N LYS B 13 5.78 9.08 15.12
CA LYS B 13 4.85 9.64 14.14
C LYS B 13 5.03 8.96 12.79
N HIS B 14 6.27 8.59 12.48
CA HIS B 14 6.59 7.94 11.22
C HIS B 14 6.14 6.48 11.24
N PHE B 15 5.83 6.00 12.43
CA PHE B 15 5.39 4.63 12.62
C PHE B 15 3.88 4.52 12.55
N GLY B 16 3.17 5.44 13.20
CA GLY B 16 1.72 5.39 13.18
C GLY B 16 1.12 5.69 11.83
N MET B 17 1.93 6.26 10.96
CA MET B 17 1.48 6.60 9.61
C MET B 17 1.64 5.41 8.64
N LEU B 18 1.29 4.21 9.08
CA LEU B 18 1.39 3.02 8.24
C LEU B 18 0.06 2.26 8.27
N ARG B 19 -0.13 1.30 7.38
CA ARG B 19 -1.37 0.56 7.36
C ARG B 19 -1.20 -0.86 6.78
N ARG B 20 0.01 -1.20 6.37
CA ARG B 20 0.27 -2.54 5.82
C ARG B 20 0.57 -3.52 6.96
N TRP B 21 0.85 -4.77 6.63
CA TRP B 21 1.09 -5.78 7.66
C TRP B 21 2.58 -6.14 7.84
N ASP B 22 3.18 -6.79 6.85
CA ASP B 22 4.58 -7.23 6.94
C ASP B 22 5.54 -6.06 6.87
N ASP B 23 5.15 -5.01 6.15
CA ASP B 23 5.99 -3.82 6.04
C ASP B 23 6.15 -3.19 7.41
N SER B 24 5.04 -3.15 8.14
CA SER B 24 5.04 -2.60 9.47
C SER B 24 5.84 -3.49 10.41
N GLN B 25 5.82 -4.80 10.11
CA GLN B 25 6.55 -5.77 10.90
C GLN B 25 8.03 -5.50 10.86
N LYS B 26 8.54 -5.24 9.66
CA LYS B 26 9.95 -4.93 9.47
C LYS B 26 10.29 -3.61 10.15
N TYR B 27 9.35 -2.66 10.10
CA TYR B 27 9.55 -1.35 10.71
C TYR B 27 9.85 -1.51 12.20
N LEU B 28 9.16 -2.44 12.84
CA LEU B 28 9.35 -2.68 14.27
C LEU B 28 10.57 -3.56 14.53
N SER B 29 11.10 -4.14 13.48
CA SER B 29 12.29 -4.98 13.59
C SER B 29 13.53 -4.10 13.51
N ASP B 30 13.45 -3.06 12.69
CA ASP B 30 14.54 -2.12 12.52
C ASP B 30 14.47 -1.11 13.64
N ASN B 31 13.26 -0.93 14.16
CA ASN B 31 13.03 0.01 15.24
C ASN B 31 12.39 -0.69 16.42
N VAL B 32 13.09 -1.71 16.94
CA VAL B 32 12.60 -2.51 18.07
C VAL B 32 12.45 -1.67 19.34
N HIS B 33 13.17 -0.56 19.38
CA HIS B 33 13.13 0.33 20.53
C HIS B 33 11.79 1.05 20.60
N LEU B 34 11.00 0.97 19.52
CA LEU B 34 9.69 1.61 19.48
C LEU B 34 8.59 0.71 20.05
N VAL B 35 8.94 -0.53 20.38
CA VAL B 35 7.98 -1.46 20.96
C VAL B 35 7.84 -1.20 22.47
N CYS B 36 7.15 -0.15 22.83
CA CYS B 36 6.98 0.21 24.23
C CYS B 36 5.58 0.78 24.47
N GLU B 37 5.27 1.06 25.72
CA GLU B 37 3.97 1.61 26.08
C GLU B 37 3.84 3.04 25.58
N GLU B 38 4.89 3.82 25.77
CA GLU B 38 4.96 5.21 25.34
C GLU B 38 4.44 5.40 23.91
N THR B 39 4.82 4.47 23.03
CA THR B 39 4.38 4.52 21.66
C THR B 39 2.85 4.48 21.57
N ALA B 40 2.27 3.47 22.22
CA ALA B 40 0.83 3.28 22.23
C ALA B 40 0.12 4.48 22.87
N ASN B 41 0.64 4.93 24.01
CA ASN B 41 0.07 6.05 24.74
C ASN B 41 0.07 7.31 23.88
N TYR B 42 1.19 7.57 23.21
CA TYR B 42 1.33 8.75 22.36
C TYR B 42 0.41 8.66 21.16
N LEU B 43 0.31 7.48 20.57
CA LEU B 43 -0.56 7.27 19.43
C LEU B 43 -2.00 7.68 19.73
N VAL B 44 -2.46 7.34 20.93
CA VAL B 44 -3.82 7.70 21.35
C VAL B 44 -3.94 9.21 21.40
N ILE B 45 -3.11 9.82 22.24
CA ILE B 45 -3.05 11.27 22.37
C ILE B 45 -3.12 11.96 21.00
N TRP B 46 -2.33 11.45 20.05
CA TRP B 46 -2.29 12.00 18.70
C TRP B 46 -3.64 11.79 18.01
N CYS B 47 -4.15 10.57 18.09
CA CYS B 47 -5.46 10.24 17.52
C CYS B 47 -6.53 11.23 17.99
N ILE B 48 -6.52 11.49 19.29
CA ILE B 48 -7.47 12.41 19.91
C ILE B 48 -7.33 13.82 19.34
N ASP B 49 -6.10 14.30 19.30
CA ASP B 49 -5.83 15.65 18.80
C ASP B 49 -6.23 15.75 17.32
N LEU B 50 -5.99 14.69 16.57
CA LEU B 50 -6.33 14.66 15.16
C LEU B 50 -7.83 14.84 14.96
N GLU B 51 -8.61 14.08 15.73
CA GLU B 51 -10.07 14.13 15.63
C GLU B 51 -10.58 15.55 15.87
N VAL B 52 -10.03 16.21 16.90
CA VAL B 52 -10.41 17.57 17.25
C VAL B 52 -10.19 18.53 16.08
N GLU B 53 -9.07 18.36 15.40
CA GLU B 53 -8.70 19.21 14.28
C GLU B 53 -9.36 18.74 12.98
N GLU B 54 -10.39 17.91 13.11
CA GLU B 54 -11.15 17.39 11.97
C GLU B 54 -10.29 16.49 11.08
N LYS B 55 -9.17 16.04 11.60
CA LYS B 55 -8.28 15.17 10.83
C LYS B 55 -8.63 13.71 11.12
N CYS B 56 -9.92 13.39 11.08
CA CYS B 56 -10.43 12.03 11.37
C CYS B 56 -10.19 11.05 10.21
N ALA B 57 -9.54 11.53 9.16
CA ALA B 57 -9.24 10.69 8.02
C ALA B 57 -7.98 9.91 8.34
N LEU B 58 -7.07 10.57 9.06
CA LEU B 58 -5.84 9.95 9.47
C LEU B 58 -6.04 9.20 10.78
N MET B 59 -6.98 9.68 11.61
CA MET B 59 -7.28 9.05 12.90
C MET B 59 -7.60 7.56 12.73
N GLU B 60 -8.45 7.23 11.74
CA GLU B 60 -8.82 5.84 11.47
C GLU B 60 -7.60 4.98 11.10
N GLN B 61 -6.61 5.61 10.48
CA GLN B 61 -5.41 4.90 10.03
C GLN B 61 -4.43 4.73 11.17
N VAL B 62 -4.34 5.75 12.00
CA VAL B 62 -3.45 5.71 13.15
C VAL B 62 -3.93 4.67 14.13
N ALA B 63 -5.26 4.47 14.19
CA ALA B 63 -5.83 3.47 15.08
C ALA B 63 -5.34 2.08 14.71
N HIS B 64 -5.03 1.88 13.42
CA HIS B 64 -4.53 0.60 12.92
C HIS B 64 -3.09 0.39 13.41
N GLN B 65 -2.56 1.39 14.08
CA GLN B 65 -1.20 1.37 14.59
C GLN B 65 -1.22 1.39 16.10
N THR B 66 -2.10 2.20 16.67
CA THR B 66 -2.26 2.29 18.12
C THR B 66 -2.71 0.95 18.70
N ILE B 67 -3.70 0.34 18.05
CA ILE B 67 -4.25 -0.94 18.47
C ILE B 67 -3.22 -2.07 18.31
N VAL B 68 -2.44 -2.01 17.23
CA VAL B 68 -1.42 -3.04 16.99
C VAL B 68 -0.37 -3.02 18.11
N MET B 69 -0.03 -1.83 18.58
CA MET B 69 0.96 -1.67 19.64
C MET B 69 0.36 -2.16 20.96
N GLN B 70 -0.88 -1.75 21.22
CA GLN B 70 -1.59 -2.14 22.44
C GLN B 70 -1.76 -3.65 22.48
N PHE B 71 -2.20 -4.23 21.36
CA PHE B 71 -2.40 -5.66 21.24
C PHE B 71 -1.10 -6.42 21.53
N ILE B 72 0.01 -5.96 20.92
CA ILE B 72 1.31 -6.59 21.15
C ILE B 72 1.65 -6.56 22.64
N LEU B 73 1.45 -5.40 23.26
CA LEU B 73 1.72 -5.19 24.67
C LEU B 73 0.91 -6.18 25.50
N GLU B 74 -0.37 -6.27 25.20
CA GLU B 74 -1.27 -7.21 25.90
C GLU B 74 -0.80 -8.65 25.69
N LEU B 75 -0.64 -9.01 24.42
CA LEU B 75 -0.16 -10.34 24.02
C LEU B 75 1.11 -10.72 24.79
N ALA B 76 2.12 -9.85 24.72
CA ALA B 76 3.39 -10.05 25.39
C ALA B 76 3.21 -10.19 26.91
N LYS B 77 2.29 -9.40 27.46
CA LYS B 77 2.03 -9.42 28.88
C LYS B 77 1.40 -10.74 29.31
N SER B 78 0.46 -11.23 28.52
CA SER B 78 -0.19 -12.51 28.82
C SER B 78 0.83 -13.65 28.76
N LEU B 79 1.75 -13.55 27.82
CA LEU B 79 2.79 -14.54 27.65
C LEU B 79 3.87 -14.33 28.72
N LYS B 80 3.83 -13.16 29.37
CA LYS B 80 4.77 -12.78 30.42
C LYS B 80 6.19 -12.65 29.87
N VAL B 81 6.29 -12.36 28.57
CA VAL B 81 7.58 -12.18 27.92
C VAL B 81 7.73 -10.74 27.50
N ASP B 82 8.96 -10.28 27.34
CA ASP B 82 9.20 -8.91 26.92
C ASP B 82 8.62 -8.70 25.53
N PRO B 83 7.84 -7.63 25.33
CA PRO B 83 7.21 -7.31 24.05
C PRO B 83 8.20 -7.37 22.88
N ARG B 84 9.38 -6.80 23.09
CA ARG B 84 10.44 -6.79 22.07
C ARG B 84 10.91 -8.20 21.67
N ALA B 85 10.46 -9.21 22.40
CA ALA B 85 10.81 -10.60 22.11
C ALA B 85 9.64 -11.34 21.46
N CYS B 86 8.44 -10.80 21.64
CA CYS B 86 7.23 -11.43 21.11
C CYS B 86 6.31 -10.42 20.42
N PHE B 87 6.85 -9.67 19.46
CA PHE B 87 6.07 -8.69 18.74
C PHE B 87 5.80 -9.13 17.30
N ARG B 88 6.60 -10.07 16.80
CA ARG B 88 6.45 -10.56 15.43
C ARG B 88 5.32 -11.59 15.30
N GLN B 89 5.07 -12.35 16.36
CA GLN B 89 4.01 -13.36 16.33
C GLN B 89 2.64 -12.70 16.16
N PHE B 90 2.54 -11.43 16.53
CA PHE B 90 1.30 -10.72 16.39
C PHE B 90 0.92 -10.66 14.92
N PHE B 91 1.88 -10.29 14.07
CA PHE B 91 1.66 -10.19 12.64
C PHE B 91 1.40 -11.58 12.02
N THR B 92 1.75 -12.62 12.75
CA THR B 92 1.54 -13.98 12.29
C THR B 92 0.13 -14.43 12.67
N LYS B 93 -0.33 -13.96 13.82
CA LYS B 93 -1.64 -14.30 14.34
C LYS B 93 -2.74 -13.71 13.46
N ILE B 94 -2.40 -12.69 12.71
CA ILE B 94 -3.36 -12.05 11.83
C ILE B 94 -3.48 -12.81 10.52
N LYS B 95 -2.51 -13.70 10.24
CA LYS B 95 -2.52 -14.48 8.99
C LYS B 95 -3.20 -15.84 9.19
N THR B 96 -3.17 -16.27 10.44
CA THR B 96 -3.82 -17.52 10.85
C THR B 96 -5.21 -17.62 10.19
N ALA B 97 -5.66 -18.83 9.81
CA ALA B 97 -6.95 -18.95 9.12
C ALA B 97 -8.12 -18.55 9.99
N ASP B 98 -7.99 -18.74 11.30
CA ASP B 98 -9.05 -18.34 12.23
C ASP B 98 -9.24 -16.83 12.22
N ARG B 99 -10.37 -16.39 11.67
CA ARG B 99 -10.68 -14.97 11.58
C ARG B 99 -11.04 -14.40 12.94
N GLN B 100 -11.25 -15.26 13.93
CA GLN B 100 -11.60 -14.85 15.28
C GLN B 100 -10.61 -13.82 15.84
N TYR B 101 -9.31 -14.06 15.64
CA TYR B 101 -8.29 -13.14 16.13
C TYR B 101 -8.43 -11.79 15.41
N MET B 102 -8.60 -11.85 14.09
CA MET B 102 -8.75 -10.65 13.27
C MET B 102 -10.00 -9.86 13.66
N GLU B 103 -11.07 -10.59 13.98
CA GLU B 103 -12.32 -9.98 14.40
C GLU B 103 -12.16 -9.30 15.76
N GLY B 104 -11.53 -10.01 16.67
CA GLY B 104 -11.29 -9.48 18.01
C GLY B 104 -10.42 -8.23 17.95
N PHE B 105 -9.51 -8.23 16.98
CA PHE B 105 -8.60 -7.11 16.76
C PHE B 105 -9.36 -5.92 16.18
N ASN B 106 -10.13 -6.18 15.13
CA ASN B 106 -10.92 -5.15 14.46
C ASN B 106 -11.99 -4.58 15.37
N ASP B 107 -12.59 -5.42 16.21
CA ASP B 107 -13.64 -4.98 17.13
C ASP B 107 -13.12 -3.90 18.06
N GLU B 108 -11.94 -4.13 18.63
CA GLU B 108 -11.34 -3.18 19.54
C GLU B 108 -10.94 -1.93 18.76
N LEU B 109 -10.47 -2.12 17.52
CA LEU B 109 -10.08 -1.02 16.65
C LEU B 109 -11.25 -0.05 16.45
N GLU B 110 -12.41 -0.60 16.12
CA GLU B 110 -13.60 0.22 15.92
C GLU B 110 -14.00 0.90 17.23
N ALA B 111 -14.08 0.10 18.29
CA ALA B 111 -14.46 0.61 19.61
C ALA B 111 -13.50 1.70 20.11
N PHE B 112 -12.20 1.49 19.86
CA PHE B 112 -11.17 2.44 20.27
C PHE B 112 -11.42 3.80 19.64
N LYS B 113 -11.70 3.77 18.35
CA LYS B 113 -11.94 4.98 17.60
C LYS B 113 -13.17 5.70 18.14
N GLU B 114 -14.17 4.91 18.53
CA GLU B 114 -15.39 5.45 19.09
C GLU B 114 -15.08 6.15 20.41
N ARG B 115 -14.15 5.56 21.17
CA ARG B 115 -13.70 6.12 22.43
C ARG B 115 -12.97 7.43 22.19
N VAL B 116 -12.15 7.46 21.15
CA VAL B 116 -11.38 8.65 20.78
C VAL B 116 -12.30 9.81 20.38
N ARG B 117 -13.34 9.50 19.60
CA ARG B 117 -14.29 10.52 19.16
C ARG B 117 -14.92 11.20 20.37
N GLY B 118 -15.16 10.38 21.39
CA GLY B 118 -15.74 10.89 22.62
C GLY B 118 -14.79 11.78 23.39
N ARG B 119 -13.51 11.43 23.38
CA ARG B 119 -12.51 12.21 24.08
C ARG B 119 -12.36 13.57 23.43
N ALA B 120 -12.49 13.60 22.11
CA ALA B 120 -12.40 14.84 21.36
C ALA B 120 -13.54 15.76 21.76
N LYS B 121 -14.71 15.16 21.94
CA LYS B 121 -15.91 15.89 22.34
C LYS B 121 -15.74 16.51 23.72
N LEU B 122 -15.15 15.78 24.65
CA LEU B 122 -14.95 16.29 26.00
C LEU B 122 -14.00 17.48 25.98
N ARG B 123 -12.91 17.35 25.24
CA ARG B 123 -11.92 18.42 25.11
C ARG B 123 -12.56 19.70 24.59
N ILE B 124 -13.33 19.61 23.51
CA ILE B 124 -13.97 20.81 22.95
C ILE B 124 -15.02 21.37 23.88
N GLU B 125 -15.77 20.50 24.57
CA GLU B 125 -16.81 20.96 25.47
C GLU B 125 -16.22 21.55 26.73
N LYS B 126 -14.94 21.31 26.96
CA LYS B 126 -14.27 21.83 28.15
C LYS B 126 -13.84 23.27 27.91
N ALA B 127 -13.76 23.65 26.65
CA ALA B 127 -13.35 24.99 26.27
C ALA B 127 -14.53 25.79 25.76
N MET B 128 -15.46 25.09 25.13
CA MET B 128 -16.64 25.70 24.55
C MET B 128 -17.51 26.37 25.61
N LYS B 129 -18.01 25.58 26.55
CA LYS B 129 -18.86 26.11 27.61
C LYS B 129 -18.00 26.45 28.81
N GLU A 1 -13.37 -2.14 -35.24
CA GLU A 1 -13.98 -1.25 -34.23
C GLU A 1 -13.44 -1.58 -32.84
N GLU A 2 -13.02 -0.56 -32.12
CA GLU A 2 -12.49 -0.74 -30.77
C GLU A 2 -13.26 0.10 -29.76
N GLU A 3 -13.83 -0.58 -28.77
CA GLU A 3 -14.59 0.06 -27.71
C GLU A 3 -13.65 0.70 -26.68
N VAL A 4 -13.77 2.00 -26.51
CA VAL A 4 -12.94 2.74 -25.56
C VAL A 4 -13.81 3.49 -24.57
N GLU A 5 -13.80 3.04 -23.33
CA GLU A 5 -14.59 3.68 -22.29
C GLU A 5 -13.72 4.65 -21.49
N THR A 6 -14.10 5.92 -21.49
CA THR A 6 -13.36 6.94 -20.78
C THR A 6 -14.10 7.41 -19.53
N PHE A 7 -13.54 7.13 -18.36
CA PHE A 7 -14.16 7.54 -17.11
C PHE A 7 -13.23 8.46 -16.33
N ALA A 8 -13.80 9.28 -15.48
CA ALA A 8 -13.03 10.23 -14.68
C ALA A 8 -12.70 9.68 -13.30
N PHE A 9 -11.55 10.07 -12.78
CA PHE A 9 -11.12 9.64 -11.45
C PHE A 9 -11.91 10.41 -10.39
N GLN A 10 -12.14 9.79 -9.23
CA GLN A 10 -12.85 10.46 -8.16
C GLN A 10 -12.08 11.72 -7.74
N ALA A 11 -12.81 12.71 -7.23
CA ALA A 11 -12.21 13.99 -6.82
C ALA A 11 -10.97 13.81 -5.97
N GLU A 12 -11.08 13.05 -4.89
CA GLU A 12 -9.96 12.81 -3.98
C GLU A 12 -8.77 12.17 -4.72
N ILE A 13 -9.07 11.16 -5.54
CA ILE A 13 -8.04 10.48 -6.29
C ILE A 13 -7.39 11.40 -7.32
N ALA A 14 -8.23 12.12 -8.07
CA ALA A 14 -7.75 13.04 -9.09
C ALA A 14 -6.86 14.12 -8.48
N GLN A 15 -7.31 14.67 -7.34
CA GLN A 15 -6.55 15.69 -6.64
C GLN A 15 -5.19 15.15 -6.21
N LEU A 16 -5.20 13.97 -5.59
CA LEU A 16 -3.97 13.34 -5.13
C LEU A 16 -3.05 13.03 -6.30
N MET A 17 -3.63 12.54 -7.38
CA MET A 17 -2.85 12.20 -8.57
C MET A 17 -2.15 13.45 -9.11
N SER A 18 -2.87 14.56 -9.12
CA SER A 18 -2.33 15.81 -9.60
C SER A 18 -1.25 16.33 -8.65
N LEU A 19 -1.50 16.18 -7.36
CA LEU A 19 -0.55 16.63 -6.34
C LEU A 19 0.74 15.84 -6.42
N ILE A 20 0.64 14.53 -6.60
CA ILE A 20 1.80 13.65 -6.68
C ILE A 20 2.70 14.03 -7.86
N ILE A 21 2.08 14.47 -8.94
CA ILE A 21 2.82 14.87 -10.13
C ILE A 21 3.41 16.27 -9.96
N ASN A 22 2.66 17.17 -9.33
CA ASN A 22 3.11 18.54 -9.14
C ASN A 22 4.15 18.68 -8.02
N THR A 23 4.01 17.89 -6.96
CA THR A 23 4.94 17.96 -5.86
C THR A 23 6.18 17.11 -6.12
N PHE A 24 7.32 17.76 -6.12
CA PHE A 24 8.58 17.07 -6.36
C PHE A 24 9.13 16.53 -5.05
N TYR A 25 9.22 15.21 -4.96
CA TYR A 25 9.74 14.56 -3.77
C TYR A 25 11.19 14.15 -3.97
N SER A 26 11.73 13.38 -3.04
CA SER A 26 13.11 12.95 -3.11
C SER A 26 13.19 11.46 -3.48
N ASN A 27 12.71 10.63 -2.56
CA ASN A 27 12.70 9.18 -2.76
C ASN A 27 11.63 8.84 -3.78
N LYS A 28 12.05 8.46 -4.97
CA LYS A 28 11.10 8.13 -6.01
C LYS A 28 10.99 6.63 -6.27
N GLU A 29 12.08 5.87 -6.11
CA GLU A 29 12.05 4.42 -6.35
C GLU A 29 11.01 3.65 -5.55
N ILE A 30 10.38 4.30 -4.58
CA ILE A 30 9.36 3.64 -3.77
C ILE A 30 8.24 3.10 -4.66
N PHE A 31 8.05 3.73 -5.81
CA PHE A 31 7.02 3.34 -6.76
C PHE A 31 7.21 1.89 -7.22
N LEU A 32 8.47 1.46 -7.33
CA LEU A 32 8.76 0.11 -7.79
C LEU A 32 8.41 -0.91 -6.73
N ARG A 33 8.62 -0.57 -5.47
CA ARG A 33 8.32 -1.49 -4.39
C ARG A 33 6.81 -1.65 -4.25
N GLU A 34 6.10 -0.52 -4.27
CA GLU A 34 4.66 -0.53 -4.15
C GLU A 34 4.05 -1.38 -5.26
N LEU A 35 4.54 -1.18 -6.49
CA LEU A 35 4.04 -1.93 -7.63
C LEU A 35 4.35 -3.41 -7.48
N ILE A 36 5.60 -3.74 -7.17
CA ILE A 36 6.01 -5.14 -6.99
C ILE A 36 5.22 -5.79 -5.85
N SER A 37 4.92 -5.03 -4.81
CA SER A 37 4.17 -5.55 -3.68
C SER A 37 2.77 -5.96 -4.14
N ASN A 38 2.21 -5.19 -5.07
CA ASN A 38 0.89 -5.48 -5.61
C ASN A 38 0.94 -6.75 -6.44
N SER A 39 2.07 -6.96 -7.09
CA SER A 39 2.28 -8.13 -7.91
C SER A 39 2.29 -9.40 -7.07
N SER A 40 2.96 -9.37 -5.91
CA SER A 40 3.02 -10.53 -5.05
C SER A 40 1.66 -10.84 -4.45
N ASP A 41 0.84 -9.80 -4.27
CA ASP A 41 -0.49 -9.97 -3.69
C ASP A 41 -1.37 -10.74 -4.66
N ALA A 42 -1.24 -10.42 -5.94
CA ALA A 42 -2.02 -11.10 -6.98
C ALA A 42 -1.61 -12.56 -7.08
N LEU A 43 -0.35 -12.84 -6.79
CA LEU A 43 0.17 -14.20 -6.82
C LEU A 43 -0.37 -14.99 -5.63
N ASP A 44 -0.22 -14.41 -4.46
CA ASP A 44 -0.74 -15.03 -3.24
C ASP A 44 -2.24 -15.31 -3.40
N LYS A 45 -2.95 -14.35 -3.98
CA LYS A 45 -4.38 -14.47 -4.21
C LYS A 45 -4.72 -15.62 -5.17
N ILE A 46 -3.99 -15.72 -6.29
CA ILE A 46 -4.27 -16.81 -7.23
C ILE A 46 -4.02 -18.16 -6.57
N ARG A 47 -2.89 -18.29 -5.85
CA ARG A 47 -2.58 -19.52 -5.13
C ARG A 47 -3.78 -20.03 -4.32
N TYR A 48 -4.20 -19.29 -3.30
CA TYR A 48 -5.36 -19.67 -2.48
C TYR A 48 -6.54 -20.13 -3.34
N GLU A 49 -6.77 -19.44 -4.44
CA GLU A 49 -7.86 -19.78 -5.35
C GLU A 49 -7.64 -21.14 -6.01
N THR A 50 -6.41 -21.40 -6.45
CA THR A 50 -6.10 -22.65 -7.12
C THR A 50 -6.07 -23.81 -6.12
N LEU A 51 -5.88 -23.49 -4.85
CA LEU A 51 -5.88 -24.51 -3.81
C LEU A 51 -7.30 -25.04 -3.65
N THR A 52 -8.26 -24.16 -3.89
CA THR A 52 -9.67 -24.51 -3.80
C THR A 52 -10.12 -25.13 -5.12
N ASP A 53 -9.70 -24.52 -6.23
CA ASP A 53 -10.05 -25.00 -7.56
C ASP A 53 -8.82 -24.97 -8.47
N PRO A 54 -8.23 -26.15 -8.71
CA PRO A 54 -7.04 -26.27 -9.56
C PRO A 54 -7.30 -25.92 -11.04
N SER A 55 -8.57 -25.86 -11.42
CA SER A 55 -8.92 -25.53 -12.81
C SER A 55 -8.39 -24.16 -13.21
N LYS A 56 -8.19 -23.27 -12.24
CA LYS A 56 -7.67 -21.93 -12.52
C LYS A 56 -6.19 -21.99 -12.89
N LEU A 57 -5.58 -23.17 -12.73
CA LEU A 57 -4.17 -23.36 -13.06
C LEU A 57 -4.01 -23.62 -14.56
N ASP A 58 -5.14 -23.75 -15.24
CA ASP A 58 -5.15 -23.97 -16.70
C ASP A 58 -4.64 -22.71 -17.40
N SER A 59 -4.63 -21.62 -16.65
CA SER A 59 -4.18 -20.32 -17.14
C SER A 59 -2.71 -20.09 -16.77
N GLY A 60 -2.00 -21.17 -16.45
CA GLY A 60 -0.60 -21.06 -16.09
C GLY A 60 -0.35 -21.37 -14.62
N LYS A 61 0.66 -22.19 -14.35
CA LYS A 61 1.02 -22.57 -12.99
C LYS A 61 2.23 -21.78 -12.52
N GLU A 62 2.71 -20.87 -13.36
CA GLU A 62 3.88 -20.07 -13.04
C GLU A 62 3.52 -18.99 -12.01
N LEU A 63 4.44 -18.78 -11.08
CA LEU A 63 4.26 -17.77 -10.05
C LEU A 63 5.51 -16.94 -9.90
N HIS A 64 5.63 -15.88 -10.71
CA HIS A 64 6.82 -15.03 -10.67
C HIS A 64 6.53 -13.66 -11.25
N ILE A 65 7.38 -12.70 -10.91
CA ILE A 65 7.26 -11.34 -11.40
C ILE A 65 8.43 -11.07 -12.35
N ASN A 66 8.15 -10.51 -13.51
CA ASN A 66 9.20 -10.23 -14.48
C ASN A 66 9.35 -8.73 -14.68
N LEU A 67 10.59 -8.26 -14.69
CA LEU A 67 10.89 -6.85 -14.90
C LEU A 67 11.58 -6.69 -16.26
N ILE A 68 10.90 -6.05 -17.19
CA ILE A 68 11.44 -5.87 -18.52
C ILE A 68 11.59 -4.40 -18.88
N PRO A 69 12.82 -3.85 -18.75
CA PRO A 69 13.11 -2.46 -19.09
C PRO A 69 13.37 -2.34 -20.58
N ASN A 70 13.57 -1.12 -21.06
CA ASN A 70 13.81 -0.91 -22.49
C ASN A 70 14.26 0.52 -22.73
N LYS A 71 15.54 0.71 -23.06
CA LYS A 71 16.08 2.04 -23.29
C LYS A 71 15.70 2.54 -24.69
N GLN A 72 15.20 1.64 -25.53
CA GLN A 72 14.79 1.99 -26.88
C GLN A 72 13.42 2.66 -26.85
N ASP A 73 12.48 2.02 -26.20
CA ASP A 73 11.11 2.55 -26.11
C ASP A 73 10.94 3.46 -24.90
N ARG A 74 11.88 3.39 -23.96
CA ARG A 74 11.86 4.21 -22.74
C ARG A 74 10.67 3.84 -21.86
N THR A 75 10.36 2.56 -21.78
CA THR A 75 9.25 2.08 -20.98
C THR A 75 9.70 0.99 -20.01
N LEU A 76 9.08 0.96 -18.84
CA LEU A 76 9.39 -0.04 -17.84
C LEU A 76 8.20 -0.98 -17.67
N THR A 77 8.31 -2.16 -18.25
CA THR A 77 7.25 -3.15 -18.17
C THR A 77 7.41 -4.07 -16.96
N ILE A 78 6.31 -4.37 -16.32
CA ILE A 78 6.29 -5.25 -15.16
C ILE A 78 5.17 -6.27 -15.35
N VAL A 79 5.51 -7.54 -15.30
CA VAL A 79 4.53 -8.61 -15.49
C VAL A 79 4.48 -9.55 -14.30
N ASP A 80 3.28 -9.90 -13.85
CA ASP A 80 3.08 -10.81 -12.73
C ASP A 80 2.09 -11.88 -13.17
N THR A 81 2.36 -13.13 -12.85
CA THR A 81 1.49 -14.23 -13.26
C THR A 81 0.30 -14.48 -12.32
N GLY A 82 -0.12 -13.49 -11.53
CA GLY A 82 -1.28 -13.65 -10.65
C GLY A 82 -2.56 -13.83 -11.44
N ILE A 83 -3.72 -13.77 -10.80
CA ILE A 83 -4.98 -13.95 -11.51
C ILE A 83 -5.41 -12.68 -12.24
N GLY A 84 -4.66 -11.60 -12.04
CA GLY A 84 -4.99 -10.34 -12.68
C GLY A 84 -6.31 -9.76 -12.20
N MET A 85 -6.91 -8.89 -13.00
CA MET A 85 -8.17 -8.25 -12.64
C MET A 85 -9.17 -8.32 -13.79
N THR A 86 -10.42 -8.01 -13.49
CA THR A 86 -11.47 -8.01 -14.48
C THR A 86 -11.67 -6.60 -15.03
N LYS A 87 -12.51 -6.46 -16.04
CA LYS A 87 -12.78 -5.13 -16.60
C LYS A 87 -13.46 -4.27 -15.55
N ALA A 88 -14.33 -4.91 -14.78
CA ALA A 88 -15.05 -4.24 -13.71
C ALA A 88 -14.07 -3.79 -12.64
N ASP A 89 -13.14 -4.67 -12.29
CA ASP A 89 -12.12 -4.37 -11.29
C ASP A 89 -11.30 -3.15 -11.69
N LEU A 90 -10.87 -3.13 -12.94
CA LEU A 90 -10.04 -2.05 -13.46
C LEU A 90 -10.75 -0.69 -13.40
N ILE A 91 -12.02 -0.68 -13.74
CA ILE A 91 -12.78 0.57 -13.75
C ILE A 91 -13.29 0.96 -12.36
N ASN A 92 -13.61 -0.02 -11.54
CA ASN A 92 -14.17 0.24 -10.23
C ASN A 92 -13.12 0.38 -9.12
N ASN A 93 -12.17 -0.55 -9.05
CA ASN A 93 -11.16 -0.54 -8.00
C ASN A 93 -10.16 0.61 -8.17
N LEU A 94 -9.91 1.04 -9.41
CA LEU A 94 -8.95 2.10 -9.65
C LEU A 94 -9.56 3.26 -10.45
N GLY A 95 -10.05 4.28 -9.76
CA GLY A 95 -10.60 5.43 -10.46
C GLY A 95 -11.96 5.88 -9.97
N THR A 96 -12.99 5.11 -10.28
CA THR A 96 -14.36 5.44 -9.91
C THR A 96 -14.57 5.47 -8.39
N ILE A 97 -14.19 4.38 -7.71
CA ILE A 97 -14.38 4.32 -6.27
C ILE A 97 -13.21 4.94 -5.52
N ALA A 98 -13.51 5.85 -4.61
CA ALA A 98 -12.50 6.52 -3.81
C ALA A 98 -11.98 5.59 -2.72
N LYS A 99 -10.79 5.87 -2.22
CA LYS A 99 -10.19 5.06 -1.17
C LYS A 99 -10.07 5.86 0.12
N SER A 100 -10.32 5.19 1.24
CA SER A 100 -10.22 5.82 2.54
C SER A 100 -8.80 6.31 2.77
N GLY A 101 -7.85 5.53 2.24
CA GLY A 101 -6.46 5.88 2.35
C GLY A 101 -6.13 7.16 1.62
N THR A 102 -6.82 7.41 0.51
CA THR A 102 -6.60 8.62 -0.26
C THR A 102 -6.89 9.84 0.61
N LYS A 103 -8.04 9.81 1.27
CA LYS A 103 -8.45 10.90 2.14
C LYS A 103 -7.46 11.10 3.29
N ALA A 104 -7.12 9.98 3.94
CA ALA A 104 -6.22 10.02 5.07
C ALA A 104 -4.80 10.40 4.70
N PHE A 105 -4.36 10.02 3.49
CA PHE A 105 -3.03 10.36 3.02
C PHE A 105 -2.85 11.88 2.95
N MET A 106 -3.91 12.57 2.55
CA MET A 106 -3.87 14.02 2.46
C MET A 106 -3.72 14.61 3.87
N GLU A 107 -4.48 14.06 4.81
CA GLU A 107 -4.41 14.50 6.19
C GLU A 107 -3.03 14.18 6.78
N ALA A 108 -2.46 13.07 6.34
CA ALA A 108 -1.15 12.63 6.80
C ALA A 108 -0.08 13.63 6.40
N LEU A 109 -0.21 14.17 5.19
CA LEU A 109 0.75 15.15 4.69
C LEU A 109 0.73 16.41 5.55
N GLN A 110 -0.47 16.80 5.99
CA GLN A 110 -0.64 17.97 6.84
C GLN A 110 0.07 17.77 8.19
N ALA A 111 0.11 16.53 8.66
CA ALA A 111 0.75 16.22 9.92
C ALA A 111 2.27 16.08 9.76
N GLY A 112 2.70 15.82 8.52
CA GLY A 112 4.12 15.66 8.24
C GLY A 112 4.49 14.22 7.97
N ALA A 113 3.98 13.67 6.89
CA ALA A 113 4.26 12.28 6.53
C ALA A 113 5.49 12.15 5.64
N ASP A 114 5.54 11.06 4.86
CA ASP A 114 6.66 10.79 3.97
C ASP A 114 6.16 10.07 2.72
N ILE A 115 7.00 9.96 1.69
CA ILE A 115 6.62 9.31 0.44
C ILE A 115 6.49 7.81 0.61
N SER A 116 7.28 7.24 1.52
CA SER A 116 7.26 5.80 1.78
C SER A 116 6.00 5.37 2.52
N MET A 117 5.10 6.32 2.74
CA MET A 117 3.86 6.04 3.45
C MET A 117 2.71 5.89 2.47
N ILE A 118 2.96 6.14 1.19
CA ILE A 118 1.91 6.07 0.18
C ILE A 118 1.35 4.64 0.04
N GLY A 119 2.17 3.64 0.37
CA GLY A 119 1.73 2.25 0.27
C GLY A 119 0.98 1.78 1.50
N GLN A 120 0.85 2.66 2.49
CA GLN A 120 0.15 2.31 3.72
C GLN A 120 -1.33 2.65 3.59
N PHE A 121 -1.62 3.65 2.80
CA PHE A 121 -2.99 4.11 2.61
C PHE A 121 -3.69 3.41 1.46
N GLY A 122 -3.02 2.45 0.83
CA GLY A 122 -3.63 1.72 -0.26
C GLY A 122 -3.44 2.37 -1.62
N VAL A 123 -2.98 3.62 -1.62
CA VAL A 123 -2.75 4.34 -2.87
C VAL A 123 -1.34 4.04 -3.40
N GLY A 124 -0.97 2.78 -3.29
CA GLY A 124 0.34 2.33 -3.74
C GLY A 124 0.34 1.90 -5.18
N PHE A 125 -0.54 2.49 -5.98
CA PHE A 125 -0.61 2.18 -7.39
C PHE A 125 -0.52 3.46 -8.22
N TYR A 126 -0.61 4.60 -7.55
CA TYR A 126 -0.55 5.88 -8.22
C TYR A 126 0.84 6.51 -8.06
N SER A 127 1.71 5.83 -7.32
CA SER A 127 3.05 6.30 -7.09
C SER A 127 3.90 6.27 -8.37
N ALA A 128 3.42 5.52 -9.36
CA ALA A 128 4.13 5.40 -10.63
C ALA A 128 4.21 6.74 -11.35
N TYR A 129 3.28 7.62 -11.02
CA TYR A 129 3.23 8.95 -11.63
C TYR A 129 4.42 9.80 -11.22
N LEU A 130 5.13 9.37 -10.18
CA LEU A 130 6.29 10.09 -9.68
C LEU A 130 7.46 10.00 -10.66
N VAL A 131 7.46 8.95 -11.48
CA VAL A 131 8.52 8.73 -12.45
C VAL A 131 8.00 8.69 -13.87
N ALA A 132 6.76 8.24 -14.01
CA ALA A 132 6.14 8.14 -15.33
C ALA A 132 5.26 9.34 -15.61
N GLU A 133 4.42 9.20 -16.63
CA GLU A 133 3.50 10.24 -17.04
C GLU A 133 2.18 9.60 -17.44
N LYS A 134 2.27 8.59 -18.29
CA LYS A 134 1.11 7.86 -18.75
C LYS A 134 1.23 6.40 -18.33
N VAL A 135 0.20 5.91 -17.65
CA VAL A 135 0.20 4.54 -17.17
C VAL A 135 -0.67 3.66 -18.07
N THR A 136 -0.18 2.47 -18.35
CA THR A 136 -0.89 1.51 -19.19
C THR A 136 -0.85 0.15 -18.50
N VAL A 137 -2.00 -0.44 -18.25
CA VAL A 137 -2.07 -1.73 -17.58
C VAL A 137 -2.91 -2.70 -18.40
N ILE A 138 -2.34 -3.86 -18.69
CA ILE A 138 -3.03 -4.90 -19.44
C ILE A 138 -3.14 -6.11 -18.53
N THR A 139 -4.33 -6.65 -18.33
CA THR A 139 -4.47 -7.80 -17.46
C THR A 139 -5.48 -8.78 -18.01
N LYS A 140 -5.28 -10.06 -17.69
CA LYS A 140 -6.16 -11.12 -18.14
C LYS A 140 -6.62 -11.95 -16.95
N HIS A 141 -7.90 -11.85 -16.64
CA HIS A 141 -8.47 -12.61 -15.53
C HIS A 141 -9.02 -13.94 -16.04
N ASN A 142 -9.26 -14.88 -15.13
CA ASN A 142 -9.76 -16.20 -15.51
C ASN A 142 -11.14 -16.11 -16.15
N ASP A 143 -12.09 -15.56 -15.41
CA ASP A 143 -13.46 -15.41 -15.88
C ASP A 143 -13.68 -14.06 -16.53
N ASP A 144 -12.76 -13.66 -17.40
CA ASP A 144 -12.88 -12.38 -18.11
C ASP A 144 -11.94 -12.35 -19.29
N GLU A 145 -12.06 -11.34 -20.11
CA GLU A 145 -11.22 -11.20 -21.29
C GLU A 145 -9.98 -10.38 -20.96
N GLN A 146 -9.23 -10.01 -22.00
CA GLN A 146 -8.03 -9.21 -21.83
C GLN A 146 -8.39 -7.75 -22.06
N TYR A 147 -8.11 -6.90 -21.09
CA TYR A 147 -8.44 -5.49 -21.21
C TYR A 147 -7.24 -4.60 -20.96
N ALA A 148 -7.33 -3.40 -21.50
CA ALA A 148 -6.26 -2.42 -21.38
C ALA A 148 -6.75 -1.18 -20.66
N TRP A 149 -6.06 -0.82 -19.60
CA TRP A 149 -6.39 0.35 -18.80
C TRP A 149 -5.26 1.36 -18.92
N GLU A 150 -5.51 2.48 -19.59
CA GLU A 150 -4.48 3.49 -19.78
C GLU A 150 -4.97 4.85 -19.29
N SER A 151 -4.09 5.63 -18.67
CA SER A 151 -4.45 6.95 -18.17
C SER A 151 -3.25 7.90 -18.30
N SER A 152 -3.46 9.03 -18.95
CA SER A 152 -2.42 10.01 -19.14
C SER A 152 -2.60 11.19 -18.18
N ALA A 153 -2.77 10.88 -16.90
CA ALA A 153 -2.97 11.88 -15.86
C ALA A 153 -4.21 12.73 -16.13
N GLY A 154 -4.19 13.98 -15.66
CA GLY A 154 -5.31 14.88 -15.86
C GLY A 154 -6.47 14.58 -14.92
N GLY A 155 -7.07 13.42 -15.09
CA GLY A 155 -8.18 13.01 -14.25
C GLY A 155 -9.12 12.07 -14.97
N SER A 156 -8.62 11.38 -15.98
CA SER A 156 -9.45 10.45 -16.74
C SER A 156 -8.64 9.23 -17.18
N PHE A 157 -9.32 8.11 -17.36
CA PHE A 157 -8.68 6.88 -17.78
C PHE A 157 -9.48 6.24 -18.90
N THR A 158 -8.81 5.46 -19.73
CA THR A 158 -9.45 4.82 -20.87
C THR A 158 -9.35 3.30 -20.76
N VAL A 159 -10.49 2.66 -20.74
CA VAL A 159 -10.56 1.21 -20.64
C VAL A 159 -11.03 0.62 -21.97
N ARG A 160 -10.22 -0.25 -22.54
CA ARG A 160 -10.57 -0.88 -23.81
C ARG A 160 -10.21 -2.37 -23.80
N THR A 161 -10.63 -3.07 -24.82
CA THR A 161 -10.33 -4.48 -24.96
C THR A 161 -8.97 -4.63 -25.63
N ASP A 162 -8.06 -5.36 -24.99
CA ASP A 162 -6.72 -5.55 -25.56
C ASP A 162 -6.78 -6.45 -26.78
N THR A 163 -6.36 -5.91 -27.91
CA THR A 163 -6.36 -6.64 -29.16
C THR A 163 -5.09 -7.46 -29.33
N GLY A 164 -3.99 -6.97 -28.73
CA GLY A 164 -2.71 -7.67 -28.80
C GLY A 164 -2.76 -9.13 -28.40
N GLU A 165 -1.61 -9.80 -28.50
CA GLU A 165 -1.49 -11.21 -28.19
C GLU A 165 -1.95 -11.52 -26.76
N PRO A 166 -2.62 -12.69 -26.60
CA PRO A 166 -3.11 -13.15 -25.30
C PRO A 166 -1.97 -13.34 -24.29
N MET A 167 -2.27 -13.11 -23.03
CA MET A 167 -1.28 -13.24 -21.98
C MET A 167 -1.53 -14.48 -21.13
N GLY A 168 -2.74 -15.03 -21.19
CA GLY A 168 -3.04 -16.19 -20.39
C GLY A 168 -3.71 -15.78 -19.09
N ARG A 169 -2.91 -15.23 -18.19
CA ARG A 169 -3.37 -14.74 -16.90
C ARG A 169 -2.28 -13.86 -16.33
N GLY A 170 -2.61 -12.91 -15.46
CA GLY A 170 -1.59 -12.06 -14.90
C GLY A 170 -1.82 -10.58 -15.15
N THR A 171 -0.91 -9.77 -14.66
CA THR A 171 -1.00 -8.33 -14.83
C THR A 171 0.25 -7.79 -15.52
N LYS A 172 0.06 -7.04 -16.58
CA LYS A 172 1.15 -6.45 -17.32
C LYS A 172 1.04 -4.94 -17.22
N VAL A 173 1.99 -4.32 -16.56
CA VAL A 173 1.97 -2.87 -16.38
C VAL A 173 3.13 -2.24 -17.11
N ILE A 174 2.85 -1.38 -18.07
CA ILE A 174 3.90 -0.70 -18.82
C ILE A 174 3.93 0.76 -18.43
N LEU A 175 5.05 1.22 -17.88
CA LEU A 175 5.15 2.59 -17.45
C LEU A 175 5.85 3.44 -18.49
N HIS A 176 5.25 4.59 -18.76
CA HIS A 176 5.81 5.54 -19.69
C HIS A 176 6.64 6.52 -18.89
N LEU A 177 7.88 6.13 -18.60
CA LEU A 177 8.79 6.95 -17.81
C LEU A 177 9.02 8.33 -18.43
N LYS A 178 9.24 9.31 -17.58
CA LYS A 178 9.47 10.67 -18.02
C LYS A 178 10.82 10.77 -18.71
N GLU A 179 10.91 11.76 -19.58
CA GLU A 179 12.13 12.03 -20.35
C GLU A 179 13.37 12.13 -19.46
N ASP A 180 13.22 12.64 -18.24
CA ASP A 180 14.35 12.79 -17.34
C ASP A 180 14.41 11.67 -16.31
N GLN A 181 13.45 10.78 -16.36
CA GLN A 181 13.38 9.66 -15.43
C GLN A 181 13.64 8.36 -16.17
N THR A 182 14.78 8.26 -16.80
CA THR A 182 15.14 7.05 -17.55
C THR A 182 16.05 6.15 -16.72
N GLU A 183 16.74 6.77 -15.77
CA GLU A 183 17.66 6.07 -14.87
C GLU A 183 17.10 4.76 -14.30
N TYR A 184 15.78 4.65 -14.21
CA TYR A 184 15.15 3.45 -13.67
C TYR A 184 15.03 2.34 -14.71
N LEU A 185 15.71 2.51 -15.84
CA LEU A 185 15.68 1.52 -16.91
C LEU A 185 16.99 0.74 -16.93
N GLU A 186 17.87 1.06 -16.00
CA GLU A 186 19.15 0.40 -15.90
C GLU A 186 19.09 -0.80 -14.97
N GLU A 187 19.78 -1.87 -15.36
CA GLU A 187 19.82 -3.10 -14.57
C GLU A 187 20.27 -2.84 -13.14
N ARG A 188 21.39 -2.12 -13.01
CA ARG A 188 21.97 -1.80 -11.71
C ARG A 188 21.01 -0.98 -10.86
N ARG A 189 20.28 -0.08 -11.51
CA ARG A 189 19.34 0.79 -10.80
C ARG A 189 18.22 -0.04 -10.21
N ILE A 190 17.60 -0.86 -11.03
CA ILE A 190 16.49 -1.70 -10.59
C ILE A 190 16.93 -2.73 -9.56
N LYS A 191 18.10 -3.32 -9.79
CA LYS A 191 18.65 -4.33 -8.88
C LYS A 191 18.91 -3.75 -7.49
N GLU A 192 19.28 -2.47 -7.42
CA GLU A 192 19.53 -1.82 -6.14
C GLU A 192 18.22 -1.55 -5.41
N ILE A 193 17.17 -1.26 -6.16
CA ILE A 193 15.87 -0.98 -5.58
C ILE A 193 15.26 -2.26 -5.03
N VAL A 194 15.40 -3.34 -5.80
CA VAL A 194 14.89 -4.65 -5.39
C VAL A 194 15.66 -5.15 -4.18
N LYS A 195 16.99 -5.04 -4.24
CA LYS A 195 17.83 -5.48 -3.13
C LYS A 195 17.89 -4.41 -2.06
N LYS A 196 16.71 -4.01 -1.59
CA LYS A 196 16.57 -2.97 -0.58
C LYS A 196 15.10 -2.85 -0.19
N HIS A 197 14.26 -2.55 -1.17
CA HIS A 197 12.84 -2.40 -0.93
C HIS A 197 12.04 -3.65 -1.31
N SER A 198 12.45 -4.30 -2.38
CA SER A 198 11.74 -5.49 -2.87
C SER A 198 12.47 -6.79 -2.55
N GLN A 199 12.91 -6.95 -1.31
CA GLN A 199 13.61 -8.15 -0.90
C GLN A 199 12.69 -9.11 -0.14
N PHE A 200 11.57 -8.59 0.36
CA PHE A 200 10.63 -9.42 1.11
C PHE A 200 9.57 -10.04 0.20
N ILE A 201 9.91 -10.21 -1.07
CA ILE A 201 8.99 -10.79 -2.02
C ILE A 201 9.18 -12.30 -2.08
N GLY A 202 8.25 -13.04 -1.49
CA GLY A 202 8.33 -14.48 -1.49
C GLY A 202 7.91 -15.09 -2.81
N TYR A 203 8.35 -14.45 -3.89
CA TYR A 203 8.05 -14.89 -5.25
C TYR A 203 9.22 -14.50 -6.14
N PRO A 204 9.62 -15.39 -7.07
CA PRO A 204 10.73 -15.14 -7.98
C PRO A 204 10.54 -13.89 -8.85
N ILE A 205 11.60 -13.08 -8.98
CA ILE A 205 11.57 -11.88 -9.79
C ILE A 205 12.73 -11.89 -10.78
N THR A 206 12.43 -12.21 -12.02
CA THR A 206 13.45 -12.28 -13.06
C THR A 206 13.44 -11.02 -13.92
N LEU A 207 14.61 -10.41 -14.07
CA LEU A 207 14.75 -9.21 -14.88
C LEU A 207 15.24 -9.60 -16.26
N PHE A 208 14.74 -8.94 -17.30
CA PHE A 208 15.15 -9.24 -18.66
C PHE A 208 15.66 -7.98 -19.34
N VAL A 209 16.94 -7.70 -19.15
CA VAL A 209 17.57 -6.54 -19.74
C VAL A 209 18.06 -6.87 -21.15
N GLU A 210 18.21 -5.85 -21.98
CA GLU A 210 18.66 -6.03 -23.35
C GLU A 210 20.17 -6.26 -23.35
N HIS B 1 9.34 6.80 30.30
CA HIS B 1 8.05 7.52 30.36
C HIS B 1 8.20 8.94 29.82
N LYS B 2 8.45 9.90 30.70
CA LYS B 2 8.58 11.30 30.29
C LYS B 2 9.78 11.50 29.38
N THR B 3 10.90 10.89 29.74
CA THR B 3 12.13 11.00 28.96
C THR B 3 12.00 10.36 27.59
N PHE B 4 11.10 9.38 27.47
CA PHE B 4 10.90 8.69 26.21
C PHE B 4 10.22 9.61 25.19
N VAL B 5 9.16 10.25 25.62
CA VAL B 5 8.41 11.17 24.77
C VAL B 5 9.29 12.29 24.25
N GLU B 6 10.13 12.82 25.11
CA GLU B 6 11.03 13.91 24.73
C GLU B 6 12.34 13.40 24.14
N LYS B 7 12.33 12.15 23.68
CA LYS B 7 13.52 11.54 23.10
C LYS B 7 13.24 10.96 21.72
N TYR B 8 12.05 10.37 21.55
CA TYR B 8 11.70 9.75 20.26
C TYR B 8 10.31 10.16 19.79
N GLU B 9 9.85 11.33 20.22
CA GLU B 9 8.53 11.82 19.81
C GLU B 9 8.37 11.82 18.30
N LYS B 10 9.35 12.39 17.62
CA LYS B 10 9.36 12.48 16.16
C LYS B 10 9.18 11.10 15.53
N GLN B 11 9.82 10.09 16.11
CA GLN B 11 9.75 8.72 15.62
C GLN B 11 8.36 8.13 15.89
N ILE B 12 7.83 8.43 17.07
CA ILE B 12 6.51 7.93 17.46
C ILE B 12 5.43 8.46 16.52
N LYS B 13 5.49 9.75 16.23
CA LYS B 13 4.52 10.38 15.33
C LYS B 13 4.63 9.78 13.93
N HIS B 14 5.86 9.49 13.51
CA HIS B 14 6.11 8.93 12.20
C HIS B 14 5.70 7.46 12.14
N PHE B 15 5.59 6.84 13.31
CA PHE B 15 5.19 5.44 13.39
C PHE B 15 3.69 5.28 13.20
N GLY B 16 2.91 6.18 13.79
CA GLY B 16 1.47 6.11 13.67
C GLY B 16 0.95 6.37 12.27
N MET B 17 1.81 6.82 11.38
CA MET B 17 1.39 7.10 10.01
C MET B 17 1.72 5.97 9.04
N LEU B 18 1.40 4.73 9.44
CA LEU B 18 1.64 3.57 8.59
C LEU B 18 0.43 2.64 8.66
N ARG B 19 0.44 1.54 7.89
CA ARG B 19 -0.69 0.61 7.89
C ARG B 19 -0.30 -0.75 7.30
N ARG B 20 0.81 -0.82 6.59
CA ARG B 20 1.27 -2.08 6.00
C ARG B 20 1.70 -3.07 7.08
N TRP B 21 1.88 -4.33 6.68
CA TRP B 21 2.27 -5.36 7.63
C TRP B 21 3.78 -5.39 7.87
N ASP B 22 4.52 -5.84 6.86
CA ASP B 22 5.98 -5.95 6.98
C ASP B 22 6.66 -4.59 7.10
N ASP B 23 6.01 -3.55 6.62
CA ASP B 23 6.55 -2.19 6.69
C ASP B 23 6.71 -1.76 8.14
N SER B 24 5.62 -1.89 8.90
CA SER B 24 5.62 -1.52 10.31
C SER B 24 6.56 -2.45 11.08
N GLN B 25 6.61 -3.71 10.65
CA GLN B 25 7.49 -4.70 11.27
C GLN B 25 8.94 -4.26 11.09
N LYS B 26 9.26 -3.80 9.89
CA LYS B 26 10.59 -3.32 9.56
C LYS B 26 10.91 -2.05 10.34
N TYR B 27 9.92 -1.16 10.41
CA TYR B 27 10.07 0.10 11.13
C TYR B 27 10.37 -0.15 12.60
N LEU B 28 9.76 -1.20 13.16
CA LEU B 28 9.97 -1.52 14.58
C LEU B 28 11.20 -2.36 14.77
N SER B 29 11.74 -2.90 13.69
CA SER B 29 12.96 -3.71 13.78
C SER B 29 14.18 -2.80 13.86
N ASP B 30 14.19 -1.78 13.01
CA ASP B 30 15.27 -0.82 12.99
C ASP B 30 15.15 0.12 14.17
N ASN B 31 13.96 0.17 14.74
CA ASN B 31 13.67 1.00 15.90
C ASN B 31 13.01 0.16 16.98
N VAL B 32 13.70 -0.86 17.44
CA VAL B 32 13.15 -1.76 18.46
C VAL B 32 12.90 -1.02 19.79
N HIS B 33 13.55 0.12 19.97
CA HIS B 33 13.39 0.91 21.19
C HIS B 33 12.00 1.55 21.25
N LEU B 34 11.26 1.45 20.14
CA LEU B 34 9.94 2.05 20.05
C LEU B 34 8.86 1.11 20.58
N VAL B 35 9.24 -0.12 20.94
CA VAL B 35 8.26 -1.07 21.46
C VAL B 35 8.13 -0.93 22.97
N CYS B 36 7.32 0.05 23.38
CA CYS B 36 7.09 0.33 24.80
C CYS B 36 5.66 0.83 25.01
N GLU B 37 5.26 0.95 26.27
CA GLU B 37 3.91 1.43 26.60
C GLU B 37 3.79 2.90 26.25
N GLU B 38 4.86 3.64 26.54
CA GLU B 38 4.93 5.07 26.22
C GLU B 38 4.45 5.35 24.80
N THR B 39 4.88 4.51 23.87
CA THR B 39 4.50 4.65 22.48
C THR B 39 2.98 4.51 22.32
N ALA B 40 2.43 3.45 22.90
CA ALA B 40 1.00 3.20 22.83
C ALA B 40 0.22 4.36 23.44
N ASN B 41 0.69 4.84 24.58
CA ASN B 41 0.05 5.95 25.28
C ASN B 41 0.00 7.21 24.41
N TYR B 42 1.15 7.59 23.84
CA TYR B 42 1.25 8.77 23.00
C TYR B 42 0.38 8.62 21.75
N LEU B 43 0.30 7.39 21.25
CA LEU B 43 -0.51 7.10 20.07
C LEU B 43 -1.99 7.39 20.34
N VAL B 44 -2.48 6.97 21.51
CA VAL B 44 -3.88 7.24 21.88
C VAL B 44 -4.10 8.75 21.93
N ILE B 45 -3.34 9.38 22.82
CA ILE B 45 -3.35 10.84 22.97
C ILE B 45 -3.47 11.55 21.61
N TRP B 46 -2.63 11.17 20.67
CA TRP B 46 -2.66 11.79 19.34
C TRP B 46 -3.98 11.50 18.62
N CYS B 47 -4.45 10.25 18.68
CA CYS B 47 -5.71 9.87 18.04
C CYS B 47 -6.87 10.72 18.54
N ILE B 48 -6.96 10.87 19.86
CA ILE B 48 -8.01 11.65 20.47
C ILE B 48 -7.95 13.11 20.02
N ASP B 49 -6.74 13.65 19.96
CA ASP B 49 -6.55 15.03 19.54
C ASP B 49 -6.90 15.21 18.08
N LEU B 50 -6.59 14.22 17.26
CA LEU B 50 -6.89 14.27 15.82
C LEU B 50 -8.39 14.38 15.62
N GLU B 51 -9.14 13.55 16.33
CA GLU B 51 -10.60 13.55 16.25
C GLU B 51 -11.15 14.94 16.57
N VAL B 52 -10.57 15.57 17.59
CA VAL B 52 -10.98 16.90 18.01
C VAL B 52 -10.73 17.91 16.89
N GLU B 53 -9.60 17.77 16.20
CA GLU B 53 -9.23 18.67 15.10
C GLU B 53 -9.95 18.27 13.81
N GLU B 54 -10.93 17.39 13.94
CA GLU B 54 -11.74 16.90 12.81
C GLU B 54 -10.90 16.06 11.85
N LYS B 55 -9.76 15.58 12.32
CA LYS B 55 -8.88 14.76 11.51
C LYS B 55 -9.21 13.30 11.75
N CYS B 56 -10.50 12.97 11.58
CA CYS B 56 -10.98 11.61 11.80
C CYS B 56 -10.64 10.69 10.64
N ALA B 57 -9.88 11.18 9.68
CA ALA B 57 -9.49 10.36 8.54
C ALA B 57 -8.14 9.75 8.84
N LEU B 58 -7.23 10.58 9.37
CA LEU B 58 -5.91 10.13 9.75
C LEU B 58 -5.99 9.30 11.03
N MET B 59 -6.98 9.63 11.86
CA MET B 59 -7.21 8.93 13.13
C MET B 59 -7.38 7.44 12.87
N GLU B 60 -8.09 7.10 11.81
CA GLU B 60 -8.34 5.71 11.43
C GLU B 60 -7.04 4.95 11.18
N GLN B 61 -6.04 5.65 10.68
CA GLN B 61 -4.74 5.04 10.40
C GLN B 61 -3.95 4.89 11.67
N VAL B 62 -3.98 5.93 12.50
CA VAL B 62 -3.25 5.92 13.76
C VAL B 62 -3.79 4.84 14.70
N ALA B 63 -5.12 4.64 14.70
CA ALA B 63 -5.73 3.61 15.52
C ALA B 63 -5.12 2.23 15.26
N HIS B 64 -4.89 1.92 13.99
CA HIS B 64 -4.29 0.64 13.59
C HIS B 64 -2.85 0.55 14.10
N GLN B 65 -2.32 1.70 14.41
CA GLN B 65 -0.95 1.81 14.89
C GLN B 65 -0.92 1.67 16.41
N THR B 66 -1.91 2.26 17.06
CA THR B 66 -2.03 2.18 18.50
C THR B 66 -2.37 0.75 18.93
N ILE B 67 -3.32 0.15 18.21
CA ILE B 67 -3.77 -1.21 18.49
C ILE B 67 -2.64 -2.22 18.30
N VAL B 68 -1.87 -2.07 17.22
CA VAL B 68 -0.76 -2.98 16.95
C VAL B 68 0.24 -2.97 18.10
N MET B 69 0.52 -1.79 18.62
CA MET B 69 1.47 -1.66 19.73
C MET B 69 0.89 -2.30 20.98
N GLN B 70 -0.38 -2.03 21.25
CA GLN B 70 -1.07 -2.59 22.41
C GLN B 70 -1.11 -4.11 22.31
N PHE B 71 -1.50 -4.61 21.12
CA PHE B 71 -1.58 -6.03 20.87
C PHE B 71 -0.24 -6.71 21.11
N ILE B 72 0.83 -6.11 20.59
CA ILE B 72 2.18 -6.65 20.76
C ILE B 72 2.54 -6.70 22.24
N LEU B 73 2.31 -5.57 22.92
CA LEU B 73 2.61 -5.46 24.35
C LEU B 73 1.90 -6.56 25.15
N GLU B 74 0.60 -6.72 24.90
CA GLU B 74 -0.20 -7.73 25.59
C GLU B 74 0.25 -9.14 25.22
N LEU B 75 0.41 -9.38 23.92
CA LEU B 75 0.85 -10.67 23.41
C LEU B 75 2.14 -11.10 24.09
N ALA B 76 3.13 -10.21 24.08
CA ALA B 76 4.43 -10.49 24.69
C ALA B 76 4.30 -10.71 26.19
N LYS B 77 3.48 -9.89 26.84
CA LYS B 77 3.27 -9.99 28.27
C LYS B 77 2.62 -11.32 28.63
N SER B 78 1.67 -11.77 27.82
CA SER B 78 1.01 -13.05 28.04
C SER B 78 2.00 -14.20 27.90
N LEU B 79 3.02 -14.00 27.06
CA LEU B 79 4.07 -15.01 26.86
C LEU B 79 5.11 -14.90 27.97
N LYS B 80 5.04 -13.79 28.71
CA LYS B 80 5.95 -13.50 29.82
C LYS B 80 7.34 -13.13 29.31
N VAL B 81 7.44 -12.80 28.03
CA VAL B 81 8.71 -12.43 27.42
C VAL B 81 8.71 -10.94 27.10
N ASP B 82 9.89 -10.38 26.80
CA ASP B 82 9.99 -8.96 26.48
C ASP B 82 9.37 -8.67 25.11
N PRO B 83 8.50 -7.64 25.03
CA PRO B 83 7.82 -7.26 23.79
C PRO B 83 8.78 -7.10 22.61
N ARG B 84 9.90 -6.41 22.85
CA ARG B 84 10.92 -6.19 21.83
C ARG B 84 11.51 -7.50 21.26
N ALA B 85 11.11 -8.63 21.81
CA ALA B 85 11.59 -9.93 21.33
C ALA B 85 10.44 -10.74 20.73
N CYS B 86 9.22 -10.25 20.93
CA CYS B 86 8.03 -10.93 20.42
C CYS B 86 7.20 -10.07 19.45
N PHE B 87 7.65 -8.83 19.23
CA PHE B 87 6.92 -7.92 18.35
C PHE B 87 6.79 -8.45 16.91
N ARG B 88 7.76 -9.24 16.47
CA ARG B 88 7.76 -9.78 15.11
C ARG B 88 6.78 -10.93 14.96
N GLN B 89 6.41 -11.58 16.06
CA GLN B 89 5.50 -12.71 16.00
C GLN B 89 4.06 -12.25 15.79
N PHE B 90 3.78 -11.00 16.13
CA PHE B 90 2.45 -10.44 15.95
C PHE B 90 2.14 -10.32 14.46
N PHE B 91 3.13 -9.87 13.71
CA PHE B 91 2.99 -9.68 12.27
C PHE B 91 2.94 -11.02 11.53
N THR B 92 3.25 -12.10 12.23
CA THR B 92 3.22 -13.42 11.63
C THR B 92 1.86 -14.07 11.85
N LYS B 93 1.26 -13.78 13.01
CA LYS B 93 -0.04 -14.34 13.36
C LYS B 93 -1.16 -13.72 12.54
N ILE B 94 -0.89 -12.59 11.90
CA ILE B 94 -1.90 -11.92 11.07
C ILE B 94 -1.92 -12.54 9.66
N LYS B 95 -0.79 -13.13 9.28
CA LYS B 95 -0.66 -13.79 7.98
C LYS B 95 -1.19 -15.21 8.10
N THR B 96 -1.07 -15.72 9.32
CA THR B 96 -1.60 -17.04 9.69
C THR B 96 -3.02 -17.14 9.13
N ALA B 97 -3.47 -18.31 8.66
CA ALA B 97 -4.78 -18.38 8.03
C ALA B 97 -5.87 -18.64 9.07
N ASP B 98 -5.76 -17.93 10.19
CA ASP B 98 -6.72 -18.07 11.26
C ASP B 98 -7.44 -16.74 11.46
N ARG B 99 -8.74 -16.76 11.22
CA ARG B 99 -9.54 -15.54 11.32
C ARG B 99 -9.80 -15.14 12.77
N GLN B 100 -9.48 -16.00 13.73
CA GLN B 100 -9.69 -15.67 15.13
C GLN B 100 -8.79 -14.51 15.54
N TYR B 101 -7.53 -14.57 15.14
CA TYR B 101 -6.58 -13.52 15.45
C TYR B 101 -6.95 -12.25 14.69
N MET B 102 -7.39 -12.43 13.45
CA MET B 102 -7.78 -11.32 12.59
C MET B 102 -9.05 -10.64 13.09
N GLU B 103 -10.06 -11.44 13.43
CA GLU B 103 -11.32 -10.90 13.92
C GLU B 103 -11.11 -10.28 15.29
N GLY B 104 -10.33 -10.97 16.12
CA GLY B 104 -10.01 -10.49 17.44
C GLY B 104 -9.32 -9.14 17.36
N PHE B 105 -8.50 -8.99 16.34
CA PHE B 105 -7.79 -7.75 16.11
C PHE B 105 -8.78 -6.65 15.70
N ASN B 106 -9.71 -7.00 14.82
CA ASN B 106 -10.72 -6.05 14.34
C ASN B 106 -11.58 -5.53 15.47
N ASP B 107 -12.07 -6.45 16.31
CA ASP B 107 -12.91 -6.10 17.45
C ASP B 107 -12.27 -5.03 18.31
N GLU B 108 -11.01 -5.25 18.69
CA GLU B 108 -10.27 -4.30 19.52
C GLU B 108 -10.13 -2.95 18.83
N LEU B 109 -9.84 -2.98 17.53
CA LEU B 109 -9.68 -1.77 16.74
C LEU B 109 -10.96 -0.95 16.72
N GLU B 110 -12.07 -1.59 16.37
CA GLU B 110 -13.36 -0.90 16.31
C GLU B 110 -13.80 -0.46 17.69
N ALA B 111 -13.54 -1.29 18.69
CA ALA B 111 -13.88 -0.98 20.07
C ALA B 111 -13.11 0.26 20.55
N PHE B 112 -11.81 0.25 20.30
CA PHE B 112 -10.93 1.35 20.70
C PHE B 112 -11.41 2.69 20.14
N LYS B 113 -11.69 2.71 18.84
CA LYS B 113 -12.14 3.94 18.20
C LYS B 113 -13.42 4.48 18.84
N GLU B 114 -14.32 3.59 19.21
CA GLU B 114 -15.59 4.01 19.83
C GLU B 114 -15.32 4.60 21.21
N ARG B 115 -14.33 4.06 21.92
CA ARG B 115 -13.95 4.57 23.23
C ARG B 115 -13.32 5.95 23.07
N VAL B 116 -12.56 6.10 21.98
CA VAL B 116 -11.90 7.37 21.67
C VAL B 116 -12.93 8.47 21.48
N ARG B 117 -14.00 8.16 20.74
CA ARG B 117 -15.07 9.11 20.48
C ARG B 117 -15.72 9.53 21.80
N GLY B 118 -15.89 8.56 22.69
CA GLY B 118 -16.47 8.84 24.00
C GLY B 118 -15.59 9.77 24.81
N ARG B 119 -14.29 9.49 24.81
CA ARG B 119 -13.33 10.31 25.54
C ARG B 119 -13.26 11.70 24.91
N ALA B 120 -13.39 11.75 23.60
CA ALA B 120 -13.36 13.01 22.86
C ALA B 120 -14.54 13.89 23.26
N LYS B 121 -15.71 13.27 23.39
CA LYS B 121 -16.91 14.00 23.78
C LYS B 121 -16.83 14.45 25.23
N LEU B 122 -16.15 13.67 26.08
CA LEU B 122 -15.98 14.02 27.48
C LEU B 122 -15.01 15.20 27.62
N ARG B 123 -14.04 15.24 26.71
CA ARG B 123 -13.02 16.30 26.68
C ARG B 123 -13.69 17.67 26.60
N ILE B 124 -14.60 17.83 25.66
CA ILE B 124 -15.27 19.10 25.46
C ILE B 124 -16.37 19.35 26.49
N GLU B 125 -17.02 18.28 26.95
CA GLU B 125 -18.11 18.41 27.94
C GLU B 125 -17.62 19.06 29.23
N LYS B 126 -16.36 18.84 29.56
CA LYS B 126 -15.76 19.39 30.78
C LYS B 126 -15.81 20.93 30.78
N ALA B 127 -15.84 21.53 29.59
CA ALA B 127 -15.88 22.99 29.47
C ALA B 127 -17.08 23.42 28.65
N MET B 128 -17.94 22.45 28.32
CA MET B 128 -19.13 22.70 27.52
C MET B 128 -20.22 23.33 28.38
N LYS B 129 -20.30 22.90 29.61
CA LYS B 129 -21.29 23.38 30.56
C LYS B 129 -20.61 23.94 31.80
N GLU A 1 -14.65 -4.04 -33.97
CA GLU A 1 -15.37 -3.18 -33.01
C GLU A 1 -14.87 -3.46 -31.60
N GLU A 2 -14.41 -2.41 -30.92
CA GLU A 2 -13.91 -2.54 -29.57
C GLU A 2 -14.73 -1.72 -28.58
N GLU A 3 -14.85 -2.24 -27.37
CA GLU A 3 -15.60 -1.58 -26.31
C GLU A 3 -14.66 -0.77 -25.41
N VAL A 4 -14.81 0.54 -25.46
CA VAL A 4 -13.98 1.43 -24.66
C VAL A 4 -14.86 2.36 -23.82
N GLU A 5 -14.74 2.26 -22.51
CA GLU A 5 -15.51 3.09 -21.62
C GLU A 5 -14.59 3.96 -20.77
N THR A 6 -15.07 5.14 -20.42
CA THR A 6 -14.29 6.08 -19.62
C THR A 6 -14.98 6.40 -18.29
N PHE A 7 -14.23 6.28 -17.21
CA PHE A 7 -14.73 6.56 -15.87
C PHE A 7 -13.82 7.57 -15.19
N ALA A 8 -14.28 8.13 -14.09
CA ALA A 8 -13.49 9.12 -13.36
C ALA A 8 -13.02 8.57 -12.02
N PHE A 9 -11.86 9.04 -11.58
CA PHE A 9 -11.29 8.62 -10.31
C PHE A 9 -12.02 9.33 -9.17
N GLN A 10 -12.06 8.69 -8.00
CA GLN A 10 -12.71 9.28 -6.83
C GLN A 10 -12.08 10.64 -6.50
N ALA A 11 -12.90 11.54 -5.95
CA ALA A 11 -12.50 12.90 -5.58
C ALA A 11 -11.08 13.01 -5.01
N GLU A 12 -10.87 12.43 -3.83
CA GLU A 12 -9.57 12.50 -3.18
C GLU A 12 -8.48 11.80 -3.98
N ILE A 13 -8.85 10.77 -4.73
CA ILE A 13 -7.88 10.02 -5.54
C ILE A 13 -7.36 10.91 -6.67
N ALA A 14 -8.26 11.63 -7.32
CA ALA A 14 -7.89 12.51 -8.42
C ALA A 14 -7.00 13.65 -7.92
N GLN A 15 -7.32 14.16 -6.73
CA GLN A 15 -6.55 15.23 -6.13
C GLN A 15 -5.16 14.73 -5.77
N LEU A 16 -5.11 13.56 -5.11
CA LEU A 16 -3.84 12.95 -4.72
C LEU A 16 -2.99 12.68 -5.95
N MET A 17 -3.65 12.27 -7.03
CA MET A 17 -2.97 11.98 -8.29
C MET A 17 -2.28 13.22 -8.82
N SER A 18 -3.02 14.33 -8.85
CA SER A 18 -2.48 15.59 -9.32
C SER A 18 -1.34 16.07 -8.40
N LEU A 19 -1.52 15.83 -7.10
CA LEU A 19 -0.53 16.21 -6.11
C LEU A 19 0.80 15.49 -6.34
N ILE A 20 0.72 14.17 -6.52
CA ILE A 20 1.91 13.36 -6.73
C ILE A 20 2.71 13.79 -7.97
N ILE A 21 2.02 14.24 -8.99
CA ILE A 21 2.65 14.68 -10.22
C ILE A 21 3.24 16.09 -10.09
N ASN A 22 2.51 16.98 -9.45
CA ASN A 22 2.93 18.38 -9.32
C ASN A 22 3.93 18.62 -8.17
N THR A 23 3.96 17.73 -7.21
CA THR A 23 4.85 17.91 -6.06
C THR A 23 6.16 17.16 -6.20
N PHE A 24 7.25 17.91 -6.23
CA PHE A 24 8.57 17.31 -6.33
C PHE A 24 8.99 16.75 -4.98
N TYR A 25 9.06 15.43 -4.87
CA TYR A 25 9.44 14.78 -3.63
C TYR A 25 10.95 14.50 -3.60
N SER A 26 11.37 13.71 -2.61
CA SER A 26 12.79 13.37 -2.46
C SER A 26 13.13 12.08 -3.21
N ASN A 27 12.70 10.94 -2.66
CA ASN A 27 12.97 9.66 -3.30
C ASN A 27 11.90 9.36 -4.34
N LYS A 28 12.33 8.91 -5.51
CA LYS A 28 11.40 8.62 -6.59
C LYS A 28 11.24 7.12 -6.83
N GLU A 29 12.34 6.36 -6.73
CA GLU A 29 12.31 4.90 -6.95
C GLU A 29 11.33 4.13 -6.06
N ILE A 30 10.70 4.80 -5.11
CA ILE A 30 9.75 4.13 -4.22
C ILE A 30 8.64 3.44 -5.01
N PHE A 31 8.31 4.00 -6.17
CA PHE A 31 7.24 3.47 -7.01
C PHE A 31 7.47 1.99 -7.35
N LEU A 32 8.73 1.62 -7.56
CA LEU A 32 9.06 0.25 -7.92
C LEU A 32 8.76 -0.70 -6.77
N ARG A 33 9.04 -0.28 -5.55
CA ARG A 33 8.79 -1.12 -4.39
C ARG A 33 7.29 -1.32 -4.19
N GLU A 34 6.54 -0.21 -4.21
CA GLU A 34 5.10 -0.27 -4.00
C GLU A 34 4.45 -1.20 -5.02
N LEU A 35 4.92 -1.12 -6.27
CA LEU A 35 4.39 -1.96 -7.34
C LEU A 35 4.78 -3.42 -7.15
N ILE A 36 6.08 -3.68 -6.98
CA ILE A 36 6.59 -5.04 -6.80
C ILE A 36 5.92 -5.72 -5.60
N SER A 37 5.74 -4.96 -4.51
CA SER A 37 5.11 -5.49 -3.30
C SER A 37 3.70 -5.99 -3.63
N ASN A 38 3.01 -5.29 -4.50
CA ASN A 38 1.66 -5.66 -4.92
C ASN A 38 1.72 -6.83 -5.88
N SER A 39 2.81 -6.88 -6.64
CA SER A 39 3.02 -7.96 -7.60
C SER A 39 3.18 -9.29 -6.87
N SER A 40 3.96 -9.29 -5.78
CA SER A 40 4.18 -10.51 -5.02
C SER A 40 2.89 -10.95 -4.35
N ASP A 41 2.03 -9.96 -4.06
CA ASP A 41 0.75 -10.22 -3.42
C ASP A 41 -0.17 -11.00 -4.35
N ALA A 42 -0.13 -10.68 -5.64
CA ALA A 42 -0.96 -11.37 -6.63
C ALA A 42 -0.54 -12.84 -6.74
N LEU A 43 0.74 -13.09 -6.52
CA LEU A 43 1.28 -14.45 -6.55
C LEU A 43 0.82 -15.19 -5.31
N ASP A 44 1.11 -14.59 -4.17
CA ASP A 44 0.71 -15.17 -2.88
C ASP A 44 -0.80 -15.40 -2.85
N LYS A 45 -1.54 -14.46 -3.42
CA LYS A 45 -3.00 -14.56 -3.45
C LYS A 45 -3.44 -15.74 -4.31
N ILE A 46 -2.77 -15.94 -5.45
CA ILE A 46 -3.16 -17.04 -6.33
C ILE A 46 -2.79 -18.40 -5.74
N ARG A 47 -1.63 -18.53 -5.08
CA ARG A 47 -1.25 -19.79 -4.45
C ARG A 47 -2.38 -20.36 -3.59
N TYR A 48 -2.78 -19.62 -2.53
CA TYR A 48 -3.88 -20.05 -1.66
C TYR A 48 -5.14 -20.43 -2.46
N GLU A 49 -5.24 -20.00 -3.71
CA GLU A 49 -6.37 -20.34 -4.55
C GLU A 49 -6.13 -21.65 -5.27
N THR A 50 -4.90 -21.82 -5.81
CA THR A 50 -4.53 -23.01 -6.54
C THR A 50 -4.39 -24.24 -5.63
N LEU A 51 -4.02 -24.01 -4.38
CA LEU A 51 -3.89 -25.09 -3.41
C LEU A 51 -5.21 -25.82 -3.25
N THR A 52 -6.29 -25.09 -3.45
CA THR A 52 -7.62 -25.63 -3.34
C THR A 52 -8.32 -25.68 -4.69
N ASP A 53 -7.54 -25.52 -5.76
CA ASP A 53 -8.08 -25.53 -7.12
C ASP A 53 -6.97 -25.65 -8.17
N PRO A 54 -6.82 -26.84 -8.76
CA PRO A 54 -5.80 -27.09 -9.78
C PRO A 54 -6.15 -26.47 -11.15
N SER A 55 -7.42 -26.22 -11.39
CA SER A 55 -7.86 -25.63 -12.66
C SER A 55 -7.17 -24.30 -12.93
N LYS A 56 -6.90 -23.54 -11.87
CA LYS A 56 -6.26 -22.24 -12.01
C LYS A 56 -4.78 -22.38 -12.40
N LEU A 57 -4.30 -23.62 -12.49
CA LEU A 57 -2.92 -23.88 -12.89
C LEU A 57 -2.82 -23.98 -14.40
N ASP A 58 -3.97 -24.11 -15.05
CA ASP A 58 -4.02 -24.23 -16.52
C ASP A 58 -3.62 -22.93 -17.21
N SER A 59 -3.64 -21.86 -16.45
CA SER A 59 -3.27 -20.56 -16.96
C SER A 59 -1.77 -20.36 -16.84
N GLY A 60 -1.15 -21.20 -16.03
CA GLY A 60 0.28 -21.12 -15.83
C GLY A 60 0.69 -21.49 -14.41
N LYS A 61 1.68 -22.37 -14.30
CA LYS A 61 2.16 -22.78 -12.98
C LYS A 61 3.36 -21.94 -12.60
N GLU A 62 3.80 -21.12 -13.54
CA GLU A 62 4.93 -20.23 -13.33
C GLU A 62 4.62 -19.17 -12.29
N LEU A 63 5.57 -18.94 -11.39
CA LEU A 63 5.43 -17.96 -10.34
C LEU A 63 6.71 -17.13 -10.24
N HIS A 64 6.72 -15.97 -10.90
CA HIS A 64 7.89 -15.09 -10.90
C HIS A 64 7.52 -13.69 -11.38
N ILE A 65 8.40 -12.73 -11.07
CA ILE A 65 8.21 -11.35 -11.48
C ILE A 65 9.29 -10.98 -12.48
N ASN A 66 8.92 -10.37 -13.59
CA ASN A 66 9.88 -9.99 -14.61
C ASN A 66 9.89 -8.49 -14.84
N LEU A 67 11.09 -7.91 -14.84
CA LEU A 67 11.25 -6.48 -15.06
C LEU A 67 11.80 -6.27 -16.46
N ILE A 68 11.03 -5.62 -17.31
CA ILE A 68 11.45 -5.39 -18.69
C ILE A 68 11.52 -3.91 -19.03
N PRO A 69 12.74 -3.35 -19.12
CA PRO A 69 12.96 -1.97 -19.47
C PRO A 69 13.02 -1.80 -20.99
N ASN A 70 13.10 -0.56 -21.47
CA ASN A 70 13.15 -0.30 -22.89
C ASN A 70 13.57 1.15 -23.14
N LYS A 71 14.86 1.33 -23.41
CA LYS A 71 15.43 2.66 -23.65
C LYS A 71 15.05 3.20 -25.02
N GLN A 72 14.32 2.42 -25.79
CA GLN A 72 13.90 2.84 -27.13
C GLN A 72 12.50 3.45 -27.09
N ASP A 73 11.58 2.74 -26.44
CA ASP A 73 10.19 3.20 -26.35
C ASP A 73 10.00 4.16 -25.17
N ARG A 74 10.96 4.16 -24.25
CA ARG A 74 10.91 5.02 -23.06
C ARG A 74 9.82 4.53 -22.11
N THR A 75 9.76 3.22 -21.92
CA THR A 75 8.76 2.62 -21.04
C THR A 75 9.36 1.51 -20.18
N LEU A 76 8.81 1.35 -18.99
CA LEU A 76 9.26 0.32 -18.07
C LEU A 76 8.12 -0.65 -17.79
N THR A 77 8.25 -1.85 -18.33
CA THR A 77 7.23 -2.89 -18.14
C THR A 77 7.56 -3.82 -16.98
N ILE A 78 6.52 -4.19 -16.22
CA ILE A 78 6.66 -5.09 -15.09
C ILE A 78 5.62 -6.19 -15.24
N VAL A 79 6.04 -7.44 -15.16
CA VAL A 79 5.12 -8.56 -15.33
C VAL A 79 5.14 -9.49 -14.12
N ASP A 80 3.96 -9.84 -13.62
CA ASP A 80 3.82 -10.75 -12.49
C ASP A 80 2.87 -11.86 -12.91
N THR A 81 3.23 -13.11 -12.65
CA THR A 81 2.39 -14.25 -13.04
C THR A 81 1.20 -14.52 -12.09
N GLY A 82 0.79 -13.53 -11.29
CA GLY A 82 -0.36 -13.72 -10.40
C GLY A 82 -1.64 -13.97 -11.18
N ILE A 83 -2.79 -13.97 -10.51
CA ILE A 83 -4.03 -14.22 -11.21
C ILE A 83 -4.59 -12.94 -11.85
N GLY A 84 -3.93 -11.81 -11.59
CA GLY A 84 -4.38 -10.55 -12.14
C GLY A 84 -5.70 -10.09 -11.54
N MET A 85 -6.46 -9.30 -12.30
CA MET A 85 -7.75 -8.78 -11.83
C MET A 85 -8.82 -8.97 -12.89
N THR A 86 -10.08 -8.83 -12.50
CA THR A 86 -11.20 -8.97 -13.42
C THR A 86 -11.53 -7.61 -14.03
N LYS A 87 -12.52 -7.61 -14.93
CA LYS A 87 -12.97 -6.37 -15.57
C LYS A 87 -13.56 -5.43 -14.51
N ALA A 88 -14.26 -6.02 -13.55
CA ALA A 88 -14.89 -5.27 -12.48
C ALA A 88 -13.85 -4.80 -11.46
N ASP A 89 -12.84 -5.65 -11.25
CA ASP A 89 -11.77 -5.34 -10.30
C ASP A 89 -11.04 -4.07 -10.66
N LEU A 90 -10.62 -3.96 -11.92
CA LEU A 90 -9.89 -2.79 -12.40
C LEU A 90 -10.64 -1.50 -12.12
N ILE A 91 -11.90 -1.49 -12.50
CA ILE A 91 -12.75 -0.31 -12.32
C ILE A 91 -12.95 0.03 -10.85
N ASN A 92 -13.22 -0.97 -10.04
CA ASN A 92 -13.47 -0.76 -8.62
C ASN A 92 -12.20 -0.49 -7.83
N ASN A 93 -11.23 -1.40 -7.93
CA ASN A 93 -9.99 -1.29 -7.17
C ASN A 93 -9.21 -0.02 -7.51
N LEU A 94 -9.07 0.29 -8.79
CA LEU A 94 -8.31 1.46 -9.21
C LEU A 94 -9.22 2.50 -9.86
N GLY A 95 -9.91 3.27 -9.03
CA GLY A 95 -10.77 4.29 -9.57
C GLY A 95 -11.97 4.61 -8.71
N THR A 96 -12.98 3.76 -8.76
CA THR A 96 -14.22 3.98 -8.03
C THR A 96 -14.05 3.84 -6.51
N ILE A 97 -13.66 2.65 -6.03
CA ILE A 97 -13.50 2.39 -4.59
C ILE A 97 -12.55 3.39 -3.96
N ALA A 98 -13.08 4.20 -3.07
CA ALA A 98 -12.32 5.21 -2.37
C ALA A 98 -11.49 4.60 -1.26
N LYS A 99 -10.46 5.33 -0.82
CA LYS A 99 -9.61 4.85 0.26
C LYS A 99 -9.42 5.93 1.31
N SER A 100 -9.74 5.59 2.55
CA SER A 100 -9.58 6.52 3.65
C SER A 100 -8.11 6.86 3.82
N GLY A 101 -7.25 5.93 3.38
CA GLY A 101 -5.82 6.15 3.46
C GLY A 101 -5.37 7.26 2.53
N THR A 102 -6.08 7.41 1.42
CA THR A 102 -5.78 8.46 0.46
C THR A 102 -6.02 9.82 1.10
N LYS A 103 -7.20 9.96 1.71
CA LYS A 103 -7.55 11.21 2.38
C LYS A 103 -6.54 11.50 3.48
N ALA A 104 -6.15 10.43 4.17
CA ALA A 104 -5.20 10.51 5.26
C ALA A 104 -3.82 10.97 4.81
N PHE A 105 -3.37 10.44 3.68
CA PHE A 105 -2.06 10.80 3.14
C PHE A 105 -1.93 12.31 2.98
N MET A 106 -2.99 12.94 2.49
CA MET A 106 -2.98 14.39 2.30
C MET A 106 -2.78 15.09 3.64
N GLU A 107 -3.56 14.68 4.64
CA GLU A 107 -3.49 15.26 5.99
C GLU A 107 -2.12 14.98 6.61
N ALA A 108 -1.57 13.82 6.29
CA ALA A 108 -0.27 13.41 6.79
C ALA A 108 0.83 14.31 6.25
N LEU A 109 0.75 14.65 4.97
CA LEU A 109 1.74 15.52 4.33
C LEU A 109 1.82 16.85 5.07
N GLN A 110 0.67 17.35 5.50
CA GLN A 110 0.60 18.60 6.24
C GLN A 110 1.40 18.50 7.56
N ALA A 111 1.25 17.37 8.26
CA ALA A 111 1.94 17.17 9.53
C ALA A 111 3.43 16.92 9.32
N GLY A 112 3.75 16.17 8.29
CA GLY A 112 5.13 15.86 7.99
C GLY A 112 5.29 14.44 7.49
N ALA A 113 4.63 14.16 6.37
CA ALA A 113 4.68 12.83 5.79
C ALA A 113 5.88 12.66 4.87
N ASP A 114 5.90 11.53 4.19
CA ASP A 114 6.97 11.20 3.26
C ASP A 114 6.43 10.22 2.23
N ILE A 115 7.12 10.08 1.12
CA ILE A 115 6.65 9.18 0.07
C ILE A 115 7.14 7.75 0.25
N SER A 116 7.70 7.44 1.41
CA SER A 116 8.19 6.08 1.68
C SER A 116 7.11 5.18 2.27
N MET A 117 5.93 5.74 2.47
CA MET A 117 4.82 4.97 3.04
C MET A 117 3.55 5.19 2.23
N ILE A 118 3.69 5.66 1.01
CA ILE A 118 2.55 5.90 0.14
C ILE A 118 1.78 4.59 -0.09
N GLY A 119 2.52 3.49 -0.21
CA GLY A 119 1.90 2.20 -0.43
C GLY A 119 1.18 1.66 0.80
N GLN A 120 1.52 2.18 1.97
CA GLN A 120 0.91 1.72 3.21
C GLN A 120 -0.51 2.28 3.37
N PHE A 121 -0.74 3.47 2.82
CA PHE A 121 -2.06 4.08 2.92
C PHE A 121 -3.03 3.46 1.91
N GLY A 122 -2.53 2.55 1.08
CA GLY A 122 -3.37 1.89 0.09
C GLY A 122 -3.17 2.44 -1.30
N VAL A 123 -2.45 3.54 -1.42
CA VAL A 123 -2.22 4.15 -2.71
C VAL A 123 -0.85 3.77 -3.26
N GLY A 124 -0.48 2.50 -3.07
CA GLY A 124 0.81 2.01 -3.54
C GLY A 124 0.79 1.66 -5.02
N PHE A 125 -0.22 2.16 -5.71
CA PHE A 125 -0.35 1.92 -7.14
C PHE A 125 -0.45 3.25 -7.88
N TYR A 126 -0.46 4.33 -7.12
CA TYR A 126 -0.55 5.66 -7.71
C TYR A 126 0.80 6.36 -7.67
N SER A 127 1.76 5.74 -6.98
CA SER A 127 3.10 6.27 -6.87
C SER A 127 3.82 6.26 -8.21
N ALA A 128 3.26 5.52 -9.16
CA ALA A 128 3.81 5.41 -10.50
C ALA A 128 3.74 6.75 -11.23
N TYR A 129 2.86 7.63 -10.75
CA TYR A 129 2.67 8.95 -11.35
C TYR A 129 3.85 9.86 -11.04
N LEU A 130 4.67 9.44 -10.09
CA LEU A 130 5.84 10.22 -9.68
C LEU A 130 6.99 10.06 -10.68
N VAL A 131 6.95 9.00 -11.47
CA VAL A 131 8.00 8.74 -12.44
C VAL A 131 7.45 8.68 -13.85
N ALA A 132 6.19 8.30 -13.98
CA ALA A 132 5.56 8.20 -15.28
C ALA A 132 4.62 9.39 -15.54
N GLU A 133 3.79 9.24 -16.55
CA GLU A 133 2.83 10.28 -16.93
C GLU A 133 1.51 9.64 -17.27
N LYS A 134 1.60 8.51 -17.95
CA LYS A 134 0.44 7.73 -18.34
C LYS A 134 0.62 6.29 -17.90
N VAL A 135 -0.35 5.78 -17.17
CA VAL A 135 -0.28 4.41 -16.69
C VAL A 135 -1.05 3.48 -17.61
N THR A 136 -0.42 2.39 -17.99
CA THR A 136 -1.03 1.40 -18.87
C THR A 136 -0.92 0.03 -18.18
N VAL A 137 -2.05 -0.57 -17.83
CA VAL A 137 -2.04 -1.83 -17.15
C VAL A 137 -2.88 -2.85 -17.91
N ILE A 138 -2.29 -3.99 -18.21
CA ILE A 138 -2.99 -5.06 -18.90
C ILE A 138 -3.01 -6.26 -17.98
N THR A 139 -4.17 -6.84 -17.74
CA THR A 139 -4.24 -7.97 -16.85
C THR A 139 -5.09 -9.07 -17.47
N LYS A 140 -4.84 -10.30 -17.07
CA LYS A 140 -5.58 -11.44 -17.58
C LYS A 140 -5.99 -12.36 -16.45
N HIS A 141 -7.27 -12.44 -16.21
CA HIS A 141 -7.80 -13.28 -15.16
C HIS A 141 -8.21 -14.63 -15.73
N ASN A 142 -8.32 -15.64 -14.87
CA ASN A 142 -8.73 -16.97 -15.30
C ASN A 142 -10.22 -16.97 -15.63
N ASP A 143 -11.01 -16.39 -14.72
CA ASP A 143 -12.46 -16.30 -14.86
C ASP A 143 -12.88 -14.96 -15.47
N ASP A 144 -12.12 -14.49 -16.46
CA ASP A 144 -12.42 -13.24 -17.14
C ASP A 144 -11.60 -13.13 -18.42
N GLU A 145 -11.86 -12.10 -19.20
CA GLU A 145 -11.16 -11.88 -20.46
C GLU A 145 -9.91 -11.04 -20.22
N GLN A 146 -9.38 -10.45 -21.29
CA GLN A 146 -8.21 -9.60 -21.19
C GLN A 146 -8.63 -8.14 -21.38
N TYR A 147 -8.29 -7.30 -20.42
CA TYR A 147 -8.69 -5.90 -20.49
C TYR A 147 -7.52 -4.95 -20.30
N ALA A 148 -7.61 -3.82 -20.97
CA ALA A 148 -6.58 -2.80 -20.90
C ALA A 148 -7.05 -1.62 -20.07
N TRP A 149 -6.30 -1.31 -19.03
CA TRP A 149 -6.61 -0.21 -18.14
C TRP A 149 -5.56 0.88 -18.29
N GLU A 150 -5.95 2.03 -18.81
CA GLU A 150 -5.00 3.12 -18.99
C GLU A 150 -5.58 4.45 -18.53
N SER A 151 -4.73 5.29 -17.96
CA SER A 151 -5.15 6.60 -17.49
C SER A 151 -4.06 7.63 -17.78
N SER A 152 -4.43 8.67 -18.51
CA SER A 152 -3.49 9.73 -18.85
C SER A 152 -3.61 10.88 -17.86
N ALA A 153 -3.68 10.52 -16.57
CA ALA A 153 -3.82 11.49 -15.49
C ALA A 153 -5.12 12.29 -15.66
N GLY A 154 -5.13 13.52 -15.16
CA GLY A 154 -6.32 14.36 -15.27
C GLY A 154 -7.38 14.01 -14.25
N GLY A 155 -7.68 12.71 -14.13
CA GLY A 155 -8.67 12.24 -13.18
C GLY A 155 -9.61 11.24 -13.81
N SER A 156 -9.30 10.81 -15.02
CA SER A 156 -10.14 9.86 -15.71
C SER A 156 -9.32 8.66 -16.20
N PHE A 157 -9.99 7.53 -16.36
CA PHE A 157 -9.33 6.32 -16.83
C PHE A 157 -10.20 5.62 -17.86
N THR A 158 -9.57 4.82 -18.71
CA THR A 158 -10.29 4.13 -19.76
C THR A 158 -10.14 2.62 -19.66
N VAL A 159 -11.27 1.93 -19.67
CA VAL A 159 -11.27 0.48 -19.62
C VAL A 159 -11.77 -0.04 -20.95
N ARG A 160 -11.00 -0.90 -21.58
CA ARG A 160 -11.38 -1.44 -22.88
C ARG A 160 -10.91 -2.88 -23.04
N THR A 161 -11.45 -3.56 -24.02
CA THR A 161 -11.06 -4.93 -24.30
C THR A 161 -9.71 -4.96 -24.99
N ASP A 162 -8.75 -5.62 -24.35
CA ASP A 162 -7.41 -5.72 -24.90
C ASP A 162 -7.40 -6.57 -26.16
N THR A 163 -6.99 -5.96 -27.26
CA THR A 163 -6.93 -6.64 -28.54
C THR A 163 -5.63 -7.42 -28.70
N GLY A 164 -4.54 -6.90 -28.09
CA GLY A 164 -3.23 -7.55 -28.13
C GLY A 164 -3.26 -9.05 -27.86
N GLU A 165 -2.14 -9.72 -28.11
CA GLU A 165 -2.02 -11.16 -27.92
C GLU A 165 -2.34 -11.57 -26.49
N PRO A 166 -2.85 -12.79 -26.30
CA PRO A 166 -3.20 -13.31 -24.98
C PRO A 166 -2.00 -13.40 -24.07
N MET A 167 -2.20 -13.02 -22.82
CA MET A 167 -1.15 -13.04 -21.84
C MET A 167 -1.22 -14.32 -21.02
N GLY A 168 -2.35 -15.02 -21.08
CA GLY A 168 -2.51 -16.23 -20.32
C GLY A 168 -3.12 -15.91 -18.98
N ARG A 169 -2.30 -15.37 -18.10
CA ARG A 169 -2.71 -14.94 -16.78
C ARG A 169 -1.59 -14.09 -16.21
N GLY A 170 -1.89 -13.16 -15.32
CA GLY A 170 -0.85 -12.32 -14.77
C GLY A 170 -1.14 -10.85 -14.91
N THR A 171 -0.26 -10.03 -14.38
CA THR A 171 -0.42 -8.59 -14.46
C THR A 171 0.75 -7.94 -15.20
N LYS A 172 0.44 -7.21 -16.26
CA LYS A 172 1.45 -6.52 -17.04
C LYS A 172 1.25 -5.01 -16.94
N VAL A 173 2.16 -4.34 -16.27
CA VAL A 173 2.06 -2.91 -16.10
C VAL A 173 3.17 -2.23 -16.89
N ILE A 174 2.80 -1.36 -17.81
CA ILE A 174 3.77 -0.64 -18.61
C ILE A 174 3.75 0.83 -18.20
N LEU A 175 4.84 1.32 -17.67
CA LEU A 175 4.90 2.69 -17.23
C LEU A 175 5.52 3.59 -18.27
N HIS A 176 4.86 4.72 -18.49
CA HIS A 176 5.33 5.73 -19.43
C HIS A 176 6.13 6.76 -18.68
N LEU A 177 7.38 6.42 -18.41
CA LEU A 177 8.30 7.29 -17.66
C LEU A 177 8.40 8.70 -18.25
N LYS A 178 8.61 9.68 -17.38
CA LYS A 178 8.74 11.07 -17.80
C LYS A 178 10.03 11.24 -18.61
N GLU A 179 10.04 12.24 -19.48
CA GLU A 179 11.20 12.54 -20.32
C GLU A 179 12.49 12.70 -19.52
N ASP A 180 12.41 13.26 -18.32
CA ASP A 180 13.59 13.46 -17.49
C ASP A 180 13.88 12.26 -16.58
N GLN A 181 12.83 11.55 -16.19
CA GLN A 181 13.00 10.39 -15.31
C GLN A 181 13.13 9.12 -16.14
N THR A 182 14.20 9.03 -16.92
CA THR A 182 14.44 7.85 -17.74
C THR A 182 15.41 6.90 -17.05
N GLU A 183 16.16 7.45 -16.10
CA GLU A 183 17.13 6.70 -15.28
C GLU A 183 16.67 5.27 -14.91
N TYR A 184 15.36 5.07 -14.78
CA TYR A 184 14.81 3.78 -14.41
C TYR A 184 14.79 2.79 -15.57
N LEU A 185 15.41 3.17 -16.68
CA LEU A 185 15.50 2.28 -17.82
C LEU A 185 16.87 1.64 -17.84
N GLU A 186 17.71 2.10 -16.92
CA GLU A 186 19.06 1.59 -16.76
C GLU A 186 19.04 0.39 -15.82
N GLU A 187 19.61 -0.72 -16.26
CA GLU A 187 19.64 -1.96 -15.48
C GLU A 187 20.32 -1.76 -14.12
N ARG A 188 21.44 -1.05 -14.10
CA ARG A 188 22.16 -0.81 -12.86
C ARG A 188 21.29 -0.03 -11.88
N ARG A 189 20.51 0.87 -12.44
CA ARG A 189 19.62 1.71 -11.65
C ARG A 189 18.50 0.85 -11.04
N ILE A 190 17.89 0.01 -11.85
CA ILE A 190 16.81 -0.87 -11.41
C ILE A 190 17.32 -1.89 -10.38
N LYS A 191 18.48 -2.46 -10.65
CA LYS A 191 19.09 -3.45 -9.77
C LYS A 191 19.38 -2.85 -8.39
N GLU A 192 19.67 -1.55 -8.36
CA GLU A 192 19.94 -0.87 -7.10
C GLU A 192 18.66 -0.74 -6.27
N ILE A 193 17.54 -0.64 -6.94
CA ILE A 193 16.25 -0.51 -6.27
C ILE A 193 15.79 -1.86 -5.72
N VAL A 194 15.95 -2.90 -6.51
CA VAL A 194 15.57 -4.24 -6.09
C VAL A 194 16.43 -4.68 -4.90
N LYS A 195 17.72 -4.48 -5.02
CA LYS A 195 18.67 -4.85 -3.98
C LYS A 195 18.72 -3.78 -2.87
N LYS A 196 17.54 -3.27 -2.53
CA LYS A 196 17.42 -2.25 -1.50
C LYS A 196 16.03 -2.30 -0.86
N HIS A 197 15.02 -2.10 -1.69
CA HIS A 197 13.63 -2.12 -1.21
C HIS A 197 12.89 -3.41 -1.56
N SER A 198 13.28 -4.06 -2.64
CA SER A 198 12.61 -5.28 -3.07
C SER A 198 13.50 -6.52 -2.99
N GLN A 199 14.17 -6.72 -1.86
CA GLN A 199 15.04 -7.88 -1.68
C GLN A 199 14.36 -8.94 -0.82
N PHE A 200 13.25 -8.57 -0.20
CA PHE A 200 12.53 -9.48 0.68
C PHE A 200 11.38 -10.18 -0.05
N ILE A 201 11.53 -10.33 -1.36
CA ILE A 201 10.50 -10.99 -2.16
C ILE A 201 10.79 -12.49 -2.24
N GLY A 202 9.81 -13.31 -1.88
CA GLY A 202 9.98 -14.74 -1.92
C GLY A 202 9.55 -15.33 -3.26
N TYR A 203 9.92 -14.64 -4.33
CA TYR A 203 9.58 -15.07 -5.68
C TYR A 203 10.68 -14.61 -6.63
N PRO A 204 11.08 -15.45 -7.58
CA PRO A 204 12.13 -15.10 -8.55
C PRO A 204 11.83 -13.84 -9.35
N ILE A 205 12.84 -12.99 -9.45
CA ILE A 205 12.75 -11.74 -10.19
C ILE A 205 13.77 -11.77 -11.32
N THR A 206 13.31 -11.54 -12.54
CA THR A 206 14.19 -11.57 -13.69
C THR A 206 14.11 -10.27 -14.48
N LEU A 207 15.25 -9.67 -14.74
CA LEU A 207 15.33 -8.44 -15.52
C LEU A 207 15.73 -8.79 -16.94
N PHE A 208 15.14 -8.15 -17.93
CA PHE A 208 15.46 -8.44 -19.33
C PHE A 208 15.89 -7.18 -20.06
N VAL A 209 17.11 -6.75 -19.78
CA VAL A 209 17.67 -5.58 -20.42
C VAL A 209 17.92 -5.88 -21.90
N GLU A 210 17.74 -4.89 -22.75
CA GLU A 210 17.93 -5.06 -24.18
C GLU A 210 19.40 -5.33 -24.50
N HIS B 1 11.31 11.32 29.23
CA HIS B 1 10.18 11.63 28.33
C HIS B 1 10.44 12.94 27.58
N LYS B 2 10.88 13.96 28.31
CA LYS B 2 11.13 15.26 27.70
C LYS B 2 12.28 15.19 26.68
N THR B 3 13.32 14.43 26.98
CA THR B 3 14.45 14.29 26.09
C THR B 3 14.23 13.13 25.12
N PHE B 4 13.03 12.58 25.14
CA PHE B 4 12.70 11.47 24.25
C PHE B 4 12.11 11.98 22.94
N VAL B 5 11.04 12.76 23.05
CA VAL B 5 10.36 13.33 21.88
C VAL B 5 11.33 14.18 21.06
N GLU B 6 12.03 15.08 21.73
CA GLU B 6 13.00 15.96 21.07
C GLU B 6 14.31 15.23 20.81
N LYS B 7 14.18 14.10 20.12
CA LYS B 7 15.30 13.25 19.77
C LYS B 7 14.83 12.12 18.86
N TYR B 8 13.67 11.55 19.20
CA TYR B 8 13.10 10.45 18.41
C TYR B 8 11.89 10.90 17.59
N GLU B 9 11.64 12.20 17.53
CA GLU B 9 10.51 12.76 16.78
C GLU B 9 10.49 12.27 15.34
N LYS B 10 11.67 12.29 14.70
CA LYS B 10 11.81 11.87 13.32
C LYS B 10 11.41 10.40 13.16
N GLN B 11 11.47 9.64 14.25
CA GLN B 11 11.11 8.22 14.21
C GLN B 11 9.66 8.02 14.62
N ILE B 12 9.22 8.76 15.62
CA ILE B 12 7.86 8.67 16.13
C ILE B 12 6.84 9.09 15.06
N LYS B 13 7.10 10.21 14.41
CA LYS B 13 6.20 10.72 13.39
C LYS B 13 6.22 9.82 12.16
N HIS B 14 7.34 9.14 11.95
CA HIS B 14 7.48 8.24 10.81
C HIS B 14 7.02 6.84 11.22
N PHE B 15 6.73 6.67 12.50
CA PHE B 15 6.29 5.40 13.04
C PHE B 15 4.79 5.22 12.85
N GLY B 16 4.00 6.13 13.41
CA GLY B 16 2.56 6.04 13.30
C GLY B 16 2.05 6.40 11.93
N MET B 17 2.89 7.02 11.12
CA MET B 17 2.49 7.41 9.77
C MET B 17 2.70 6.27 8.79
N LEU B 18 2.46 5.04 9.25
CA LEU B 18 2.57 3.86 8.43
C LEU B 18 1.20 3.18 8.46
N ARG B 19 0.99 2.12 7.69
CA ARG B 19 -0.32 1.46 7.68
C ARG B 19 -0.31 0.11 6.96
N ARG B 20 0.86 -0.52 6.83
CA ARG B 20 0.92 -1.80 6.15
C ARG B 20 1.12 -2.94 7.15
N TRP B 21 1.53 -4.10 6.66
CA TRP B 21 1.72 -5.27 7.50
C TRP B 21 3.20 -5.58 7.72
N ASP B 22 3.85 -6.12 6.69
CA ASP B 22 5.28 -6.46 6.78
C ASP B 22 6.12 -5.22 7.05
N ASP B 23 5.70 -4.09 6.48
CA ASP B 23 6.40 -2.83 6.66
C ASP B 23 6.46 -2.46 8.13
N SER B 24 5.31 -2.50 8.79
CA SER B 24 5.20 -2.20 10.21
C SER B 24 6.02 -3.18 11.03
N GLN B 25 6.07 -4.42 10.57
CA GLN B 25 6.82 -5.48 11.24
C GLN B 25 8.32 -5.19 11.19
N LYS B 26 8.82 -4.87 9.99
CA LYS B 26 10.23 -4.57 9.83
C LYS B 26 10.62 -3.30 10.60
N TYR B 27 9.74 -2.30 10.56
CA TYR B 27 9.98 -1.04 11.24
C TYR B 27 10.10 -1.24 12.75
N LEU B 28 9.37 -2.22 13.28
CA LEU B 28 9.41 -2.51 14.71
C LEU B 28 10.65 -3.33 15.04
N SER B 29 11.12 -4.06 14.05
CA SER B 29 12.30 -4.90 14.21
C SER B 29 13.56 -4.04 14.15
N ASP B 30 13.52 -3.03 13.28
CA ASP B 30 14.65 -2.10 13.11
C ASP B 30 14.74 -1.18 14.30
N ASN B 31 13.60 -0.91 14.90
CA ASN B 31 13.53 -0.03 16.05
C ASN B 31 12.73 -0.69 17.17
N VAL B 32 13.39 -1.55 17.95
CA VAL B 32 12.74 -2.27 19.04
C VAL B 32 12.30 -1.35 20.18
N HIS B 33 12.93 -0.18 20.27
CA HIS B 33 12.61 0.79 21.31
C HIS B 33 11.20 1.37 21.13
N LEU B 34 10.51 0.95 20.08
CA LEU B 34 9.16 1.43 19.81
C LEU B 34 8.13 0.55 20.48
N VAL B 35 8.50 -0.69 20.80
CA VAL B 35 7.58 -1.61 21.44
C VAL B 35 7.52 -1.34 22.94
N CYS B 36 6.74 -0.35 23.31
CA CYS B 36 6.55 0.04 24.70
C CYS B 36 5.13 0.57 24.89
N GLU B 37 4.70 0.73 26.13
CA GLU B 37 3.37 1.24 26.41
C GLU B 37 3.29 2.73 26.14
N GLU B 38 4.36 3.43 26.46
CA GLU B 38 4.45 4.88 26.24
C GLU B 38 4.12 5.25 24.80
N THR B 39 4.69 4.53 23.84
CA THR B 39 4.45 4.77 22.43
C THR B 39 2.97 4.65 22.10
N ALA B 40 2.35 3.60 22.65
CA ALA B 40 0.94 3.34 22.45
C ALA B 40 0.09 4.47 23.00
N ASN B 41 0.48 4.98 24.17
CA ASN B 41 -0.25 6.06 24.81
C ASN B 41 -0.10 7.35 24.04
N TYR B 42 1.08 7.57 23.46
CA TYR B 42 1.34 8.76 22.68
C TYR B 42 0.48 8.76 21.42
N LEU B 43 0.29 7.59 20.83
CA LEU B 43 -0.52 7.44 19.64
C LEU B 43 -1.94 7.91 19.91
N VAL B 44 -2.48 7.57 21.08
CA VAL B 44 -3.81 7.99 21.47
C VAL B 44 -3.84 9.52 21.57
N ILE B 45 -2.91 10.05 22.36
CA ILE B 45 -2.76 11.50 22.54
C ILE B 45 -2.86 12.23 21.19
N TRP B 46 -2.13 11.73 20.19
CA TRP B 46 -2.14 12.34 18.86
C TRP B 46 -3.49 12.12 18.17
N CYS B 47 -4.02 10.89 18.24
CA CYS B 47 -5.30 10.56 17.63
C CYS B 47 -6.36 11.56 18.09
N ILE B 48 -6.47 11.75 19.40
CA ILE B 48 -7.44 12.68 19.98
C ILE B 48 -7.24 14.09 19.44
N ASP B 49 -5.98 14.53 19.41
CA ASP B 49 -5.63 15.86 18.91
C ASP B 49 -6.00 16.02 17.44
N LEU B 50 -5.74 14.98 16.64
CA LEU B 50 -6.05 15.00 15.22
C LEU B 50 -7.55 15.18 14.96
N GLU B 51 -8.38 14.49 15.75
CA GLU B 51 -9.83 14.61 15.61
C GLU B 51 -10.27 16.04 15.89
N VAL B 52 -9.72 16.62 16.96
CA VAL B 52 -10.02 18.01 17.33
C VAL B 52 -9.47 18.97 16.29
N GLU B 53 -8.40 18.55 15.61
CA GLU B 53 -7.78 19.36 14.57
C GLU B 53 -8.57 19.26 13.27
N GLU B 54 -9.67 18.50 13.32
CA GLU B 54 -10.55 18.29 12.17
C GLU B 54 -9.87 17.44 11.10
N LYS B 55 -8.86 16.69 11.53
CA LYS B 55 -8.11 15.81 10.63
C LYS B 55 -8.37 14.37 11.03
N CYS B 56 -9.61 13.94 10.81
CA CYS B 56 -10.02 12.59 11.16
C CYS B 56 -9.72 11.59 10.06
N ALA B 57 -9.07 12.03 8.99
CA ALA B 57 -8.75 11.12 7.91
C ALA B 57 -7.50 10.36 8.30
N LEU B 58 -6.53 11.10 8.82
CA LEU B 58 -5.29 10.51 9.28
C LEU B 58 -5.51 9.84 10.63
N MET B 59 -6.38 10.45 11.44
CA MET B 59 -6.69 9.93 12.77
C MET B 59 -7.08 8.45 12.71
N GLU B 60 -8.01 8.13 11.83
CA GLU B 60 -8.49 6.76 11.67
C GLU B 60 -7.37 5.82 11.23
N GLN B 61 -6.35 6.37 10.61
CA GLN B 61 -5.22 5.56 10.15
C GLN B 61 -4.23 5.37 11.28
N VAL B 62 -4.15 6.35 12.18
CA VAL B 62 -3.24 6.24 13.32
C VAL B 62 -3.72 5.12 14.22
N ALA B 63 -5.04 4.89 14.23
CA ALA B 63 -5.63 3.81 15.02
C ALA B 63 -5.06 2.47 14.59
N HIS B 64 -4.67 2.38 13.32
CA HIS B 64 -4.08 1.16 12.76
C HIS B 64 -2.68 0.97 13.34
N GLN B 65 -2.26 1.92 14.12
CA GLN B 65 -0.95 1.88 14.75
C GLN B 65 -1.12 1.66 16.24
N THR B 66 -2.10 2.34 16.82
CA THR B 66 -2.39 2.20 18.23
C THR B 66 -2.85 0.79 18.57
N ILE B 67 -3.86 0.31 17.84
CA ILE B 67 -4.40 -1.03 18.06
C ILE B 67 -3.33 -2.10 17.87
N VAL B 68 -2.47 -1.90 16.87
CA VAL B 68 -1.41 -2.86 16.59
C VAL B 68 -0.45 -2.98 17.78
N MET B 69 -0.17 -1.86 18.42
CA MET B 69 0.72 -1.85 19.56
C MET B 69 0.03 -2.42 20.78
N GLN B 70 -1.23 -2.03 20.98
CA GLN B 70 -2.03 -2.51 22.10
C GLN B 70 -2.18 -4.03 22.01
N PHE B 71 -2.60 -4.51 20.84
CA PHE B 71 -2.77 -5.94 20.60
C PHE B 71 -1.48 -6.69 20.89
N ILE B 72 -0.34 -6.14 20.43
CA ILE B 72 0.96 -6.76 20.65
C ILE B 72 1.24 -6.88 22.14
N LEU B 73 0.96 -5.79 22.88
CA LEU B 73 1.18 -5.77 24.31
C LEU B 73 0.33 -6.82 25.00
N GLU B 74 -0.95 -6.89 24.66
CA GLU B 74 -1.85 -7.86 25.26
C GLU B 74 -1.40 -9.27 24.91
N LEU B 75 -1.16 -9.49 23.61
CA LEU B 75 -0.68 -10.77 23.11
C LEU B 75 0.49 -11.27 23.95
N ALA B 76 1.44 -10.36 24.20
CA ALA B 76 2.62 -10.66 24.99
C ALA B 76 2.23 -10.99 26.43
N LYS B 77 1.24 -10.26 26.94
CA LYS B 77 0.75 -10.44 28.30
C LYS B 77 0.20 -11.84 28.51
N SER B 78 -0.72 -12.28 27.66
CA SER B 78 -1.28 -13.62 27.76
C SER B 78 -0.19 -14.68 27.59
N LEU B 79 0.78 -14.41 26.72
CA LEU B 79 1.86 -15.36 26.49
C LEU B 79 2.86 -15.30 27.64
N LYS B 80 2.80 -14.22 28.42
CA LYS B 80 3.69 -14.00 29.55
C LYS B 80 5.12 -13.83 29.09
N VAL B 81 5.26 -13.32 27.87
CA VAL B 81 6.56 -13.10 27.26
C VAL B 81 6.74 -11.62 26.95
N ASP B 82 7.98 -11.14 26.91
CA ASP B 82 8.24 -9.75 26.61
C ASP B 82 7.80 -9.41 25.18
N PRO B 83 7.02 -8.32 25.01
CA PRO B 83 6.51 -7.89 23.69
C PRO B 83 7.62 -7.55 22.69
N ARG B 84 8.83 -7.40 23.19
CA ARG B 84 9.96 -7.07 22.33
C ARG B 84 10.59 -8.34 21.72
N ALA B 85 9.93 -9.47 21.92
CA ALA B 85 10.37 -10.74 21.38
C ALA B 85 9.21 -11.49 20.74
N CYS B 86 8.00 -10.97 20.92
CA CYS B 86 6.80 -11.60 20.39
C CYS B 86 5.93 -10.62 19.60
N PHE B 87 6.52 -9.48 19.23
CA PHE B 87 5.77 -8.46 18.49
C PHE B 87 5.49 -8.92 17.06
N ARG B 88 6.23 -9.91 16.61
CA ARG B 88 6.05 -10.44 15.26
C ARG B 88 4.90 -11.44 15.22
N GLN B 89 4.61 -12.04 16.39
CA GLN B 89 3.55 -13.04 16.50
C GLN B 89 2.21 -12.44 16.10
N PHE B 90 2.08 -11.14 16.34
CA PHE B 90 0.86 -10.41 16.00
C PHE B 90 0.63 -10.44 14.49
N PHE B 91 1.67 -10.10 13.75
CA PHE B 91 1.58 -10.07 12.29
C PHE B 91 1.44 -11.46 11.70
N THR B 92 1.96 -12.47 12.39
CA THR B 92 1.86 -13.84 11.91
C THR B 92 0.39 -14.26 11.87
N LYS B 93 -0.37 -13.80 12.85
CA LYS B 93 -1.78 -14.15 12.95
C LYS B 93 -2.64 -13.31 12.00
N ILE B 94 -2.01 -12.52 11.13
CA ILE B 94 -2.77 -11.71 10.18
C ILE B 94 -2.85 -12.40 8.80
N LYS B 95 -1.88 -13.26 8.50
CA LYS B 95 -1.86 -13.98 7.22
C LYS B 95 -2.45 -15.39 7.40
N THR B 96 -2.33 -15.85 8.65
CA THR B 96 -2.89 -17.15 9.05
C THR B 96 -4.36 -17.20 8.59
N ALA B 97 -4.89 -18.37 8.26
CA ALA B 97 -6.26 -18.44 7.77
C ALA B 97 -7.27 -18.41 8.91
N ASP B 98 -7.30 -17.28 9.60
CA ASP B 98 -8.24 -17.09 10.70
C ASP B 98 -8.83 -15.69 10.61
N ARG B 99 -10.04 -15.62 10.09
CA ARG B 99 -10.72 -14.34 9.92
C ARG B 99 -11.24 -13.83 11.26
N GLN B 100 -11.30 -14.70 12.26
CA GLN B 100 -11.77 -14.32 13.59
C GLN B 100 -10.81 -13.32 14.23
N TYR B 101 -9.51 -13.63 14.16
CA TYR B 101 -8.49 -12.74 14.71
C TYR B 101 -8.52 -11.40 13.99
N MET B 102 -8.68 -11.46 12.66
CA MET B 102 -8.75 -10.25 11.85
C MET B 102 -9.99 -9.44 12.22
N GLU B 103 -11.08 -10.16 12.48
CA GLU B 103 -12.33 -9.53 12.89
C GLU B 103 -12.13 -8.86 14.24
N GLY B 104 -11.44 -9.57 15.12
CA GLY B 104 -11.13 -9.07 16.45
C GLY B 104 -10.33 -7.79 16.38
N PHE B 105 -9.44 -7.73 15.39
CA PHE B 105 -8.60 -6.56 15.17
C PHE B 105 -9.42 -5.40 14.61
N ASN B 106 -10.20 -5.67 13.55
CA ASN B 106 -11.03 -4.65 12.90
C ASN B 106 -12.07 -4.10 13.86
N ASP B 107 -12.65 -4.97 14.66
CA ASP B 107 -13.64 -4.59 15.64
C ASP B 107 -13.06 -3.56 16.61
N GLU B 108 -11.94 -3.91 17.23
CA GLU B 108 -11.27 -3.02 18.18
C GLU B 108 -10.89 -1.72 17.49
N LEU B 109 -10.46 -1.83 16.24
CA LEU B 109 -10.06 -0.67 15.44
C LEU B 109 -11.22 0.33 15.37
N GLU B 110 -12.36 -0.15 14.88
CA GLU B 110 -13.56 0.68 14.75
C GLU B 110 -13.97 1.26 16.10
N ALA B 111 -14.02 0.41 17.11
CA ALA B 111 -14.41 0.82 18.45
C ALA B 111 -13.46 1.86 19.03
N PHE B 112 -12.16 1.71 18.76
CA PHE B 112 -11.16 2.65 19.27
C PHE B 112 -11.32 4.01 18.59
N LYS B 113 -11.56 3.98 17.28
CA LYS B 113 -11.72 5.22 16.52
C LYS B 113 -12.89 6.02 17.06
N GLU B 114 -13.98 5.32 17.34
CA GLU B 114 -15.19 5.96 17.85
C GLU B 114 -14.98 6.42 19.30
N ARG B 115 -14.11 5.72 20.02
CA ARG B 115 -13.80 6.10 21.39
C ARG B 115 -13.11 7.46 21.37
N VAL B 116 -12.24 7.64 20.38
CA VAL B 116 -11.49 8.88 20.21
C VAL B 116 -12.44 10.04 19.95
N ARG B 117 -13.44 9.80 19.10
CA ARG B 117 -14.43 10.82 18.76
C ARG B 117 -15.10 11.38 20.01
N GLY B 118 -15.50 10.48 20.91
CA GLY B 118 -16.15 10.88 22.14
C GLY B 118 -15.22 11.66 23.05
N ARG B 119 -13.96 11.23 23.11
CA ARG B 119 -12.97 11.88 23.96
C ARG B 119 -12.63 13.26 23.44
N ALA B 120 -12.50 13.38 22.12
CA ALA B 120 -12.18 14.65 21.49
C ALA B 120 -13.27 15.66 21.74
N LYS B 121 -14.52 15.20 21.66
CA LYS B 121 -15.66 16.06 21.87
C LYS B 121 -15.69 16.55 23.32
N LEU B 122 -15.21 15.72 24.24
CA LEU B 122 -15.18 16.09 25.65
C LEU B 122 -14.12 17.16 25.89
N ARG B 123 -13.03 17.08 25.13
CA ARG B 123 -11.94 18.05 25.25
C ARG B 123 -12.42 19.46 24.95
N ILE B 124 -13.23 19.59 23.91
CA ILE B 124 -13.75 20.90 23.53
C ILE B 124 -15.05 21.20 24.26
N GLU B 125 -15.66 20.18 24.84
CA GLU B 125 -16.91 20.33 25.57
C GLU B 125 -16.68 21.03 26.90
N LYS B 126 -15.52 20.81 27.50
CA LYS B 126 -15.17 21.45 28.76
C LYS B 126 -14.88 22.93 28.56
N ALA B 127 -14.57 23.30 27.31
CA ALA B 127 -14.26 24.68 26.99
C ALA B 127 -15.45 25.38 26.34
N MET B 128 -16.26 24.60 25.64
CA MET B 128 -17.45 25.12 24.95
C MET B 128 -18.37 25.83 25.93
N LYS B 129 -18.69 25.16 27.02
CA LYS B 129 -19.54 25.75 28.03
C LYS B 129 -18.68 26.29 29.17
N GLU A 1 -13.23 -0.83 -35.31
CA GLU A 1 -13.53 0.14 -34.25
C GLU A 1 -13.49 -0.53 -32.89
N GLU A 2 -12.96 0.17 -31.88
CA GLU A 2 -12.86 -0.39 -30.54
C GLU A 2 -13.74 0.37 -29.54
N GLU A 3 -13.95 -0.22 -28.39
CA GLU A 3 -14.76 0.38 -27.34
C GLU A 3 -13.84 1.08 -26.33
N VAL A 4 -14.12 2.35 -26.04
CA VAL A 4 -13.30 3.13 -25.11
C VAL A 4 -14.18 3.74 -24.01
N GLU A 5 -13.91 3.34 -22.78
CA GLU A 5 -14.65 3.84 -21.64
C GLU A 5 -13.84 4.91 -20.90
N THR A 6 -14.20 6.15 -21.12
CA THR A 6 -13.53 7.27 -20.48
C THR A 6 -14.24 7.67 -19.20
N PHE A 7 -13.68 7.30 -18.06
CA PHE A 7 -14.28 7.64 -16.78
C PHE A 7 -13.33 8.54 -16.00
N ALA A 8 -13.84 9.11 -14.93
CA ALA A 8 -13.05 9.99 -14.10
C ALA A 8 -12.69 9.32 -12.78
N PHE A 9 -11.71 9.88 -12.09
CA PHE A 9 -11.27 9.34 -10.80
C PHE A 9 -12.09 9.96 -9.66
N GLN A 10 -11.97 9.39 -8.49
CA GLN A 10 -12.67 9.92 -7.32
C GLN A 10 -12.02 11.24 -6.92
N ALA A 11 -12.80 12.15 -6.35
CA ALA A 11 -12.31 13.47 -5.95
C ALA A 11 -10.98 13.37 -5.19
N GLU A 12 -10.99 12.69 -4.05
CA GLU A 12 -9.79 12.52 -3.23
C GLU A 12 -8.67 11.82 -4.00
N ILE A 13 -9.02 10.87 -4.85
CA ILE A 13 -8.03 10.13 -5.63
C ILE A 13 -7.33 11.04 -6.63
N ALA A 14 -8.09 11.88 -7.32
CA ALA A 14 -7.52 12.80 -8.30
C ALA A 14 -6.63 13.82 -7.59
N GLN A 15 -7.02 14.18 -6.38
CA GLN A 15 -6.26 15.14 -5.59
C GLN A 15 -4.93 14.50 -5.18
N LEU A 16 -4.99 13.23 -4.77
CA LEU A 16 -3.80 12.50 -4.37
C LEU A 16 -2.83 12.40 -5.54
N MET A 17 -3.38 12.09 -6.71
CA MET A 17 -2.57 11.96 -7.92
C MET A 17 -1.83 13.25 -8.20
N SER A 18 -2.56 14.36 -8.09
CA SER A 18 -1.99 15.68 -8.33
C SER A 18 -0.89 15.98 -7.32
N LEU A 19 -1.12 15.60 -6.07
CA LEU A 19 -0.15 15.83 -5.00
C LEU A 19 1.10 14.97 -5.19
N ILE A 20 0.91 13.77 -5.71
CA ILE A 20 2.03 12.86 -5.93
C ILE A 20 2.95 13.36 -7.04
N ILE A 21 2.36 13.91 -8.08
CA ILE A 21 3.13 14.40 -9.21
C ILE A 21 3.68 15.82 -8.96
N ASN A 22 2.86 16.69 -8.37
CA ASN A 22 3.27 18.09 -8.15
C ASN A 22 4.02 18.30 -6.84
N THR A 23 4.65 17.27 -6.30
CA THR A 23 5.40 17.43 -5.07
C THR A 23 6.75 16.73 -5.18
N PHE A 24 7.80 17.38 -4.72
CA PHE A 24 9.13 16.83 -4.78
C PHE A 24 9.43 15.96 -3.56
N TYR A 25 9.80 14.72 -3.83
CA TYR A 25 10.15 13.75 -2.80
C TYR A 25 11.57 13.23 -3.03
N SER A 26 11.99 12.24 -2.25
CA SER A 26 13.33 11.69 -2.41
C SER A 26 13.30 10.23 -2.86
N ASN A 27 12.90 9.33 -1.97
CA ASN A 27 12.85 7.90 -2.29
C ASN A 27 11.76 7.58 -3.31
N LYS A 28 12.10 7.73 -4.58
CA LYS A 28 11.16 7.49 -5.67
C LYS A 28 10.94 6.01 -5.95
N GLU A 29 11.98 5.19 -5.82
CA GLU A 29 11.91 3.74 -6.08
C GLU A 29 10.85 3.00 -5.26
N ILE A 30 10.14 3.68 -4.38
CA ILE A 30 9.11 3.02 -3.59
C ILE A 30 8.00 2.50 -4.50
N PHE A 31 7.90 3.08 -5.68
CA PHE A 31 6.89 2.68 -6.65
C PHE A 31 7.10 1.24 -7.10
N LEU A 32 8.36 0.84 -7.27
CA LEU A 32 8.67 -0.51 -7.70
C LEU A 32 8.37 -1.52 -6.62
N ARG A 33 8.53 -1.13 -5.36
CA ARG A 33 8.25 -2.01 -4.26
C ARG A 33 6.75 -2.29 -4.15
N GLU A 34 5.96 -1.23 -4.32
CA GLU A 34 4.51 -1.35 -4.25
C GLU A 34 3.98 -2.23 -5.37
N LEU A 35 4.48 -2.00 -6.59
CA LEU A 35 4.06 -2.78 -7.75
C LEU A 35 4.27 -4.27 -7.49
N ILE A 36 5.51 -4.63 -7.17
CA ILE A 36 5.85 -6.02 -6.91
C ILE A 36 5.03 -6.61 -5.77
N SER A 37 4.75 -5.82 -4.72
CA SER A 37 3.96 -6.29 -3.61
C SER A 37 2.57 -6.72 -4.09
N ASN A 38 1.97 -5.93 -4.97
CA ASN A 38 0.66 -6.24 -5.52
C ASN A 38 0.77 -7.42 -6.49
N SER A 39 1.91 -7.50 -7.18
CA SER A 39 2.17 -8.57 -8.12
C SER A 39 2.21 -9.91 -7.38
N SER A 40 2.89 -9.94 -6.23
CA SER A 40 2.97 -11.17 -5.44
C SER A 40 1.60 -11.52 -4.87
N ASP A 41 0.82 -10.48 -4.57
CA ASP A 41 -0.52 -10.66 -4.02
C ASP A 41 -1.42 -11.30 -5.08
N ALA A 42 -1.25 -10.89 -6.33
CA ALA A 42 -2.02 -11.43 -7.44
C ALA A 42 -1.71 -12.91 -7.63
N LEU A 43 -0.45 -13.26 -7.38
CA LEU A 43 0.00 -14.65 -7.48
C LEU A 43 -0.60 -15.45 -6.33
N ASP A 44 -0.46 -14.91 -5.13
CA ASP A 44 -1.02 -15.54 -3.94
C ASP A 44 -2.54 -15.73 -4.06
N LYS A 45 -3.18 -14.88 -4.85
CA LYS A 45 -4.61 -14.97 -5.05
C LYS A 45 -4.98 -16.07 -6.03
N ILE A 46 -4.27 -16.15 -7.14
CA ILE A 46 -4.58 -17.18 -8.12
C ILE A 46 -4.38 -18.57 -7.53
N ARG A 47 -3.29 -18.77 -6.77
CA ARG A 47 -3.01 -20.04 -6.12
C ARG A 47 -4.22 -20.58 -5.35
N TYR A 48 -4.61 -19.91 -4.28
CA TYR A 48 -5.77 -20.32 -3.48
C TYR A 48 -6.99 -20.65 -4.34
N GLU A 49 -7.20 -19.91 -5.42
CA GLU A 49 -8.33 -20.15 -6.29
C GLU A 49 -8.13 -21.43 -7.11
N THR A 50 -6.91 -21.67 -7.58
CA THR A 50 -6.62 -22.87 -8.35
C THR A 50 -6.62 -24.11 -7.46
N LEU A 51 -6.44 -23.91 -6.17
CA LEU A 51 -6.47 -25.00 -5.21
C LEU A 51 -7.90 -25.51 -5.08
N THR A 52 -8.84 -24.68 -5.55
CA THR A 52 -10.25 -25.03 -5.52
C THR A 52 -10.74 -25.32 -6.94
N ASP A 53 -9.96 -24.87 -7.91
CA ASP A 53 -10.28 -25.06 -9.32
C ASP A 53 -9.00 -25.05 -10.14
N PRO A 54 -8.43 -26.24 -10.39
CA PRO A 54 -7.19 -26.38 -11.15
C PRO A 54 -7.38 -26.09 -12.63
N SER A 55 -8.64 -26.10 -13.07
CA SER A 55 -8.97 -25.82 -14.47
C SER A 55 -8.56 -24.39 -14.83
N LYS A 56 -8.32 -23.56 -13.82
CA LYS A 56 -7.91 -22.17 -14.03
C LYS A 56 -6.41 -22.09 -14.33
N LEU A 57 -5.75 -23.24 -14.31
CA LEU A 57 -4.32 -23.32 -14.58
C LEU A 57 -4.07 -23.42 -16.08
N ASP A 58 -5.14 -23.64 -16.85
CA ASP A 58 -5.05 -23.77 -18.31
C ASP A 58 -4.72 -22.43 -18.95
N SER A 59 -4.86 -21.38 -18.14
CA SER A 59 -4.58 -20.02 -18.57
C SER A 59 -3.10 -19.70 -18.36
N GLY A 60 -2.42 -20.58 -17.63
CA GLY A 60 -1.02 -20.37 -17.36
C GLY A 60 -0.59 -21.03 -16.06
N LYS A 61 0.20 -22.08 -16.18
CA LYS A 61 0.70 -22.78 -15.00
C LYS A 61 2.03 -22.19 -14.55
N GLU A 62 2.09 -20.87 -14.51
CA GLU A 62 3.30 -20.16 -14.11
C GLU A 62 3.00 -19.22 -12.96
N LEU A 63 3.96 -19.07 -12.05
CA LEU A 63 3.82 -18.20 -10.90
C LEU A 63 5.13 -17.45 -10.64
N HIS A 64 5.40 -16.43 -11.45
CA HIS A 64 6.62 -15.62 -11.30
C HIS A 64 6.35 -14.19 -11.72
N ILE A 65 7.30 -13.32 -11.42
CA ILE A 65 7.19 -11.90 -11.77
C ILE A 65 8.40 -11.49 -12.61
N ASN A 66 8.15 -10.80 -13.70
CA ASN A 66 9.22 -10.37 -14.59
C ASN A 66 9.24 -8.87 -14.78
N LEU A 67 10.45 -8.31 -14.76
CA LEU A 67 10.65 -6.88 -14.95
C LEU A 67 11.32 -6.65 -16.29
N ILE A 68 10.66 -5.92 -17.18
CA ILE A 68 11.21 -5.68 -18.51
C ILE A 68 11.40 -4.19 -18.79
N PRO A 69 12.64 -3.70 -18.68
CA PRO A 69 12.97 -2.31 -18.98
C PRO A 69 13.10 -2.09 -20.48
N ASN A 70 13.24 -0.85 -20.91
CA ASN A 70 13.36 -0.53 -22.33
C ASN A 70 13.90 0.88 -22.48
N LYS A 71 15.20 0.99 -22.69
CA LYS A 71 15.85 2.28 -22.83
C LYS A 71 15.57 2.91 -24.19
N GLN A 72 15.10 2.08 -25.12
CA GLN A 72 14.82 2.53 -26.48
C GLN A 72 13.44 3.16 -26.56
N ASP A 73 12.52 2.67 -25.73
CA ASP A 73 11.14 3.16 -25.73
C ASP A 73 10.85 3.98 -24.47
N ARG A 74 11.77 3.93 -23.51
CA ARG A 74 11.64 4.67 -22.25
C ARG A 74 10.46 4.14 -21.42
N THR A 75 10.26 2.83 -21.46
CA THR A 75 9.16 2.25 -20.72
C THR A 75 9.60 1.09 -19.85
N LEU A 76 8.99 0.99 -18.67
CA LEU A 76 9.31 -0.08 -17.73
C LEU A 76 8.08 -0.96 -17.53
N THR A 77 8.13 -2.15 -18.08
CA THR A 77 7.01 -3.08 -17.97
C THR A 77 7.19 -4.04 -16.80
N ILE A 78 6.11 -4.30 -16.09
CA ILE A 78 6.08 -5.20 -14.96
C ILE A 78 5.01 -6.23 -15.24
N VAL A 79 5.39 -7.50 -15.28
CA VAL A 79 4.43 -8.56 -15.58
C VAL A 79 4.42 -9.64 -14.51
N ASP A 80 3.22 -10.06 -14.12
CA ASP A 80 3.05 -11.11 -13.12
C ASP A 80 1.99 -12.08 -13.63
N THR A 81 2.20 -13.36 -13.39
CA THR A 81 1.26 -14.37 -13.87
C THR A 81 0.07 -14.61 -12.93
N GLY A 82 -0.34 -13.60 -12.16
CA GLY A 82 -1.51 -13.76 -11.30
C GLY A 82 -2.79 -13.98 -12.11
N ILE A 83 -3.96 -13.90 -11.48
CA ILE A 83 -5.23 -14.12 -12.19
C ILE A 83 -5.72 -12.87 -12.92
N GLY A 84 -5.02 -11.76 -12.74
CA GLY A 84 -5.41 -10.52 -13.38
C GLY A 84 -6.73 -9.96 -12.86
N MET A 85 -7.26 -8.96 -13.53
CA MET A 85 -8.51 -8.32 -13.12
C MET A 85 -9.50 -8.22 -14.29
N THR A 86 -10.74 -7.85 -13.98
CA THR A 86 -11.77 -7.71 -15.00
C THR A 86 -11.89 -6.26 -15.45
N LYS A 87 -12.76 -5.99 -16.42
CA LYS A 87 -12.97 -4.62 -16.88
C LYS A 87 -13.65 -3.83 -15.77
N ALA A 88 -14.57 -4.49 -15.08
CA ALA A 88 -15.28 -3.87 -13.98
C ALA A 88 -14.33 -3.61 -12.82
N ASP A 89 -13.35 -4.48 -12.66
CA ASP A 89 -12.35 -4.35 -11.60
C ASP A 89 -11.49 -3.12 -11.81
N LEU A 90 -11.00 -2.98 -13.04
CA LEU A 90 -10.13 -1.85 -13.39
C LEU A 90 -10.82 -0.52 -13.12
N ILE A 91 -12.05 -0.39 -13.58
CA ILE A 91 -12.82 0.84 -13.38
C ILE A 91 -13.19 1.04 -11.91
N ASN A 92 -13.40 -0.06 -11.20
CA ASN A 92 -13.80 0.01 -9.80
C ASN A 92 -12.62 0.21 -8.86
N ASN A 93 -11.72 -0.77 -8.81
CA ASN A 93 -10.56 -0.71 -7.92
C ASN A 93 -9.73 0.55 -8.14
N LEU A 94 -9.44 0.85 -9.39
CA LEU A 94 -8.64 2.02 -9.72
C LEU A 94 -9.49 3.15 -10.27
N GLY A 95 -10.12 3.91 -9.38
CA GLY A 95 -10.93 5.03 -9.83
C GLY A 95 -12.20 5.24 -9.02
N THR A 96 -13.21 4.46 -9.34
CA THR A 96 -14.52 4.57 -8.70
C THR A 96 -14.50 4.31 -7.19
N ILE A 97 -13.93 3.19 -6.75
CA ILE A 97 -13.91 2.86 -5.32
C ILE A 97 -12.99 3.78 -4.54
N ALA A 98 -13.58 4.57 -3.66
CA ALA A 98 -12.85 5.50 -2.81
C ALA A 98 -12.12 4.73 -1.72
N LYS A 99 -11.08 5.34 -1.15
CA LYS A 99 -10.31 4.69 -0.11
C LYS A 99 -10.07 5.66 1.04
N SER A 100 -10.39 5.23 2.25
CA SER A 100 -10.20 6.03 3.44
C SER A 100 -8.72 6.34 3.63
N GLY A 101 -7.88 5.45 3.09
CA GLY A 101 -6.45 5.63 3.18
C GLY A 101 -5.98 6.78 2.31
N THR A 102 -6.65 6.96 1.18
CA THR A 102 -6.30 8.04 0.27
C THR A 102 -6.52 9.40 0.95
N LYS A 103 -7.66 9.55 1.61
CA LYS A 103 -7.96 10.78 2.32
C LYS A 103 -6.93 11.01 3.42
N ALA A 104 -6.66 9.93 4.16
CA ALA A 104 -5.72 9.98 5.26
C ALA A 104 -4.31 10.29 4.81
N PHE A 105 -3.94 9.84 3.61
CA PHE A 105 -2.61 10.11 3.09
C PHE A 105 -2.40 11.61 2.92
N MET A 106 -3.44 12.31 2.48
CA MET A 106 -3.36 13.75 2.30
C MET A 106 -3.07 14.42 3.65
N GLU A 107 -3.79 13.98 4.68
CA GLU A 107 -3.62 14.51 6.02
C GLU A 107 -2.26 14.10 6.59
N ALA A 108 -1.82 12.90 6.25
CA ALA A 108 -0.55 12.38 6.70
C ALA A 108 0.60 13.28 6.24
N LEU A 109 0.52 13.71 4.99
CA LEU A 109 1.54 14.59 4.42
C LEU A 109 1.59 15.89 5.21
N GLN A 110 0.42 16.39 5.59
CA GLN A 110 0.30 17.62 6.36
C GLN A 110 0.99 17.55 7.72
N ALA A 111 1.05 16.35 8.29
CA ALA A 111 1.69 16.17 9.59
C ALA A 111 3.19 15.91 9.46
N GLY A 112 3.60 15.37 8.31
CA GLY A 112 5.01 15.08 8.09
C GLY A 112 5.25 13.61 7.76
N ALA A 113 4.73 13.19 6.62
CA ALA A 113 4.87 11.80 6.20
C ALA A 113 5.88 11.65 5.06
N ASP A 114 5.92 10.46 4.49
CA ASP A 114 6.85 10.14 3.40
C ASP A 114 6.08 9.40 2.31
N ILE A 115 6.73 9.10 1.20
CA ILE A 115 6.07 8.40 0.11
C ILE A 115 6.20 6.88 0.27
N SER A 116 7.09 6.43 1.15
CA SER A 116 7.27 5.00 1.36
C SER A 116 6.08 4.43 2.13
N MET A 117 5.20 5.32 2.56
CA MET A 117 4.02 4.92 3.29
C MET A 117 2.77 5.15 2.46
N ILE A 118 2.90 5.10 1.14
CA ILE A 118 1.76 5.31 0.25
C ILE A 118 0.97 4.01 0.05
N GLY A 119 1.66 2.88 0.13
CA GLY A 119 1.01 1.59 -0.07
C GLY A 119 0.21 1.13 1.13
N GLN A 120 0.59 1.62 2.30
CA GLN A 120 -0.08 1.26 3.54
C GLN A 120 -1.47 1.87 3.60
N PHE A 121 -1.67 2.96 2.87
CA PHE A 121 -2.95 3.63 2.86
C PHE A 121 -3.85 3.08 1.75
N GLY A 122 -3.33 2.08 1.05
CA GLY A 122 -4.10 1.45 -0.01
C GLY A 122 -3.91 2.12 -1.37
N VAL A 123 -3.02 3.09 -1.42
CA VAL A 123 -2.73 3.81 -2.67
C VAL A 123 -1.33 3.49 -3.16
N GLY A 124 -0.93 2.23 -2.98
CA GLY A 124 0.39 1.79 -3.38
C GLY A 124 0.59 1.81 -4.88
N PHE A 125 -0.42 1.37 -5.61
CA PHE A 125 -0.35 1.33 -7.07
C PHE A 125 -0.32 2.74 -7.69
N TYR A 126 -0.56 3.75 -6.85
CA TYR A 126 -0.59 5.13 -7.32
C TYR A 126 0.79 5.78 -7.20
N SER A 127 1.77 5.00 -6.79
CA SER A 127 3.12 5.49 -6.62
C SER A 127 3.83 5.62 -7.97
N ALA A 128 3.26 5.00 -9.00
CA ALA A 128 3.83 5.04 -10.35
C ALA A 128 3.94 6.46 -10.86
N TYR A 129 3.03 7.32 -10.41
CA TYR A 129 3.01 8.72 -10.84
C TYR A 129 4.23 9.49 -10.34
N LEU A 130 4.97 8.91 -9.42
CA LEU A 130 6.17 9.55 -8.88
C LEU A 130 7.31 9.57 -9.88
N VAL A 131 7.27 8.64 -10.83
CA VAL A 131 8.32 8.53 -11.84
C VAL A 131 7.75 8.49 -13.24
N ALA A 132 6.48 8.13 -13.38
CA ALA A 132 5.83 8.06 -14.68
C ALA A 132 5.10 9.33 -15.05
N GLU A 133 4.45 9.30 -16.19
CA GLU A 133 3.68 10.42 -16.71
C GLU A 133 2.36 9.89 -17.26
N LYS A 134 2.42 8.69 -17.85
CA LYS A 134 1.24 8.04 -18.38
C LYS A 134 1.29 6.58 -17.95
N VAL A 135 0.22 6.13 -17.29
CA VAL A 135 0.16 4.76 -16.82
C VAL A 135 -0.67 3.91 -17.76
N THR A 136 -0.14 2.76 -18.13
CA THR A 136 -0.80 1.84 -19.03
C THR A 136 -0.78 0.45 -18.44
N VAL A 137 -1.94 -0.16 -18.28
CA VAL A 137 -2.02 -1.49 -17.70
C VAL A 137 -2.92 -2.38 -18.54
N ILE A 138 -2.41 -3.53 -18.90
CA ILE A 138 -3.19 -4.50 -19.66
C ILE A 138 -3.32 -5.74 -18.78
N THR A 139 -4.51 -6.24 -18.58
CA THR A 139 -4.67 -7.40 -17.72
C THR A 139 -5.60 -8.44 -18.35
N LYS A 140 -5.39 -9.69 -17.99
CA LYS A 140 -6.21 -10.76 -18.50
C LYS A 140 -6.73 -11.62 -17.35
N HIS A 141 -8.01 -11.53 -17.09
CA HIS A 141 -8.62 -12.29 -16.02
C HIS A 141 -9.07 -13.65 -16.54
N ASN A 142 -9.14 -14.63 -15.66
CA ASN A 142 -9.51 -15.99 -16.05
C ASN A 142 -10.97 -16.09 -16.46
N ASP A 143 -11.80 -15.25 -15.86
CA ASP A 143 -13.23 -15.26 -16.16
C ASP A 143 -13.65 -13.96 -16.83
N ASP A 144 -12.85 -13.50 -17.78
CA ASP A 144 -13.14 -12.26 -18.51
C ASP A 144 -12.21 -12.10 -19.71
N GLU A 145 -12.40 -11.04 -20.46
CA GLU A 145 -11.59 -10.76 -21.63
C GLU A 145 -10.32 -10.00 -21.24
N GLN A 146 -9.58 -9.49 -22.24
CA GLN A 146 -8.36 -8.73 -21.98
C GLN A 146 -8.68 -7.26 -22.15
N TYR A 147 -8.33 -6.45 -21.16
CA TYR A 147 -8.64 -5.03 -21.22
C TYR A 147 -7.40 -4.17 -21.00
N ALA A 148 -7.48 -2.94 -21.48
CA ALA A 148 -6.39 -1.98 -21.36
C ALA A 148 -6.84 -0.76 -20.55
N TRP A 149 -6.11 -0.49 -19.49
CA TRP A 149 -6.38 0.62 -18.60
C TRP A 149 -5.25 1.64 -18.70
N GLU A 150 -5.51 2.77 -19.34
CA GLU A 150 -4.51 3.81 -19.48
C GLU A 150 -5.01 5.11 -18.89
N SER A 151 -4.14 5.80 -18.16
CA SER A 151 -4.48 7.06 -17.53
C SER A 151 -3.32 8.04 -17.68
N SER A 152 -3.62 9.24 -18.14
CA SER A 152 -2.59 10.25 -18.34
C SER A 152 -2.66 11.35 -17.30
N ALA A 153 -2.64 10.97 -16.02
CA ALA A 153 -2.72 11.91 -14.91
C ALA A 153 -4.05 12.64 -14.92
N GLY A 154 -4.09 13.86 -14.39
CA GLY A 154 -5.31 14.61 -14.36
C GLY A 154 -6.35 13.99 -13.44
N GLY A 155 -7.45 13.54 -14.02
CA GLY A 155 -8.50 12.92 -13.24
C GLY A 155 -9.39 12.04 -14.09
N SER A 156 -8.80 11.36 -15.07
CA SER A 156 -9.57 10.49 -15.95
C SER A 156 -8.74 9.30 -16.39
N PHE A 157 -9.42 8.17 -16.59
CA PHE A 157 -8.78 6.96 -17.05
C PHE A 157 -9.55 6.37 -18.22
N THR A 158 -8.86 5.69 -19.10
CA THR A 158 -9.50 5.11 -20.27
C THR A 158 -9.38 3.60 -20.29
N VAL A 159 -10.51 2.94 -20.19
CA VAL A 159 -10.56 1.50 -20.23
C VAL A 159 -11.09 1.07 -21.60
N ARG A 160 -10.31 0.29 -22.32
CA ARG A 160 -10.69 -0.14 -23.64
C ARG A 160 -10.43 -1.61 -23.85
N THR A 161 -11.00 -2.16 -24.91
CA THR A 161 -10.80 -3.56 -25.24
C THR A 161 -9.42 -3.73 -25.89
N ASP A 162 -8.54 -4.46 -25.23
CA ASP A 162 -7.19 -4.68 -25.74
C ASP A 162 -7.23 -5.37 -27.10
N THR A 163 -6.59 -4.76 -28.07
CA THR A 163 -6.53 -5.31 -29.41
C THR A 163 -5.30 -6.20 -29.59
N GLY A 164 -4.21 -5.80 -28.94
CA GLY A 164 -2.96 -6.56 -28.97
C GLY A 164 -3.10 -8.06 -28.71
N GLU A 165 -1.96 -8.75 -28.82
CA GLU A 165 -1.88 -10.20 -28.62
C GLU A 165 -2.28 -10.61 -27.21
N PRO A 166 -2.89 -11.81 -27.08
CA PRO A 166 -3.31 -12.39 -25.81
C PRO A 166 -2.15 -12.55 -24.83
N MET A 167 -2.46 -12.45 -23.55
CA MET A 167 -1.43 -12.58 -22.51
C MET A 167 -1.60 -13.86 -21.72
N GLY A 168 -2.77 -14.51 -21.83
CA GLY A 168 -3.00 -15.73 -21.08
C GLY A 168 -3.76 -15.43 -19.81
N ARG A 169 -3.02 -14.97 -18.83
CA ARG A 169 -3.55 -14.60 -17.52
C ARG A 169 -2.48 -13.75 -16.85
N GLY A 170 -2.84 -12.84 -15.96
CA GLY A 170 -1.84 -12.01 -15.32
C GLY A 170 -2.02 -10.53 -15.58
N THR A 171 -1.07 -9.74 -15.10
CA THR A 171 -1.11 -8.30 -15.28
C THR A 171 0.17 -7.79 -15.91
N LYS A 172 0.02 -6.91 -16.88
CA LYS A 172 1.13 -6.30 -17.57
C LYS A 172 1.02 -4.80 -17.42
N VAL A 173 1.96 -4.20 -16.73
CA VAL A 173 1.92 -2.76 -16.51
C VAL A 173 3.11 -2.11 -17.20
N ILE A 174 2.84 -1.24 -18.15
CA ILE A 174 3.90 -0.54 -18.85
C ILE A 174 3.93 0.89 -18.35
N LEU A 175 4.99 1.28 -17.67
CA LEU A 175 5.07 2.62 -17.15
C LEU A 175 5.86 3.52 -18.08
N HIS A 176 5.35 4.71 -18.26
CA HIS A 176 6.00 5.69 -19.10
C HIS A 176 6.75 6.65 -18.19
N LEU A 177 7.99 6.30 -17.85
CA LEU A 177 8.83 7.11 -16.96
C LEU A 177 9.05 8.51 -17.52
N LYS A 178 9.42 9.42 -16.63
CA LYS A 178 9.68 10.80 -17.00
C LYS A 178 11.08 10.96 -17.57
N GLU A 179 11.25 12.03 -18.32
CA GLU A 179 12.52 12.40 -18.94
C GLU A 179 13.73 12.21 -18.01
N ASP A 180 13.66 12.84 -16.84
CA ASP A 180 14.75 12.75 -15.85
C ASP A 180 14.73 11.45 -15.04
N GLN A 181 13.52 10.95 -14.78
CA GLN A 181 13.35 9.72 -14.01
C GLN A 181 13.48 8.50 -14.91
N THR A 182 14.54 8.45 -15.70
CA THR A 182 14.75 7.35 -16.62
C THR A 182 15.68 6.30 -16.00
N GLU A 183 16.52 6.77 -15.09
CA GLU A 183 17.49 5.92 -14.35
C GLU A 183 16.91 4.56 -13.91
N TYR A 184 15.58 4.44 -13.82
CA TYR A 184 14.96 3.20 -13.40
C TYR A 184 14.90 2.18 -14.54
N LEU A 185 15.59 2.48 -15.63
CA LEU A 185 15.65 1.58 -16.78
C LEU A 185 16.97 0.82 -16.76
N GLU A 186 17.84 1.19 -15.83
CA GLU A 186 19.14 0.55 -15.69
C GLU A 186 19.03 -0.69 -14.80
N GLU A 187 19.61 -1.79 -15.26
CA GLU A 187 19.59 -3.06 -14.53
C GLU A 187 20.11 -2.92 -13.10
N ARG A 188 21.27 -2.30 -12.95
CA ARG A 188 21.88 -2.10 -11.64
C ARG A 188 20.95 -1.31 -10.73
N ARG A 189 20.22 -0.38 -11.33
CA ARG A 189 19.28 0.45 -10.59
C ARG A 189 18.12 -0.40 -10.11
N ILE A 190 17.54 -1.19 -11.01
CA ILE A 190 16.41 -2.05 -10.67
C ILE A 190 16.83 -3.15 -9.69
N LYS A 191 18.01 -3.73 -9.95
CA LYS A 191 18.55 -4.79 -9.09
C LYS A 191 18.67 -4.33 -7.65
N GLU A 192 19.14 -3.10 -7.49
CA GLU A 192 19.32 -2.50 -6.18
C GLU A 192 17.99 -2.35 -5.43
N ILE A 193 16.96 -1.96 -6.17
CA ILE A 193 15.63 -1.77 -5.59
C ILE A 193 15.02 -3.11 -5.17
N VAL A 194 15.13 -4.10 -6.05
CA VAL A 194 14.60 -5.42 -5.78
C VAL A 194 15.32 -6.02 -4.57
N LYS A 195 16.64 -6.04 -4.63
CA LYS A 195 17.44 -6.59 -3.54
C LYS A 195 17.61 -5.55 -2.42
N LYS A 196 16.48 -5.02 -1.96
CA LYS A 196 16.46 -4.01 -0.91
C LYS A 196 15.07 -3.92 -0.29
N HIS A 197 14.09 -3.61 -1.12
CA HIS A 197 12.71 -3.53 -0.65
C HIS A 197 11.87 -4.72 -1.10
N SER A 198 12.26 -5.33 -2.20
CA SER A 198 11.52 -6.45 -2.76
C SER A 198 12.26 -7.79 -2.59
N GLN A 199 12.77 -8.06 -1.39
CA GLN A 199 13.49 -9.31 -1.12
C GLN A 199 12.62 -10.31 -0.38
N PHE A 200 11.49 -9.88 0.15
CA PHE A 200 10.61 -10.77 0.90
C PHE A 200 9.54 -11.41 0.02
N ILE A 201 9.71 -11.35 -1.29
CA ILE A 201 8.75 -11.92 -2.20
C ILE A 201 8.94 -13.44 -2.31
N GLY A 202 7.89 -14.18 -1.95
CA GLY A 202 7.96 -15.64 -2.02
C GLY A 202 7.63 -16.17 -3.40
N TYR A 203 8.10 -15.46 -4.42
CA TYR A 203 7.87 -15.83 -5.80
C TYR A 203 9.07 -15.35 -6.63
N PRO A 204 9.57 -16.17 -7.57
CA PRO A 204 10.73 -15.82 -8.41
C PRO A 204 10.53 -14.55 -9.24
N ILE A 205 11.57 -13.73 -9.29
CA ILE A 205 11.55 -12.47 -10.04
C ILE A 205 12.76 -12.42 -10.96
N THR A 206 12.52 -12.32 -12.26
CA THR A 206 13.58 -12.29 -13.24
C THR A 206 13.55 -10.99 -14.06
N LEU A 207 14.71 -10.35 -14.17
CA LEU A 207 14.82 -9.13 -14.95
C LEU A 207 15.33 -9.47 -16.35
N PHE A 208 14.85 -8.76 -17.36
CA PHE A 208 15.26 -9.00 -18.73
C PHE A 208 15.70 -7.70 -19.37
N VAL A 209 16.83 -7.19 -18.91
CA VAL A 209 17.35 -5.93 -19.44
C VAL A 209 18.04 -6.16 -20.78
N GLU A 210 18.17 -5.10 -21.56
CA GLU A 210 18.78 -5.17 -22.87
C GLU A 210 20.29 -5.33 -22.78
N HIS B 1 7.77 9.55 29.48
CA HIS B 1 6.59 10.44 29.56
C HIS B 1 6.87 11.78 28.87
N LYS B 2 7.22 12.79 29.65
CA LYS B 2 7.48 14.14 29.13
C LYS B 2 8.75 14.16 28.26
N THR B 3 9.81 13.54 28.75
CA THR B 3 11.08 13.49 28.04
C THR B 3 11.01 12.55 26.83
N PHE B 4 9.90 11.82 26.73
CA PHE B 4 9.70 10.88 25.63
C PHE B 4 9.02 11.61 24.48
N VAL B 5 7.92 12.30 24.79
CA VAL B 5 7.16 13.04 23.80
C VAL B 5 8.02 14.14 23.19
N GLU B 6 8.72 14.88 24.04
CA GLU B 6 9.57 15.98 23.59
C GLU B 6 10.93 15.47 23.10
N LYS B 7 10.96 14.28 22.53
CA LYS B 7 12.21 13.71 22.04
C LYS B 7 11.99 12.80 20.83
N TYR B 8 10.91 12.03 20.85
CA TYR B 8 10.64 11.11 19.76
C TYR B 8 9.31 11.41 19.08
N GLU B 9 8.76 12.59 19.36
CA GLU B 9 7.47 13.02 18.80
C GLU B 9 7.41 12.84 17.28
N LYS B 10 8.44 13.34 16.62
CA LYS B 10 8.52 13.27 15.15
C LYS B 10 8.66 11.84 14.66
N GLN B 11 9.18 10.96 15.52
CA GLN B 11 9.34 9.56 15.16
C GLN B 11 8.02 8.82 15.34
N ILE B 12 7.33 9.12 16.43
CA ILE B 12 6.05 8.48 16.73
C ILE B 12 5.01 8.82 15.67
N LYS B 13 4.91 10.10 15.33
CA LYS B 13 3.96 10.56 14.31
C LYS B 13 4.24 9.89 12.98
N HIS B 14 5.52 9.77 12.66
CA HIS B 14 5.93 9.15 11.40
C HIS B 14 5.63 7.65 11.40
N PHE B 15 5.59 7.07 12.60
CA PHE B 15 5.32 5.64 12.74
C PHE B 15 3.82 5.37 12.68
N GLY B 16 3.02 6.20 13.37
CA GLY B 16 1.58 6.03 13.36
C GLY B 16 0.95 6.27 12.01
N MET B 17 1.73 6.70 11.05
CA MET B 17 1.23 6.96 9.70
C MET B 17 1.67 5.85 8.75
N LEU B 18 1.50 4.60 9.20
CA LEU B 18 1.86 3.43 8.42
C LEU B 18 0.69 2.45 8.46
N ARG B 19 0.92 1.19 8.07
CA ARG B 19 -0.14 0.18 8.09
C ARG B 19 0.34 -1.16 7.52
N ARG B 20 1.29 -1.13 6.58
CA ARG B 20 1.80 -2.35 5.98
C ARG B 20 2.51 -3.20 7.03
N TRP B 21 2.31 -4.50 6.95
CA TRP B 21 2.88 -5.47 7.88
C TRP B 21 4.39 -5.35 8.03
N ASP B 22 5.13 -5.71 6.99
CA ASP B 22 6.58 -5.71 7.03
C ASP B 22 7.17 -4.31 7.14
N ASP B 23 6.44 -3.30 6.67
CA ASP B 23 6.92 -1.92 6.73
C ASP B 23 7.08 -1.48 8.18
N SER B 24 6.00 -1.60 8.93
CA SER B 24 5.99 -1.24 10.34
C SER B 24 6.96 -2.12 11.10
N GLN B 25 7.20 -3.31 10.58
CA GLN B 25 8.12 -4.26 11.20
C GLN B 25 9.55 -3.73 11.13
N LYS B 26 9.96 -3.34 9.92
CA LYS B 26 11.31 -2.81 9.70
C LYS B 26 11.47 -1.49 10.44
N TYR B 27 10.44 -0.66 10.41
CA TYR B 27 10.49 0.64 11.09
C TYR B 27 10.71 0.45 12.58
N LEU B 28 10.10 -0.58 13.14
CA LEU B 28 10.24 -0.88 14.56
C LEU B 28 11.62 -1.46 14.86
N SER B 29 12.21 -2.11 13.89
CA SER B 29 13.54 -2.68 14.06
C SER B 29 14.58 -1.57 13.99
N ASP B 30 14.24 -0.53 13.23
CA ASP B 30 15.11 0.62 13.06
C ASP B 30 15.06 1.49 14.31
N ASN B 31 13.88 1.62 14.88
CA ASN B 31 13.70 2.40 16.10
C ASN B 31 13.03 1.54 17.16
N VAL B 32 13.78 0.57 17.66
CA VAL B 32 13.29 -0.36 18.67
C VAL B 32 12.90 0.36 19.97
N HIS B 33 13.40 1.59 20.15
CA HIS B 33 13.09 2.36 21.34
C HIS B 33 11.68 2.94 21.31
N LEU B 34 10.93 2.63 20.25
CA LEU B 34 9.57 3.12 20.12
C LEU B 34 8.56 2.08 20.61
N VAL B 35 9.06 0.91 20.98
CA VAL B 35 8.19 -0.16 21.47
C VAL B 35 7.97 0.02 22.97
N CYS B 36 7.20 1.05 23.31
CA CYS B 36 6.90 1.36 24.70
C CYS B 36 5.44 1.79 24.86
N GLU B 37 5.01 1.95 26.11
CA GLU B 37 3.63 2.35 26.39
C GLU B 37 3.38 3.78 25.93
N GLU B 38 4.30 4.67 26.27
CA GLU B 38 4.22 6.09 25.90
C GLU B 38 3.87 6.27 24.43
N THR B 39 4.49 5.48 23.56
CA THR B 39 4.24 5.56 22.12
C THR B 39 2.76 5.32 21.83
N ALA B 40 2.20 4.25 22.41
CA ALA B 40 0.81 3.92 22.21
C ALA B 40 -0.08 4.99 22.82
N ASN B 41 0.30 5.45 24.01
CA ASN B 41 -0.44 6.49 24.72
C ASN B 41 -0.53 7.76 23.89
N TYR B 42 0.59 8.18 23.31
CA TYR B 42 0.61 9.39 22.49
C TYR B 42 -0.20 9.21 21.22
N LEU B 43 -0.16 7.99 20.66
CA LEU B 43 -0.89 7.69 19.43
C LEU B 43 -2.40 7.88 19.65
N VAL B 44 -2.87 7.56 20.86
CA VAL B 44 -4.29 7.75 21.18
C VAL B 44 -4.61 9.24 21.16
N ILE B 45 -4.00 9.95 22.11
CA ILE B 45 -4.13 11.39 22.22
C ILE B 45 -4.10 12.08 20.84
N TRP B 46 -3.18 11.63 19.98
CA TRP B 46 -3.07 12.19 18.63
C TRP B 46 -4.34 11.93 17.84
N CYS B 47 -4.81 10.68 17.86
CA CYS B 47 -6.06 10.32 17.18
C CYS B 47 -7.22 11.18 17.68
N ILE B 48 -7.27 11.38 18.99
CA ILE B 48 -8.32 12.18 19.59
C ILE B 48 -8.26 13.62 19.06
N ASP B 49 -7.04 14.11 18.88
CA ASP B 49 -6.83 15.46 18.37
C ASP B 49 -7.27 15.53 16.91
N LEU B 50 -6.92 14.51 16.15
CA LEU B 50 -7.28 14.44 14.74
C LEU B 50 -8.79 14.44 14.54
N GLU B 51 -9.48 13.60 15.32
CA GLU B 51 -10.93 13.50 15.26
C GLU B 51 -11.58 14.88 15.51
N VAL B 52 -11.09 15.58 16.53
CA VAL B 52 -11.59 16.92 16.84
C VAL B 52 -11.24 17.90 15.72
N GLU B 53 -10.07 17.70 15.10
CA GLU B 53 -9.60 18.56 14.01
C GLU B 53 -10.29 18.23 12.70
N GLU B 54 -11.34 17.39 12.77
CA GLU B 54 -12.12 16.98 11.59
C GLU B 54 -11.30 16.10 10.66
N LYS B 55 -10.14 15.68 11.14
CA LYS B 55 -9.25 14.82 10.38
C LYS B 55 -9.54 13.37 10.72
N CYS B 56 -10.82 12.99 10.56
CA CYS B 56 -11.29 11.66 10.86
C CYS B 56 -10.80 10.65 9.83
N ALA B 57 -10.01 11.08 8.87
CA ALA B 57 -9.50 10.19 7.86
C ALA B 57 -8.22 9.56 8.34
N LEU B 58 -7.31 10.42 8.81
CA LEU B 58 -6.04 9.96 9.34
C LEU B 58 -6.26 9.16 10.62
N MET B 59 -7.27 9.55 11.40
CA MET B 59 -7.60 8.86 12.65
C MET B 59 -7.85 7.38 12.39
N GLU B 60 -8.61 7.09 11.35
CA GLU B 60 -8.94 5.73 10.96
C GLU B 60 -7.69 4.90 10.66
N GLN B 61 -6.68 5.56 10.10
CA GLN B 61 -5.45 4.89 9.75
C GLN B 61 -4.49 4.77 10.93
N VAL B 62 -4.34 5.85 11.70
CA VAL B 62 -3.46 5.84 12.86
C VAL B 62 -3.89 4.75 13.84
N ALA B 63 -5.21 4.50 13.87
CA ALA B 63 -5.77 3.46 14.73
C ALA B 63 -5.13 2.10 14.44
N HIS B 64 -4.74 1.87 13.19
CA HIS B 64 -4.12 0.59 12.80
C HIS B 64 -2.69 0.53 13.32
N GLN B 65 -2.24 1.64 13.84
CA GLN B 65 -0.90 1.76 14.38
C GLN B 65 -0.96 1.79 15.90
N THR B 66 -1.92 2.53 16.42
CA THR B 66 -2.12 2.61 17.86
C THR B 66 -2.43 1.23 18.42
N ILE B 67 -3.23 0.47 17.68
CA ILE B 67 -3.61 -0.89 18.08
C ILE B 67 -2.42 -1.84 17.92
N VAL B 68 -1.59 -1.57 16.93
CA VAL B 68 -0.41 -2.41 16.67
C VAL B 68 0.54 -2.38 17.87
N MET B 69 0.80 -1.20 18.42
CA MET B 69 1.67 -1.08 19.56
C MET B 69 1.05 -1.74 20.77
N GLN B 70 -0.24 -1.55 20.93
CA GLN B 70 -0.99 -2.13 22.05
C GLN B 70 -0.93 -3.65 21.99
N PHE B 71 -1.23 -4.20 20.82
CA PHE B 71 -1.22 -5.64 20.60
C PHE B 71 0.15 -6.23 20.88
N ILE B 72 1.21 -5.53 20.49
CA ILE B 72 2.57 -6.02 20.73
C ILE B 72 2.86 -6.06 22.23
N LEU B 73 2.55 -4.96 22.90
CA LEU B 73 2.77 -4.85 24.34
C LEU B 73 2.05 -5.96 25.10
N GLU B 74 0.79 -6.19 24.72
CA GLU B 74 -0.03 -7.23 25.35
C GLU B 74 0.54 -8.61 25.06
N LEU B 75 0.84 -8.84 23.79
CA LEU B 75 1.42 -10.10 23.33
C LEU B 75 2.67 -10.42 24.13
N ALA B 76 3.54 -9.42 24.25
CA ALA B 76 4.79 -9.57 24.99
C ALA B 76 4.54 -9.85 26.47
N LYS B 77 3.57 -9.15 27.07
CA LYS B 77 3.25 -9.33 28.47
C LYS B 77 2.73 -10.73 28.74
N SER B 78 1.87 -11.21 27.85
CA SER B 78 1.31 -12.55 27.98
C SER B 78 2.42 -13.60 27.89
N LEU B 79 3.39 -13.36 27.02
CA LEU B 79 4.51 -14.29 26.85
C LEU B 79 5.50 -14.13 27.99
N LYS B 80 5.34 -13.05 28.76
CA LYS B 80 6.18 -12.74 29.92
C LYS B 80 7.60 -12.35 29.49
N VAL B 81 7.74 -11.89 28.25
CA VAL B 81 9.05 -11.49 27.74
C VAL B 81 9.03 -10.01 27.36
N ASP B 82 10.21 -9.42 27.18
CA ASP B 82 10.32 -8.02 26.82
C ASP B 82 9.73 -7.76 25.43
N PRO B 83 8.88 -6.71 25.31
CA PRO B 83 8.23 -6.35 24.05
C PRO B 83 9.18 -6.19 22.86
N ARG B 84 10.30 -5.52 23.09
CA ARG B 84 11.30 -5.29 22.05
C ARG B 84 11.88 -6.60 21.47
N ALA B 85 11.56 -7.73 22.11
CA ALA B 85 12.01 -9.02 21.63
C ALA B 85 10.84 -9.81 21.08
N CYS B 86 9.64 -9.36 21.41
CA CYS B 86 8.41 -10.03 21.00
C CYS B 86 7.53 -9.08 20.18
N PHE B 87 8.15 -8.36 19.25
CA PHE B 87 7.41 -7.42 18.42
C PHE B 87 7.24 -7.93 16.99
N ARG B 88 8.12 -8.82 16.55
CA ARG B 88 8.05 -9.36 15.20
C ARG B 88 7.02 -10.48 15.08
N GLN B 89 6.89 -11.29 16.13
CA GLN B 89 5.96 -12.41 16.15
C GLN B 89 4.52 -11.94 15.91
N PHE B 90 4.23 -10.69 16.26
CA PHE B 90 2.90 -10.13 16.05
C PHE B 90 2.60 -10.07 14.56
N PHE B 91 3.60 -9.64 13.80
CA PHE B 91 3.47 -9.51 12.36
C PHE B 91 3.39 -10.89 11.70
N THR B 92 4.05 -11.87 12.32
CA THR B 92 4.02 -13.24 11.83
C THR B 92 2.59 -13.76 11.94
N LYS B 93 1.95 -13.40 13.05
CA LYS B 93 0.59 -13.82 13.33
C LYS B 93 -0.42 -13.23 12.32
N ILE B 94 -0.11 -12.10 11.72
CA ILE B 94 -1.02 -11.51 10.75
C ILE B 94 -0.97 -12.26 9.41
N LYS B 95 0.12 -13.00 9.18
CA LYS B 95 0.26 -13.78 7.94
C LYS B 95 -0.32 -15.19 8.13
N THR B 96 -0.21 -15.70 9.35
CA THR B 96 -0.77 -17.02 9.71
C THR B 96 -2.24 -17.05 9.24
N ALA B 97 -2.81 -18.20 8.92
CA ALA B 97 -4.18 -18.24 8.43
C ALA B 97 -5.20 -18.14 9.58
N ASP B 98 -4.75 -17.53 10.66
CA ASP B 98 -5.58 -17.33 11.84
C ASP B 98 -6.49 -16.14 11.62
N ARG B 99 -7.71 -16.41 11.18
CA ARG B 99 -8.66 -15.36 10.91
C ARG B 99 -9.27 -14.83 12.20
N GLN B 100 -9.12 -15.58 13.29
CA GLN B 100 -9.64 -15.16 14.58
C GLN B 100 -8.84 -13.98 15.10
N TYR B 101 -7.52 -14.11 15.05
CA TYR B 101 -6.65 -13.04 15.50
C TYR B 101 -6.81 -11.83 14.60
N MET B 102 -7.01 -12.09 13.32
CA MET B 102 -7.23 -11.04 12.32
C MET B 102 -8.49 -10.24 12.67
N GLU B 103 -9.57 -10.97 12.97
CA GLU B 103 -10.84 -10.35 13.33
C GLU B 103 -10.70 -9.69 14.70
N GLY B 104 -9.98 -10.39 15.57
CA GLY B 104 -9.75 -9.90 16.92
C GLY B 104 -9.04 -8.55 16.90
N PHE B 105 -8.08 -8.42 16.00
CA PHE B 105 -7.32 -7.20 15.84
C PHE B 105 -8.23 -6.08 15.33
N ASN B 106 -9.06 -6.40 14.35
CA ASN B 106 -9.98 -5.42 13.76
C ASN B 106 -11.04 -5.00 14.77
N ASP B 107 -11.63 -5.96 15.49
CA ASP B 107 -12.65 -5.68 16.49
C ASP B 107 -12.19 -4.62 17.48
N GLU B 108 -10.98 -4.78 17.99
CA GLU B 108 -10.41 -3.81 18.93
C GLU B 108 -10.25 -2.47 18.25
N LEU B 109 -9.80 -2.52 17.00
CA LEU B 109 -9.60 -1.33 16.18
C LEU B 109 -10.90 -0.53 16.04
N GLU B 110 -11.97 -1.22 15.68
CA GLU B 110 -13.29 -0.59 15.52
C GLU B 110 -13.78 0.01 16.83
N ALA B 111 -13.68 -0.76 17.89
CA ALA B 111 -14.13 -0.30 19.20
C ALA B 111 -13.28 0.85 19.72
N PHE B 112 -12.01 0.87 19.32
CA PHE B 112 -11.08 1.92 19.73
C PHE B 112 -11.45 3.24 19.08
N LYS B 113 -11.76 3.20 17.80
CA LYS B 113 -12.12 4.39 17.04
C LYS B 113 -13.37 5.04 17.62
N GLU B 114 -14.32 4.20 18.06
CA GLU B 114 -15.55 4.70 18.65
C GLU B 114 -15.25 5.31 20.02
N ARG B 115 -14.30 4.70 20.73
CA ARG B 115 -13.90 5.19 22.04
C ARG B 115 -13.25 6.55 21.89
N VAL B 116 -12.41 6.70 20.87
CA VAL B 116 -11.74 7.97 20.59
C VAL B 116 -12.77 9.05 20.28
N ARG B 117 -13.74 8.69 19.43
CA ARG B 117 -14.80 9.62 19.06
C ARG B 117 -15.59 10.01 20.30
N GLY B 118 -15.71 9.07 21.24
CA GLY B 118 -16.40 9.37 22.47
C GLY B 118 -15.64 10.38 23.29
N ARG B 119 -14.31 10.27 23.25
CA ARG B 119 -13.43 11.18 23.95
C ARG B 119 -13.46 12.56 23.30
N ALA B 120 -13.46 12.57 21.98
CA ALA B 120 -13.49 13.82 21.23
C ALA B 120 -14.78 14.58 21.51
N LYS B 121 -15.89 13.84 21.50
CA LYS B 121 -17.20 14.43 21.75
C LYS B 121 -17.30 14.91 23.20
N LEU B 122 -16.54 14.29 24.08
CA LEU B 122 -16.52 14.66 25.49
C LEU B 122 -15.66 15.89 25.69
N ARG B 123 -14.50 15.90 25.02
CA ARG B 123 -13.58 17.03 25.14
C ARG B 123 -14.23 18.34 24.69
N ILE B 124 -15.01 18.28 23.60
CA ILE B 124 -15.69 19.46 23.10
C ILE B 124 -16.88 19.85 23.98
N GLU B 125 -17.55 18.85 24.54
CA GLU B 125 -18.72 19.08 25.39
C GLU B 125 -18.31 19.67 26.74
N LYS B 126 -17.11 19.28 27.18
CA LYS B 126 -16.53 19.73 28.45
C LYS B 126 -16.56 21.26 28.58
N ALA B 127 -16.34 21.96 27.48
CA ALA B 127 -16.35 23.42 27.51
C ALA B 127 -17.38 23.99 26.52
N MET B 128 -18.39 23.19 26.20
CA MET B 128 -19.43 23.60 25.27
C MET B 128 -20.59 24.28 26.01
N LYS B 129 -20.87 23.79 27.20
CA LYS B 129 -21.95 24.33 28.01
C LYS B 129 -21.49 24.46 29.45
N GLU A 1 -14.67 -0.49 -35.00
CA GLU A 1 -14.46 0.56 -33.99
C GLU A 1 -14.02 -0.06 -32.67
N GLU A 2 -13.04 0.57 -32.02
CA GLU A 2 -12.53 0.05 -30.75
C GLU A 2 -13.34 0.60 -29.60
N GLU A 3 -13.78 -0.29 -28.71
CA GLU A 3 -14.56 0.09 -27.54
C GLU A 3 -13.73 0.97 -26.62
N VAL A 4 -14.17 2.20 -26.42
CA VAL A 4 -13.46 3.15 -25.57
C VAL A 4 -14.39 3.73 -24.51
N GLU A 5 -14.08 3.44 -23.26
CA GLU A 5 -14.87 3.95 -22.14
C GLU A 5 -14.00 4.80 -21.23
N THR A 6 -14.37 6.06 -21.07
CA THR A 6 -13.59 7.00 -20.26
C THR A 6 -14.35 7.44 -19.01
N PHE A 7 -13.74 7.20 -17.85
CA PHE A 7 -14.33 7.61 -16.57
C PHE A 7 -13.40 8.54 -15.83
N ALA A 8 -13.94 9.30 -14.89
CA ALA A 8 -13.14 10.21 -14.09
C ALA A 8 -12.77 9.56 -12.76
N PHE A 9 -11.67 9.99 -12.19
CA PHE A 9 -11.22 9.44 -10.92
C PHE A 9 -12.01 10.05 -9.77
N GLN A 10 -12.05 9.34 -8.65
CA GLN A 10 -12.75 9.81 -7.46
C GLN A 10 -12.16 11.15 -7.03
N ALA A 11 -13.03 12.05 -6.56
CA ALA A 11 -12.62 13.39 -6.14
C ALA A 11 -11.37 13.39 -5.27
N GLU A 12 -11.40 12.64 -4.17
CA GLU A 12 -10.26 12.58 -3.26
C GLU A 12 -9.05 11.90 -3.90
N ILE A 13 -9.29 10.92 -4.78
CA ILE A 13 -8.20 10.24 -5.46
C ILE A 13 -7.51 11.18 -6.43
N ALA A 14 -8.32 11.96 -7.14
CA ALA A 14 -7.81 12.93 -8.10
C ALA A 14 -6.98 13.99 -7.39
N GLN A 15 -7.40 14.35 -6.18
CA GLN A 15 -6.67 15.33 -5.39
C GLN A 15 -5.29 14.79 -5.06
N LEU A 16 -5.25 13.58 -4.52
CA LEU A 16 -4.00 12.93 -4.15
C LEU A 16 -3.11 12.76 -5.39
N MET A 17 -3.73 12.41 -6.51
CA MET A 17 -3.02 12.22 -7.77
C MET A 17 -2.34 13.53 -8.20
N SER A 18 -3.04 14.64 -8.04
CA SER A 18 -2.51 15.94 -8.40
C SER A 18 -1.39 16.35 -7.46
N LEU A 19 -1.58 16.07 -6.17
CA LEU A 19 -0.59 16.41 -5.16
C LEU A 19 0.69 15.61 -5.35
N ILE A 20 0.56 14.33 -5.64
CA ILE A 20 1.71 13.44 -5.84
C ILE A 20 2.59 13.93 -7.00
N ILE A 21 1.96 14.30 -8.11
CA ILE A 21 2.68 14.73 -9.29
C ILE A 21 3.23 16.16 -9.17
N ASN A 22 2.47 17.04 -8.55
CA ASN A 22 2.88 18.45 -8.43
C ASN A 22 3.75 18.73 -7.19
N THR A 23 4.22 17.71 -6.52
CA THR A 23 5.07 17.92 -5.35
C THR A 23 6.36 17.11 -5.43
N PHE A 24 7.47 17.75 -5.12
CA PHE A 24 8.77 17.11 -5.16
C PHE A 24 9.03 16.38 -3.85
N TYR A 25 9.36 15.10 -3.93
CA TYR A 25 9.61 14.30 -2.74
C TYR A 25 11.06 13.84 -2.70
N SER A 26 11.35 12.85 -1.86
CA SER A 26 12.70 12.35 -1.70
C SER A 26 12.82 10.93 -2.26
N ASN A 27 12.38 9.95 -1.47
CA ASN A 27 12.41 8.55 -1.87
C ASN A 27 11.41 8.33 -2.98
N LYS A 28 11.84 7.69 -4.06
CA LYS A 28 10.95 7.46 -5.19
C LYS A 28 10.76 5.98 -5.51
N GLU A 29 11.83 5.18 -5.45
CA GLU A 29 11.78 3.73 -5.76
C GLU A 29 10.64 2.96 -5.09
N ILE A 30 10.02 3.52 -4.06
CA ILE A 30 8.92 2.83 -3.38
C ILE A 30 7.79 2.50 -4.34
N PHE A 31 7.74 3.22 -5.46
CA PHE A 31 6.71 2.99 -6.47
C PHE A 31 6.80 1.57 -7.01
N LEU A 32 8.01 1.05 -7.12
CA LEU A 32 8.22 -0.30 -7.64
C LEU A 32 7.87 -1.33 -6.57
N ARG A 33 8.26 -1.06 -5.34
CA ARG A 33 8.00 -1.96 -4.23
C ARG A 33 6.50 -2.20 -4.07
N GLU A 34 5.72 -1.12 -4.10
CA GLU A 34 4.28 -1.23 -3.95
C GLU A 34 3.68 -2.01 -5.12
N LEU A 35 4.19 -1.74 -6.32
CA LEU A 35 3.72 -2.43 -7.51
C LEU A 35 4.02 -3.92 -7.42
N ILE A 36 5.26 -4.24 -7.02
CA ILE A 36 5.69 -5.63 -6.88
C ILE A 36 4.91 -6.31 -5.76
N SER A 37 4.62 -5.57 -4.69
CA SER A 37 3.86 -6.12 -3.57
C SER A 37 2.51 -6.61 -4.07
N ASN A 38 1.90 -5.81 -4.94
CA ASN A 38 0.61 -6.16 -5.52
C ASN A 38 0.76 -7.40 -6.40
N SER A 39 1.88 -7.47 -7.11
CA SER A 39 2.18 -8.60 -7.98
C SER A 39 2.22 -9.91 -7.20
N SER A 40 2.90 -9.91 -6.05
CA SER A 40 2.99 -11.11 -5.23
C SER A 40 1.61 -11.52 -4.70
N ASP A 41 0.74 -10.53 -4.49
CA ASP A 41 -0.60 -10.82 -3.99
C ASP A 41 -1.44 -11.43 -5.11
N ALA A 42 -1.20 -10.99 -6.33
CA ALA A 42 -1.92 -11.52 -7.48
C ALA A 42 -1.57 -12.99 -7.68
N LEU A 43 -0.31 -13.32 -7.40
CA LEU A 43 0.17 -14.69 -7.50
C LEU A 43 -0.42 -15.52 -6.37
N ASP A 44 -0.30 -14.99 -5.16
CA ASP A 44 -0.85 -15.65 -3.98
C ASP A 44 -2.34 -15.90 -4.18
N LYS A 45 -3.00 -14.93 -4.80
CA LYS A 45 -4.44 -15.01 -5.09
C LYS A 45 -4.76 -16.15 -6.06
N ILE A 46 -4.04 -16.22 -7.17
CA ILE A 46 -4.31 -17.28 -8.16
C ILE A 46 -4.08 -18.65 -7.54
N ARG A 47 -2.95 -18.84 -6.85
CA ARG A 47 -2.64 -20.11 -6.20
C ARG A 47 -3.84 -20.67 -5.44
N TYR A 48 -4.26 -19.96 -4.38
CA TYR A 48 -5.42 -20.38 -3.59
C TYR A 48 -6.61 -20.81 -4.46
N GLU A 49 -6.91 -20.04 -5.49
CA GLU A 49 -8.03 -20.37 -6.36
C GLU A 49 -7.77 -21.64 -7.16
N THR A 50 -6.53 -21.84 -7.60
CA THR A 50 -6.19 -23.05 -8.35
C THR A 50 -6.11 -24.25 -7.40
N LEU A 51 -5.97 -23.96 -6.11
CA LEU A 51 -5.92 -25.00 -5.11
C LEU A 51 -7.29 -25.61 -4.94
N THR A 52 -8.31 -24.78 -5.12
CA THR A 52 -9.69 -25.22 -5.01
C THR A 52 -10.21 -25.70 -6.36
N ASP A 53 -9.45 -25.41 -7.41
CA ASP A 53 -9.83 -25.79 -8.77
C ASP A 53 -8.64 -25.65 -9.72
N PRO A 54 -8.07 -26.78 -10.15
CA PRO A 54 -6.91 -26.79 -11.06
C PRO A 54 -7.22 -26.33 -12.48
N SER A 55 -8.51 -26.20 -12.80
CA SER A 55 -8.92 -25.78 -14.14
C SER A 55 -8.42 -24.36 -14.45
N LYS A 56 -8.20 -23.56 -13.41
CA LYS A 56 -7.73 -22.21 -13.58
C LYS A 56 -6.23 -22.17 -13.87
N LEU A 57 -5.65 -23.34 -14.12
CA LEU A 57 -4.22 -23.44 -14.43
C LEU A 57 -4.00 -23.60 -15.92
N ASP A 58 -5.08 -23.49 -16.70
CA ASP A 58 -4.97 -23.60 -18.16
C ASP A 58 -4.38 -22.31 -18.73
N SER A 59 -4.18 -21.37 -17.83
CA SER A 59 -3.60 -20.08 -18.17
C SER A 59 -2.11 -20.07 -17.85
N GLY A 60 -1.62 -21.21 -17.39
CA GLY A 60 -0.23 -21.33 -17.05
C GLY A 60 -0.04 -21.57 -15.56
N LYS A 61 0.92 -22.41 -15.22
CA LYS A 61 1.20 -22.73 -13.82
C LYS A 61 2.37 -21.88 -13.34
N GLU A 62 2.72 -20.86 -14.13
CA GLU A 62 3.81 -19.98 -13.82
C GLU A 62 3.46 -19.03 -12.68
N LEU A 63 4.38 -18.87 -11.74
CA LEU A 63 4.18 -17.98 -10.60
C LEU A 63 5.46 -17.17 -10.35
N HIS A 64 5.69 -16.15 -11.17
CA HIS A 64 6.89 -15.32 -11.04
C HIS A 64 6.68 -13.93 -11.62
N ILE A 65 7.51 -13.00 -11.18
CA ILE A 65 7.46 -11.61 -11.63
C ILE A 65 8.66 -11.31 -12.53
N ASN A 66 8.41 -10.71 -13.68
CA ASN A 66 9.49 -10.38 -14.60
C ASN A 66 9.56 -8.88 -14.84
N LEU A 67 10.75 -8.33 -14.68
CA LEU A 67 10.97 -6.91 -14.89
C LEU A 67 11.66 -6.69 -16.23
N ILE A 68 10.99 -5.97 -17.11
CA ILE A 68 11.55 -5.71 -18.43
C ILE A 68 11.67 -4.21 -18.72
N PRO A 69 12.87 -3.65 -18.49
CA PRO A 69 13.12 -2.24 -18.77
C PRO A 69 13.28 -2.03 -20.26
N ASN A 70 13.37 -0.78 -20.69
CA ASN A 70 13.50 -0.49 -22.10
C ASN A 70 14.20 0.84 -22.29
N LYS A 71 15.51 0.79 -22.52
CA LYS A 71 16.31 2.00 -22.71
C LYS A 71 16.03 2.64 -24.07
N GLN A 72 15.35 1.89 -24.93
CA GLN A 72 15.05 2.37 -26.27
C GLN A 72 13.65 3.00 -26.32
N ASP A 73 12.67 2.35 -25.72
CA ASP A 73 11.29 2.85 -25.73
C ASP A 73 11.02 3.76 -24.53
N ARG A 74 11.95 3.79 -23.58
CA ARG A 74 11.84 4.62 -22.39
C ARG A 74 10.66 4.16 -21.52
N THR A 75 10.49 2.86 -21.41
CA THR A 75 9.40 2.31 -20.63
C THR A 75 9.88 1.23 -19.66
N LEU A 76 9.22 1.16 -18.51
CA LEU A 76 9.56 0.19 -17.49
C LEU A 76 8.39 -0.79 -17.35
N THR A 77 8.51 -1.94 -18.00
CA THR A 77 7.46 -2.95 -17.97
C THR A 77 7.64 -3.92 -16.80
N ILE A 78 6.53 -4.26 -16.15
CA ILE A 78 6.53 -5.20 -15.05
C ILE A 78 5.41 -6.20 -15.31
N VAL A 79 5.75 -7.47 -15.37
CA VAL A 79 4.75 -8.50 -15.63
C VAL A 79 4.76 -9.55 -14.55
N ASP A 80 3.58 -9.96 -14.10
CA ASP A 80 3.44 -10.97 -13.07
C ASP A 80 2.40 -11.97 -13.55
N THR A 81 2.65 -13.25 -13.35
CA THR A 81 1.73 -14.28 -13.80
C THR A 81 0.54 -14.53 -12.86
N GLY A 82 0.11 -13.52 -12.10
CA GLY A 82 -1.06 -13.69 -11.24
C GLY A 82 -2.33 -13.90 -12.05
N ILE A 83 -3.49 -13.90 -11.42
CA ILE A 83 -4.74 -14.11 -12.15
C ILE A 83 -5.22 -12.83 -12.86
N GLY A 84 -4.49 -11.73 -12.65
CA GLY A 84 -4.86 -10.48 -13.27
C GLY A 84 -6.20 -9.95 -12.79
N MET A 85 -6.75 -8.98 -13.52
CA MET A 85 -8.02 -8.38 -13.15
C MET A 85 -9.00 -8.41 -14.32
N THR A 86 -10.25 -8.07 -14.04
CA THR A 86 -11.30 -8.04 -15.06
C THR A 86 -11.55 -6.61 -15.53
N LYS A 87 -12.46 -6.43 -16.49
CA LYS A 87 -12.78 -5.09 -16.96
C LYS A 87 -13.45 -4.31 -15.84
N ALA A 88 -14.26 -5.02 -15.07
CA ALA A 88 -14.96 -4.44 -13.94
C ALA A 88 -13.95 -4.03 -12.87
N ASP A 89 -13.00 -4.92 -12.60
CA ASP A 89 -11.97 -4.68 -11.59
C ASP A 89 -11.13 -3.45 -11.92
N LEU A 90 -10.65 -3.37 -13.16
CA LEU A 90 -9.82 -2.25 -13.60
C LEU A 90 -10.55 -0.92 -13.46
N ILE A 91 -11.85 -0.92 -13.71
CA ILE A 91 -12.63 0.31 -13.61
C ILE A 91 -13.03 0.60 -12.16
N ASN A 92 -13.67 -0.37 -11.53
CA ASN A 92 -14.16 -0.23 -10.16
C ASN A 92 -13.03 -0.03 -9.15
N ASN A 93 -12.15 -1.01 -9.06
CA ASN A 93 -11.05 -0.98 -8.10
C ASN A 93 -10.07 0.17 -8.34
N LEU A 94 -9.75 0.45 -9.60
CA LEU A 94 -8.79 1.50 -9.92
C LEU A 94 -9.46 2.75 -10.47
N GLY A 95 -10.04 3.57 -9.60
CA GLY A 95 -10.64 4.81 -10.05
C GLY A 95 -12.02 5.07 -9.48
N THR A 96 -12.90 4.10 -9.53
CA THR A 96 -14.26 4.28 -9.05
C THR A 96 -14.37 4.16 -7.53
N ILE A 97 -13.84 3.10 -6.96
CA ILE A 97 -13.90 2.90 -5.52
C ILE A 97 -13.02 3.87 -4.76
N ALA A 98 -13.62 4.59 -3.82
CA ALA A 98 -12.89 5.53 -3.00
C ALA A 98 -12.16 4.79 -1.89
N LYS A 99 -10.88 5.08 -1.74
CA LYS A 99 -10.09 4.41 -0.72
C LYS A 99 -10.00 5.28 0.54
N SER A 100 -10.30 4.67 1.68
CA SER A 100 -10.24 5.36 2.95
C SER A 100 -8.83 5.88 3.21
N GLY A 101 -7.85 5.11 2.73
CA GLY A 101 -6.46 5.49 2.87
C GLY A 101 -6.12 6.69 2.02
N THR A 102 -6.86 6.89 0.93
CA THR A 102 -6.64 8.02 0.05
C THR A 102 -6.95 9.32 0.79
N LYS A 103 -8.08 9.33 1.48
CA LYS A 103 -8.49 10.50 2.25
C LYS A 103 -7.48 10.79 3.33
N ALA A 104 -7.20 9.77 4.13
CA ALA A 104 -6.27 9.88 5.24
C ALA A 104 -4.85 10.23 4.78
N PHE A 105 -4.46 9.79 3.59
CA PHE A 105 -3.13 10.08 3.09
C PHE A 105 -2.96 11.56 2.83
N MET A 106 -4.02 12.21 2.36
CA MET A 106 -3.98 13.65 2.11
C MET A 106 -3.70 14.36 3.42
N GLU A 107 -4.41 13.95 4.46
CA GLU A 107 -4.25 14.53 5.80
C GLU A 107 -2.89 14.14 6.39
N ALA A 108 -2.46 12.92 6.10
CA ALA A 108 -1.17 12.43 6.59
C ALA A 108 -0.05 13.31 6.09
N LEU A 109 -0.18 13.76 4.85
CA LEU A 109 0.81 14.65 4.25
C LEU A 109 0.83 15.97 4.98
N GLN A 110 -0.36 16.47 5.34
CA GLN A 110 -0.52 17.72 6.07
C GLN A 110 0.24 17.67 7.40
N ALA A 111 0.29 16.48 8.00
CA ALA A 111 0.98 16.28 9.27
C ALA A 111 2.49 16.46 9.11
N GLY A 112 2.97 16.32 7.88
CA GLY A 112 4.38 16.47 7.61
C GLY A 112 5.12 15.16 7.59
N ALA A 113 5.00 14.43 6.51
CA ALA A 113 5.66 13.15 6.36
C ALA A 113 6.01 12.88 4.90
N ASP A 114 6.66 11.75 4.66
CA ASP A 114 7.06 11.36 3.32
C ASP A 114 5.95 10.59 2.61
N ILE A 115 6.26 10.07 1.43
CA ILE A 115 5.28 9.31 0.65
C ILE A 115 5.65 7.84 0.54
N SER A 116 6.58 7.40 1.37
CA SER A 116 7.03 6.02 1.34
C SER A 116 5.96 5.11 1.94
N MET A 117 4.87 5.71 2.42
CA MET A 117 3.77 4.97 3.02
C MET A 117 2.54 4.99 2.12
N ILE A 118 2.71 5.44 0.88
CA ILE A 118 1.59 5.51 -0.06
C ILE A 118 0.98 4.12 -0.29
N GLY A 119 1.84 3.12 -0.39
CA GLY A 119 1.36 1.76 -0.61
C GLY A 119 0.81 1.15 0.66
N GLN A 120 1.32 1.64 1.78
CA GLN A 120 0.88 1.15 3.08
C GLN A 120 -0.51 1.68 3.41
N PHE A 121 -0.94 2.70 2.67
CA PHE A 121 -2.25 3.31 2.89
C PHE A 121 -3.30 2.70 1.96
N GLY A 122 -2.89 1.81 1.09
CA GLY A 122 -3.81 1.19 0.17
C GLY A 122 -3.71 1.74 -1.24
N VAL A 123 -3.10 2.91 -1.37
CA VAL A 123 -2.93 3.55 -2.67
C VAL A 123 -1.58 3.20 -3.26
N GLY A 124 -1.20 1.93 -3.13
CA GLY A 124 0.08 1.46 -3.63
C GLY A 124 0.03 1.15 -5.11
N PHE A 125 -0.51 2.09 -5.88
CA PHE A 125 -0.63 1.91 -7.32
C PHE A 125 -0.29 3.19 -8.05
N TYR A 126 -0.87 4.30 -7.59
CA TYR A 126 -0.65 5.61 -8.19
C TYR A 126 0.75 6.14 -7.87
N SER A 127 1.51 5.38 -7.11
CA SER A 127 2.85 5.76 -6.74
C SER A 127 3.76 5.84 -7.96
N ALA A 128 3.37 5.12 -9.01
CA ALA A 128 4.13 5.11 -10.26
C ALA A 128 4.20 6.50 -10.88
N TYR A 129 3.24 7.34 -10.53
CA TYR A 129 3.16 8.70 -11.05
C TYR A 129 4.35 9.56 -10.60
N LEU A 130 5.02 9.12 -9.54
CA LEU A 130 6.17 9.84 -8.99
C LEU A 130 7.34 9.83 -9.96
N VAL A 131 7.34 8.85 -10.85
CA VAL A 131 8.43 8.71 -11.82
C VAL A 131 7.90 8.66 -13.25
N ALA A 132 6.67 8.19 -13.41
CA ALA A 132 6.06 8.10 -14.74
C ALA A 132 5.27 9.36 -15.07
N GLU A 133 4.55 9.31 -16.16
CA GLU A 133 3.71 10.42 -16.61
C GLU A 133 2.36 9.88 -17.04
N LYS A 134 2.39 8.72 -17.70
CA LYS A 134 1.18 8.06 -18.15
C LYS A 134 1.27 6.58 -17.80
N VAL A 135 0.25 6.06 -17.16
CA VAL A 135 0.23 4.66 -16.75
C VAL A 135 -0.57 3.82 -17.75
N THR A 136 0.00 2.68 -18.13
CA THR A 136 -0.64 1.76 -19.05
C THR A 136 -0.54 0.35 -18.51
N VAL A 137 -1.67 -0.32 -18.30
CA VAL A 137 -1.69 -1.65 -17.75
C VAL A 137 -2.52 -2.58 -18.62
N ILE A 138 -1.96 -3.73 -18.94
CA ILE A 138 -2.64 -4.73 -19.74
C ILE A 138 -2.72 -6.00 -18.91
N THR A 139 -3.90 -6.52 -18.67
CA THR A 139 -4.03 -7.73 -17.86
C THR A 139 -5.03 -8.69 -18.48
N LYS A 140 -4.88 -9.97 -18.16
CA LYS A 140 -5.76 -10.99 -18.68
C LYS A 140 -6.25 -11.88 -17.54
N HIS A 141 -7.55 -11.82 -17.28
CA HIS A 141 -8.15 -12.63 -16.23
C HIS A 141 -8.66 -13.93 -16.81
N ASN A 142 -8.84 -14.93 -15.95
CA ASN A 142 -9.34 -16.23 -16.39
C ASN A 142 -10.75 -16.09 -16.96
N ASP A 143 -11.65 -15.57 -16.15
CA ASP A 143 -13.04 -15.39 -16.53
C ASP A 143 -13.29 -14.02 -17.17
N ASP A 144 -12.39 -13.59 -18.04
CA ASP A 144 -12.54 -12.31 -18.72
C ASP A 144 -11.56 -12.21 -19.87
N GLU A 145 -11.68 -11.15 -20.65
CA GLU A 145 -10.81 -10.94 -21.80
C GLU A 145 -9.62 -10.06 -21.44
N GLN A 146 -8.86 -9.68 -22.46
CA GLN A 146 -7.69 -8.84 -22.28
C GLN A 146 -8.09 -7.38 -22.44
N TYR A 147 -7.79 -6.56 -21.45
CA TYR A 147 -8.16 -5.15 -21.49
C TYR A 147 -6.95 -4.26 -21.30
N ALA A 148 -6.99 -3.10 -21.92
CA ALA A 148 -5.91 -2.13 -21.83
C ALA A 148 -6.37 -0.93 -21.02
N TRP A 149 -5.80 -0.77 -19.85
CA TRP A 149 -6.13 0.31 -18.95
C TRP A 149 -5.03 1.37 -18.99
N GLU A 150 -5.36 2.57 -19.43
CA GLU A 150 -4.37 3.64 -19.53
C GLU A 150 -4.92 4.93 -18.94
N SER A 151 -4.04 5.71 -18.34
CA SER A 151 -4.42 7.00 -17.75
C SER A 151 -3.29 8.00 -17.95
N SER A 152 -3.61 9.13 -18.56
CA SER A 152 -2.62 10.18 -18.81
C SER A 152 -2.68 11.23 -17.71
N ALA A 153 -2.88 10.77 -16.47
CA ALA A 153 -2.97 11.65 -15.32
C ALA A 153 -4.17 12.59 -15.46
N GLY A 154 -4.07 13.78 -14.90
CA GLY A 154 -5.16 14.73 -14.99
C GLY A 154 -6.29 14.39 -14.06
N GLY A 155 -6.97 13.28 -14.35
CA GLY A 155 -8.08 12.85 -13.52
C GLY A 155 -9.06 11.97 -14.27
N SER A 156 -8.60 11.35 -15.35
CA SER A 156 -9.45 10.49 -16.16
C SER A 156 -8.68 9.27 -16.67
N PHE A 157 -9.37 8.16 -16.84
CA PHE A 157 -8.74 6.94 -17.35
C PHE A 157 -9.52 6.40 -18.54
N THR A 158 -8.79 5.79 -19.45
CA THR A 158 -9.39 5.24 -20.66
C THR A 158 -9.27 3.72 -20.71
N VAL A 159 -10.42 3.05 -20.65
CA VAL A 159 -10.45 1.59 -20.68
C VAL A 159 -10.87 1.12 -22.06
N ARG A 160 -10.21 0.09 -22.57
CA ARG A 160 -10.50 -0.44 -23.90
C ARG A 160 -10.09 -1.90 -23.99
N THR A 161 -10.61 -2.60 -25.00
CA THR A 161 -10.26 -3.99 -25.22
C THR A 161 -8.90 -4.04 -25.91
N ASP A 162 -7.95 -4.73 -25.30
CA ASP A 162 -6.62 -4.83 -25.87
C ASP A 162 -6.62 -5.74 -27.09
N THR A 163 -6.01 -5.27 -28.17
CA THR A 163 -5.94 -6.05 -29.39
C THR A 163 -4.64 -6.83 -29.47
N GLY A 164 -3.59 -6.28 -28.83
CA GLY A 164 -2.29 -6.93 -28.79
C GLY A 164 -2.31 -8.42 -28.53
N GLU A 165 -1.18 -9.07 -28.78
CA GLU A 165 -1.03 -10.51 -28.63
C GLU A 165 -1.53 -10.99 -27.26
N PRO A 166 -2.26 -12.12 -27.25
CA PRO A 166 -2.77 -12.71 -26.01
C PRO A 166 -1.63 -12.99 -25.04
N MET A 167 -1.88 -12.75 -23.77
CA MET A 167 -0.86 -12.93 -22.74
C MET A 167 -1.06 -14.20 -21.95
N GLY A 168 -2.25 -14.79 -22.00
CA GLY A 168 -2.49 -15.98 -21.23
C GLY A 168 -3.21 -15.63 -19.95
N ARG A 169 -2.44 -15.07 -19.03
CA ARG A 169 -2.95 -14.61 -17.74
C ARG A 169 -1.85 -13.79 -17.09
N GLY A 170 -2.19 -12.94 -16.14
CA GLY A 170 -1.18 -12.13 -15.50
C GLY A 170 -1.44 -10.65 -15.67
N THR A 171 -0.56 -9.85 -15.08
CA THR A 171 -0.68 -8.41 -15.16
C THR A 171 0.59 -7.80 -15.74
N LYS A 172 0.43 -6.98 -16.76
CA LYS A 172 1.56 -6.33 -17.39
C LYS A 172 1.39 -4.82 -17.28
N VAL A 173 2.35 -4.18 -16.62
CA VAL A 173 2.29 -2.75 -16.43
C VAL A 173 3.47 -2.09 -17.11
N ILE A 174 3.20 -1.19 -18.04
CA ILE A 174 4.25 -0.49 -18.75
C ILE A 174 4.30 0.94 -18.21
N LEU A 175 5.40 1.32 -17.59
CA LEU A 175 5.49 2.65 -17.04
C LEU A 175 6.21 3.59 -17.98
N HIS A 176 5.64 4.77 -18.11
CA HIS A 176 6.18 5.81 -18.97
C HIS A 176 6.98 6.77 -18.10
N LEU A 177 8.19 6.37 -17.77
CA LEU A 177 9.08 7.17 -16.92
C LEU A 177 9.35 8.54 -17.52
N LYS A 178 9.47 9.53 -16.67
CA LYS A 178 9.76 10.89 -17.10
C LYS A 178 11.16 10.97 -17.66
N GLU A 179 11.35 11.91 -18.60
CA GLU A 179 12.64 12.13 -19.25
C GLU A 179 13.83 12.06 -18.28
N ASP A 180 13.78 12.83 -17.18
CA ASP A 180 14.87 12.84 -16.21
C ASP A 180 14.83 11.63 -15.29
N GLN A 181 13.64 11.12 -15.02
CA GLN A 181 13.52 9.95 -14.15
C GLN A 181 13.66 8.68 -14.96
N THR A 182 14.72 8.60 -15.74
CA THR A 182 14.98 7.46 -16.58
C THR A 182 15.89 6.46 -15.85
N GLU A 183 16.58 6.98 -14.83
CA GLU A 183 17.48 6.20 -13.98
C GLU A 183 16.98 4.78 -13.66
N TYR A 184 15.66 4.61 -13.54
CA TYR A 184 15.09 3.30 -13.22
C TYR A 184 15.17 2.33 -14.39
N LEU A 185 15.68 2.79 -15.52
CA LEU A 185 15.83 1.93 -16.69
C LEU A 185 17.18 1.23 -16.62
N GLU A 186 17.96 1.61 -15.61
CA GLU A 186 19.26 1.04 -15.38
C GLU A 186 19.14 -0.21 -14.51
N GLU A 187 19.65 -1.32 -15.02
CA GLU A 187 19.59 -2.59 -14.30
C GLU A 187 20.20 -2.45 -12.90
N ARG A 188 21.29 -1.70 -12.78
CA ARG A 188 21.94 -1.48 -11.48
C ARG A 188 20.99 -0.78 -10.53
N ARG A 189 20.18 0.10 -11.08
CA ARG A 189 19.20 0.85 -10.29
C ARG A 189 18.10 -0.09 -9.80
N ILE A 190 17.66 -0.96 -10.69
CA ILE A 190 16.63 -1.92 -10.37
C ILE A 190 17.14 -2.94 -9.35
N LYS A 191 18.36 -3.42 -9.57
CA LYS A 191 18.98 -4.38 -8.67
C LYS A 191 19.10 -3.79 -7.27
N GLU A 192 19.31 -2.47 -7.22
CA GLU A 192 19.45 -1.77 -5.96
C GLU A 192 18.11 -1.72 -5.21
N ILE A 193 17.01 -1.74 -5.95
CA ILE A 193 15.68 -1.70 -5.36
C ILE A 193 15.27 -3.08 -4.87
N VAL A 194 15.53 -4.10 -5.69
CA VAL A 194 15.18 -5.48 -5.35
C VAL A 194 15.94 -5.95 -4.12
N LYS A 195 17.20 -5.55 -4.00
CA LYS A 195 18.01 -5.95 -2.87
C LYS A 195 17.93 -4.93 -1.72
N LYS A 196 16.93 -4.05 -1.76
CA LYS A 196 16.79 -3.06 -0.70
C LYS A 196 15.40 -3.11 -0.06
N HIS A 197 14.38 -2.83 -0.85
CA HIS A 197 13.02 -2.85 -0.33
C HIS A 197 12.16 -4.00 -0.88
N SER A 198 12.51 -4.51 -2.05
CA SER A 198 11.74 -5.60 -2.65
C SER A 198 12.45 -6.94 -2.52
N GLN A 199 12.93 -7.28 -1.34
CA GLN A 199 13.63 -8.54 -1.14
C GLN A 199 12.79 -9.55 -0.35
N PHE A 200 11.63 -9.12 0.12
CA PHE A 200 10.76 -10.00 0.90
C PHE A 200 9.64 -10.60 0.03
N ILE A 201 9.93 -10.77 -1.25
CA ILE A 201 8.95 -11.34 -2.17
C ILE A 201 9.16 -12.84 -2.29
N GLY A 202 8.17 -13.61 -1.86
CA GLY A 202 8.27 -15.07 -1.92
C GLY A 202 7.97 -15.62 -3.30
N TYR A 203 8.45 -14.96 -4.33
CA TYR A 203 8.23 -15.37 -5.70
C TYR A 203 9.43 -14.95 -6.53
N PRO A 204 9.94 -15.84 -7.41
CA PRO A 204 11.09 -15.53 -8.28
C PRO A 204 10.86 -14.28 -9.12
N ILE A 205 11.88 -13.43 -9.19
CA ILE A 205 11.81 -12.19 -9.94
C ILE A 205 13.00 -12.12 -10.88
N THR A 206 12.73 -12.08 -12.18
CA THR A 206 13.80 -12.03 -13.16
C THR A 206 13.78 -10.72 -13.95
N LEU A 207 14.94 -10.10 -14.11
CA LEU A 207 15.05 -8.86 -14.86
C LEU A 207 15.59 -9.16 -16.25
N PHE A 208 15.12 -8.43 -17.25
CA PHE A 208 15.56 -8.64 -18.63
C PHE A 208 16.36 -7.43 -19.09
N VAL A 209 17.63 -7.42 -18.77
CA VAL A 209 18.50 -6.32 -19.18
C VAL A 209 18.91 -6.52 -20.64
N GLU A 210 18.80 -5.46 -21.43
CA GLU A 210 19.15 -5.54 -22.85
C GLU A 210 20.64 -5.68 -23.02
N HIS B 1 9.97 12.51 27.50
CA HIS B 1 9.02 12.97 26.46
C HIS B 1 9.53 14.25 25.79
N LYS B 2 10.18 15.11 26.56
CA LYS B 2 10.71 16.37 26.06
C LYS B 2 11.72 16.15 24.93
N THR B 3 12.73 15.32 25.19
CA THR B 3 13.76 15.04 24.19
C THR B 3 13.39 13.83 23.34
N PHE B 4 12.14 13.38 23.48
CA PHE B 4 11.67 12.24 22.73
C PHE B 4 11.01 12.70 21.44
N VAL B 5 10.16 13.72 21.55
CA VAL B 5 9.46 14.26 20.40
C VAL B 5 10.37 15.11 19.55
N GLU B 6 11.07 16.06 20.18
CA GLU B 6 11.98 16.94 19.46
C GLU B 6 13.28 16.20 19.11
N LYS B 7 13.11 15.02 18.54
CA LYS B 7 14.22 14.18 18.13
C LYS B 7 13.70 13.02 17.28
N TYR B 8 12.61 12.41 17.71
CA TYR B 8 12.03 11.28 16.98
C TYR B 8 10.71 11.65 16.30
N GLU B 9 10.42 12.94 16.20
CA GLU B 9 9.21 13.42 15.55
C GLU B 9 9.16 12.92 14.11
N LYS B 10 10.33 12.97 13.49
CA LYS B 10 10.50 12.53 12.10
C LYS B 10 10.30 11.02 11.96
N GLN B 11 10.27 10.32 13.09
CA GLN B 11 10.09 8.87 13.10
C GLN B 11 8.67 8.49 13.54
N ILE B 12 8.15 9.23 14.53
CA ILE B 12 6.81 8.96 15.06
C ILE B 12 5.72 9.17 14.01
N LYS B 13 5.79 10.28 13.30
CA LYS B 13 4.79 10.58 12.27
C LYS B 13 4.82 9.51 11.18
N HIS B 14 6.00 8.96 10.94
CA HIS B 14 6.18 7.93 9.93
C HIS B 14 5.70 6.57 10.46
N PHE B 15 5.53 6.48 11.78
CA PHE B 15 5.11 5.24 12.41
C PHE B 15 3.60 5.03 12.28
N GLY B 16 2.81 5.94 12.86
CA GLY B 16 1.36 5.81 12.77
C GLY B 16 0.79 5.82 11.35
N MET B 17 1.63 6.07 10.36
CA MET B 17 1.17 6.12 8.97
C MET B 17 1.35 4.78 8.24
N LEU B 18 0.99 3.66 8.86
CA LEU B 18 1.11 2.36 8.21
C LEU B 18 -0.21 1.60 8.34
N ARG B 19 -0.94 1.46 7.24
CA ARG B 19 -2.21 0.75 7.27
C ARG B 19 -2.07 -0.72 6.88
N ARG B 20 -0.97 -1.07 6.20
CA ARG B 20 -0.75 -2.45 5.80
C ARG B 20 -0.28 -3.29 6.97
N TRP B 21 0.38 -4.42 6.70
CA TRP B 21 0.81 -5.30 7.78
C TRP B 21 2.27 -5.70 7.75
N ASP B 22 2.84 -5.98 6.58
CA ASP B 22 4.21 -6.45 6.49
C ASP B 22 5.22 -5.34 6.79
N ASP B 23 5.17 -4.27 5.99
CA ASP B 23 6.09 -3.15 6.15
C ASP B 23 5.97 -2.52 7.53
N SER B 24 4.81 -2.66 8.15
CA SER B 24 4.58 -2.11 9.48
C SER B 24 5.52 -2.79 10.48
N GLN B 25 5.80 -4.07 10.23
CA GLN B 25 6.70 -4.84 11.08
C GLN B 25 8.14 -4.59 10.64
N LYS B 26 8.30 -4.38 9.33
CA LYS B 26 9.60 -4.12 8.75
C LYS B 26 10.19 -2.83 9.30
N TYR B 27 9.36 -1.81 9.43
CA TYR B 27 9.79 -0.53 9.96
C TYR B 27 10.18 -0.65 11.43
N LEU B 28 9.51 -1.56 12.14
CA LEU B 28 9.79 -1.77 13.55
C LEU B 28 11.04 -2.61 13.73
N SER B 29 11.53 -3.18 12.62
CA SER B 29 12.74 -3.98 12.66
C SER B 29 13.95 -3.08 12.41
N ASP B 30 13.72 -1.94 11.75
CA ASP B 30 14.77 -0.97 11.47
C ASP B 30 14.81 0.04 12.60
N ASN B 31 13.62 0.31 13.15
CA ASN B 31 13.45 1.23 14.25
C ASN B 31 12.79 0.48 15.40
N VAL B 32 13.58 -0.29 16.12
CA VAL B 32 13.08 -1.11 17.21
C VAL B 32 12.89 -0.30 18.50
N HIS B 33 13.43 0.91 18.55
CA HIS B 33 13.29 1.73 19.76
C HIS B 33 11.90 2.38 19.81
N LEU B 34 11.08 2.10 18.81
CA LEU B 34 9.71 2.62 18.78
C LEU B 34 8.76 1.66 19.51
N VAL B 35 9.23 0.44 19.76
CA VAL B 35 8.43 -0.56 20.47
C VAL B 35 8.49 -0.32 21.97
N CYS B 36 7.79 0.70 22.43
CA CYS B 36 7.77 1.06 23.83
C CYS B 36 6.40 1.58 24.25
N GLU B 37 6.21 1.74 25.56
CA GLU B 37 4.95 2.23 26.12
C GLU B 37 4.78 3.70 25.73
N GLU B 38 5.82 4.47 26.00
CA GLU B 38 5.86 5.90 25.69
C GLU B 38 5.34 6.18 24.28
N THR B 39 5.74 5.34 23.33
CA THR B 39 5.32 5.48 21.95
C THR B 39 3.81 5.24 21.79
N ALA B 40 3.35 4.12 22.34
CA ALA B 40 1.93 3.75 22.27
C ALA B 40 1.05 4.82 22.90
N ASN B 41 1.44 5.28 24.08
CA ASN B 41 0.68 6.30 24.80
C ASN B 41 0.61 7.61 24.02
N TYR B 42 1.70 7.96 23.36
CA TYR B 42 1.75 9.20 22.57
C TYR B 42 0.79 9.14 21.39
N LEU B 43 0.65 7.96 20.80
CA LEU B 43 -0.26 7.77 19.68
C LEU B 43 -1.69 8.10 20.09
N VAL B 44 -2.06 7.75 21.31
CA VAL B 44 -3.38 8.05 21.83
C VAL B 44 -3.53 9.56 21.89
N ILE B 45 -2.68 10.18 22.70
CA ILE B 45 -2.61 11.63 22.84
C ILE B 45 -2.78 12.33 21.48
N TRP B 46 -2.14 11.79 20.45
CA TRP B 46 -2.23 12.33 19.11
C TRP B 46 -3.63 12.12 18.53
N CYS B 47 -4.14 10.88 18.63
CA CYS B 47 -5.47 10.55 18.11
C CYS B 47 -6.54 11.47 18.71
N ILE B 48 -6.48 11.67 20.03
CA ILE B 48 -7.43 12.52 20.72
C ILE B 48 -7.40 13.93 20.16
N ASP B 49 -6.20 14.44 19.91
CA ASP B 49 -6.02 15.78 19.38
C ASP B 49 -6.54 15.85 17.93
N LEU B 50 -6.22 14.82 17.15
CA LEU B 50 -6.64 14.74 15.76
C LEU B 50 -8.16 14.77 15.62
N GLU B 51 -8.84 14.08 16.53
CA GLU B 51 -10.30 14.05 16.51
C GLU B 51 -10.86 15.44 16.80
N VAL B 52 -10.24 16.13 17.77
CA VAL B 52 -10.65 17.48 18.13
C VAL B 52 -10.36 18.43 16.96
N GLU B 53 -9.31 18.09 16.22
CA GLU B 53 -8.88 18.86 15.06
C GLU B 53 -9.84 18.64 13.88
N GLU B 54 -10.82 17.75 14.06
CA GLU B 54 -11.80 17.43 13.03
C GLU B 54 -11.18 16.61 11.90
N LYS B 55 -9.99 16.09 12.16
CA LYS B 55 -9.28 15.28 11.20
C LYS B 55 -9.56 13.81 11.48
N CYS B 56 -10.84 13.47 11.48
CA CYS B 56 -11.29 12.11 11.76
C CYS B 56 -10.97 11.14 10.63
N ALA B 57 -10.24 11.60 9.62
CA ALA B 57 -9.88 10.75 8.51
C ALA B 57 -8.58 10.03 8.81
N LEU B 58 -7.65 10.75 9.44
CA LEU B 58 -6.37 10.17 9.80
C LEU B 58 -6.48 9.40 11.10
N MET B 59 -7.44 9.80 11.94
CA MET B 59 -7.68 9.15 13.22
C MET B 59 -7.99 7.67 13.03
N GLU B 60 -8.74 7.37 11.96
CA GLU B 60 -9.12 6.00 11.63
C GLU B 60 -7.90 5.16 11.23
N GLN B 61 -6.80 5.83 10.88
CA GLN B 61 -5.59 5.12 10.47
C GLN B 61 -4.64 4.93 11.63
N VAL B 62 -4.43 5.99 12.41
CA VAL B 62 -3.52 5.94 13.56
C VAL B 62 -3.94 4.84 14.54
N ALA B 63 -5.25 4.61 14.65
CA ALA B 63 -5.77 3.59 15.54
C ALA B 63 -5.21 2.20 15.17
N HIS B 64 -4.95 1.98 13.88
CA HIS B 64 -4.40 0.69 13.41
C HIS B 64 -2.92 0.57 13.81
N GLN B 65 -2.43 1.62 14.40
CA GLN B 65 -1.05 1.68 14.84
C GLN B 65 -0.98 1.76 16.36
N THR B 66 -1.89 2.53 16.94
CA THR B 66 -1.97 2.65 18.38
C THR B 66 -2.31 1.30 19.01
N ILE B 67 -3.28 0.61 18.40
CA ILE B 67 -3.72 -0.68 18.88
C ILE B 67 -2.68 -1.75 18.55
N VAL B 68 -1.99 -1.58 17.44
CA VAL B 68 -0.96 -2.53 17.02
C VAL B 68 0.16 -2.56 18.05
N MET B 69 0.57 -1.38 18.53
CA MET B 69 1.64 -1.30 19.50
C MET B 69 1.16 -1.82 20.84
N GLN B 70 -0.07 -1.48 21.21
CA GLN B 70 -0.66 -1.94 22.46
C GLN B 70 -0.77 -3.46 22.44
N PHE B 71 -1.23 -4.00 21.33
CA PHE B 71 -1.36 -5.45 21.17
C PHE B 71 0.02 -6.11 21.24
N ILE B 72 1.02 -5.46 20.65
CA ILE B 72 2.39 -5.98 20.68
C ILE B 72 2.87 -6.02 22.13
N LEU B 73 2.60 -4.95 22.85
CA LEU B 73 2.99 -4.84 24.26
C LEU B 73 2.29 -5.89 25.09
N GLU B 74 0.97 -6.03 24.89
CA GLU B 74 0.20 -7.03 25.62
C GLU B 74 0.72 -8.43 25.31
N LEU B 75 0.96 -8.66 24.02
CA LEU B 75 1.49 -9.94 23.56
C LEU B 75 2.79 -10.23 24.29
N ALA B 76 3.70 -9.26 24.24
CA ALA B 76 5.01 -9.39 24.90
C ALA B 76 4.86 -9.67 26.39
N LYS B 77 3.99 -8.92 27.04
CA LYS B 77 3.76 -9.08 28.48
C LYS B 77 3.21 -10.47 28.79
N SER B 78 2.28 -10.94 27.97
CA SER B 78 1.71 -12.27 28.17
C SER B 78 2.76 -13.35 27.92
N LEU B 79 3.62 -13.14 26.92
CA LEU B 79 4.68 -14.09 26.61
C LEU B 79 5.77 -13.99 27.67
N LYS B 80 5.78 -12.85 28.36
CA LYS B 80 6.73 -12.55 29.43
C LYS B 80 8.12 -12.25 28.87
N VAL B 81 8.18 -11.90 27.60
CA VAL B 81 9.45 -11.59 26.94
C VAL B 81 9.48 -10.13 26.50
N ASP B 82 10.65 -9.65 26.13
CA ASP B 82 10.81 -8.28 25.66
C ASP B 82 10.08 -8.09 24.34
N PRO B 83 9.23 -7.05 24.24
CA PRO B 83 8.47 -6.76 23.02
C PRO B 83 9.38 -6.63 21.80
N ARG B 84 10.51 -5.98 22.00
CA ARG B 84 11.51 -5.78 20.95
C ARG B 84 12.08 -7.11 20.43
N ALA B 85 11.65 -8.21 21.01
CA ALA B 85 12.10 -9.53 20.59
C ALA B 85 10.93 -10.39 20.13
N CYS B 86 9.72 -10.00 20.53
CA CYS B 86 8.53 -10.76 20.17
C CYS B 86 7.45 -9.89 19.53
N PHE B 87 7.86 -8.89 18.76
CA PHE B 87 6.89 -8.02 18.09
C PHE B 87 6.51 -8.58 16.73
N ARG B 88 7.35 -9.47 16.20
CA ARG B 88 7.13 -10.06 14.90
C ARG B 88 6.04 -11.12 14.96
N GLN B 89 5.94 -11.80 16.09
CA GLN B 89 4.93 -12.85 16.28
C GLN B 89 3.53 -12.28 16.13
N PHE B 90 3.39 -11.01 16.50
CA PHE B 90 2.10 -10.33 16.41
C PHE B 90 1.66 -10.19 14.96
N PHE B 91 2.54 -9.62 14.12
CA PHE B 91 2.23 -9.42 12.72
C PHE B 91 2.14 -10.75 11.98
N THR B 92 2.71 -11.79 12.57
CA THR B 92 2.65 -13.12 11.99
C THR B 92 1.29 -13.73 12.28
N LYS B 93 0.77 -13.44 13.48
CA LYS B 93 -0.52 -13.96 13.91
C LYS B 93 -1.67 -13.20 13.23
N ILE B 94 -1.34 -12.32 12.31
CA ILE B 94 -2.35 -11.57 11.58
C ILE B 94 -2.53 -12.18 10.17
N LYS B 95 -1.64 -13.12 9.83
CA LYS B 95 -1.69 -13.80 8.54
C LYS B 95 -2.34 -15.17 8.70
N THR B 96 -2.31 -15.63 9.95
CA THR B 96 -2.94 -16.90 10.34
C THR B 96 -4.33 -16.96 9.73
N ALA B 97 -4.82 -18.13 9.32
CA ALA B 97 -6.13 -18.21 8.66
C ALA B 97 -7.25 -17.96 9.64
N ASP B 98 -7.01 -18.25 10.92
CA ASP B 98 -8.02 -18.02 11.92
C ASP B 98 -8.13 -16.53 12.19
N ARG B 99 -9.20 -15.94 11.69
CA ARG B 99 -9.43 -14.51 11.85
C ARG B 99 -9.87 -14.16 13.26
N GLN B 100 -9.62 -15.07 14.19
CA GLN B 100 -9.96 -14.86 15.59
C GLN B 100 -9.14 -13.70 16.14
N TYR B 101 -7.86 -13.69 15.79
CA TYR B 101 -6.96 -12.64 16.23
C TYR B 101 -7.22 -11.38 15.43
N MET B 102 -7.60 -11.57 14.16
CA MET B 102 -7.87 -10.44 13.28
C MET B 102 -9.10 -9.67 13.76
N GLU B 103 -10.17 -10.40 14.08
CA GLU B 103 -11.39 -9.77 14.57
C GLU B 103 -11.14 -9.22 15.96
N GLY B 104 -10.36 -9.97 16.75
CA GLY B 104 -10.03 -9.55 18.09
C GLY B 104 -9.30 -8.22 18.07
N PHE B 105 -8.43 -8.04 17.07
CA PHE B 105 -7.68 -6.81 16.91
C PHE B 105 -8.60 -5.68 16.44
N ASN B 106 -9.43 -5.98 15.44
CA ASN B 106 -10.35 -4.99 14.87
C ASN B 106 -11.35 -4.51 15.92
N ASP B 107 -11.85 -5.43 16.74
CA ASP B 107 -12.80 -5.08 17.80
C ASP B 107 -12.23 -3.99 18.71
N GLU B 108 -11.00 -4.22 19.19
CA GLU B 108 -10.35 -3.25 20.06
C GLU B 108 -10.14 -1.94 19.30
N LEU B 109 -9.80 -2.06 18.02
CA LEU B 109 -9.58 -0.90 17.17
C LEU B 109 -10.84 -0.03 17.10
N GLU B 110 -11.95 -0.65 16.73
CA GLU B 110 -13.23 0.05 16.61
C GLU B 110 -13.64 0.66 17.95
N ALA B 111 -13.44 -0.09 19.02
CA ALA B 111 -13.79 0.39 20.35
C ALA B 111 -12.90 1.57 20.75
N PHE B 112 -11.62 1.43 20.45
CA PHE B 112 -10.63 2.46 20.75
C PHE B 112 -11.02 3.82 20.17
N LYS B 113 -11.41 3.82 18.90
CA LYS B 113 -11.78 5.05 18.21
C LYS B 113 -12.88 5.80 18.98
N GLU B 114 -13.97 5.12 19.29
CA GLU B 114 -15.08 5.75 20.01
C GLU B 114 -14.65 6.18 21.40
N ARG B 115 -13.80 5.38 22.03
CA ARG B 115 -13.31 5.73 23.37
C ARG B 115 -12.57 7.05 23.28
N VAL B 116 -11.77 7.19 22.22
CA VAL B 116 -10.99 8.39 21.98
C VAL B 116 -11.91 9.57 21.68
N ARG B 117 -12.94 9.34 20.86
CA ARG B 117 -13.90 10.37 20.51
C ARG B 117 -14.55 10.95 21.77
N GLY B 118 -14.91 10.06 22.68
CA GLY B 118 -15.52 10.49 23.93
C GLY B 118 -14.56 11.31 24.76
N ARG B 119 -13.31 10.89 24.80
CA ARG B 119 -12.27 11.60 25.55
C ARG B 119 -12.11 13.01 25.00
N ALA B 120 -12.16 13.12 23.68
CA ALA B 120 -12.02 14.39 23.00
C ALA B 120 -13.15 15.35 23.38
N LYS B 121 -14.34 14.79 23.55
CA LYS B 121 -15.52 15.58 23.91
C LYS B 121 -15.38 16.15 25.32
N LEU B 122 -14.92 15.33 26.25
CA LEU B 122 -14.73 15.77 27.63
C LEU B 122 -13.64 16.83 27.71
N ARG B 123 -12.74 16.79 26.74
CA ARG B 123 -11.64 17.74 26.67
C ARG B 123 -12.16 19.13 26.30
N ILE B 124 -12.94 19.21 25.23
CA ILE B 124 -13.51 20.47 24.78
C ILE B 124 -14.63 20.95 25.71
N GLU B 125 -15.45 20.01 26.19
CA GLU B 125 -16.57 20.34 27.07
C GLU B 125 -16.07 20.97 28.37
N LYS B 126 -14.85 20.61 28.75
CA LYS B 126 -14.22 21.11 29.96
C LYS B 126 -14.14 22.64 29.93
N ALA B 127 -13.90 23.19 28.75
CA ALA B 127 -13.79 24.64 28.58
C ALA B 127 -14.93 25.16 27.71
N MET B 128 -15.93 24.32 27.48
CA MET B 128 -17.08 24.70 26.66
C MET B 128 -18.12 25.40 27.52
N LYS B 129 -18.03 25.17 28.82
CA LYS B 129 -18.94 25.75 29.77
C LYS B 129 -18.17 26.23 30.98
N GLU A 1 -14.36 -2.47 -34.51
CA GLU A 1 -14.56 -1.26 -33.69
C GLU A 1 -13.96 -1.47 -32.30
N GLU A 2 -13.17 -0.51 -31.84
CA GLU A 2 -12.55 -0.60 -30.53
C GLU A 2 -13.46 0.04 -29.47
N GLU A 3 -13.81 -0.74 -28.46
CA GLU A 3 -14.67 -0.24 -27.39
C GLU A 3 -13.80 0.47 -26.35
N VAL A 4 -13.90 1.79 -26.28
CA VAL A 4 -13.14 2.56 -25.33
C VAL A 4 -14.10 3.25 -24.36
N GLU A 5 -13.98 2.95 -23.08
CA GLU A 5 -14.82 3.58 -22.08
C GLU A 5 -13.99 4.58 -21.28
N THR A 6 -14.49 5.79 -21.14
CA THR A 6 -13.77 6.82 -20.41
C THR A 6 -14.51 7.20 -19.13
N PHE A 7 -13.76 7.19 -18.05
CA PHE A 7 -14.30 7.51 -16.74
C PHE A 7 -13.35 8.46 -16.01
N ALA A 8 -13.89 9.20 -15.06
CA ALA A 8 -13.12 10.14 -14.29
C ALA A 8 -12.65 9.51 -12.99
N PHE A 9 -11.72 10.17 -12.32
CA PHE A 9 -11.21 9.70 -11.06
C PHE A 9 -11.95 10.39 -9.93
N GLN A 10 -12.08 9.72 -8.79
CA GLN A 10 -12.77 10.30 -7.64
C GLN A 10 -12.10 11.60 -7.23
N ALA A 11 -12.90 12.53 -6.70
CA ALA A 11 -12.43 13.86 -6.28
C ALA A 11 -11.12 13.79 -5.49
N GLU A 12 -11.12 13.00 -4.41
CA GLU A 12 -9.95 12.84 -3.57
C GLU A 12 -8.78 12.20 -4.33
N ILE A 13 -9.08 11.20 -5.16
CA ILE A 13 -8.06 10.49 -5.94
C ILE A 13 -7.38 11.44 -6.93
N ALA A 14 -8.19 12.24 -7.63
CA ALA A 14 -7.68 13.18 -8.60
C ALA A 14 -6.83 14.24 -7.92
N GLN A 15 -7.24 14.65 -6.72
CA GLN A 15 -6.51 15.64 -5.94
C GLN A 15 -5.15 15.08 -5.59
N LEU A 16 -5.14 13.87 -5.02
CA LEU A 16 -3.90 13.21 -4.65
C LEU A 16 -3.02 13.00 -5.87
N MET A 17 -3.63 12.63 -6.99
CA MET A 17 -2.90 12.40 -8.23
C MET A 17 -2.16 13.66 -8.63
N SER A 18 -2.84 14.79 -8.51
CA SER A 18 -2.25 16.07 -8.85
C SER A 18 -1.11 16.40 -7.88
N LEU A 19 -1.34 16.09 -6.61
CA LEU A 19 -0.35 16.34 -5.57
C LEU A 19 0.91 15.51 -5.83
N ILE A 20 0.71 14.22 -6.03
CA ILE A 20 1.81 13.28 -6.28
C ILE A 20 2.73 13.76 -7.41
N ILE A 21 2.15 14.33 -8.46
CA ILE A 21 2.94 14.79 -9.59
C ILE A 21 3.54 16.19 -9.37
N ASN A 22 2.79 17.07 -8.74
CA ASN A 22 3.23 18.45 -8.52
C ASN A 22 4.07 18.62 -7.25
N THR A 23 4.13 17.61 -6.40
CA THR A 23 4.91 17.72 -5.19
C THR A 23 6.25 17.02 -5.34
N PHE A 24 7.32 17.73 -5.05
CA PHE A 24 8.65 17.17 -5.17
C PHE A 24 9.01 16.31 -3.95
N TYR A 25 9.69 15.20 -4.22
CA TYR A 25 10.12 14.27 -3.17
C TYR A 25 11.54 13.77 -3.47
N SER A 26 12.05 12.89 -2.62
CA SER A 26 13.40 12.35 -2.80
C SER A 26 13.35 10.86 -3.07
N ASN A 27 12.97 10.08 -2.05
CA ASN A 27 12.87 8.63 -2.18
C ASN A 27 11.68 8.28 -3.06
N LYS A 28 11.92 8.29 -4.35
CA LYS A 28 10.89 8.01 -5.32
C LYS A 28 10.70 6.52 -5.58
N GLU A 29 11.79 5.74 -5.52
CA GLU A 29 11.74 4.30 -5.80
C GLU A 29 10.68 3.51 -4.99
N ILE A 30 10.11 4.10 -3.96
CA ILE A 30 9.09 3.43 -3.16
C ILE A 30 7.94 2.93 -4.05
N PHE A 31 7.78 3.54 -5.23
CA PHE A 31 6.72 3.17 -6.16
C PHE A 31 6.83 1.70 -6.58
N LEU A 32 8.05 1.21 -6.74
CA LEU A 32 8.26 -0.18 -7.12
C LEU A 32 7.91 -1.10 -5.98
N ARG A 33 8.23 -0.68 -4.76
CA ARG A 33 7.94 -1.48 -3.59
C ARG A 33 6.46 -1.83 -3.56
N GLU A 34 5.63 -0.85 -3.92
CA GLU A 34 4.20 -1.04 -3.91
C GLU A 34 3.78 -1.93 -5.06
N LEU A 35 4.17 -1.55 -6.27
CA LEU A 35 3.85 -2.30 -7.48
C LEU A 35 4.19 -3.79 -7.32
N ILE A 36 5.44 -4.06 -6.95
CA ILE A 36 5.90 -5.45 -6.77
C ILE A 36 5.14 -6.15 -5.64
N SER A 37 4.70 -5.41 -4.63
CA SER A 37 3.94 -6.00 -3.54
C SER A 37 2.55 -6.41 -4.02
N ASN A 38 1.96 -5.59 -4.90
CA ASN A 38 0.65 -5.87 -5.47
C ASN A 38 0.72 -7.15 -6.30
N SER A 39 1.92 -7.40 -6.85
CA SER A 39 2.18 -8.58 -7.65
C SER A 39 2.10 -9.84 -6.80
N SER A 40 2.73 -9.79 -5.63
CA SER A 40 2.72 -10.93 -4.73
C SER A 40 1.29 -11.22 -4.27
N ASP A 41 0.48 -10.15 -4.17
CA ASP A 41 -0.91 -10.27 -3.74
C ASP A 41 -1.70 -11.04 -4.79
N ALA A 42 -1.50 -10.69 -6.06
CA ALA A 42 -2.18 -11.36 -7.16
C ALA A 42 -1.79 -12.83 -7.23
N LEU A 43 -0.52 -13.12 -6.92
CA LEU A 43 -0.03 -14.48 -6.94
C LEU A 43 -0.63 -15.24 -5.78
N ASP A 44 -0.49 -14.64 -4.61
CA ASP A 44 -1.02 -15.18 -3.39
C ASP A 44 -2.52 -15.46 -3.53
N LYS A 45 -3.21 -14.59 -4.25
CA LYS A 45 -4.64 -14.75 -4.46
C LYS A 45 -4.97 -15.93 -5.37
N ILE A 46 -4.30 -16.00 -6.53
CA ILE A 46 -4.57 -17.09 -7.46
C ILE A 46 -4.30 -18.42 -6.80
N ARG A 47 -3.20 -18.52 -6.03
CA ARG A 47 -2.91 -19.75 -5.29
C ARG A 47 -4.13 -20.25 -4.53
N TYR A 48 -4.56 -19.51 -3.51
CA TYR A 48 -5.74 -19.89 -2.73
C TYR A 48 -6.93 -20.29 -3.61
N GLU A 49 -7.08 -19.63 -4.75
CA GLU A 49 -8.18 -19.93 -5.64
C GLU A 49 -7.96 -21.27 -6.36
N THR A 50 -6.73 -21.50 -6.84
CA THR A 50 -6.41 -22.76 -7.53
C THR A 50 -6.35 -23.94 -6.55
N LEU A 51 -6.12 -23.64 -5.27
CA LEU A 51 -6.07 -24.70 -4.26
C LEU A 51 -7.46 -25.30 -4.11
N THR A 52 -8.45 -24.50 -4.44
CA THR A 52 -9.83 -24.90 -4.37
C THR A 52 -10.32 -25.39 -5.74
N ASP A 53 -9.97 -24.64 -6.79
CA ASP A 53 -10.36 -24.97 -8.16
C ASP A 53 -9.12 -24.97 -9.08
N PRO A 54 -8.57 -26.16 -9.38
CA PRO A 54 -7.38 -26.33 -10.22
C PRO A 54 -7.62 -25.96 -11.69
N SER A 55 -8.88 -25.88 -12.07
CA SER A 55 -9.24 -25.51 -13.44
C SER A 55 -8.65 -24.13 -13.78
N LYS A 56 -8.44 -23.31 -12.74
CA LYS A 56 -7.88 -21.97 -12.94
C LYS A 56 -6.37 -22.02 -13.25
N LEU A 57 -5.80 -23.21 -13.26
CA LEU A 57 -4.39 -23.38 -13.59
C LEU A 57 -4.21 -23.50 -15.10
N ASP A 58 -5.33 -23.52 -15.82
CA ASP A 58 -5.34 -23.64 -17.28
C ASP A 58 -4.74 -22.40 -17.93
N SER A 59 -4.66 -21.37 -17.14
CA SER A 59 -4.12 -20.10 -17.57
C SER A 59 -2.65 -19.99 -17.21
N GLY A 60 -2.08 -21.10 -16.75
CA GLY A 60 -0.69 -21.09 -16.39
C GLY A 60 -0.46 -21.49 -14.94
N LYS A 61 0.44 -22.46 -14.75
CA LYS A 61 0.78 -22.92 -13.42
C LYS A 61 2.03 -22.22 -12.92
N GLU A 62 2.44 -21.18 -13.65
CA GLU A 62 3.64 -20.43 -13.31
C GLU A 62 3.33 -19.33 -12.28
N LEU A 63 4.16 -19.23 -11.26
CA LEU A 63 4.01 -18.20 -10.23
C LEU A 63 5.33 -17.45 -10.06
N HIS A 64 5.54 -16.40 -10.86
CA HIS A 64 6.78 -15.61 -10.79
C HIS A 64 6.57 -14.19 -11.36
N ILE A 65 7.40 -13.25 -10.90
CA ILE A 65 7.31 -11.87 -11.34
C ILE A 65 8.48 -11.54 -12.27
N ASN A 66 8.18 -10.88 -13.38
CA ASN A 66 9.20 -10.52 -14.35
C ASN A 66 9.34 -9.01 -14.43
N LEU A 67 10.58 -8.54 -14.37
CA LEU A 67 10.87 -7.11 -14.46
C LEU A 67 11.58 -6.84 -15.77
N ILE A 68 10.92 -6.11 -16.65
CA ILE A 68 11.48 -5.84 -17.97
C ILE A 68 11.66 -4.35 -18.24
N PRO A 69 12.92 -3.88 -18.25
CA PRO A 69 13.24 -2.50 -18.54
C PRO A 69 13.45 -2.31 -20.05
N ASN A 70 13.54 -1.08 -20.51
CA ASN A 70 13.72 -0.82 -21.93
C ASN A 70 14.31 0.58 -22.09
N LYS A 71 15.61 0.66 -22.27
CA LYS A 71 16.30 1.93 -22.42
C LYS A 71 16.03 2.59 -23.77
N GLN A 72 15.39 1.87 -24.68
CA GLN A 72 15.09 2.43 -26.00
C GLN A 72 13.68 2.98 -26.03
N ASP A 73 12.78 2.29 -25.35
CA ASP A 73 11.37 2.69 -25.32
C ASP A 73 11.05 3.56 -24.11
N ARG A 74 12.00 3.70 -23.19
CA ARG A 74 11.82 4.55 -22.00
C ARG A 74 10.64 4.07 -21.16
N THR A 75 10.41 2.76 -21.14
CA THR A 75 9.32 2.20 -20.38
C THR A 75 9.81 1.12 -19.41
N LEU A 76 9.15 1.02 -18.27
CA LEU A 76 9.49 0.01 -17.27
C LEU A 76 8.29 -0.89 -17.09
N THR A 77 8.36 -2.07 -17.69
CA THR A 77 7.26 -3.03 -17.63
C THR A 77 7.45 -4.02 -16.50
N ILE A 78 6.37 -4.32 -15.78
CA ILE A 78 6.38 -5.25 -14.68
C ILE A 78 5.26 -6.28 -14.92
N VAL A 79 5.62 -7.57 -14.94
CA VAL A 79 4.64 -8.63 -15.22
C VAL A 79 4.57 -9.62 -14.06
N ASP A 80 3.36 -9.96 -13.63
CA ASP A 80 3.15 -10.92 -12.54
C ASP A 80 2.15 -11.97 -13.00
N THR A 81 2.47 -13.24 -12.79
CA THR A 81 1.61 -14.34 -13.23
C THR A 81 0.39 -14.60 -12.32
N GLY A 82 -0.05 -13.60 -11.57
CA GLY A 82 -1.24 -13.77 -10.73
C GLY A 82 -2.50 -13.93 -11.56
N ILE A 83 -3.69 -13.80 -10.96
CA ILE A 83 -4.93 -13.95 -11.72
C ILE A 83 -5.32 -12.67 -12.47
N GLY A 84 -4.60 -11.59 -12.19
CA GLY A 84 -4.91 -10.31 -12.81
C GLY A 84 -6.20 -9.72 -12.30
N MET A 85 -6.85 -8.89 -13.10
CA MET A 85 -8.10 -8.23 -12.70
C MET A 85 -9.13 -8.31 -13.81
N THR A 86 -10.37 -7.95 -13.52
CA THR A 86 -11.44 -7.98 -14.51
C THR A 86 -11.71 -6.58 -15.07
N LYS A 87 -12.62 -6.48 -16.04
CA LYS A 87 -12.98 -5.20 -16.62
C LYS A 87 -13.52 -4.27 -15.52
N ALA A 88 -14.40 -4.82 -14.70
CA ALA A 88 -15.00 -4.09 -13.59
C ALA A 88 -13.94 -3.66 -12.57
N ASP A 89 -12.93 -4.51 -12.37
CA ASP A 89 -11.86 -4.21 -11.42
C ASP A 89 -11.05 -2.99 -11.88
N LEU A 90 -10.75 -2.94 -13.17
CA LEU A 90 -9.97 -1.84 -13.73
C LEU A 90 -10.72 -0.52 -13.66
N ILE A 91 -12.01 -0.56 -13.97
CA ILE A 91 -12.83 0.64 -13.95
C ILE A 91 -13.25 1.06 -12.52
N ASN A 92 -13.75 0.11 -11.75
CA ASN A 92 -14.26 0.40 -10.41
C ASN A 92 -13.15 0.46 -9.34
N ASN A 93 -12.51 -0.66 -9.08
CA ASN A 93 -11.45 -0.75 -8.05
C ASN A 93 -10.34 0.28 -8.29
N LEU A 94 -9.87 0.40 -9.52
CA LEU A 94 -8.78 1.32 -9.83
C LEU A 94 -9.26 2.71 -10.28
N GLY A 95 -10.40 3.18 -9.80
CA GLY A 95 -10.85 4.50 -10.21
C GLY A 95 -12.11 5.01 -9.52
N THR A 96 -13.22 4.33 -9.79
CA THR A 96 -14.51 4.73 -9.23
C THR A 96 -14.61 4.53 -7.71
N ILE A 97 -13.97 3.49 -7.19
CA ILE A 97 -14.04 3.21 -5.75
C ILE A 97 -13.24 4.21 -4.93
N ALA A 98 -13.95 4.99 -4.12
CA ALA A 98 -13.34 5.96 -3.23
C ALA A 98 -12.57 5.23 -2.15
N LYS A 99 -11.45 5.79 -1.72
CA LYS A 99 -10.63 5.13 -0.71
C LYS A 99 -10.36 6.03 0.49
N SER A 100 -10.69 5.52 1.68
CA SER A 100 -10.48 6.26 2.92
C SER A 100 -9.00 6.57 3.09
N GLY A 101 -8.16 5.67 2.58
CA GLY A 101 -6.73 5.85 2.67
C GLY A 101 -6.24 7.02 1.85
N THR A 102 -6.93 7.29 0.74
CA THR A 102 -6.58 8.40 -0.14
C THR A 102 -6.80 9.74 0.58
N LYS A 103 -7.95 9.86 1.22
CA LYS A 103 -8.32 11.07 1.94
C LYS A 103 -7.37 11.30 3.13
N ALA A 104 -7.15 10.23 3.87
CA ALA A 104 -6.29 10.25 5.04
C ALA A 104 -4.84 10.52 4.65
N PHE A 105 -4.45 10.11 3.44
CA PHE A 105 -3.08 10.35 3.00
C PHE A 105 -2.83 11.85 2.92
N MET A 106 -3.82 12.59 2.44
CA MET A 106 -3.71 14.05 2.33
C MET A 106 -3.48 14.65 3.72
N GLU A 107 -4.24 14.15 4.70
CA GLU A 107 -4.12 14.62 6.08
C GLU A 107 -2.75 14.24 6.65
N ALA A 108 -2.28 13.04 6.30
CA ALA A 108 -0.98 12.56 6.77
C ALA A 108 0.14 13.43 6.26
N LEU A 109 0.08 13.81 5.00
CA LEU A 109 1.10 14.67 4.42
C LEU A 109 1.20 15.96 5.21
N GLN A 110 0.06 16.47 5.64
CA GLN A 110 -0.02 17.71 6.42
C GLN A 110 0.65 17.55 7.79
N ALA A 111 0.46 16.37 8.39
CA ALA A 111 1.04 16.07 9.69
C ALA A 111 2.56 15.99 9.60
N GLY A 112 3.04 15.46 8.50
CA GLY A 112 4.48 15.33 8.31
C GLY A 112 4.87 13.99 7.74
N ALA A 113 4.13 13.56 6.73
CA ALA A 113 4.39 12.27 6.10
C ALA A 113 5.24 12.43 4.85
N ASP A 114 5.71 11.30 4.33
CA ASP A 114 6.55 11.28 3.15
C ASP A 114 5.86 10.44 2.07
N ILE A 115 6.63 9.97 1.11
CA ILE A 115 6.09 9.18 0.02
C ILE A 115 5.99 7.70 0.35
N SER A 116 6.72 7.27 1.35
CA SER A 116 6.71 5.87 1.77
C SER A 116 5.35 5.49 2.34
N MET A 117 4.48 6.47 2.54
CA MET A 117 3.18 6.24 3.12
C MET A 117 2.12 5.94 2.04
N ILE A 118 2.44 6.19 0.77
CA ILE A 118 1.47 5.97 -0.29
C ILE A 118 1.00 4.51 -0.37
N GLY A 119 1.92 3.58 -0.18
CA GLY A 119 1.55 2.18 -0.24
C GLY A 119 1.10 1.63 1.10
N GLN A 120 0.92 2.52 2.05
CA GLN A 120 0.46 2.15 3.39
C GLN A 120 -1.03 2.40 3.50
N PHE A 121 -1.45 3.56 3.02
CA PHE A 121 -2.86 3.96 3.06
C PHE A 121 -3.69 3.22 1.99
N GLY A 122 -3.02 2.40 1.20
CA GLY A 122 -3.70 1.62 0.18
C GLY A 122 -3.58 2.19 -1.22
N VAL A 123 -3.10 3.42 -1.35
CA VAL A 123 -2.95 4.05 -2.67
C VAL A 123 -1.61 3.64 -3.30
N GLY A 124 -1.23 2.38 -3.08
CA GLY A 124 0.04 1.88 -3.57
C GLY A 124 -0.03 1.43 -5.01
N PHE A 125 -0.66 2.23 -5.84
CA PHE A 125 -0.80 1.96 -7.25
C PHE A 125 -0.68 3.25 -8.03
N TYR A 126 -0.89 4.36 -7.34
CA TYR A 126 -0.82 5.68 -7.96
C TYR A 126 0.57 6.27 -7.79
N SER A 127 1.44 5.50 -7.14
CA SER A 127 2.81 5.91 -6.88
C SER A 127 3.63 5.98 -8.17
N ALA A 128 3.18 5.27 -9.19
CA ALA A 128 3.86 5.24 -10.46
C ALA A 128 3.97 6.64 -11.05
N TYR A 129 3.07 7.51 -10.66
CA TYR A 129 3.03 8.89 -11.15
C TYR A 129 4.24 9.69 -10.66
N LEU A 130 4.93 9.17 -9.66
CA LEU A 130 6.11 9.83 -9.10
C LEU A 130 7.30 9.75 -10.07
N VAL A 131 7.29 8.74 -10.92
CA VAL A 131 8.37 8.53 -11.87
C VAL A 131 7.87 8.54 -13.31
N ALA A 132 6.62 8.15 -13.49
CA ALA A 132 6.05 8.11 -14.81
C ALA A 132 5.25 9.36 -15.10
N GLU A 133 4.49 9.30 -16.18
CA GLU A 133 3.67 10.41 -16.62
C GLU A 133 2.35 9.86 -17.17
N LYS A 134 2.41 8.62 -17.67
CA LYS A 134 1.25 7.94 -18.22
C LYS A 134 1.29 6.46 -17.82
N VAL A 135 0.24 6.00 -17.15
CA VAL A 135 0.19 4.62 -16.67
C VAL A 135 -0.59 3.74 -17.63
N THR A 136 -0.02 2.57 -17.93
CA THR A 136 -0.65 1.60 -18.80
C THR A 136 -0.59 0.23 -18.15
N VAL A 137 -1.73 -0.40 -17.99
CA VAL A 137 -1.80 -1.70 -17.34
C VAL A 137 -2.66 -2.64 -18.20
N ILE A 138 -2.10 -3.79 -18.53
CA ILE A 138 -2.80 -4.78 -19.33
C ILE A 138 -2.96 -6.05 -18.50
N THR A 139 -4.17 -6.56 -18.34
CA THR A 139 -4.37 -7.75 -17.53
C THR A 139 -5.34 -8.73 -18.17
N LYS A 140 -5.27 -9.98 -17.72
CA LYS A 140 -6.13 -11.02 -18.23
C LYS A 140 -6.61 -11.94 -17.12
N HIS A 141 -7.91 -11.94 -16.88
CA HIS A 141 -8.49 -12.80 -15.85
C HIS A 141 -8.84 -14.17 -16.43
N ASN A 142 -8.97 -15.17 -15.58
CA ASN A 142 -9.32 -16.51 -16.05
C ASN A 142 -10.76 -16.57 -16.52
N ASP A 143 -11.59 -15.69 -15.96
CA ASP A 143 -13.00 -15.64 -16.30
C ASP A 143 -13.36 -14.28 -16.87
N ASP A 144 -12.51 -13.77 -17.76
CA ASP A 144 -12.73 -12.46 -18.39
C ASP A 144 -11.82 -12.31 -19.60
N GLU A 145 -11.96 -11.21 -20.32
CA GLU A 145 -11.14 -10.96 -21.50
C GLU A 145 -9.91 -10.12 -21.15
N GLN A 146 -9.14 -9.79 -22.19
CA GLN A 146 -7.94 -8.99 -22.03
C GLN A 146 -8.31 -7.52 -22.11
N TYR A 147 -7.98 -6.75 -21.08
CA TYR A 147 -8.34 -5.33 -21.06
C TYR A 147 -7.15 -4.41 -20.80
N ALA A 148 -7.14 -3.30 -21.54
CA ALA A 148 -6.08 -2.31 -21.42
C ALA A 148 -6.56 -1.11 -20.60
N TRP A 149 -5.85 -0.82 -19.51
CA TRP A 149 -6.16 0.30 -18.63
C TRP A 149 -5.05 1.35 -18.72
N GLU A 150 -5.36 2.49 -19.35
CA GLU A 150 -4.38 3.57 -19.51
C GLU A 150 -4.93 4.88 -18.94
N SER A 151 -4.02 5.67 -18.38
CA SER A 151 -4.36 6.96 -17.79
C SER A 151 -3.19 7.93 -18.00
N SER A 152 -3.46 9.04 -18.65
CA SER A 152 -2.45 10.05 -18.91
C SER A 152 -2.57 11.21 -17.90
N ALA A 153 -2.64 10.88 -16.61
CA ALA A 153 -2.75 11.89 -15.54
C ALA A 153 -4.06 12.67 -15.65
N GLY A 154 -4.05 13.94 -15.26
CA GLY A 154 -5.26 14.72 -15.28
C GLY A 154 -6.28 14.18 -14.29
N GLY A 155 -7.40 13.67 -14.80
CA GLY A 155 -8.41 13.13 -13.91
C GLY A 155 -9.31 12.14 -14.63
N SER A 156 -8.75 11.41 -15.60
CA SER A 156 -9.54 10.43 -16.36
C SER A 156 -8.69 9.24 -16.80
N PHE A 157 -9.38 8.13 -17.02
CA PHE A 157 -8.74 6.89 -17.46
C PHE A 157 -9.58 6.21 -18.55
N THR A 158 -8.93 5.41 -19.39
CA THR A 158 -9.62 4.75 -20.49
C THR A 158 -9.45 3.24 -20.42
N VAL A 159 -10.56 2.54 -20.56
CA VAL A 159 -10.56 1.08 -20.54
C VAL A 159 -11.07 0.55 -21.86
N ARG A 160 -10.29 -0.32 -22.48
CA ARG A 160 -10.67 -0.88 -23.76
C ARG A 160 -10.21 -2.33 -23.85
N THR A 161 -10.76 -3.07 -24.80
CA THR A 161 -10.39 -4.46 -24.98
C THR A 161 -9.02 -4.52 -25.66
N ASP A 162 -8.06 -5.17 -25.00
CA ASP A 162 -6.70 -5.30 -25.50
C ASP A 162 -6.64 -6.21 -26.71
N THR A 163 -6.15 -5.69 -27.82
CA THR A 163 -6.05 -6.48 -29.03
C THR A 163 -4.72 -7.22 -29.10
N GLY A 164 -3.71 -6.70 -28.39
CA GLY A 164 -2.40 -7.34 -28.33
C GLY A 164 -2.42 -8.84 -28.09
N GLU A 165 -1.24 -9.46 -28.17
CA GLU A 165 -1.11 -10.91 -28.02
C GLU A 165 -1.64 -11.40 -26.68
N PRO A 166 -2.24 -12.59 -26.67
CA PRO A 166 -2.81 -13.20 -25.45
C PRO A 166 -1.80 -13.30 -24.33
N MET A 167 -2.08 -12.63 -23.23
CA MET A 167 -1.20 -12.68 -22.08
C MET A 167 -1.40 -14.00 -21.34
N GLY A 168 -2.58 -14.61 -21.48
CA GLY A 168 -2.85 -15.83 -20.78
C GLY A 168 -3.57 -15.51 -19.50
N ARG A 169 -2.78 -15.02 -18.56
CA ARG A 169 -3.26 -14.59 -17.27
C ARG A 169 -2.14 -13.83 -16.59
N GLY A 170 -2.46 -12.96 -15.64
CA GLY A 170 -1.42 -12.19 -14.99
C GLY A 170 -1.69 -10.70 -15.10
N THR A 171 -0.73 -9.91 -14.65
CA THR A 171 -0.85 -8.47 -14.72
C THR A 171 0.42 -7.85 -15.29
N LYS A 172 0.28 -7.07 -16.34
CA LYS A 172 1.40 -6.41 -16.97
C LYS A 172 1.22 -4.90 -16.86
N VAL A 173 2.14 -4.26 -16.15
CA VAL A 173 2.08 -2.81 -15.95
C VAL A 173 3.25 -2.18 -16.66
N ILE A 174 2.99 -1.36 -17.67
CA ILE A 174 4.05 -0.70 -18.41
C ILE A 174 4.06 0.75 -17.99
N LEU A 175 5.17 1.21 -17.45
CA LEU A 175 5.23 2.57 -16.99
C LEU A 175 5.95 3.44 -17.99
N HIS A 176 5.36 4.60 -18.24
CA HIS A 176 5.92 5.55 -19.17
C HIS A 176 6.73 6.54 -18.35
N LEU A 177 7.94 6.14 -18.01
CA LEU A 177 8.85 6.95 -17.20
C LEU A 177 9.05 8.36 -17.75
N LYS A 178 9.38 9.30 -16.87
CA LYS A 178 9.61 10.67 -17.25
C LYS A 178 11.07 10.85 -17.70
N GLU A 179 11.29 11.87 -18.54
CA GLU A 179 12.61 12.19 -19.10
C GLU A 179 13.77 12.03 -18.11
N ASP A 180 13.72 12.77 -16.98
CA ASP A 180 14.77 12.74 -15.96
C ASP A 180 14.66 11.52 -15.06
N GLN A 181 13.61 10.75 -15.24
CA GLN A 181 13.40 9.57 -14.41
C GLN A 181 13.61 8.29 -15.21
N THR A 182 14.72 8.22 -15.92
CA THR A 182 15.02 7.06 -16.74
C THR A 182 15.95 6.13 -15.99
N GLU A 183 16.68 6.68 -15.02
CA GLU A 183 17.62 5.91 -14.19
C GLU A 183 17.07 4.55 -13.73
N TYR A 184 15.75 4.43 -13.64
CA TYR A 184 15.13 3.17 -13.20
C TYR A 184 15.24 2.09 -14.27
N LEU A 185 15.75 2.48 -15.42
CA LEU A 185 15.93 1.56 -16.54
C LEU A 185 17.28 0.86 -16.42
N GLU A 186 18.06 1.24 -15.42
CA GLU A 186 19.37 0.66 -15.19
C GLU A 186 19.27 -0.56 -14.28
N GLU A 187 19.93 -1.64 -14.69
CA GLU A 187 19.94 -2.89 -13.95
C GLU A 187 20.44 -2.68 -12.51
N ARG A 188 21.54 -1.93 -12.36
CA ARG A 188 22.11 -1.65 -11.04
C ARG A 188 21.12 -0.90 -10.16
N ARG A 189 20.31 -0.05 -10.79
CA ARG A 189 19.31 0.72 -10.07
C ARG A 189 18.20 -0.19 -9.57
N ILE A 190 17.65 -1.01 -10.45
CA ILE A 190 16.57 -1.93 -10.09
C ILE A 190 17.04 -2.92 -9.02
N LYS A 191 18.24 -3.43 -9.21
CA LYS A 191 18.83 -4.39 -8.27
C LYS A 191 19.06 -3.74 -6.91
N GLU A 192 19.28 -2.43 -6.87
CA GLU A 192 19.50 -1.72 -5.62
C GLU A 192 18.19 -1.55 -4.86
N ILE A 193 17.10 -1.41 -5.62
CA ILE A 193 15.76 -1.25 -5.08
C ILE A 193 15.22 -2.56 -4.53
N VAL A 194 15.42 -3.64 -5.29
CA VAL A 194 14.96 -4.97 -4.88
C VAL A 194 15.62 -5.40 -3.58
N LYS A 195 16.95 -5.43 -3.57
CA LYS A 195 17.69 -5.80 -2.38
C LYS A 195 17.69 -4.63 -1.39
N LYS A 196 16.51 -4.12 -1.07
CA LYS A 196 16.37 -3.00 -0.15
C LYS A 196 14.92 -2.93 0.33
N HIS A 197 14.01 -2.67 -0.59
CA HIS A 197 12.59 -2.59 -0.26
C HIS A 197 11.79 -3.78 -0.79
N SER A 198 12.16 -4.30 -1.94
CA SER A 198 11.44 -5.42 -2.54
C SER A 198 12.21 -6.73 -2.41
N GLN A 199 12.54 -7.13 -1.18
CA GLN A 199 13.26 -8.39 -0.95
C GLN A 199 12.40 -9.38 -0.15
N PHE A 200 11.39 -8.87 0.53
CA PHE A 200 10.50 -9.72 1.34
C PHE A 200 9.41 -10.33 0.47
N ILE A 201 9.74 -10.63 -0.78
CA ILE A 201 8.77 -11.23 -1.69
C ILE A 201 8.99 -12.73 -1.78
N GLY A 202 8.03 -13.50 -1.31
CA GLY A 202 8.12 -14.94 -1.36
C GLY A 202 7.77 -15.51 -2.72
N TYR A 203 8.23 -14.84 -3.77
CA TYR A 203 7.99 -15.26 -5.14
C TYR A 203 9.17 -14.87 -5.99
N PRO A 204 9.63 -15.78 -6.86
CA PRO A 204 10.77 -15.55 -7.74
C PRO A 204 10.60 -14.30 -8.60
N ILE A 205 11.65 -13.50 -8.69
CA ILE A 205 11.62 -12.30 -9.48
C ILE A 205 12.83 -12.28 -10.40
N THR A 206 12.59 -12.28 -11.71
CA THR A 206 13.67 -12.29 -12.69
C THR A 206 13.68 -10.98 -13.47
N LEU A 207 14.85 -10.37 -13.59
CA LEU A 207 15.00 -9.14 -14.34
C LEU A 207 15.43 -9.50 -15.76
N PHE A 208 14.88 -8.86 -16.77
CA PHE A 208 15.25 -9.16 -18.15
C PHE A 208 15.85 -7.90 -18.76
N VAL A 209 17.10 -7.63 -18.44
CA VAL A 209 17.78 -6.44 -18.94
C VAL A 209 18.36 -6.70 -20.32
N GLU A 210 18.51 -5.63 -21.11
CA GLU A 210 19.07 -5.74 -22.44
C GLU A 210 20.53 -6.19 -22.37
N HIS B 1 10.25 9.12 28.59
CA HIS B 1 8.97 9.85 28.50
C HIS B 1 9.14 11.14 27.70
N LYS B 2 9.40 12.23 28.41
CA LYS B 2 9.55 13.54 27.79
C LYS B 2 10.77 13.62 26.87
N THR B 3 11.87 12.97 27.27
CA THR B 3 13.08 12.97 26.47
C THR B 3 12.89 12.10 25.24
N PHE B 4 12.07 11.06 25.38
CA PHE B 4 11.76 10.15 24.30
C PHE B 4 11.04 10.89 23.16
N VAL B 5 9.96 11.59 23.51
CA VAL B 5 9.18 12.34 22.54
C VAL B 5 10.00 13.44 21.87
N GLU B 6 10.74 14.21 22.67
CA GLU B 6 11.54 15.33 22.14
C GLU B 6 12.67 14.84 21.24
N LYS B 7 12.93 13.55 21.24
CA LYS B 7 14.01 13.00 20.44
C LYS B 7 13.52 12.19 19.24
N TYR B 8 12.40 11.51 19.36
CA TYR B 8 11.93 10.66 18.27
C TYR B 8 10.50 11.00 17.82
N GLU B 9 10.02 12.19 18.11
CA GLU B 9 8.65 12.57 17.72
C GLU B 9 8.46 12.38 16.22
N LYS B 10 9.48 12.79 15.48
CA LYS B 10 9.50 12.66 14.03
C LYS B 10 9.27 11.20 13.63
N GLN B 11 9.95 10.29 14.33
CA GLN B 11 9.83 8.87 14.06
C GLN B 11 8.48 8.31 14.54
N ILE B 12 7.96 8.85 15.65
CA ILE B 12 6.67 8.41 16.18
C ILE B 12 5.55 8.71 15.18
N LYS B 13 5.55 9.93 14.69
CA LYS B 13 4.56 10.38 13.71
C LYS B 13 4.65 9.53 12.46
N HIS B 14 5.89 9.25 12.03
CA HIS B 14 6.15 8.45 10.85
C HIS B 14 5.78 7.00 11.09
N PHE B 15 5.55 6.67 12.36
CA PHE B 15 5.18 5.33 12.75
C PHE B 15 3.66 5.13 12.70
N GLY B 16 2.90 6.00 13.38
CA GLY B 16 1.45 5.88 13.39
C GLY B 16 0.79 6.16 12.04
N MET B 17 1.55 6.58 11.05
CA MET B 17 0.99 6.85 9.74
C MET B 17 1.29 5.70 8.78
N LEU B 18 1.00 4.47 9.21
CA LEU B 18 1.25 3.29 8.39
C LEU B 18 0.01 2.38 8.45
N ARG B 19 -0.15 1.51 7.46
CA ARG B 19 -1.30 0.60 7.46
C ARG B 19 -1.01 -0.67 6.67
N ARG B 20 0.26 -0.87 6.32
CA ARG B 20 0.66 -2.07 5.58
C ARG B 20 0.92 -3.22 6.57
N TRP B 21 1.45 -4.33 6.08
CA TRP B 21 1.72 -5.46 6.94
C TRP B 21 3.21 -5.83 7.00
N ASP B 22 3.86 -5.95 5.86
CA ASP B 22 5.27 -6.32 5.82
C ASP B 22 6.16 -5.12 6.06
N ASP B 23 5.92 -4.06 5.30
CA ASP B 23 6.71 -2.84 5.40
C ASP B 23 6.69 -2.25 6.82
N SER B 24 5.53 -2.29 7.46
CA SER B 24 5.40 -1.78 8.82
C SER B 24 6.26 -2.61 9.78
N GLN B 25 6.44 -3.87 9.46
CA GLN B 25 7.26 -4.74 10.27
C GLN B 25 8.73 -4.38 10.11
N LYS B 26 9.14 -4.11 8.87
CA LYS B 26 10.53 -3.72 8.59
C LYS B 26 10.84 -2.41 9.28
N TYR B 27 9.90 -1.48 9.23
CA TYR B 27 10.06 -0.18 9.87
C TYR B 27 10.30 -0.35 11.37
N LEU B 28 9.68 -1.37 11.96
CA LEU B 28 9.84 -1.62 13.39
C LEU B 28 11.09 -2.46 13.64
N SER B 29 11.59 -3.11 12.59
CA SER B 29 12.79 -3.92 12.70
C SER B 29 14.01 -3.01 12.68
N ASP B 30 13.89 -1.93 11.91
CA ASP B 30 14.96 -0.93 11.79
C ASP B 30 14.94 -0.01 12.99
N ASN B 31 13.74 0.18 13.53
CA ASN B 31 13.54 1.05 14.67
C ASN B 31 12.99 0.24 15.87
N VAL B 32 13.75 -0.76 16.32
CA VAL B 32 13.32 -1.61 17.44
C VAL B 32 13.27 -0.78 18.74
N HIS B 33 13.88 0.40 18.70
CA HIS B 33 13.90 1.33 19.83
C HIS B 33 12.57 2.05 20.00
N LEU B 34 11.64 1.80 19.08
CA LEU B 34 10.33 2.43 19.14
C LEU B 34 9.31 1.46 19.68
N VAL B 35 9.71 0.22 19.87
CA VAL B 35 8.81 -0.79 20.40
C VAL B 35 8.75 -0.68 21.92
N CYS B 36 7.84 0.16 22.40
CA CYS B 36 7.65 0.39 23.82
C CYS B 36 6.21 0.88 24.05
N GLU B 37 5.76 0.92 25.31
CA GLU B 37 4.38 1.36 25.61
C GLU B 37 4.23 2.86 25.38
N GLU B 38 5.26 3.61 25.77
CA GLU B 38 5.28 5.06 25.62
C GLU B 38 4.87 5.47 24.21
N THR B 39 5.37 4.74 23.22
CA THR B 39 5.05 5.01 21.82
C THR B 39 3.54 4.91 21.59
N ALA B 40 2.95 3.88 22.17
CA ALA B 40 1.53 3.62 22.02
C ALA B 40 0.72 4.67 22.73
N ASN B 41 1.13 4.97 23.95
CA ASN B 41 0.47 5.96 24.78
C ASN B 41 0.40 7.31 24.05
N TYR B 42 1.48 7.64 23.34
CA TYR B 42 1.53 8.91 22.60
C TYR B 42 0.61 8.88 21.38
N LEU B 43 0.49 7.71 20.75
CA LEU B 43 -0.37 7.56 19.59
C LEU B 43 -1.83 7.87 19.94
N VAL B 44 -2.27 7.38 21.10
CA VAL B 44 -3.63 7.62 21.57
C VAL B 44 -3.87 9.12 21.66
N ILE B 45 -3.11 9.75 22.56
CA ILE B 45 -3.12 11.19 22.77
C ILE B 45 -3.22 11.94 21.44
N TRP B 46 -2.42 11.54 20.47
CA TRP B 46 -2.41 12.15 19.16
C TRP B 46 -3.76 11.95 18.44
N CYS B 47 -4.28 10.72 18.47
CA CYS B 47 -5.58 10.38 17.83
C CYS B 47 -6.70 11.30 18.33
N ILE B 48 -6.77 11.46 19.65
CA ILE B 48 -7.78 12.31 20.27
C ILE B 48 -7.68 13.73 19.71
N ASP B 49 -6.47 14.19 19.55
CA ASP B 49 -6.23 15.54 19.05
C ASP B 49 -6.64 15.64 17.59
N LEU B 50 -6.37 14.60 16.81
CA LEU B 50 -6.73 14.55 15.40
C LEU B 50 -8.26 14.56 15.26
N GLU B 51 -8.92 13.79 16.11
CA GLU B 51 -10.38 13.67 16.07
C GLU B 51 -11.03 15.03 16.30
N VAL B 52 -10.53 15.74 17.31
CA VAL B 52 -11.05 17.07 17.65
C VAL B 52 -10.74 18.06 16.51
N GLU B 53 -9.74 17.74 15.71
CA GLU B 53 -9.33 18.60 14.61
C GLU B 53 -10.07 18.23 13.34
N GLU B 54 -11.09 17.36 13.47
CA GLU B 54 -11.91 16.94 12.35
C GLU B 54 -11.13 16.09 11.36
N LYS B 55 -9.98 15.63 11.80
CA LYS B 55 -9.14 14.77 11.00
C LYS B 55 -9.40 13.33 11.41
N CYS B 56 -10.68 12.99 11.43
CA CYS B 56 -11.13 11.66 11.80
C CYS B 56 -10.78 10.65 10.71
N ALA B 57 -10.12 11.11 9.66
CA ALA B 57 -9.74 10.24 8.57
C ALA B 57 -8.34 9.69 8.84
N LEU B 58 -7.43 10.56 9.22
CA LEU B 58 -6.08 10.14 9.57
C LEU B 58 -6.15 9.37 10.89
N MET B 59 -7.06 9.81 11.75
CA MET B 59 -7.31 9.17 13.05
C MET B 59 -7.60 7.69 12.84
N GLU B 60 -8.31 7.39 11.77
CA GLU B 60 -8.66 6.02 11.41
C GLU B 60 -7.43 5.19 11.03
N GLN B 61 -6.38 5.86 10.57
CA GLN B 61 -5.16 5.18 10.17
C GLN B 61 -4.25 4.98 11.37
N VAL B 62 -4.19 6.00 12.23
CA VAL B 62 -3.38 5.94 13.43
C VAL B 62 -3.85 4.81 14.33
N ALA B 63 -5.16 4.56 14.33
CA ALA B 63 -5.73 3.49 15.14
C ALA B 63 -5.11 2.13 14.79
N HIS B 64 -4.87 1.92 13.49
CA HIS B 64 -4.26 0.66 13.00
C HIS B 64 -2.81 0.55 13.47
N GLN B 65 -2.31 1.64 13.97
CA GLN B 65 -0.94 1.68 14.44
C GLN B 65 -0.88 1.58 15.95
N THR B 66 -1.80 2.27 16.61
CA THR B 66 -1.86 2.23 18.06
C THR B 66 -2.21 0.82 18.54
N ILE B 67 -3.15 0.20 17.86
CA ILE B 67 -3.59 -1.14 18.21
C ILE B 67 -2.49 -2.16 17.93
N VAL B 68 -1.69 -1.92 16.89
CA VAL B 68 -0.61 -2.85 16.55
C VAL B 68 0.43 -2.89 17.66
N MET B 69 0.75 -1.73 18.22
CA MET B 69 1.73 -1.64 19.31
C MET B 69 1.15 -2.28 20.57
N GLN B 70 -0.10 -1.93 20.87
CA GLN B 70 -0.79 -2.46 22.04
C GLN B 70 -0.82 -3.99 21.99
N PHE B 71 -1.20 -4.53 20.83
CA PHE B 71 -1.26 -5.97 20.62
C PHE B 71 0.13 -6.58 20.76
N ILE B 72 1.13 -5.91 20.24
CA ILE B 72 2.51 -6.40 20.34
C ILE B 72 2.93 -6.48 21.80
N LEU B 73 2.64 -5.43 22.54
CA LEU B 73 2.99 -5.37 23.95
C LEU B 73 2.30 -6.48 24.71
N GLU B 74 0.97 -6.59 24.53
CA GLU B 74 0.18 -7.62 25.21
C GLU B 74 0.70 -9.02 24.90
N LEU B 75 0.87 -9.30 23.62
CA LEU B 75 1.38 -10.58 23.13
C LEU B 75 2.72 -10.91 23.80
N ALA B 76 3.62 -9.93 23.83
CA ALA B 76 4.92 -10.11 24.45
C ALA B 76 4.77 -10.35 25.94
N LYS B 77 3.91 -9.57 26.58
CA LYS B 77 3.65 -9.70 28.01
C LYS B 77 3.11 -11.09 28.32
N SER B 78 2.18 -11.55 27.49
CA SER B 78 1.60 -12.88 27.66
C SER B 78 2.67 -13.95 27.60
N LEU B 79 3.64 -13.76 26.73
CA LEU B 79 4.73 -14.71 26.59
C LEU B 79 5.78 -14.43 27.66
N LYS B 80 5.67 -13.25 28.26
CA LYS B 80 6.58 -12.77 29.31
C LYS B 80 7.97 -12.47 28.78
N VAL B 81 8.05 -12.18 27.48
CA VAL B 81 9.31 -11.85 26.83
C VAL B 81 9.25 -10.38 26.40
N ASP B 82 10.40 -9.76 26.15
CA ASP B 82 10.44 -8.35 25.75
C ASP B 82 9.79 -8.15 24.38
N PRO B 83 8.96 -7.09 24.24
CA PRO B 83 8.24 -6.79 23.00
C PRO B 83 9.17 -6.70 21.80
N ARG B 84 10.31 -6.03 22.00
CA ARG B 84 11.33 -5.86 20.94
C ARG B 84 11.83 -7.19 20.38
N ALA B 85 11.47 -8.30 21.02
CA ALA B 85 11.90 -9.62 20.57
C ALA B 85 10.72 -10.44 20.04
N CYS B 86 9.51 -9.99 20.34
CA CYS B 86 8.31 -10.71 19.92
C CYS B 86 7.43 -9.87 18.99
N PHE B 87 7.92 -8.70 18.62
CA PHE B 87 7.17 -7.80 17.75
C PHE B 87 6.89 -8.40 16.38
N ARG B 88 7.78 -9.28 15.92
CA ARG B 88 7.63 -9.91 14.60
C ARG B 88 6.59 -11.00 14.63
N GLN B 89 6.43 -11.64 15.77
CA GLN B 89 5.49 -12.74 15.89
C GLN B 89 4.05 -12.26 15.65
N PHE B 90 3.76 -11.02 16.05
CA PHE B 90 2.43 -10.46 15.86
C PHE B 90 2.08 -10.38 14.37
N PHE B 91 3.04 -9.90 13.57
CA PHE B 91 2.84 -9.77 12.14
C PHE B 91 2.69 -11.13 11.47
N THR B 92 3.31 -12.15 12.04
CA THR B 92 3.20 -13.48 11.47
C THR B 92 1.79 -14.03 11.73
N LYS B 93 1.22 -13.67 12.86
CA LYS B 93 -0.11 -14.14 13.23
C LYS B 93 -1.21 -13.31 12.57
N ILE B 94 -0.83 -12.45 11.64
CA ILE B 94 -1.80 -11.64 10.93
C ILE B 94 -1.98 -12.15 9.50
N LYS B 95 -1.09 -13.06 9.08
CA LYS B 95 -1.18 -13.65 7.75
C LYS B 95 -1.64 -15.11 7.87
N THR B 96 -1.47 -15.63 9.09
CA THR B 96 -1.94 -16.98 9.42
C THR B 96 -3.39 -17.09 8.95
N ALA B 97 -3.89 -18.27 8.61
CA ALA B 97 -5.24 -18.35 8.08
C ALA B 97 -6.28 -18.48 9.19
N ASP B 98 -5.94 -17.95 10.35
CA ASP B 98 -6.83 -17.97 11.50
C ASP B 98 -7.66 -16.71 11.51
N ARG B 99 -8.97 -16.87 11.57
CA ARG B 99 -9.87 -15.74 11.54
C ARG B 99 -10.05 -15.09 12.91
N GLN B 100 -9.72 -15.83 13.96
CA GLN B 100 -9.89 -15.35 15.31
C GLN B 100 -8.98 -14.15 15.59
N TYR B 101 -7.70 -14.31 15.30
CA TYR B 101 -6.74 -13.24 15.52
C TYR B 101 -7.05 -12.04 14.62
N MET B 102 -7.50 -12.34 13.42
CA MET B 102 -7.84 -11.30 12.45
C MET B 102 -9.03 -10.49 12.92
N GLU B 103 -10.07 -11.18 13.37
CA GLU B 103 -11.27 -10.52 13.84
C GLU B 103 -11.00 -9.82 15.18
N GLY B 104 -10.23 -10.49 16.02
CA GLY B 104 -9.88 -9.97 17.34
C GLY B 104 -9.17 -8.65 17.26
N PHE B 105 -8.25 -8.56 16.31
CA PHE B 105 -7.50 -7.34 16.10
C PHE B 105 -8.43 -6.21 15.66
N ASN B 106 -9.31 -6.50 14.70
CA ASN B 106 -10.22 -5.48 14.18
C ASN B 106 -11.25 -5.05 15.20
N ASP B 107 -11.80 -6.01 15.96
CA ASP B 107 -12.81 -5.68 16.96
C ASP B 107 -12.31 -4.64 17.93
N GLU B 108 -11.10 -4.84 18.43
CA GLU B 108 -10.50 -3.91 19.37
C GLU B 108 -10.18 -2.59 18.69
N LEU B 109 -9.86 -2.67 17.41
CA LEU B 109 -9.53 -1.51 16.61
C LEU B 109 -10.73 -0.59 16.49
N GLU B 110 -11.87 -1.19 16.23
CA GLU B 110 -13.12 -0.45 16.08
C GLU B 110 -13.55 0.13 17.42
N ALA B 111 -13.42 -0.68 18.46
CA ALA B 111 -13.77 -0.26 19.81
C ALA B 111 -12.88 0.89 20.28
N PHE B 112 -11.60 0.80 19.96
CA PHE B 112 -10.64 1.81 20.33
C PHE B 112 -10.99 3.16 19.70
N LYS B 113 -11.37 3.13 18.42
CA LYS B 113 -11.74 4.34 17.70
C LYS B 113 -12.96 5.01 18.33
N GLU B 114 -13.94 4.21 18.73
CA GLU B 114 -15.16 4.72 19.35
C GLU B 114 -14.86 5.18 20.77
N ARG B 115 -13.77 4.66 21.32
CA ARG B 115 -13.33 5.02 22.66
C ARG B 115 -12.64 6.39 22.59
N VAL B 116 -11.88 6.57 21.50
CA VAL B 116 -11.16 7.80 21.27
C VAL B 116 -12.12 8.92 20.94
N ARG B 117 -13.07 8.61 20.06
CA ARG B 117 -14.06 9.58 19.65
C ARG B 117 -14.93 10.00 20.82
N GLY B 118 -15.03 9.13 21.81
CA GLY B 118 -15.79 9.44 23.00
C GLY B 118 -15.05 10.40 23.89
N ARG B 119 -13.75 10.18 24.04
CA ARG B 119 -12.90 11.03 24.87
C ARG B 119 -12.72 12.40 24.24
N ALA B 120 -12.74 12.43 22.90
CA ALA B 120 -12.59 13.68 22.16
C ALA B 120 -13.75 14.62 22.45
N LYS B 121 -14.97 14.09 22.40
CA LYS B 121 -16.16 14.90 22.67
C LYS B 121 -16.13 15.39 24.11
N LEU B 122 -15.62 14.57 25.00
CA LEU B 122 -15.54 14.95 26.40
C LEU B 122 -14.56 16.12 26.60
N ARG B 123 -13.49 16.13 25.81
CA ARG B 123 -12.48 17.19 25.91
C ARG B 123 -13.11 18.55 25.57
N ILE B 124 -13.91 18.60 24.51
CA ILE B 124 -14.55 19.86 24.11
C ILE B 124 -15.73 20.18 25.03
N GLU B 125 -16.37 19.14 25.58
CA GLU B 125 -17.49 19.32 26.49
C GLU B 125 -17.03 20.06 27.75
N LYS B 126 -15.81 19.74 28.18
CA LYS B 126 -15.24 20.36 29.36
C LYS B 126 -14.92 21.83 29.11
N ALA B 127 -14.83 22.19 27.85
CA ALA B 127 -14.53 23.55 27.45
C ALA B 127 -15.75 24.19 26.76
N MET B 128 -16.88 23.50 26.78
CA MET B 128 -18.08 24.01 26.13
C MET B 128 -19.01 24.68 27.13
N LYS B 129 -18.49 24.95 28.32
CA LYS B 129 -19.26 25.60 29.36
C LYS B 129 -18.59 26.89 29.78
N GLU A 1 -13.55 -1.51 -34.77
CA GLU A 1 -14.31 -0.91 -33.66
C GLU A 1 -13.83 -1.50 -32.34
N GLU A 2 -13.67 -0.65 -31.34
CA GLU A 2 -13.22 -1.09 -30.02
C GLU A 2 -14.01 -0.39 -28.93
N GLU A 3 -14.35 -1.13 -27.90
CA GLU A 3 -15.08 -0.58 -26.77
C GLU A 3 -14.14 0.23 -25.89
N VAL A 4 -14.41 1.51 -25.73
CA VAL A 4 -13.56 2.37 -24.91
C VAL A 4 -14.41 3.09 -23.86
N GLU A 5 -14.28 2.67 -22.62
CA GLU A 5 -15.04 3.28 -21.53
C GLU A 5 -14.21 4.35 -20.84
N THR A 6 -14.87 5.39 -20.39
CA THR A 6 -14.20 6.49 -19.72
C THR A 6 -14.88 6.83 -18.41
N PHE A 7 -14.12 6.75 -17.33
CA PHE A 7 -14.64 7.06 -16.01
C PHE A 7 -13.71 8.03 -15.32
N ALA A 8 -14.25 8.88 -14.47
CA ALA A 8 -13.45 9.85 -13.77
C ALA A 8 -12.98 9.30 -12.43
N PHE A 9 -11.82 9.75 -11.98
CA PHE A 9 -11.27 9.31 -10.72
C PHE A 9 -12.01 10.01 -9.59
N GLN A 10 -12.14 9.34 -8.46
CA GLN A 10 -12.79 9.92 -7.31
C GLN A 10 -12.05 11.21 -6.92
N ALA A 11 -12.78 12.22 -6.47
CA ALA A 11 -12.21 13.52 -6.09
C ALA A 11 -10.94 13.38 -5.25
N GLU A 12 -11.02 12.59 -4.20
CA GLU A 12 -9.87 12.39 -3.31
C GLU A 12 -8.74 11.65 -4.02
N ILE A 13 -9.09 10.70 -4.88
CA ILE A 13 -8.10 9.94 -5.62
C ILE A 13 -7.39 10.83 -6.63
N ALA A 14 -8.16 11.62 -7.37
CA ALA A 14 -7.61 12.53 -8.35
C ALA A 14 -6.72 13.56 -7.67
N GLN A 15 -7.15 14.01 -6.49
CA GLN A 15 -6.39 14.97 -5.72
C GLN A 15 -5.04 14.39 -5.36
N LEU A 16 -5.04 13.14 -4.93
CA LEU A 16 -3.81 12.45 -4.58
C LEU A 16 -2.88 12.38 -5.78
N MET A 17 -3.45 12.04 -6.94
CA MET A 17 -2.68 11.95 -8.17
C MET A 17 -2.08 13.30 -8.52
N SER A 18 -2.90 14.33 -8.40
CA SER A 18 -2.47 15.69 -8.70
C SER A 18 -1.37 16.13 -7.75
N LEU A 19 -1.55 15.86 -6.47
CA LEU A 19 -0.58 16.22 -5.45
C LEU A 19 0.74 15.50 -5.66
N ILE A 20 0.67 14.21 -5.95
CA ILE A 20 1.86 13.40 -6.17
C ILE A 20 2.69 13.94 -7.33
N ILE A 21 2.02 14.31 -8.41
CA ILE A 21 2.72 14.84 -9.57
C ILE A 21 3.26 16.26 -9.31
N ASN A 22 2.44 17.09 -8.69
CA ASN A 22 2.81 18.48 -8.42
C ASN A 22 3.63 18.68 -7.15
N THR A 23 4.22 17.61 -6.62
CA THR A 23 5.03 17.74 -5.41
C THR A 23 6.32 16.93 -5.53
N PHE A 24 7.45 17.61 -5.38
CA PHE A 24 8.75 16.94 -5.46
C PHE A 24 9.18 16.43 -4.10
N TYR A 25 9.17 15.12 -3.94
CA TYR A 25 9.56 14.49 -2.70
C TYR A 25 11.04 14.10 -2.73
N SER A 26 11.47 13.26 -1.80
CA SER A 26 12.87 12.84 -1.73
C SER A 26 13.08 11.46 -2.37
N ASN A 27 12.59 10.41 -1.73
CA ASN A 27 12.74 9.05 -2.27
C ASN A 27 11.84 8.88 -3.49
N LYS A 28 12.31 8.13 -4.46
CA LYS A 28 11.54 7.92 -5.67
C LYS A 28 11.30 6.43 -5.94
N GLU A 29 12.36 5.61 -5.80
CA GLU A 29 12.28 4.17 -6.04
C GLU A 29 11.19 3.44 -5.22
N ILE A 30 10.59 4.10 -4.23
CA ILE A 30 9.54 3.45 -3.44
C ILE A 30 8.43 2.95 -4.36
N PHE A 31 8.27 3.62 -5.50
CA PHE A 31 7.25 3.28 -6.49
C PHE A 31 7.35 1.82 -6.92
N LEU A 32 8.57 1.27 -6.92
CA LEU A 32 8.75 -0.11 -7.33
C LEU A 32 8.30 -1.07 -6.24
N ARG A 33 8.50 -0.69 -4.98
CA ARG A 33 8.08 -1.53 -3.86
C ARG A 33 6.56 -1.72 -3.90
N GLU A 34 5.87 -0.63 -4.16
CA GLU A 34 4.41 -0.63 -4.23
C GLU A 34 3.91 -1.61 -5.28
N LEU A 35 4.52 -1.53 -6.47
CA LEU A 35 4.14 -2.38 -7.58
C LEU A 35 4.53 -3.83 -7.34
N ILE A 36 5.78 -4.06 -6.96
CA ILE A 36 6.29 -5.42 -6.73
C ILE A 36 5.52 -6.12 -5.61
N SER A 37 5.21 -5.41 -4.53
CA SER A 37 4.46 -6.01 -3.43
C SER A 37 3.07 -6.43 -3.90
N ASN A 38 2.49 -5.63 -4.77
CA ASN A 38 1.17 -5.93 -5.33
C ASN A 38 1.27 -7.17 -6.21
N SER A 39 2.41 -7.30 -6.88
CA SER A 39 2.67 -8.44 -7.74
C SER A 39 2.71 -9.74 -6.95
N SER A 40 3.39 -9.73 -5.80
CA SER A 40 3.48 -10.92 -4.98
C SER A 40 2.11 -11.28 -4.42
N ASP A 41 1.29 -10.26 -4.19
CA ASP A 41 -0.06 -10.47 -3.67
C ASP A 41 -0.89 -11.21 -4.71
N ALA A 42 -0.72 -10.81 -5.96
CA ALA A 42 -1.43 -11.42 -7.08
C ALA A 42 -1.00 -12.88 -7.27
N LEU A 43 0.27 -13.16 -6.97
CA LEU A 43 0.81 -14.51 -7.07
C LEU A 43 0.25 -15.38 -5.95
N ASP A 44 0.45 -14.89 -4.73
CA ASP A 44 -0.06 -15.59 -3.54
C ASP A 44 -1.56 -15.81 -3.66
N LYS A 45 -2.22 -14.89 -4.34
CA LYS A 45 -3.67 -14.96 -4.55
C LYS A 45 -4.02 -16.09 -5.51
N ILE A 46 -3.32 -16.17 -6.64
CA ILE A 46 -3.60 -17.23 -7.61
C ILE A 46 -3.30 -18.59 -7.01
N ARG A 47 -2.17 -18.75 -6.30
CA ARG A 47 -1.86 -20.01 -5.63
C ARG A 47 -3.06 -20.55 -4.86
N TYR A 48 -3.49 -19.82 -3.84
CA TYR A 48 -4.67 -20.21 -3.05
C TYR A 48 -5.85 -20.61 -3.92
N GLU A 49 -6.06 -19.91 -5.03
CA GLU A 49 -7.16 -20.21 -5.93
C GLU A 49 -6.93 -21.54 -6.65
N THR A 50 -5.68 -21.82 -7.02
CA THR A 50 -5.35 -23.06 -7.73
C THR A 50 -5.27 -24.24 -6.77
N LEU A 51 -5.11 -23.96 -5.47
CA LEU A 51 -5.04 -25.01 -4.47
C LEU A 51 -6.34 -25.81 -4.44
N THR A 52 -7.46 -25.12 -4.57
CA THR A 52 -8.77 -25.76 -4.58
C THR A 52 -9.31 -25.92 -6.00
N ASP A 53 -8.50 -25.54 -6.99
CA ASP A 53 -8.91 -25.65 -8.38
C ASP A 53 -7.70 -25.58 -9.32
N PRO A 54 -7.12 -26.74 -9.65
CA PRO A 54 -5.94 -26.83 -10.53
C PRO A 54 -6.22 -26.38 -11.98
N SER A 55 -7.49 -26.28 -12.32
CA SER A 55 -7.86 -25.87 -13.68
C SER A 55 -7.40 -24.43 -13.96
N LYS A 56 -7.19 -23.66 -12.90
CA LYS A 56 -6.74 -22.28 -13.05
C LYS A 56 -5.23 -22.25 -13.36
N LEU A 57 -4.62 -23.43 -13.49
CA LEU A 57 -3.20 -23.52 -13.79
C LEU A 57 -2.99 -23.63 -15.30
N ASP A 58 -4.08 -23.82 -16.03
CA ASP A 58 -4.03 -23.94 -17.48
C ASP A 58 -3.70 -22.61 -18.13
N SER A 59 -3.91 -21.54 -17.39
CA SER A 59 -3.64 -20.20 -17.87
C SER A 59 -2.20 -19.82 -17.58
N GLY A 60 -1.46 -20.77 -17.00
CA GLY A 60 -0.08 -20.54 -16.67
C GLY A 60 0.30 -21.25 -15.38
N LYS A 61 1.26 -22.16 -15.47
CA LYS A 61 1.69 -22.92 -14.30
C LYS A 61 2.94 -22.29 -13.67
N GLU A 62 3.28 -21.10 -14.17
CA GLU A 62 4.45 -20.38 -13.66
C GLU A 62 4.02 -19.32 -12.65
N LEU A 63 4.87 -19.08 -11.65
CA LEU A 63 4.61 -18.09 -10.62
C LEU A 63 5.87 -17.28 -10.31
N HIS A 64 6.01 -16.14 -10.97
CA HIS A 64 7.17 -15.27 -10.77
C HIS A 64 6.93 -13.86 -11.32
N ILE A 65 7.89 -12.97 -11.11
CA ILE A 65 7.80 -11.60 -11.59
C ILE A 65 8.91 -11.30 -12.58
N ASN A 66 8.60 -10.58 -13.65
CA ASN A 66 9.60 -10.22 -14.64
C ASN A 66 9.68 -8.70 -14.78
N LEU A 67 10.89 -8.17 -14.76
CA LEU A 67 11.10 -6.73 -14.91
C LEU A 67 11.70 -6.47 -16.29
N ILE A 68 10.95 -5.78 -17.14
CA ILE A 68 11.40 -5.52 -18.50
C ILE A 68 11.46 -4.02 -18.79
N PRO A 69 12.67 -3.44 -18.75
CA PRO A 69 12.88 -2.03 -19.06
C PRO A 69 13.01 -1.85 -20.57
N ASN A 70 13.22 -0.63 -21.01
CA ASN A 70 13.37 -0.35 -22.44
C ASN A 70 14.04 0.99 -22.65
N LYS A 71 15.32 0.97 -22.99
CA LYS A 71 16.07 2.20 -23.20
C LYS A 71 15.73 2.85 -24.54
N GLN A 72 14.92 2.15 -25.33
CA GLN A 72 14.51 2.67 -26.63
C GLN A 72 13.09 3.26 -26.54
N ASP A 73 12.18 2.51 -25.96
CA ASP A 73 10.79 2.95 -25.82
C ASP A 73 10.60 3.87 -24.61
N ARG A 74 11.60 3.90 -23.73
CA ARG A 74 11.58 4.75 -22.53
C ARG A 74 10.45 4.33 -21.57
N THR A 75 10.22 3.02 -21.48
CA THR A 75 9.16 2.52 -20.61
C THR A 75 9.68 1.42 -19.70
N LEU A 76 9.10 1.36 -18.51
CA LEU A 76 9.45 0.35 -17.55
C LEU A 76 8.26 -0.57 -17.32
N THR A 77 8.33 -1.76 -17.92
CA THR A 77 7.27 -2.74 -17.80
C THR A 77 7.50 -3.72 -16.65
N ILE A 78 6.41 -4.07 -15.95
CA ILE A 78 6.45 -5.01 -14.84
C ILE A 78 5.37 -6.06 -15.10
N VAL A 79 5.77 -7.33 -15.18
CA VAL A 79 4.81 -8.41 -15.43
C VAL A 79 4.89 -9.48 -14.35
N ASP A 80 3.72 -9.87 -13.85
CA ASP A 80 3.62 -10.88 -12.80
C ASP A 80 2.63 -11.96 -13.25
N THR A 81 2.94 -13.23 -13.00
CA THR A 81 2.07 -14.32 -13.41
C THR A 81 0.86 -14.58 -12.49
N GLY A 82 0.44 -13.59 -11.70
CA GLY A 82 -0.74 -13.78 -10.86
C GLY A 82 -2.01 -13.99 -11.67
N ILE A 83 -3.18 -13.99 -11.04
CA ILE A 83 -4.43 -14.20 -11.79
C ILE A 83 -4.93 -12.87 -12.37
N GLY A 84 -4.20 -11.80 -12.11
CA GLY A 84 -4.57 -10.51 -12.62
C GLY A 84 -5.86 -9.99 -12.01
N MET A 85 -6.60 -9.24 -12.79
CA MET A 85 -7.87 -8.69 -12.34
C MET A 85 -8.89 -8.73 -13.47
N THR A 86 -10.16 -8.66 -13.12
CA THR A 86 -11.21 -8.69 -14.13
C THR A 86 -11.47 -7.30 -14.69
N LYS A 87 -12.30 -7.21 -15.72
CA LYS A 87 -12.65 -5.94 -16.33
C LYS A 87 -13.25 -4.99 -15.29
N ALA A 88 -14.15 -5.52 -14.49
CA ALA A 88 -14.81 -4.75 -13.44
C ALA A 88 -13.79 -4.34 -12.38
N ASP A 89 -12.85 -5.23 -12.09
CA ASP A 89 -11.83 -4.96 -11.08
C ASP A 89 -11.02 -3.71 -11.42
N LEU A 90 -10.69 -3.57 -12.70
CA LEU A 90 -9.92 -2.43 -13.19
C LEU A 90 -10.65 -1.11 -12.92
N ILE A 91 -11.95 -1.11 -13.13
CA ILE A 91 -12.76 0.08 -12.93
C ILE A 91 -13.09 0.27 -11.44
N ASN A 92 -13.40 -0.82 -10.77
CA ASN A 92 -13.78 -0.78 -9.36
C ASN A 92 -12.62 -0.44 -8.43
N ASN A 93 -11.62 -1.32 -8.37
CA ASN A 93 -10.47 -1.14 -7.48
C ASN A 93 -9.68 0.13 -7.76
N LEU A 94 -9.52 0.46 -9.04
CA LEU A 94 -8.75 1.65 -9.42
C LEU A 94 -9.65 2.75 -9.96
N GLY A 95 -10.11 3.62 -9.09
CA GLY A 95 -10.94 4.72 -9.55
C GLY A 95 -12.27 4.87 -8.82
N THR A 96 -13.06 3.81 -8.83
CA THR A 96 -14.38 3.87 -8.21
C THR A 96 -14.32 3.76 -6.68
N ILE A 97 -13.64 2.73 -6.16
CA ILE A 97 -13.56 2.52 -4.72
C ILE A 97 -12.75 3.61 -4.02
N ALA A 98 -13.36 4.22 -3.00
CA ALA A 98 -12.71 5.25 -2.22
C ALA A 98 -11.94 4.60 -1.07
N LYS A 99 -10.73 5.07 -0.83
CA LYS A 99 -9.91 4.51 0.23
C LYS A 99 -9.67 5.54 1.33
N SER A 100 -9.86 5.12 2.58
CA SER A 100 -9.64 6.00 3.71
C SER A 100 -8.17 6.41 3.76
N GLY A 101 -7.31 5.52 3.25
CA GLY A 101 -5.89 5.79 3.19
C GLY A 101 -5.59 6.97 2.28
N THR A 102 -6.41 7.12 1.25
CA THR A 102 -6.26 8.23 0.31
C THR A 102 -6.50 9.55 1.04
N LYS A 103 -7.60 9.58 1.77
CA LYS A 103 -7.99 10.76 2.54
C LYS A 103 -6.92 11.07 3.59
N ALA A 104 -6.49 10.03 4.28
CA ALA A 104 -5.49 10.18 5.34
C ALA A 104 -4.13 10.65 4.83
N PHE A 105 -3.69 10.11 3.70
CA PHE A 105 -2.40 10.47 3.12
C PHE A 105 -2.29 11.97 2.87
N MET A 106 -3.35 12.57 2.34
CA MET A 106 -3.36 14.00 2.07
C MET A 106 -3.21 14.79 3.36
N GLU A 107 -4.02 14.43 4.35
CA GLU A 107 -4.00 15.09 5.65
C GLU A 107 -2.65 14.87 6.33
N ALA A 108 -2.08 13.68 6.12
CA ALA A 108 -0.79 13.31 6.70
C ALA A 108 0.33 14.19 6.14
N LEU A 109 0.32 14.38 4.83
CA LEU A 109 1.33 15.20 4.18
C LEU A 109 1.39 16.59 4.83
N GLN A 110 0.23 17.14 5.16
CA GLN A 110 0.16 18.45 5.80
C GLN A 110 0.73 18.41 7.23
N ALA A 111 0.55 17.28 7.90
CA ALA A 111 1.04 17.12 9.28
C ALA A 111 2.54 16.84 9.29
N GLY A 112 3.01 16.18 8.24
CA GLY A 112 4.42 15.84 8.14
C GLY A 112 4.65 14.38 7.83
N ALA A 113 4.17 13.95 6.67
CA ALA A 113 4.32 12.55 6.26
C ALA A 113 5.41 12.41 5.20
N ASP A 114 5.38 11.30 4.48
CA ASP A 114 6.36 11.02 3.43
C ASP A 114 5.74 10.12 2.35
N ILE A 115 6.51 9.79 1.32
CA ILE A 115 6.01 8.97 0.22
C ILE A 115 6.16 7.47 0.44
N SER A 116 6.91 7.06 1.45
CA SER A 116 7.09 5.63 1.69
C SER A 116 5.88 5.03 2.40
N MET A 117 4.88 5.85 2.68
CA MET A 117 3.68 5.38 3.35
C MET A 117 2.47 5.37 2.40
N ILE A 118 2.68 5.77 1.15
CA ILE A 118 1.57 5.78 0.19
C ILE A 118 1.10 4.36 -0.09
N GLY A 119 2.06 3.44 -0.26
CA GLY A 119 1.72 2.06 -0.52
C GLY A 119 1.24 1.36 0.74
N GLN A 120 1.33 2.06 1.85
CA GLN A 120 0.91 1.51 3.13
C GLN A 120 -0.56 1.81 3.37
N PHE A 121 -1.01 2.94 2.86
CA PHE A 121 -2.40 3.37 3.04
C PHE A 121 -3.32 2.72 2.03
N GLY A 122 -2.80 1.79 1.25
CA GLY A 122 -3.60 1.10 0.26
C GLY A 122 -3.41 1.64 -1.14
N VAL A 123 -3.10 2.92 -1.26
CA VAL A 123 -2.88 3.56 -2.56
C VAL A 123 -1.49 3.26 -3.10
N GLY A 124 -1.07 2.02 -2.93
CA GLY A 124 0.24 1.58 -3.38
C GLY A 124 0.24 1.17 -4.84
N PHE A 125 -0.50 1.90 -5.65
CA PHE A 125 -0.57 1.65 -7.07
C PHE A 125 -0.58 2.97 -7.82
N TYR A 126 -0.49 4.05 -7.05
CA TYR A 126 -0.49 5.39 -7.62
C TYR A 126 0.86 6.05 -7.43
N SER A 127 1.76 5.37 -6.75
CA SER A 127 3.10 5.89 -6.50
C SER A 127 3.91 5.95 -7.79
N ALA A 128 3.43 5.24 -8.80
CA ALA A 128 4.10 5.20 -10.09
C ALA A 128 4.13 6.56 -10.75
N TYR A 129 3.21 7.43 -10.35
CA TYR A 129 3.11 8.79 -10.89
C TYR A 129 4.33 9.63 -10.51
N LEU A 130 5.08 9.17 -9.52
CA LEU A 130 6.28 9.87 -9.05
C LEU A 130 7.43 9.75 -10.05
N VAL A 131 7.36 8.76 -10.91
CA VAL A 131 8.41 8.55 -11.88
C VAL A 131 7.85 8.51 -13.30
N ALA A 132 6.60 8.11 -13.42
CA ALA A 132 5.93 8.05 -14.71
C ALA A 132 4.91 9.17 -14.82
N GLU A 133 3.93 9.00 -15.70
CA GLU A 133 2.89 10.00 -15.90
C GLU A 133 1.70 9.37 -16.61
N LYS A 134 2.00 8.54 -17.60
CA LYS A 134 0.98 7.86 -18.36
C LYS A 134 0.99 6.38 -17.98
N VAL A 135 0.03 5.97 -17.17
CA VAL A 135 -0.06 4.59 -16.72
C VAL A 135 -0.84 3.73 -17.71
N THR A 136 -0.29 2.57 -18.03
CA THR A 136 -0.92 1.64 -18.93
C THR A 136 -0.83 0.24 -18.32
N VAL A 137 -1.98 -0.37 -18.03
CA VAL A 137 -1.99 -1.69 -17.40
C VAL A 137 -2.83 -2.65 -18.22
N ILE A 138 -2.26 -3.82 -18.49
CA ILE A 138 -2.96 -4.86 -19.23
C ILE A 138 -2.97 -6.11 -18.37
N THR A 139 -4.12 -6.71 -18.16
CA THR A 139 -4.20 -7.90 -17.33
C THR A 139 -5.15 -8.93 -17.94
N LYS A 140 -4.86 -10.20 -17.71
CA LYS A 140 -5.70 -11.26 -18.23
C LYS A 140 -6.19 -12.18 -17.12
N HIS A 141 -7.48 -12.13 -16.85
CA HIS A 141 -8.08 -12.98 -15.83
C HIS A 141 -8.55 -14.28 -16.49
N ASN A 142 -8.67 -15.34 -15.70
CA ASN A 142 -9.10 -16.63 -16.22
C ASN A 142 -10.49 -16.51 -16.87
N ASP A 143 -11.47 -16.22 -16.05
CA ASP A 143 -12.86 -16.07 -16.49
C ASP A 143 -13.17 -14.63 -16.89
N ASP A 144 -12.35 -14.09 -17.79
CA ASP A 144 -12.54 -12.74 -18.30
C ASP A 144 -11.66 -12.55 -19.53
N GLU A 145 -11.88 -11.47 -20.25
CA GLU A 145 -11.10 -11.17 -21.44
C GLU A 145 -9.90 -10.31 -21.10
N GLN A 146 -9.20 -9.85 -22.12
CA GLN A 146 -8.03 -9.00 -21.92
C GLN A 146 -8.44 -7.54 -22.11
N TYR A 147 -8.16 -6.71 -21.12
CA TYR A 147 -8.54 -5.31 -21.18
C TYR A 147 -7.37 -4.41 -20.87
N ALA A 148 -7.42 -3.19 -21.39
CA ALA A 148 -6.35 -2.24 -21.19
C ALA A 148 -6.82 -1.05 -20.33
N TRP A 149 -6.18 -0.88 -19.19
CA TRP A 149 -6.46 0.21 -18.27
C TRP A 149 -5.41 1.29 -18.47
N GLU A 150 -5.80 2.42 -19.01
CA GLU A 150 -4.85 3.49 -19.28
C GLU A 150 -5.35 4.84 -18.77
N SER A 151 -4.44 5.63 -18.20
CA SER A 151 -4.76 6.95 -17.70
C SER A 151 -3.52 7.84 -17.78
N SER A 152 -3.73 9.11 -18.11
CA SER A 152 -2.63 10.05 -18.23
C SER A 152 -2.83 11.21 -17.27
N ALA A 153 -2.93 10.89 -15.98
CA ALA A 153 -3.14 11.90 -14.95
C ALA A 153 -4.46 12.65 -15.21
N GLY A 154 -4.49 13.93 -14.84
CA GLY A 154 -5.69 14.73 -15.05
C GLY A 154 -6.78 14.39 -14.05
N GLY A 155 -7.32 13.19 -14.16
CA GLY A 155 -8.38 12.76 -13.26
C GLY A 155 -9.38 11.84 -13.93
N SER A 156 -8.95 11.12 -14.96
CA SER A 156 -9.82 10.20 -15.68
C SER A 156 -9.02 9.02 -16.25
N PHE A 157 -9.69 7.91 -16.46
CA PHE A 157 -9.05 6.72 -16.99
C PHE A 157 -9.89 6.09 -18.10
N THR A 158 -9.23 5.33 -18.95
CA THR A 158 -9.90 4.68 -20.06
C THR A 158 -9.74 3.16 -20.00
N VAL A 159 -10.86 2.47 -20.12
CA VAL A 159 -10.89 1.02 -20.10
C VAL A 159 -11.34 0.52 -21.47
N ARG A 160 -10.45 -0.12 -22.19
CA ARG A 160 -10.76 -0.59 -23.53
C ARG A 160 -10.32 -2.04 -23.72
N THR A 161 -10.93 -2.70 -24.69
CA THR A 161 -10.61 -4.09 -24.99
C THR A 161 -9.21 -4.19 -25.61
N ASP A 162 -8.31 -4.89 -24.95
CA ASP A 162 -6.95 -5.05 -25.45
C ASP A 162 -6.94 -5.89 -26.71
N THR A 163 -6.77 -5.25 -27.85
CA THR A 163 -6.72 -5.96 -29.12
C THR A 163 -5.41 -6.73 -29.23
N GLY A 164 -4.37 -6.22 -28.57
CA GLY A 164 -3.05 -6.87 -28.54
C GLY A 164 -3.07 -8.37 -28.31
N GLU A 165 -1.90 -8.97 -28.44
CA GLU A 165 -1.75 -10.40 -28.29
C GLU A 165 -2.02 -10.86 -26.85
N PRO A 166 -2.63 -12.05 -26.69
CA PRO A 166 -2.95 -12.62 -25.37
C PRO A 166 -1.73 -12.78 -24.47
N MET A 167 -1.99 -12.72 -23.17
CA MET A 167 -0.94 -12.87 -22.18
C MET A 167 -1.09 -14.17 -21.40
N GLY A 168 -2.25 -14.80 -21.48
CA GLY A 168 -2.48 -16.01 -20.74
C GLY A 168 -3.08 -15.69 -19.39
N ARG A 169 -2.23 -15.23 -18.49
CA ARG A 169 -2.63 -14.82 -17.16
C ARG A 169 -1.59 -13.89 -16.61
N GLY A 170 -1.95 -13.01 -15.69
CA GLY A 170 -0.97 -12.13 -15.13
C GLY A 170 -1.29 -10.66 -15.30
N THR A 171 -0.44 -9.82 -14.75
CA THR A 171 -0.60 -8.39 -14.85
C THR A 171 0.63 -7.76 -15.50
N LYS A 172 0.39 -6.96 -16.53
CA LYS A 172 1.46 -6.28 -17.24
C LYS A 172 1.29 -4.78 -17.08
N VAL A 173 2.25 -4.14 -16.43
CA VAL A 173 2.18 -2.71 -16.22
C VAL A 173 3.33 -2.01 -16.93
N ILE A 174 3.02 -1.10 -17.84
CA ILE A 174 4.04 -0.36 -18.56
C ILE A 174 4.03 1.08 -18.07
N LEU A 175 5.15 1.55 -17.54
CA LEU A 175 5.23 2.90 -17.03
C LEU A 175 5.88 3.84 -18.03
N HIS A 176 5.25 4.98 -18.21
CA HIS A 176 5.75 6.01 -19.10
C HIS A 176 6.55 7.01 -18.27
N LEU A 177 7.79 6.63 -17.97
CA LEU A 177 8.69 7.44 -17.16
C LEU A 177 8.85 8.85 -17.72
N LYS A 178 8.98 9.80 -16.79
CA LYS A 178 9.16 11.20 -17.13
C LYS A 178 10.48 11.40 -17.85
N GLU A 179 10.53 12.44 -18.67
CA GLU A 179 11.71 12.77 -19.45
C GLU A 179 12.97 12.97 -18.60
N ASP A 180 12.81 13.33 -17.33
CA ASP A 180 13.98 13.53 -16.47
C ASP A 180 14.26 12.29 -15.62
N GLN A 181 13.30 11.37 -15.59
CA GLN A 181 13.44 10.17 -14.81
C GLN A 181 13.56 8.94 -15.68
N THR A 182 14.64 8.89 -16.47
CA THR A 182 14.87 7.79 -17.36
C THR A 182 15.84 6.81 -16.71
N GLU A 183 16.63 7.32 -15.77
CA GLU A 183 17.61 6.53 -15.00
C GLU A 183 17.09 5.14 -14.60
N TYR A 184 15.79 5.00 -14.38
CA TYR A 184 15.20 3.71 -13.99
C TYR A 184 15.18 2.70 -15.14
N LEU A 185 15.78 3.08 -16.26
CA LEU A 185 15.88 2.21 -17.43
C LEU A 185 17.19 1.44 -17.37
N GLU A 186 18.04 1.85 -16.45
CA GLU A 186 19.33 1.20 -16.26
C GLU A 186 19.19 0.00 -15.35
N GLU A 187 19.68 -1.14 -15.80
CA GLU A 187 19.60 -2.38 -15.03
C GLU A 187 20.28 -2.24 -13.66
N ARG A 188 21.35 -1.45 -13.58
CA ARG A 188 22.04 -1.23 -12.31
C ARG A 188 21.15 -0.44 -11.36
N ARG A 189 20.37 0.47 -11.93
CA ARG A 189 19.46 1.30 -11.14
C ARG A 189 18.30 0.45 -10.61
N ILE A 190 17.75 -0.40 -11.46
CA ILE A 190 16.63 -1.26 -11.06
C ILE A 190 17.08 -2.31 -10.04
N LYS A 191 18.23 -2.91 -10.31
CA LYS A 191 18.79 -3.95 -9.43
C LYS A 191 19.11 -3.40 -8.04
N GLU A 192 19.39 -2.10 -7.97
CA GLU A 192 19.71 -1.44 -6.70
C GLU A 192 18.46 -1.41 -5.82
N ILE A 193 17.34 -1.11 -6.45
CA ILE A 193 16.06 -1.02 -5.76
C ILE A 193 15.61 -2.39 -5.27
N VAL A 194 15.73 -3.38 -6.16
CA VAL A 194 15.32 -4.75 -5.84
C VAL A 194 16.14 -5.28 -4.67
N LYS A 195 17.41 -4.93 -4.62
CA LYS A 195 18.29 -5.39 -3.55
C LYS A 195 18.22 -4.44 -2.34
N LYS A 196 17.17 -3.63 -2.28
CA LYS A 196 17.00 -2.69 -1.18
C LYS A 196 15.62 -2.80 -0.56
N HIS A 197 14.59 -2.56 -1.36
CA HIS A 197 13.22 -2.62 -0.87
C HIS A 197 12.50 -3.92 -1.25
N SER A 198 12.95 -4.56 -2.31
CA SER A 198 12.30 -5.79 -2.79
C SER A 198 13.18 -7.05 -2.67
N GLN A 199 13.67 -7.32 -1.47
CA GLN A 199 14.51 -8.50 -1.26
C GLN A 199 13.81 -9.53 -0.38
N PHE A 200 12.68 -9.16 0.17
CA PHE A 200 11.93 -10.06 1.05
C PHE A 200 10.82 -10.77 0.27
N ILE A 201 10.88 -10.69 -1.04
CA ILE A 201 9.88 -11.32 -1.89
C ILE A 201 10.12 -12.83 -1.95
N GLY A 202 9.06 -13.60 -1.77
CA GLY A 202 9.18 -15.05 -1.81
C GLY A 202 8.82 -15.61 -3.17
N TYR A 203 9.31 -14.93 -4.22
CA TYR A 203 9.04 -15.34 -5.60
C TYR A 203 10.18 -14.85 -6.49
N PRO A 204 10.57 -15.63 -7.51
CA PRO A 204 11.65 -15.27 -8.42
C PRO A 204 11.38 -13.95 -9.16
N ILE A 205 12.38 -13.07 -9.13
CA ILE A 205 12.30 -11.78 -9.78
C ILE A 205 13.41 -11.68 -10.83
N THR A 206 13.04 -11.91 -12.07
CA THR A 206 14.01 -11.87 -13.16
C THR A 206 13.95 -10.56 -13.93
N LEU A 207 15.07 -9.85 -13.97
CA LEU A 207 15.15 -8.59 -14.70
C LEU A 207 15.85 -8.83 -16.03
N PHE A 208 15.54 -8.03 -17.03
CA PHE A 208 16.14 -8.19 -18.34
C PHE A 208 16.79 -6.89 -18.81
N VAL A 209 17.58 -6.97 -19.87
CA VAL A 209 18.26 -5.80 -20.44
C VAL A 209 18.39 -5.99 -21.94
N GLU A 210 18.19 -4.92 -22.71
CA GLU A 210 18.28 -5.00 -24.16
C GLU A 210 19.68 -4.63 -24.64
N HIS B 1 10.26 7.67 29.53
CA HIS B 1 9.06 8.52 29.28
C HIS B 1 9.47 9.84 28.64
N LYS B 2 10.07 10.75 29.43
CA LYS B 2 10.48 12.05 28.90
C LYS B 2 11.64 11.89 27.92
N THR B 3 12.67 11.15 28.32
CA THR B 3 13.83 10.93 27.48
C THR B 3 13.52 9.88 26.42
N PHE B 4 12.51 10.17 25.62
CA PHE B 4 12.07 9.28 24.56
C PHE B 4 11.31 10.08 23.51
N VAL B 5 10.39 10.91 23.98
CA VAL B 5 9.59 11.76 23.10
C VAL B 5 10.49 12.71 22.32
N GLU B 6 11.39 13.39 23.02
CA GLU B 6 12.28 14.36 22.39
C GLU B 6 13.49 13.67 21.75
N LYS B 7 13.43 12.35 21.61
CA LYS B 7 14.51 11.59 21.00
C LYS B 7 14.03 10.86 19.75
N TYR B 8 12.81 10.33 19.81
CA TYR B 8 12.28 9.55 18.69
C TYR B 8 10.87 9.99 18.26
N GLU B 9 10.47 11.22 18.56
CA GLU B 9 9.14 11.70 18.20
C GLU B 9 8.93 11.60 16.69
N LYS B 10 9.92 12.11 15.97
CA LYS B 10 9.88 12.09 14.51
C LYS B 10 9.71 10.66 13.99
N GLN B 11 10.23 9.70 14.74
CA GLN B 11 10.12 8.28 14.37
C GLN B 11 8.72 7.76 14.68
N ILE B 12 8.22 8.10 15.86
CA ILE B 12 6.89 7.67 16.28
C ILE B 12 5.83 8.25 15.35
N LYS B 13 6.09 9.49 14.92
CA LYS B 13 5.20 10.18 14.00
C LYS B 13 5.15 9.46 12.66
N HIS B 14 6.33 9.08 12.18
CA HIS B 14 6.45 8.36 10.91
C HIS B 14 5.95 6.92 11.08
N PHE B 15 5.71 6.52 12.32
CA PHE B 15 5.23 5.18 12.61
C PHE B 15 3.72 5.07 12.52
N GLY B 16 2.99 5.93 13.23
CA GLY B 16 1.53 5.87 13.21
C GLY B 16 0.90 6.17 11.86
N MET B 17 1.69 6.68 10.93
CA MET B 17 1.17 7.00 9.62
C MET B 17 1.45 5.87 8.63
N LEU B 18 1.16 4.63 9.04
CA LEU B 18 1.38 3.46 8.20
C LEU B 18 0.12 2.59 8.24
N ARG B 19 0.09 1.51 7.48
CA ARG B 19 -1.10 0.64 7.46
C ARG B 19 -0.83 -0.71 6.76
N ARG B 20 0.38 -0.92 6.26
CA ARG B 20 0.72 -2.17 5.57
C ARG B 20 1.00 -3.30 6.56
N TRP B 21 1.48 -4.43 6.05
CA TRP B 21 1.75 -5.58 6.91
C TRP B 21 3.24 -5.78 7.14
N ASP B 22 3.92 -6.31 6.12
CA ASP B 22 5.35 -6.62 6.20
C ASP B 22 6.19 -5.37 6.40
N ASP B 23 5.84 -4.29 5.74
CA ASP B 23 6.58 -3.05 5.86
C ASP B 23 6.59 -2.55 7.30
N SER B 24 5.42 -2.53 7.91
CA SER B 24 5.28 -2.09 9.29
C SER B 24 6.08 -3.00 10.23
N GLN B 25 6.10 -4.29 9.90
CA GLN B 25 6.85 -5.26 10.70
C GLN B 25 8.34 -4.96 10.63
N LYS B 26 8.82 -4.69 9.41
CA LYS B 26 10.22 -4.38 9.20
C LYS B 26 10.57 -3.05 9.83
N TYR B 27 9.62 -2.11 9.80
CA TYR B 27 9.84 -0.80 10.38
C TYR B 27 10.09 -0.92 11.89
N LEU B 28 9.42 -1.88 12.53
CA LEU B 28 9.58 -2.11 13.96
C LEU B 28 10.78 -3.01 14.21
N SER B 29 11.27 -3.65 13.15
CA SER B 29 12.43 -4.51 13.26
C SER B 29 13.69 -3.68 13.12
N ASP B 30 13.59 -2.63 12.33
CA ASP B 30 14.69 -1.71 12.12
C ASP B 30 14.81 -0.77 13.32
N ASN B 31 13.69 -0.62 14.02
CA ASN B 31 13.62 0.24 15.21
C ASN B 31 12.83 -0.45 16.32
N VAL B 32 13.44 -1.44 16.95
CA VAL B 32 12.79 -2.20 18.01
C VAL B 32 12.53 -1.33 19.25
N HIS B 33 13.20 -0.18 19.33
CA HIS B 33 13.04 0.74 20.45
C HIS B 33 11.68 1.43 20.41
N LEU B 34 10.93 1.26 19.33
CA LEU B 34 9.63 1.90 19.21
C LEU B 34 8.54 1.04 19.85
N VAL B 35 8.88 -0.19 20.24
CA VAL B 35 7.92 -1.08 20.87
C VAL B 35 7.88 -0.82 22.38
N CYS B 36 7.11 0.18 22.78
CA CYS B 36 7.00 0.55 24.19
C CYS B 36 5.61 1.13 24.47
N GLU B 37 5.25 1.25 25.74
CA GLU B 37 3.96 1.82 26.13
C GLU B 37 3.90 3.30 25.73
N GLU B 38 5.02 3.98 25.93
CA GLU B 38 5.15 5.40 25.58
C GLU B 38 4.66 5.65 24.15
N THR B 39 5.13 4.83 23.24
CA THR B 39 4.78 4.93 21.83
C THR B 39 3.26 4.89 21.62
N ALA B 40 2.62 3.89 22.22
CA ALA B 40 1.18 3.73 22.12
C ALA B 40 0.46 4.90 22.75
N ASN B 41 0.96 5.35 23.88
CA ASN B 41 0.38 6.48 24.60
C ASN B 41 0.41 7.74 23.75
N TYR B 42 1.56 7.98 23.12
CA TYR B 42 1.75 9.15 22.28
C TYR B 42 0.84 9.08 21.06
N LEU B 43 0.63 7.86 20.57
CA LEU B 43 -0.22 7.65 19.40
C LEU B 43 -1.66 8.04 19.71
N VAL B 44 -2.13 7.69 20.91
CA VAL B 44 -3.49 8.03 21.32
C VAL B 44 -3.62 9.55 21.35
N ILE B 45 -2.77 10.16 22.19
CA ILE B 45 -2.69 11.62 22.32
C ILE B 45 -2.76 12.31 20.95
N TRP B 46 -2.01 11.80 19.99
CA TRP B 46 -2.00 12.38 18.65
C TRP B 46 -3.37 12.22 17.99
N CYS B 47 -3.90 10.99 18.04
CA CYS B 47 -5.22 10.69 17.46
C CYS B 47 -6.26 11.67 18.00
N ILE B 48 -6.22 11.91 19.31
CA ILE B 48 -7.15 12.82 19.95
C ILE B 48 -7.05 14.22 19.34
N ASP B 49 -5.83 14.74 19.25
CA ASP B 49 -5.62 16.06 18.67
C ASP B 49 -6.04 16.10 17.21
N LEU B 50 -5.78 15.01 16.50
CA LEU B 50 -6.15 14.91 15.08
C LEU B 50 -7.67 15.02 14.92
N GLU B 51 -8.40 14.30 15.75
CA GLU B 51 -9.87 14.31 15.70
C GLU B 51 -10.41 15.72 15.97
N VAL B 52 -9.88 16.38 17.00
CA VAL B 52 -10.31 17.73 17.35
C VAL B 52 -9.96 18.71 16.24
N GLU B 53 -8.88 18.41 15.52
CA GLU B 53 -8.39 19.25 14.44
C GLU B 53 -9.11 18.94 13.11
N GLU B 54 -10.24 18.24 13.19
CA GLU B 54 -11.04 17.88 12.01
C GLU B 54 -10.29 16.91 11.10
N LYS B 55 -9.19 16.38 11.60
CA LYS B 55 -8.38 15.45 10.84
C LYS B 55 -8.79 14.02 11.15
N CYS B 56 -10.10 13.75 11.17
CA CYS B 56 -10.60 12.42 11.46
C CYS B 56 -10.29 11.44 10.34
N ALA B 57 -9.63 11.91 9.29
CA ALA B 57 -9.30 11.04 8.17
C ALA B 57 -8.03 10.28 8.50
N LEU B 58 -7.06 10.99 9.05
CA LEU B 58 -5.80 10.38 9.44
C LEU B 58 -5.99 9.63 10.75
N MET B 59 -6.85 10.16 11.62
CA MET B 59 -7.11 9.53 12.91
C MET B 59 -7.61 8.10 12.70
N GLU B 60 -8.49 7.96 11.72
CA GLU B 60 -9.08 6.66 11.38
C GLU B 60 -8.02 5.67 10.88
N GLN B 61 -6.84 6.16 10.55
CA GLN B 61 -5.77 5.30 10.06
C GLN B 61 -4.70 5.10 11.12
N VAL B 62 -4.43 6.14 11.91
CA VAL B 62 -3.42 6.05 12.97
C VAL B 62 -3.85 5.01 14.00
N ALA B 63 -5.16 4.81 14.13
CA ALA B 63 -5.71 3.81 15.05
C ALA B 63 -5.20 2.41 14.69
N HIS B 64 -4.88 2.21 13.40
CA HIS B 64 -4.35 0.92 12.92
C HIS B 64 -2.91 0.73 13.40
N GLN B 65 -2.42 1.76 14.05
CA GLN B 65 -1.07 1.77 14.57
C GLN B 65 -1.10 1.78 16.08
N THR B 66 -1.97 2.60 16.64
CA THR B 66 -2.13 2.69 18.08
C THR B 66 -2.57 1.36 18.65
N ILE B 67 -3.54 0.72 17.99
CA ILE B 67 -4.07 -0.55 18.44
C ILE B 67 -3.08 -1.69 18.24
N VAL B 68 -2.33 -1.65 17.14
CA VAL B 68 -1.34 -2.70 16.84
C VAL B 68 -0.25 -2.73 17.91
N MET B 69 0.16 -1.55 18.32
CA MET B 69 1.20 -1.41 19.33
C MET B 69 0.68 -1.91 20.67
N GLN B 70 -0.54 -1.53 21.01
CA GLN B 70 -1.15 -1.95 22.25
C GLN B 70 -1.33 -3.47 22.26
N PHE B 71 -1.83 -4.00 21.15
CA PHE B 71 -2.02 -5.43 20.99
C PHE B 71 -0.71 -6.18 21.23
N ILE B 72 0.34 -5.70 20.57
CA ILE B 72 1.66 -6.29 20.70
C ILE B 72 2.12 -6.29 22.16
N LEU B 73 1.87 -5.17 22.84
CA LEU B 73 2.26 -5.03 24.24
C LEU B 73 1.55 -6.07 25.11
N GLU B 74 0.23 -6.20 24.95
CA GLU B 74 -0.53 -7.16 25.74
C GLU B 74 -0.19 -8.59 25.34
N LEU B 75 -0.10 -8.83 24.03
CA LEU B 75 0.24 -10.14 23.50
C LEU B 75 1.54 -10.66 24.13
N ALA B 76 2.52 -9.77 24.28
CA ALA B 76 3.79 -10.14 24.87
C ALA B 76 3.69 -10.25 26.39
N LYS B 77 2.94 -9.34 27.00
CA LYS B 77 2.78 -9.34 28.45
C LYS B 77 2.10 -10.62 28.93
N SER B 78 1.07 -11.05 28.20
CA SER B 78 0.36 -12.27 28.54
C SER B 78 1.30 -13.48 28.37
N LEU B 79 2.21 -13.37 27.41
CA LEU B 79 3.19 -14.42 27.15
C LEU B 79 4.29 -14.39 28.21
N LYS B 80 4.30 -13.32 29.01
CA LYS B 80 5.25 -13.11 30.09
C LYS B 80 6.65 -12.81 29.58
N VAL B 81 6.76 -12.28 28.37
CA VAL B 81 8.06 -11.94 27.80
C VAL B 81 8.10 -10.47 27.39
N ASP B 82 9.30 -9.99 27.08
CA ASP B 82 9.50 -8.60 26.66
C ASP B 82 8.90 -8.40 25.27
N PRO B 83 8.09 -7.33 25.08
CA PRO B 83 7.44 -7.03 23.81
C PRO B 83 8.41 -6.87 22.64
N ARG B 84 9.55 -6.23 22.89
CA ARG B 84 10.58 -6.02 21.86
C ARG B 84 11.15 -7.33 21.32
N ALA B 85 10.80 -8.44 21.96
CA ALA B 85 11.25 -9.75 21.52
C ALA B 85 10.07 -10.54 20.97
N CYS B 86 8.88 -10.06 21.28
CA CYS B 86 7.64 -10.70 20.84
C CYS B 86 6.72 -9.69 20.15
N PHE B 87 7.14 -9.22 18.99
CA PHE B 87 6.35 -8.24 18.25
C PHE B 87 6.06 -8.71 16.81
N ARG B 88 6.94 -9.55 16.27
CA ARG B 88 6.77 -10.04 14.92
C ARG B 88 5.66 -11.08 14.82
N GLN B 89 5.53 -11.91 15.85
CA GLN B 89 4.51 -12.95 15.88
C GLN B 89 3.11 -12.37 15.74
N PHE B 90 2.95 -11.10 16.10
CA PHE B 90 1.67 -10.43 15.98
C PHE B 90 1.30 -10.30 14.50
N PHE B 91 2.29 -9.86 13.70
CA PHE B 91 2.09 -9.70 12.27
C PHE B 91 1.92 -11.06 11.61
N THR B 92 2.46 -12.08 12.24
CA THR B 92 2.34 -13.44 11.74
C THR B 92 0.91 -13.95 12.00
N LYS B 93 0.36 -13.55 13.13
CA LYS B 93 -0.98 -13.95 13.54
C LYS B 93 -2.05 -13.24 12.72
N ILE B 94 -1.64 -12.31 11.86
CA ILE B 94 -2.59 -11.59 11.02
C ILE B 94 -2.78 -12.29 9.67
N LYS B 95 -1.86 -13.20 9.35
CA LYS B 95 -1.93 -13.94 8.08
C LYS B 95 -2.62 -15.29 8.28
N THR B 96 -2.72 -15.67 9.55
CA THR B 96 -3.42 -16.90 9.94
C THR B 96 -4.79 -16.93 9.25
N ALA B 97 -5.27 -18.10 8.84
CA ALA B 97 -6.53 -18.18 8.12
C ALA B 97 -7.72 -17.84 9.00
N ASP B 98 -7.75 -18.40 10.20
CA ASP B 98 -8.84 -18.12 11.13
C ASP B 98 -8.82 -16.63 11.46
N ARG B 99 -9.84 -15.94 10.95
CA ARG B 99 -9.93 -14.51 11.14
C ARG B 99 -10.46 -14.13 12.52
N GLN B 100 -10.39 -15.06 13.46
CA GLN B 100 -10.82 -14.78 14.82
C GLN B 100 -9.95 -13.67 15.40
N TYR B 101 -8.64 -13.82 15.20
CA TYR B 101 -7.68 -12.84 15.67
C TYR B 101 -7.83 -11.54 14.90
N MET B 102 -8.18 -11.66 13.61
CA MET B 102 -8.35 -10.49 12.76
C MET B 102 -9.56 -9.68 13.22
N GLU B 103 -10.65 -10.36 13.47
CA GLU B 103 -11.87 -9.71 13.93
C GLU B 103 -11.64 -9.13 15.32
N GLY B 104 -10.88 -9.87 16.12
CA GLY B 104 -10.55 -9.44 17.47
C GLY B 104 -9.81 -8.11 17.46
N PHE B 105 -8.90 -7.98 16.50
CA PHE B 105 -8.12 -6.75 16.36
C PHE B 105 -8.99 -5.61 15.83
N ASN B 106 -9.78 -5.88 14.79
CA ASN B 106 -10.62 -4.87 14.18
C ASN B 106 -11.70 -4.38 15.15
N ASP B 107 -12.25 -5.30 15.93
CA ASP B 107 -13.27 -4.96 16.92
C ASP B 107 -12.78 -3.83 17.82
N GLU B 108 -11.57 -4.00 18.33
CA GLU B 108 -10.97 -3.01 19.21
C GLU B 108 -10.60 -1.75 18.43
N LEU B 109 -10.28 -1.94 17.17
CA LEU B 109 -9.91 -0.84 16.30
C LEU B 109 -11.08 0.12 16.09
N GLU B 110 -12.21 -0.43 15.66
CA GLU B 110 -13.41 0.36 15.42
C GLU B 110 -13.93 0.99 16.71
N ALA B 111 -13.80 0.24 17.81
CA ALA B 111 -14.25 0.72 19.11
C ALA B 111 -13.41 1.90 19.57
N PHE B 112 -12.10 1.77 19.38
CA PHE B 112 -11.14 2.81 19.79
C PHE B 112 -11.48 4.15 19.14
N LYS B 113 -11.83 4.12 17.87
CA LYS B 113 -12.18 5.33 17.13
C LYS B 113 -13.32 6.07 17.82
N GLU B 114 -14.29 5.31 18.29
CA GLU B 114 -15.44 5.88 18.96
C GLU B 114 -15.06 6.37 20.37
N ARG B 115 -13.99 5.78 20.90
CA ARG B 115 -13.50 6.18 22.21
C ARG B 115 -12.78 7.52 22.09
N VAL B 116 -12.10 7.71 20.95
CA VAL B 116 -11.39 8.95 20.70
C VAL B 116 -12.39 10.08 20.48
N ARG B 117 -13.52 9.75 19.85
CA ARG B 117 -14.58 10.72 19.58
C ARG B 117 -15.06 11.34 20.89
N GLY B 118 -15.37 10.48 21.87
CA GLY B 118 -15.83 10.95 23.16
C GLY B 118 -14.80 11.83 23.84
N ARG B 119 -13.52 11.44 23.71
CA ARG B 119 -12.43 12.21 24.31
C ARG B 119 -12.34 13.58 23.67
N ALA B 120 -12.50 13.61 22.35
CA ALA B 120 -12.45 14.84 21.59
C ALA B 120 -13.58 15.77 22.01
N LYS B 121 -14.77 15.20 22.12
CA LYS B 121 -15.95 15.96 22.53
C LYS B 121 -15.78 16.50 23.93
N LEU B 122 -15.18 15.72 24.82
CA LEU B 122 -14.95 16.14 26.19
C LEU B 122 -14.05 17.37 26.25
N ARG B 123 -12.98 17.34 25.46
CA ARG B 123 -12.03 18.45 25.41
C ARG B 123 -12.70 19.73 24.98
N ILE B 124 -13.35 19.69 23.83
CA ILE B 124 -14.02 20.86 23.30
C ILE B 124 -15.20 21.27 24.17
N GLU B 125 -15.83 20.31 24.84
CA GLU B 125 -16.96 20.60 25.72
C GLU B 125 -16.48 21.31 26.98
N LYS B 126 -15.28 20.94 27.45
CA LYS B 126 -14.69 21.55 28.65
C LYS B 126 -14.34 23.01 28.38
N ALA B 127 -14.22 23.37 27.11
CA ALA B 127 -13.90 24.73 26.70
C ALA B 127 -15.00 25.31 25.83
N MET B 128 -16.13 24.64 25.79
CA MET B 128 -17.26 25.10 24.99
C MET B 128 -18.14 26.02 25.80
N LYS B 129 -18.50 25.57 27.00
CA LYS B 129 -19.35 26.34 27.88
C LYS B 129 -18.55 26.83 29.09
#